data_7QOJ
#
_entry.id   7QOJ
#
_cell.length_a   1.00
_cell.length_b   1.00
_cell.length_c   1.00
_cell.angle_alpha   90.00
_cell.angle_beta   90.00
_cell.angle_gamma   90.00
#
_symmetry.space_group_name_H-M   'P 1'
#
loop_
_entity.id
_entity.type
_entity.pdbx_description
1 polymer 'Portal protein gp20'
2 polymer 'Ring protein 1 gp43'
3 polymer 'Ring protein 2 gp40'
4 polymer 'Ring protein 3 gp35'
5 polymer 'Ring protein 4/5 gp34'
6 polymer 'Tail hub protein A gp38'
7 polymer 'Tail hub protein B gp39'
8 polymer 'Tail fiber protein gp22'
9 polymer 'Cargo protein 1 gp45'
10 non-polymer 'MAGNESIUM ION'
11 water water
#
loop_
_entity_poly.entity_id
_entity_poly.type
_entity_poly.pdbx_seq_one_letter_code
_entity_poly.pdbx_strand_id
1 'polypeptide(L)'
;MADFLNFPRQMLPFSKKTKQWRKDCLLWANQKTFFNYSLVRKSVIHKKINYDLLNGRLHMSDLELVLNPDGIKAAYIPDR
LQHYPIMNSKLNVLRGEESKRVFDFKVVVTNPNAISEIEDNKKNELLQRLQEMITDTSISEDEYNIKLEKLNDYYTYEWQ
DIREVRANELLNHYIKEYDIPLIFNNGFMDAMTCGEEIYQCDIVGGEPVIERVNPLKIRIFKSGYSNKVEDADMIILEDY
WSPGRVIDTYYDVLSPKDIKYIETMPDYIGQGAVDQMDNIDERYGFVNQNMIGDEITVRDGTYFFDPANLFTEGIANSLL
PYDLAGNLRVLRLYWKSKRKILKVKSYDPETGEEEWNFYPENYVVNKEAGEEVQSFWVNEAWEGTMIGNEIFVNMRPRLI
QYNRLNNPSRCHFGIVGSIYNLNDSRPFSLVDMMKPYNYLYDAIHDRLNKAIASNWGSILELDLSKVPKGWDVGKWMYYA
RVNHIAVIDSFKEGTIGASTGKLAGALNNAGKGMIETNIGNYIQQQINLLEFIKMEMADVAGISKQREGQISQRETVGGV
ERATLQSSHITEWLFTIHDDVKKRALECFLETAKVALKGRNKKFQYILSDTSTRVMEIDGDEFAEADYGLVVDNSNGTQE
LQQKLDTLAQAALQTQTLSFSTITKLYTSSSLAEKQRLIEKDEKQIRERQAQAQKEQLEAQQQIAAMQQQQKEAELLQKE
EANIRDNQTKIIIAQIQSEGGPDEEDGIMIDDYSPEAKANLAEKIREFDEKLKLDKDKLKLDKKKAETDASIKRQALRKK
SSTTNK
;
A
2 'polypeptide(L)'
;MVNNINWVKLPVILDRLLRHPLLTDLNLETAIQYTLDFISAMGLPNVYVDKIETIDIKEYRGELPCDLISINQVRLHKNG
IALRAMTDNFNAYPTHDHKEGDWYERGEPSFKTQGRVIFTSIKHEKVDISYKAIMLDDEGLPLIPDNPIFLKTLELYIKK
EWFTILFDMGKISPAVLNNTQQEYAFKAGQCNNEFVIPSVSEMEAITNMWNQLIPRVTEFRRGFKNLGDKEYIRVH
;
B
3 'polypeptide(L)'
;MTYNELIYMVLDELKLSSDDSYYTPDHVIFLLVKYRSFLLKQRYSDIKKQIPDSDYQSICLDLIEVPAISGEPCEGSSYL
RSKNKVPTTMMIGNPRVYPMDFYQGEITYISRDRMRYVGYNKFLRNIIYCSKAPDGYLYFKSWNPQFLHLEKVSFNAIFE
DAKEASEMACPEENGTICKLEDKEFPIEDALVPPLIELVVKELRGPEYSPKDEDNNAKDDLPDAR
;
C
4 'polypeptide(L)'
;MTNKEFSDGFSTLLNSFGITPNITLDEYEKSTFLTNAQEQLIIDIYSGRNIIYGKSFEQTEEIRRYLSNLVETYETSTKV
TGKLGLSKDSVFFEIPQDTWFITYEVAFLKDSRLGCLDGIEASVVPLPQDDLYRAKDNPFRGPSKDRVLRLDIKSDLAEL
ISKYNVDKYLMRYISQPTPIILVDLPDGLSINGVSTESECELNPVVHRAILERAVQLAIISKTQLTGNKE
;
D
5 'polypeptide(L)'
;MNVNEFSNEFDVLYNNIMSNAAPGLNEYEKSVLLTKAQEEIVKNYFEPAGNKYGKGLDDSPKRQIDFSELIKVGEGVLNT
SAPTITFDKRAKVYDLPADLFLVINEAVDTNAGTKQIVPISYSDYTRLMSRPYKEPVKYQAWRIITTSINNISVELIVNS
NETITDYKVRYIRRPAPIITTNLSSEYGDVTINGVSTVSECELNPIIHSEILQRAVELAKAAYQGDLQASVELGQRSE
;
E,F
6 'polypeptide(L)'
;MHFNELRISQDNRFLIIDVSVDNQDYFEDVLLDSIVIDTQDTFVMNGPSDNPLYIYNVEDAYDLTYSLPEQCNCNPVRVE
EDESYCFTYGTQQMKNVRLELNIQDLKVSPCSTMFFVYVKSKGTPSTDTPCGFDKDQILGTVINLQPIYKQTLKYLKEVE
CDCNIPKGFIDMILKLKAIELCVRTGNYPQAIKYWNKFFIKNNCKSPTSNCGCYG
;
G,H
7 'polypeptide(L)'
;MDKMLEISEEAITRYFTTLSQFGYKKYSDVDKIIVLFFMEEMLAGEMSYYVTQDDYRNIVNALYCLAGSTCMIDFPMFES
YDTLVHSNNRTFVPRITEDSILRSTEDDNFRVEA
;
I
8 'polypeptide(L)'
;MFFTQEDYRKIEKWLLANSRKDTDFAGAATPLKGNETVVLVQNGKNVKASVKDVVEQLFLLGVSDFVNITDKYGESYISL
SQAIELIPYRSRKIGQVVTFLDDTGKWAMFQFQGTRKNQWGTLSLWVDLIDLMTGLTITDSEDIVTETNSANQVALKFAD
KTYNEADYSGLGRVYLRKNIVNVEDPVTGNIVKMNYLTQSMISKENTIYIVQYSYNLNGQTITIPSGCVLKFEGGSISNG
SIKGTDTNIIAPQIRIFNTILLSGTWKVRDIFDDWFDFNATTNFDNINNFYNISILQSDDLENNVILKGNYYSSLKDGIV
LSLSSNTNLVLNGSISLLPNNLSSYSIIKGVDKENIKISGGGRLIGDLQNHLGDTGEWGFGISFTGCKTVSITNIDSSYM
WGDGLYIGASDDTKEETLSQNIQVNNCKFEYNRRQGISITGAVDVFVNNCYFFNTGKINGTSPKAGLDIEPSGLYNSNVT
ISNCIADSNVSTGFLVYGDNRNIVIDNCASKNQLISITIAQRSATTDNDDVFIRHGNIGGSLQITRGNIRVEDCEVDSVY
FTADTSGIGANVTISNSVIGAKRWEGSTYFNSVFLIDSNSQINNLYIFDSKIDYDPSILTQGLFNIGGNSIRDNILFENC
DISQKNTVNSLNTKVGSYRNCRFYNMTRIYLANEPNKTVEFTDNYCAMTRESSSTNIFSFLNSSSTQDVILFVVRNNTFS
TKGSINVGSIGLIDVTGVNLGNKMIFENNHFLTQYPLTQEQIIKALSNRITVDTNYNFTSRFPYRATLESLPAYNTFDAG
ALIYGDDNLLYFWNGTNLTNSEGTDARKVVIV
;
J,K,L
9 'polypeptide(L)'
;MAKKKIKRRGKMPPNIFDTGGQSWGQQSSGQFSNAFKGENLGNSIGSIGGAVGGIAQAGISNAQIADTSGIEAQNKAQKN
MVVGASSNDDLMSEWGSWNKVKDDYSWKDVRGGSTGQRVTNTIGAAGQGAAAGASVGGPIGAIVGGVVGLGSAIGGWLGG
NRKAKRKAKKLNKEAKEANERALTSFETRADNIDTQNDFNMLANFSAYGGPLEFGSGAIGYEFDNRYLNNQEMSAVAKQR
LTSLPNSFQALPEMNTYNAFAEGGGLSREKNYGSKKKPYPSVPSGDFAGPHRSYPIPTKADARDALRLAGLHGNESVRRK
VLAKYPSLKAFGGSLFDSVVGNNFNQSFTQGIQGMFQQEPEQTVQAANIAKDGGDIKIKEKNKGKFTAYCGGKVTEACIR
KGKNSSNPTTRKRATFAQNARNWNAFGGWLNTQGGDFTNGVTFINEGGSHEENPYQGIQIGVDPEGAPNLVEQGEVVYDD
YVFSDRMEIPDDIRKEYKLRGKTFAKAAKSAQRESEERPNDPLSTKGLQAAMERIATAQEEARQRKEAHREGNEYPSMFA
YGGDTNPYGLALEDPMSVEELEALMVQSGETGEIAPEGNNGNRQTWTRYAPIIGSGLASLSDLFSKPDYDSADLISGVDL
GAEAVGYAPIGNYLSYRPLDRDFYINKMNQQAAATRRGLMNTSGGNRLNAQAGILAADYNYGQNMGNLARQAEEYNQQLR
ERVEAFNRGTNMFNTETGLKASMFNAESRNAAKRARLGQATTVAQLRQGIKDQDAARRSANITNFLQGLGDMGWENEQAN
WLDTLAKSGVLKMNTKGEYTGGTKKAKGGKVRTKKKKGLTYG
;
M,N
#
loop_
_chem_comp.id
_chem_comp.type
_chem_comp.name
_chem_comp.formula
MG non-polymer 'MAGNESIUM ION' 'Mg 2'
#
# COMPACT_ATOMS: atom_id res chain seq x y z
N ASN A 6 -71.50 -18.78 75.62
CA ASN A 6 -71.57 -19.19 77.06
C ASN A 6 -72.44 -20.44 77.22
N PHE A 7 -71.87 -21.46 77.85
CA PHE A 7 -72.58 -22.72 78.04
C PHE A 7 -73.69 -22.52 79.07
N PRO A 8 -74.93 -22.95 78.81
CA PRO A 8 -76.02 -22.63 79.74
C PRO A 8 -75.84 -23.28 81.11
N ARG A 9 -76.71 -22.94 82.06
CA ARG A 9 -76.58 -23.45 83.42
C ARG A 9 -77.15 -24.85 83.51
N GLN A 10 -76.42 -25.74 84.20
CA GLN A 10 -76.82 -27.12 84.35
C GLN A 10 -77.37 -27.44 85.74
N MET A 11 -77.35 -26.49 86.67
CA MET A 11 -78.08 -26.63 87.93
C MET A 11 -79.52 -26.19 87.73
N LEU A 12 -80.28 -27.03 87.05
CA LEU A 12 -81.70 -26.82 86.83
C LEU A 12 -82.46 -28.09 87.18
N PRO A 13 -83.74 -27.98 87.51
CA PRO A 13 -84.58 -29.18 87.57
C PRO A 13 -84.89 -29.69 86.18
N PHE A 14 -85.31 -30.95 86.11
CA PHE A 14 -85.59 -31.56 84.82
C PHE A 14 -86.68 -30.81 84.07
N SER A 15 -87.59 -30.13 84.80
CA SER A 15 -88.66 -29.39 84.15
C SER A 15 -88.12 -28.18 83.39
N LYS A 16 -87.14 -27.48 83.96
CA LYS A 16 -86.59 -26.30 83.31
C LYS A 16 -85.54 -26.61 82.24
N LYS A 17 -85.23 -27.88 82.02
CA LYS A 17 -84.33 -28.28 80.93
C LYS A 17 -85.16 -28.46 79.67
N THR A 18 -85.57 -27.32 79.11
CA THR A 18 -86.55 -27.30 78.03
C THR A 18 -85.87 -27.56 76.69
N LYS A 19 -86.64 -27.45 75.60
CA LYS A 19 -86.08 -27.62 74.27
C LYS A 19 -85.07 -26.53 73.94
N GLN A 20 -85.38 -25.27 74.29
CA GLN A 20 -84.46 -24.18 73.98
C GLN A 20 -83.18 -24.29 74.79
N TRP A 21 -83.25 -24.85 75.99
CA TRP A 21 -82.04 -25.07 76.78
C TRP A 21 -81.08 -25.99 76.04
N ARG A 22 -81.60 -27.10 75.51
CA ARG A 22 -80.76 -28.05 74.78
C ARG A 22 -80.28 -27.45 73.46
N LYS A 23 -81.14 -26.71 72.78
CA LYS A 23 -80.70 -26.04 71.55
C LYS A 23 -79.56 -25.07 71.86
N ASP A 24 -79.63 -24.39 73.00
CA ASP A 24 -78.54 -23.50 73.42
C ASP A 24 -77.26 -24.28 73.66
N CYS A 25 -77.37 -25.45 74.30
CA CYS A 25 -76.19 -26.28 74.48
C CYS A 25 -75.52 -26.62 73.14
N LEU A 26 -76.33 -27.02 72.16
CA LEU A 26 -75.75 -27.40 70.88
C LEU A 26 -75.18 -26.20 70.12
N LEU A 27 -75.86 -25.04 70.21
CA LEU A 27 -75.30 -23.85 69.57
C LEU A 27 -73.96 -23.48 70.20
N TRP A 28 -73.85 -23.62 71.52
CA TRP A 28 -72.56 -23.37 72.16
C TRP A 28 -71.51 -24.34 71.62
N ALA A 29 -71.87 -25.61 71.47
CA ALA A 29 -70.93 -26.59 70.94
C ALA A 29 -70.46 -26.20 69.55
N ASN A 30 -71.37 -25.67 68.73
CA ASN A 30 -70.98 -25.19 67.40
C ASN A 30 -70.04 -23.99 67.50
N GLN A 31 -70.31 -23.07 68.42
CA GLN A 31 -69.42 -21.91 68.57
C GLN A 31 -68.02 -22.29 69.02
N LYS A 32 -67.81 -23.51 69.52
CA LYS A 32 -66.47 -23.99 69.87
C LYS A 32 -65.84 -23.13 70.96
N ASN A 36 -58.83 -26.18 70.04
CA ASN A 36 -59.09 -27.15 71.09
C ASN A 36 -57.85 -27.39 71.94
N TYR A 37 -57.97 -27.17 73.24
CA TYR A 37 -56.87 -27.31 74.18
C TYR A 37 -57.15 -28.46 75.13
N SER A 38 -56.18 -29.37 75.24
CA SER A 38 -56.23 -30.49 76.17
C SER A 38 -54.88 -30.60 76.85
N LEU A 39 -54.87 -31.21 78.03
CA LEU A 39 -53.66 -31.29 78.83
C LEU A 39 -52.80 -32.51 78.53
N VAL A 40 -53.37 -33.58 77.98
CA VAL A 40 -52.64 -34.82 77.74
C VAL A 40 -52.73 -35.23 76.29
N ARG A 41 -53.00 -34.28 75.39
CA ARG A 41 -53.11 -34.55 73.97
C ARG A 41 -52.27 -33.57 73.19
N LYS A 42 -51.78 -34.02 72.04
CA LYS A 42 -51.05 -33.16 71.14
C LYS A 42 -52.01 -32.32 70.32
N SER A 43 -51.47 -31.33 69.63
CA SER A 43 -52.27 -30.52 68.73
C SER A 43 -52.77 -31.38 67.58
N VAL A 44 -53.84 -30.91 66.92
CA VAL A 44 -54.33 -31.62 65.74
C VAL A 44 -53.34 -31.52 64.60
N ILE A 45 -52.61 -30.41 64.51
CA ILE A 45 -51.63 -30.29 63.42
C ILE A 45 -50.52 -31.31 63.59
N HIS A 46 -50.11 -31.57 64.83
CA HIS A 46 -49.08 -32.57 65.09
C HIS A 46 -49.52 -33.96 64.63
N LYS A 47 -50.73 -34.36 65.04
CA LYS A 47 -51.25 -35.66 64.64
C LYS A 47 -51.43 -35.75 63.14
N LYS A 48 -51.90 -34.67 62.52
CA LYS A 48 -52.07 -34.65 61.07
C LYS A 48 -50.74 -34.84 60.37
N ILE A 49 -49.69 -34.19 60.87
CA ILE A 49 -48.36 -34.35 60.28
C ILE A 49 -47.88 -35.79 60.42
N ASN A 50 -48.10 -36.40 61.58
CA ASN A 50 -47.67 -37.78 61.77
C ASN A 50 -48.38 -38.72 60.79
N TYR A 51 -49.71 -38.58 60.69
CA TYR A 51 -50.44 -39.45 59.77
C TYR A 51 -50.04 -39.21 58.33
N ASP A 52 -49.81 -37.94 57.95
CA ASP A 52 -49.32 -37.66 56.60
C ASP A 52 -47.98 -38.31 56.35
N LEU A 53 -47.10 -38.30 57.36
CA LEU A 53 -45.81 -38.97 57.20
C LEU A 53 -46.00 -40.45 56.95
N LEU A 54 -46.96 -41.07 57.64
CA LEU A 54 -47.26 -42.46 57.33
C LEU A 54 -47.90 -42.64 55.95
N ASN A 55 -48.60 -41.63 55.45
CA ASN A 55 -49.20 -41.66 54.12
C ASN A 55 -48.27 -41.09 53.05
N GLY A 56 -47.00 -40.90 53.36
CA GLY A 56 -46.03 -40.56 52.35
C GLY A 56 -46.02 -39.11 51.95
N ARG A 57 -46.48 -38.21 52.81
CA ARG A 57 -46.52 -36.78 52.52
C ARG A 57 -45.64 -36.04 53.50
N LEU A 58 -44.73 -35.23 52.97
CA LEU A 58 -43.76 -34.47 53.73
C LEU A 58 -44.15 -33.00 53.67
N HIS A 59 -44.24 -32.37 54.84
CA HIS A 59 -44.45 -30.94 54.93
C HIS A 59 -43.10 -30.26 55.15
N MET A 60 -42.69 -29.42 54.20
CA MET A 60 -41.41 -28.74 54.33
C MET A 60 -41.41 -27.77 55.50
N SER A 61 -42.57 -27.28 55.90
CA SER A 61 -42.68 -26.37 57.02
C SER A 61 -42.45 -27.05 58.36
N ASP A 62 -42.39 -28.38 58.40
CA ASP A 62 -42.20 -29.12 59.63
C ASP A 62 -40.75 -29.46 59.91
N LEU A 63 -39.82 -29.10 59.02
CA LEU A 63 -38.41 -29.36 59.24
C LEU A 63 -37.50 -28.21 58.82
N GLU A 64 -38.05 -27.03 58.54
CA GLU A 64 -37.25 -25.83 58.30
C GLU A 64 -38.18 -24.63 58.19
N LEU A 65 -37.58 -23.44 58.08
CA LEU A 65 -38.29 -22.28 57.59
C LEU A 65 -38.33 -22.32 56.07
N VAL A 66 -39.51 -22.13 55.50
CA VAL A 66 -39.66 -22.05 54.05
C VAL A 66 -39.51 -20.58 53.67
N LEU A 67 -38.38 -20.25 53.04
CA LEU A 67 -38.11 -18.88 52.63
C LEU A 67 -38.77 -18.58 51.29
N ILE A 72 -41.28 -25.66 48.58
CA ILE A 72 -42.27 -24.74 48.02
C ILE A 72 -43.55 -25.51 47.74
N LYS A 73 -44.52 -24.83 47.12
CA LYS A 73 -45.81 -25.40 46.81
C LYS A 73 -45.84 -26.13 45.48
N ALA A 74 -44.75 -26.11 44.72
CA ALA A 74 -44.66 -26.85 43.47
C ALA A 74 -44.12 -28.24 43.76
N ALA A 75 -44.74 -29.25 43.14
CA ALA A 75 -44.44 -30.65 43.43
C ALA A 75 -43.26 -31.15 42.60
N TYR A 76 -42.10 -30.52 42.81
CA TYR A 76 -40.89 -30.83 42.04
C TYR A 76 -39.66 -30.74 42.92
N ILE A 77 -38.77 -31.71 42.78
CA ILE A 77 -37.66 -31.94 43.71
C ILE A 77 -36.61 -30.83 43.73
N PRO A 78 -36.35 -30.12 42.62
CA PRO A 78 -35.34 -29.04 42.71
C PRO A 78 -35.61 -27.97 43.76
N ASP A 79 -36.83 -27.90 44.30
CA ASP A 79 -37.10 -27.09 45.50
C ASP A 79 -37.86 -27.82 46.59
N ARG A 80 -38.48 -28.96 46.30
CA ARG A 80 -39.13 -29.80 47.30
C ARG A 80 -38.26 -31.02 47.59
N LEU A 81 -38.68 -31.80 48.57
CA LEU A 81 -37.87 -32.88 49.12
C LEU A 81 -38.62 -34.20 48.96
N GLN A 82 -37.91 -35.24 48.53
CA GLN A 82 -38.47 -36.58 48.55
C GLN A 82 -38.68 -37.09 49.96
N HIS A 83 -39.70 -37.92 50.10
CA HIS A 83 -39.95 -38.70 51.29
C HIS A 83 -39.77 -40.18 50.95
N TYR A 84 -38.97 -40.86 51.76
CA TYR A 84 -38.72 -42.29 51.60
C TYR A 84 -39.34 -42.98 52.80
N PRO A 85 -40.48 -43.67 52.66
CA PRO A 85 -41.20 -44.10 53.86
C PRO A 85 -40.52 -45.26 54.60
N ILE A 86 -39.44 -44.93 55.32
CA ILE A 86 -38.71 -45.96 56.04
C ILE A 86 -39.32 -46.29 57.40
N MET A 87 -40.31 -45.53 57.85
CA MET A 87 -40.95 -45.82 59.12
C MET A 87 -42.10 -46.81 59.00
N ASN A 88 -42.63 -47.03 57.79
CA ASN A 88 -43.86 -47.81 57.65
C ASN A 88 -43.66 -49.26 58.04
N SER A 89 -42.54 -49.86 57.65
CA SER A 89 -42.32 -51.28 57.93
C SER A 89 -42.29 -51.54 59.43
N LYS A 90 -41.70 -50.61 60.20
CA LYS A 90 -41.60 -50.80 61.64
C LYS A 90 -42.97 -50.89 62.29
N LEU A 91 -43.90 -50.03 61.89
CA LEU A 91 -45.24 -50.06 62.45
C LEU A 91 -46.06 -51.21 61.91
N ASN A 92 -45.82 -51.60 60.66
CA ASN A 92 -46.53 -52.74 60.11
C ASN A 92 -46.14 -54.02 60.83
N VAL A 93 -44.88 -54.14 61.26
CA VAL A 93 -44.49 -55.32 62.04
C VAL A 93 -45.35 -55.42 63.29
N LEU A 94 -45.49 -54.30 64.01
CA LEU A 94 -46.22 -54.33 65.27
C LEU A 94 -47.71 -54.54 65.05
N ARG A 95 -48.28 -53.96 64.00
CA ARG A 95 -49.70 -54.20 63.76
C ARG A 95 -49.95 -55.65 63.34
N GLY A 96 -49.03 -56.25 62.59
CA GLY A 96 -49.18 -57.65 62.24
C GLY A 96 -49.07 -58.58 63.43
N GLU A 97 -48.15 -58.29 64.34
CA GLU A 97 -48.09 -59.06 65.57
C GLU A 97 -49.32 -58.84 66.43
N GLU A 98 -49.86 -57.63 66.44
CA GLU A 98 -51.11 -57.41 67.15
C GLU A 98 -52.21 -58.29 66.56
N SER A 99 -52.26 -58.38 65.23
CA SER A 99 -53.29 -59.20 64.60
C SER A 99 -53.12 -60.67 64.95
N LYS A 100 -51.89 -61.17 64.98
CA LYS A 100 -51.67 -62.59 65.22
C LYS A 100 -51.62 -62.98 66.70
N ARG A 101 -51.66 -62.01 67.63
CA ARG A 101 -51.78 -62.38 69.04
C ARG A 101 -53.13 -63.02 69.31
N VAL A 102 -53.16 -63.92 70.29
CA VAL A 102 -54.38 -64.66 70.57
C VAL A 102 -55.44 -63.71 71.09
N PHE A 103 -56.64 -63.82 70.52
CA PHE A 103 -57.77 -62.96 70.86
C PHE A 103 -58.91 -63.85 71.35
N ASP A 104 -59.02 -64.04 72.67
CA ASP A 104 -60.21 -64.64 73.25
C ASP A 104 -60.52 -63.85 74.52
N PHE A 105 -61.35 -62.83 74.37
CA PHE A 105 -61.81 -62.00 75.49
C PHE A 105 -63.16 -62.55 75.93
N LYS A 106 -63.19 -63.22 77.08
CA LYS A 106 -64.40 -63.79 77.62
C LYS A 106 -64.79 -63.11 78.92
N VAL A 107 -66.10 -63.02 79.14
CA VAL A 107 -66.63 -62.62 80.44
C VAL A 107 -66.52 -63.79 81.39
N VAL A 108 -65.85 -63.59 82.51
CA VAL A 108 -65.67 -64.62 83.52
C VAL A 108 -66.21 -64.10 84.84
N VAL A 109 -66.69 -65.01 85.67
CA VAL A 109 -67.01 -64.70 87.05
C VAL A 109 -65.70 -64.64 87.81
N THR A 110 -65.44 -63.52 88.49
CA THR A 110 -64.16 -63.36 89.17
C THR A 110 -64.03 -64.32 90.35
N ASN A 111 -65.13 -64.59 91.05
CA ASN A 111 -65.15 -65.47 92.21
C ASN A 111 -66.28 -66.48 92.03
N PRO A 112 -66.10 -67.47 91.16
CA PRO A 112 -67.21 -68.36 90.80
C PRO A 112 -67.68 -69.28 91.93
N ASN A 113 -66.93 -69.44 93.01
CA ASN A 113 -67.38 -70.18 94.18
C ASN A 113 -68.01 -69.29 95.23
N ALA A 114 -68.43 -68.08 94.86
CA ALA A 114 -68.91 -67.08 95.80
C ALA A 114 -70.37 -66.76 95.49
N ILE A 115 -71.28 -67.49 96.12
CA ILE A 115 -72.72 -67.34 95.94
C ILE A 115 -73.30 -66.84 97.25
N SER A 116 -74.22 -65.89 97.15
CA SER A 116 -74.83 -65.26 98.30
C SER A 116 -76.35 -65.42 98.24
N GLU A 117 -77.03 -64.95 99.28
CA GLU A 117 -78.49 -65.11 99.36
C GLU A 117 -79.18 -64.31 98.27
N ILE A 118 -78.68 -63.12 97.96
CA ILE A 118 -79.32 -62.28 96.95
C ILE A 118 -79.24 -62.93 95.58
N GLU A 119 -78.09 -63.52 95.26
CA GLU A 119 -77.95 -64.24 93.99
C GLU A 119 -78.93 -65.40 93.92
N ASP A 120 -79.10 -66.11 95.02
CA ASP A 120 -80.04 -67.23 95.06
C ASP A 120 -81.47 -66.74 94.87
N ASN A 121 -81.82 -65.60 95.48
CA ASN A 121 -83.16 -65.05 95.33
C ASN A 121 -83.43 -64.68 93.88
N LYS A 122 -82.48 -64.03 93.22
CA LYS A 122 -82.67 -63.66 91.82
C LYS A 122 -82.76 -64.90 90.94
N LYS A 123 -81.97 -65.93 91.24
CA LYS A 123 -82.08 -67.19 90.51
C LYS A 123 -83.46 -67.80 90.68
N ASN A 124 -83.99 -67.80 91.90
CA ASN A 124 -85.31 -68.36 92.15
C ASN A 124 -86.39 -67.57 91.40
N GLU A 125 -86.27 -66.25 91.38
CA GLU A 125 -87.20 -65.43 90.61
C GLU A 125 -87.18 -65.84 89.14
N LEU A 126 -85.98 -65.99 88.57
CA LEU A 126 -85.90 -66.34 87.16
C LEU A 126 -86.51 -67.71 86.88
N LEU A 127 -86.23 -68.70 87.75
CA LEU A 127 -86.82 -70.02 87.54
C LEU A 127 -88.33 -69.99 87.66
N GLN A 128 -88.87 -69.24 88.63
CA GLN A 128 -90.32 -69.10 88.72
C GLN A 128 -90.90 -68.47 87.46
N ARG A 129 -90.23 -67.45 86.92
CA ARG A 129 -90.71 -66.81 85.71
C ARG A 129 -90.70 -67.79 84.53
N LEU A 130 -89.64 -68.58 84.40
CA LEU A 130 -89.60 -69.59 83.33
C LEU A 130 -90.71 -70.62 83.51
N GLN A 131 -90.96 -71.02 84.76
CA GLN A 131 -92.03 -71.99 85.02
C GLN A 131 -93.37 -71.44 84.55
N GLU A 132 -93.63 -70.17 84.89
CA GLU A 132 -94.87 -69.54 84.46
C GLU A 132 -94.95 -69.47 82.93
N MET A 133 -93.85 -69.12 82.28
CA MET A 133 -93.86 -69.05 80.82
C MET A 133 -94.13 -70.41 80.18
N ILE A 134 -93.51 -71.48 80.70
CA ILE A 134 -93.71 -72.77 80.06
C ILE A 134 -95.12 -73.29 80.33
N THR A 135 -95.71 -72.99 81.49
CA THR A 135 -97.11 -73.33 81.69
C THR A 135 -97.99 -72.55 80.72
N ASP A 136 -97.65 -71.28 80.46
CA ASP A 136 -98.44 -70.48 79.54
C ASP A 136 -98.36 -71.04 78.12
N THR A 137 -97.18 -71.44 77.67
CA THR A 137 -97.00 -71.84 76.27
C THR A 137 -97.38 -73.30 76.05
N SER A 138 -96.99 -74.19 76.95
CA SER A 138 -97.25 -75.62 76.77
C SER A 138 -98.76 -75.87 76.71
N ILE A 139 -99.19 -76.64 75.73
CA ILE A 139 -100.61 -76.87 75.46
C ILE A 139 -100.97 -78.23 76.06
N SER A 140 -101.35 -78.21 77.35
CA SER A 140 -101.97 -79.35 78.02
C SER A 140 -101.14 -80.63 77.88
N GLU A 141 -99.92 -80.58 78.41
CA GLU A 141 -99.04 -81.74 78.58
C GLU A 141 -98.42 -82.22 77.27
N ASP A 142 -98.77 -81.64 76.12
CA ASP A 142 -98.22 -82.12 74.86
C ASP A 142 -96.71 -81.92 74.80
N GLU A 143 -96.23 -80.77 75.29
CA GLU A 143 -94.80 -80.47 75.33
C GLU A 143 -94.38 -79.91 76.68
N TYR A 144 -95.25 -79.96 77.70
CA TYR A 144 -94.91 -79.46 79.02
C TYR A 144 -93.72 -80.23 79.60
N ASN A 145 -93.74 -81.56 79.44
CA ASN A 145 -92.62 -82.36 79.91
C ASN A 145 -91.34 -82.04 79.13
N ILE A 146 -91.46 -81.66 77.86
CA ILE A 146 -90.28 -81.25 77.11
C ILE A 146 -89.68 -79.99 77.74
N LYS A 147 -90.52 -79.02 78.09
CA LYS A 147 -90.02 -77.79 78.71
C LYS A 147 -89.40 -78.08 80.07
N LEU A 148 -90.02 -78.97 80.87
CA LEU A 148 -89.42 -79.34 82.15
C LEU A 148 -88.07 -80.01 81.96
N GLU A 149 -87.97 -80.91 80.97
CA GLU A 149 -86.69 -81.55 80.69
C GLU A 149 -85.65 -80.51 80.29
N LYS A 150 -86.07 -79.48 79.55
CA LYS A 150 -85.15 -78.43 79.14
C LYS A 150 -84.66 -77.62 80.34
N LEU A 151 -85.56 -77.21 81.23
CA LEU A 151 -85.19 -76.29 82.31
C LEU A 151 -84.76 -76.99 83.60
N ASN A 152 -84.75 -78.31 83.65
CA ASN A 152 -84.23 -79.00 84.83
C ASN A 152 -82.73 -78.76 85.02
N ASP A 153 -81.95 -78.80 83.94
CA ASP A 153 -80.50 -78.62 84.06
C ASP A 153 -80.11 -77.19 84.40
N TYR A 154 -81.06 -76.24 84.38
CA TYR A 154 -80.79 -74.89 84.85
C TYR A 154 -80.92 -74.74 86.37
N TYR A 155 -81.37 -75.79 87.07
CA TYR A 155 -81.41 -75.74 88.52
C TYR A 155 -80.01 -75.74 89.12
N THR A 156 -79.08 -76.50 88.54
CA THR A 156 -77.71 -76.52 89.02
C THR A 156 -76.92 -75.28 88.62
N TYR A 157 -77.48 -74.42 87.78
CA TYR A 157 -76.82 -73.16 87.45
C TYR A 157 -76.98 -72.18 88.61
N GLU A 158 -76.26 -71.07 88.51
CA GLU A 158 -76.35 -69.98 89.48
C GLU A 158 -76.61 -68.68 88.73
N TRP A 159 -77.01 -67.66 89.49
CA TRP A 159 -77.29 -66.36 88.91
C TRP A 159 -76.07 -65.82 88.15
N GLN A 160 -74.91 -65.89 88.77
CA GLN A 160 -73.69 -65.42 88.13
C GLN A 160 -73.40 -66.21 86.86
N ASP A 161 -73.67 -67.53 86.89
CA ASP A 161 -73.49 -68.35 85.70
C ASP A 161 -74.39 -67.90 84.56
N ILE A 162 -75.66 -67.63 84.86
CA ILE A 162 -76.60 -67.24 83.82
C ILE A 162 -76.21 -65.89 83.23
N ARG A 163 -75.84 -64.94 84.09
CA ARG A 163 -75.38 -63.64 83.61
C ARG A 163 -74.13 -63.78 82.75
N GLU A 164 -73.20 -64.63 83.16
CA GLU A 164 -71.96 -64.79 82.42
C GLU A 164 -72.23 -65.44 81.07
N VAL A 165 -73.16 -66.39 81.02
CA VAL A 165 -73.53 -67.00 79.75
C VAL A 165 -74.15 -65.96 78.83
N ARG A 166 -75.04 -65.11 79.35
CA ARG A 166 -75.66 -64.09 78.50
C ARG A 166 -74.61 -63.13 77.96
N ALA A 167 -73.71 -62.66 78.83
CA ALA A 167 -72.70 -61.71 78.40
C ALA A 167 -71.77 -62.32 77.36
N ASN A 168 -71.36 -63.57 77.59
CA ASN A 168 -70.51 -64.25 76.63
C ASN A 168 -71.23 -64.45 75.32
N GLU A 169 -72.53 -64.75 75.36
CA GLU A 169 -73.29 -64.91 74.13
C GLU A 169 -73.29 -63.62 73.32
N LEU A 170 -73.58 -62.50 73.98
CA LEU A 170 -73.61 -61.22 73.29
C LEU A 170 -72.24 -60.88 72.69
N LEU A 171 -71.19 -60.96 73.50
CA LEU A 171 -69.86 -60.62 73.00
C LEU A 171 -69.39 -61.58 71.90
N ASN A 172 -69.65 -62.87 72.07
CA ASN A 172 -69.28 -63.85 71.06
C ASN A 172 -69.92 -63.52 69.72
N HIS A 173 -71.24 -63.33 69.72
CA HIS A 173 -71.92 -63.07 68.46
C HIS A 173 -71.41 -61.78 67.82
N TYR A 174 -71.27 -60.72 68.61
CA TYR A 174 -70.95 -59.45 67.97
C TYR A 174 -69.49 -59.35 67.58
N ILE A 175 -68.60 -60.04 68.31
CA ILE A 175 -67.21 -60.13 67.88
C ILE A 175 -67.12 -60.84 66.54
N LYS A 176 -67.84 -61.97 66.39
CA LYS A 176 -67.78 -62.65 65.11
C LYS A 176 -68.48 -61.87 64.00
N GLU A 177 -69.53 -61.12 64.34
CA GLU A 177 -70.26 -60.42 63.30
C GLU A 177 -69.49 -59.21 62.78
N TYR A 178 -68.98 -58.37 63.67
CA TYR A 178 -68.41 -57.11 63.24
C TYR A 178 -66.92 -57.21 62.86
N ASP A 179 -66.28 -58.34 63.10
CA ASP A 179 -64.83 -58.45 62.95
C ASP A 179 -64.14 -57.39 63.80
N ILE A 180 -64.47 -57.41 65.08
CA ILE A 180 -63.95 -56.44 66.06
C ILE A 180 -62.43 -56.44 66.10
N PRO A 181 -61.75 -57.60 66.01
CA PRO A 181 -60.28 -57.57 65.99
C PRO A 181 -59.68 -56.65 64.93
N LEU A 182 -60.30 -56.54 63.76
CA LEU A 182 -59.78 -55.62 62.74
C LEU A 182 -59.93 -54.17 63.19
N ILE A 183 -61.05 -53.85 63.85
CA ILE A 183 -61.25 -52.51 64.39
C ILE A 183 -60.16 -52.20 65.41
N PHE A 184 -59.85 -53.18 66.25
CA PHE A 184 -58.78 -53.00 67.23
C PHE A 184 -57.41 -52.86 66.57
N ASN A 185 -57.17 -53.56 65.46
CA ASN A 185 -55.90 -53.39 64.76
C ASN A 185 -55.77 -51.97 64.21
N ASN A 186 -56.85 -51.45 63.64
CA ASN A 186 -56.83 -50.07 63.15
C ASN A 186 -56.58 -49.09 64.30
N GLY A 187 -57.23 -49.32 65.44
CA GLY A 187 -57.02 -48.44 66.59
C GLY A 187 -55.61 -48.52 67.12
N PHE A 188 -55.00 -49.71 67.06
CA PHE A 188 -53.61 -49.85 67.48
C PHE A 188 -52.68 -49.06 66.57
N MET A 189 -52.96 -49.08 65.27
CA MET A 189 -52.20 -48.22 64.36
C MET A 189 -52.37 -46.76 64.73
N ASP A 190 -53.60 -46.36 65.05
CA ASP A 190 -53.84 -44.99 65.48
C ASP A 190 -53.05 -44.66 66.74
N ALA A 191 -52.94 -45.62 67.66
CA ALA A 191 -52.22 -45.40 68.90
C ALA A 191 -50.73 -45.25 68.66
N MET A 192 -50.18 -46.05 67.74
CA MET A 192 -48.75 -45.94 67.44
C MET A 192 -48.44 -44.67 66.67
N THR A 193 -49.39 -44.14 65.91
CA THR A 193 -49.15 -42.87 65.22
C THR A 193 -49.34 -41.67 66.14
N CYS A 194 -50.35 -41.71 67.01
CA CYS A 194 -50.74 -40.57 67.83
C CYS A 194 -50.48 -40.76 69.31
N GLY A 195 -50.41 -42.00 69.79
CA GLY A 195 -50.51 -42.24 71.20
C GLY A 195 -51.91 -42.08 71.74
N GLU A 196 -52.92 -42.27 70.90
CA GLU A 196 -54.31 -42.08 71.28
C GLU A 196 -55.16 -43.13 70.60
N GLU A 197 -55.90 -43.92 71.38
CA GLU A 197 -56.73 -44.99 70.86
C GLU A 197 -58.11 -44.85 71.46
N ILE A 198 -59.13 -44.66 70.63
CA ILE A 198 -60.46 -44.27 71.06
C ILE A 198 -61.47 -45.13 70.33
N TYR A 199 -62.54 -45.54 71.03
CA TYR A 199 -63.63 -46.28 70.41
C TYR A 199 -64.94 -45.77 70.97
N GLN A 200 -65.98 -45.78 70.15
CA GLN A 200 -67.31 -45.33 70.55
C GLN A 200 -68.29 -46.49 70.50
N CYS A 201 -69.09 -46.69 71.55
CA CYS A 201 -70.11 -47.75 71.61
C CYS A 201 -71.45 -47.03 71.61
N ASP A 202 -72.35 -47.39 70.71
CA ASP A 202 -73.63 -46.72 70.54
C ASP A 202 -74.63 -47.75 70.05
N ILE A 203 -75.91 -47.37 70.16
CA ILE A 203 -77.00 -48.12 69.56
C ILE A 203 -77.39 -47.40 68.29
N VAL A 204 -77.39 -48.11 67.17
CA VAL A 204 -77.81 -47.58 65.88
C VAL A 204 -78.69 -48.62 65.22
N GLY A 205 -79.93 -48.26 64.92
CA GLY A 205 -80.85 -49.24 64.38
C GLY A 205 -81.25 -50.31 65.37
N GLY A 206 -81.13 -50.03 66.66
CA GLY A 206 -81.55 -50.95 67.70
C GLY A 206 -80.50 -51.93 68.14
N GLU A 207 -79.47 -52.16 67.34
CA GLU A 207 -78.39 -53.05 67.68
C GLU A 207 -77.23 -52.26 68.29
N PRO A 208 -76.44 -52.85 69.18
CA PRO A 208 -75.22 -52.18 69.61
C PRO A 208 -74.17 -52.19 68.51
N VAL A 209 -73.46 -51.08 68.36
CA VAL A 209 -72.39 -50.95 67.37
C VAL A 209 -71.17 -50.37 68.05
N ILE A 210 -70.00 -50.71 67.52
CA ILE A 210 -68.71 -50.25 68.02
C ILE A 210 -67.94 -49.67 66.85
N GLU A 211 -67.37 -48.48 67.03
CA GLU A 211 -66.67 -47.77 65.98
C GLU A 211 -65.37 -47.20 66.54
N ARG A 212 -64.37 -47.10 65.67
CA ARG A 212 -63.10 -46.47 66.02
C ARG A 212 -63.20 -44.98 65.71
N VAL A 213 -62.84 -44.16 66.68
CA VAL A 213 -62.92 -42.71 66.53
C VAL A 213 -61.62 -42.20 65.94
N ASN A 214 -61.72 -41.35 64.95
CA ASN A 214 -60.56 -40.66 64.42
C ASN A 214 -60.00 -39.74 65.51
N PRO A 215 -58.72 -39.85 65.87
CA PRO A 215 -58.19 -38.91 66.89
C PRO A 215 -58.28 -37.45 66.50
N LEU A 216 -58.31 -37.13 65.21
CA LEU A 216 -58.41 -35.75 64.76
C LEU A 216 -59.83 -35.20 64.78
N LYS A 217 -60.82 -36.05 65.04
CA LYS A 217 -62.23 -35.66 64.95
C LYS A 217 -62.96 -35.88 66.27
N ILE A 218 -62.25 -35.78 67.38
CA ILE A 218 -62.85 -35.84 68.71
C ILE A 218 -62.21 -34.75 69.56
N ARG A 219 -63.05 -33.94 70.20
CA ARG A 219 -62.61 -32.83 71.04
C ARG A 219 -63.01 -33.15 72.48
N ILE A 220 -62.03 -33.50 73.29
CA ILE A 220 -62.25 -33.97 74.66
C ILE A 220 -61.98 -32.81 75.60
N PHE A 221 -62.99 -32.42 76.37
CA PHE A 221 -62.90 -31.30 77.29
C PHE A 221 -63.08 -31.79 78.72
N LYS A 222 -62.55 -31.00 79.66
CA LYS A 222 -62.83 -31.18 81.08
C LYS A 222 -62.42 -32.56 81.56
N SER A 223 -61.13 -32.84 81.44
CA SER A 223 -60.50 -33.99 82.08
C SER A 223 -59.38 -33.50 82.99
N GLY A 224 -58.94 -34.37 83.88
CA GLY A 224 -58.07 -33.97 84.98
C GLY A 224 -56.65 -34.52 84.92
N TYR A 225 -55.99 -34.37 83.77
CA TYR A 225 -54.71 -35.03 83.49
C TYR A 225 -54.87 -36.54 83.43
N SER A 226 -56.06 -37.01 83.05
CA SER A 226 -56.36 -38.43 83.04
C SER A 226 -56.08 -38.98 81.63
N ASN A 227 -55.30 -40.06 81.58
CA ASN A 227 -55.01 -40.72 80.32
C ASN A 227 -56.19 -41.53 79.78
N LYS A 228 -57.23 -41.74 80.57
CA LYS A 228 -58.43 -42.42 80.13
C LYS A 228 -59.43 -41.43 79.54
N VAL A 229 -60.15 -41.87 78.51
CA VAL A 229 -61.11 -40.99 77.85
C VAL A 229 -62.47 -41.05 78.51
N GLU A 230 -62.76 -42.08 79.31
CA GLU A 230 -64.01 -42.14 80.06
C GLU A 230 -64.13 -41.00 81.06
N ASP A 231 -63.02 -40.42 81.50
CA ASP A 231 -63.03 -39.44 82.56
C ASP A 231 -63.40 -38.04 82.09
N ALA A 232 -63.58 -37.83 80.80
CA ALA A 232 -63.97 -36.51 80.30
C ALA A 232 -65.42 -36.21 80.65
N ASP A 233 -65.70 -34.93 80.92
CA ASP A 233 -67.06 -34.48 81.19
C ASP A 233 -67.80 -34.04 79.94
N MET A 234 -67.11 -33.85 78.82
CA MET A 234 -67.74 -33.30 77.63
C MET A 234 -66.90 -33.63 76.42
N ILE A 235 -67.52 -34.20 75.40
CA ILE A 235 -66.87 -34.64 74.17
C ILE A 235 -67.73 -34.19 73.01
N ILE A 236 -67.10 -33.64 71.97
CA ILE A 236 -67.77 -33.24 70.75
C ILE A 236 -67.20 -34.06 69.60
N LEU A 237 -68.08 -34.70 68.83
CA LEU A 237 -67.70 -35.49 67.67
C LEU A 237 -68.24 -34.79 66.43
N GLU A 238 -67.34 -34.25 65.62
CA GLU A 238 -67.67 -33.57 64.38
C GLU A 238 -67.15 -34.41 63.22
N ASP A 239 -68.06 -34.85 62.35
CA ASP A 239 -67.67 -35.63 61.17
C ASP A 239 -68.71 -35.42 60.09
N TYR A 240 -68.32 -35.74 58.86
CA TYR A 240 -69.17 -35.59 57.69
C TYR A 240 -69.76 -36.94 57.31
N TRP A 241 -71.07 -37.07 57.45
CA TRP A 241 -71.81 -38.29 57.15
C TRP A 241 -72.52 -38.15 55.82
N SER A 242 -72.77 -39.28 55.17
CA SER A 242 -73.61 -39.27 53.99
C SER A 242 -75.07 -39.10 54.38
N PRO A 243 -75.92 -38.61 53.47
CA PRO A 243 -77.36 -38.59 53.77
C PRO A 243 -77.93 -39.95 54.11
N GLY A 244 -77.41 -41.00 53.45
CA GLY A 244 -77.87 -42.34 53.76
C GLY A 244 -77.60 -42.74 55.19
N ARG A 245 -76.44 -42.33 55.73
CA ARG A 245 -76.11 -42.70 57.09
C ARG A 245 -76.98 -41.95 58.11
N VAL A 246 -77.21 -40.66 57.88
CA VAL A 246 -78.04 -39.91 58.83
C VAL A 246 -79.48 -40.41 58.77
N ILE A 247 -79.95 -40.81 57.60
CA ILE A 247 -81.30 -41.38 57.52
C ILE A 247 -81.32 -42.79 58.08
N ASP A 248 -80.21 -43.52 58.02
CA ASP A 248 -80.15 -44.82 58.66
C ASP A 248 -80.16 -44.69 60.18
N THR A 249 -79.61 -43.60 60.70
CA THR A 249 -79.42 -43.44 62.13
C THR A 249 -80.53 -42.65 62.82
N TYR A 250 -81.24 -41.79 62.09
CA TYR A 250 -82.23 -40.89 62.69
C TYR A 250 -83.53 -40.88 61.89
N TYR A 251 -83.89 -42.00 61.28
CA TYR A 251 -85.18 -42.06 60.58
C TYR A 251 -86.34 -41.85 61.55
N ASP A 252 -86.26 -42.43 62.74
CA ASP A 252 -87.37 -42.43 63.68
C ASP A 252 -87.48 -41.13 64.47
N VAL A 253 -86.60 -40.15 64.24
CA VAL A 253 -86.70 -38.85 64.89
C VAL A 253 -86.59 -37.69 63.92
N LEU A 254 -86.20 -37.90 62.67
CA LEU A 254 -86.12 -36.82 61.71
C LEU A 254 -87.51 -36.38 61.31
N SER A 255 -87.77 -35.08 61.36
CA SER A 255 -89.06 -34.55 60.95
C SER A 255 -89.12 -34.43 59.44
N PRO A 256 -90.32 -34.32 58.86
CA PRO A 256 -90.40 -34.08 57.41
C PRO A 256 -89.69 -32.82 56.98
N LYS A 257 -89.70 -31.78 57.82
CA LYS A 257 -88.94 -30.57 57.51
C LYS A 257 -87.45 -30.87 57.42
N ASP A 258 -86.94 -31.71 58.32
CA ASP A 258 -85.52 -32.06 58.28
C ASP A 258 -85.18 -32.85 57.02
N ILE A 259 -86.07 -33.75 56.60
CA ILE A 259 -85.79 -34.54 55.40
C ILE A 259 -85.89 -33.67 54.15
N LYS A 260 -86.80 -32.69 54.14
CA LYS A 260 -86.80 -31.71 53.07
C LYS A 260 -85.53 -30.90 53.07
N TYR A 261 -84.99 -30.58 54.26
CA TYR A 261 -83.70 -29.89 54.33
C TYR A 261 -82.61 -30.74 53.70
N ILE A 262 -82.64 -32.05 53.95
CA ILE A 262 -81.65 -32.96 53.37
C ILE A 262 -81.79 -33.01 51.86
N GLU A 263 -83.02 -32.98 51.34
CA GLU A 263 -83.22 -32.87 49.90
C GLU A 263 -82.70 -31.56 49.33
N THR A 264 -83.10 -30.43 49.92
CA THR A 264 -82.93 -29.13 49.30
C THR A 264 -81.51 -28.61 49.34
N MET A 265 -80.59 -29.31 49.99
CA MET A 265 -79.20 -28.88 50.00
C MET A 265 -78.68 -28.84 48.55
N PRO A 266 -77.82 -27.88 48.21
CA PRO A 266 -77.39 -27.78 46.81
C PRO A 266 -76.71 -29.03 46.29
N ASP A 267 -75.96 -29.73 47.14
CA ASP A 267 -75.24 -30.93 46.75
C ASP A 267 -74.33 -30.64 45.57
N TYR A 268 -73.38 -29.75 45.79
CA TYR A 268 -72.44 -29.37 44.75
C TYR A 268 -71.43 -30.48 44.51
N ALA A 325 -68.14 -33.04 48.19
CA ALA A 325 -69.05 -34.17 48.21
C ALA A 325 -70.40 -33.75 48.78
N GLY A 326 -71.41 -34.59 48.60
CA GLY A 326 -72.75 -34.26 49.06
C GLY A 326 -73.05 -34.77 50.45
N ASN A 327 -72.07 -34.67 51.34
CA ASN A 327 -72.18 -35.17 52.70
C ASN A 327 -72.77 -34.09 53.61
N LEU A 328 -73.16 -34.51 54.81
CA LEU A 328 -73.74 -33.63 55.82
C LEU A 328 -72.83 -33.56 57.04
N ARG A 329 -72.63 -32.36 57.56
CA ARG A 329 -71.85 -32.19 58.78
C ARG A 329 -72.67 -32.62 59.98
N VAL A 330 -72.27 -33.71 60.61
CA VAL A 330 -72.93 -34.24 61.79
C VAL A 330 -72.05 -33.93 63.00
N LEU A 331 -72.51 -33.01 63.83
CA LEU A 331 -71.84 -32.66 65.09
C LEU A 331 -72.65 -33.24 66.24
N ARG A 332 -72.02 -34.08 67.04
CA ARG A 332 -72.67 -34.74 68.17
C ARG A 332 -72.01 -34.28 69.46
N LEU A 333 -72.81 -33.71 70.35
CA LEU A 333 -72.33 -33.22 71.65
C LEU A 333 -72.70 -34.24 72.72
N TYR A 334 -71.72 -34.59 73.55
CA TYR A 334 -71.91 -35.40 74.73
C TYR A 334 -71.45 -34.57 75.92
N TRP A 335 -72.28 -34.44 76.94
CA TRP A 335 -71.92 -33.61 78.09
C TRP A 335 -72.59 -34.13 79.34
N LYS A 336 -71.84 -34.09 80.45
CA LYS A 336 -72.33 -34.49 81.76
C LYS A 336 -73.07 -33.31 82.36
N SER A 337 -74.39 -33.38 82.37
CA SER A 337 -75.20 -32.39 83.07
C SER A 337 -75.24 -32.73 84.55
N LYS A 338 -76.12 -32.07 85.28
CA LYS A 338 -76.37 -32.36 86.67
C LYS A 338 -77.86 -32.52 86.94
N ARG A 339 -78.19 -33.52 87.76
CA ARG A 339 -79.56 -33.78 88.17
C ARG A 339 -79.63 -33.73 89.69
N LYS A 340 -80.75 -33.23 90.19
CA LYS A 340 -81.03 -33.24 91.62
C LYS A 340 -81.72 -34.54 91.95
N ILE A 341 -81.13 -35.32 92.87
CA ILE A 341 -81.71 -36.57 93.33
C ILE A 341 -81.78 -36.53 94.85
N LEU A 342 -82.62 -37.40 95.40
CA LEU A 342 -82.93 -37.41 96.82
C LEU A 342 -82.42 -38.69 97.45
N LYS A 343 -81.73 -38.57 98.58
CA LYS A 343 -81.27 -39.72 99.34
C LYS A 343 -82.21 -39.88 100.54
N VAL A 344 -83.12 -40.83 100.43
CA VAL A 344 -84.19 -41.03 101.40
C VAL A 344 -83.82 -42.19 102.31
N LYS A 345 -83.97 -41.99 103.62
CA LYS A 345 -83.65 -43.01 104.62
C LYS A 345 -84.94 -43.56 105.20
N SER A 346 -85.17 -44.86 105.00
CA SER A 346 -86.39 -45.51 105.44
C SER A 346 -86.05 -46.74 106.26
N TYR A 347 -86.98 -47.12 107.14
CA TYR A 347 -86.83 -48.30 107.98
C TYR A 347 -87.57 -49.47 107.36
N ASP A 348 -86.94 -50.64 107.37
CA ASP A 348 -87.62 -51.86 106.96
C ASP A 348 -88.81 -52.09 107.88
N PRO A 349 -90.04 -52.28 107.36
CA PRO A 349 -91.17 -52.47 108.27
C PRO A 349 -91.06 -53.68 109.17
N GLU A 350 -90.57 -54.81 108.64
CA GLU A 350 -90.56 -56.04 109.43
C GLU A 350 -89.53 -55.97 110.54
N THR A 351 -88.32 -55.54 110.22
CA THR A 351 -87.22 -55.47 111.16
C THR A 351 -86.73 -54.03 111.28
N GLY A 352 -86.27 -53.66 112.47
CA GLY A 352 -85.82 -52.29 112.67
C GLY A 352 -84.46 -52.03 112.04
N GLU A 353 -84.37 -52.20 110.72
CA GLU A 353 -83.14 -52.05 109.98
C GLU A 353 -83.24 -50.83 109.09
N GLU A 354 -82.27 -49.93 109.21
CA GLU A 354 -82.26 -48.72 108.41
C GLU A 354 -81.90 -49.04 106.96
N GLU A 355 -82.58 -48.38 106.03
CA GLU A 355 -82.42 -48.64 104.60
C GLU A 355 -82.26 -47.31 103.87
N TRP A 356 -81.52 -47.35 102.77
CA TRP A 356 -81.23 -46.18 101.95
C TRP A 356 -81.67 -46.40 100.52
N ASN A 357 -82.13 -45.33 99.88
CA ASN A 357 -82.56 -45.38 98.49
C ASN A 357 -82.29 -44.02 97.85
N PHE A 358 -82.17 -44.03 96.53
CA PHE A 358 -82.00 -42.82 95.73
C PHE A 358 -83.22 -42.65 94.83
N TYR A 359 -83.80 -41.46 94.86
CA TYR A 359 -84.98 -41.13 94.09
C TYR A 359 -84.75 -39.81 93.36
N PRO A 360 -85.52 -39.53 92.31
CA PRO A 360 -85.40 -38.22 91.65
C PRO A 360 -85.93 -37.09 92.53
N GLU A 361 -85.91 -35.86 92.01
CA GLU A 361 -86.36 -34.73 92.81
C GLU A 361 -87.87 -34.70 92.97
N ASN A 362 -88.61 -35.27 92.01
CA ASN A 362 -90.07 -35.24 92.05
C ASN A 362 -90.65 -36.19 93.09
N TYR A 363 -89.83 -37.05 93.69
CA TYR A 363 -90.32 -37.97 94.71
C TYR A 363 -90.77 -37.21 95.94
N VAL A 364 -91.91 -37.62 96.50
CA VAL A 364 -92.45 -37.01 97.71
C VAL A 364 -92.09 -37.89 98.90
N VAL A 365 -91.34 -37.31 99.84
CA VAL A 365 -90.86 -38.06 100.99
C VAL A 365 -92.06 -38.43 101.86
N ASN A 366 -92.11 -39.68 102.29
CA ASN A 366 -93.24 -40.22 103.04
C ASN A 366 -93.06 -39.88 104.52
N LYS A 367 -93.50 -38.69 104.90
CA LYS A 367 -93.58 -38.36 106.32
C LYS A 367 -94.56 -39.31 107.01
N GLU A 368 -94.59 -39.24 108.34
CA GLU A 368 -95.37 -40.14 109.19
C GLU A 368 -94.88 -41.58 109.11
N ALA A 369 -93.71 -41.81 108.52
CA ALA A 369 -93.10 -43.13 108.46
C ALA A 369 -91.61 -43.10 108.77
N GLY A 370 -91.10 -41.96 109.24
CA GLY A 370 -89.70 -41.83 109.58
C GLY A 370 -88.79 -41.54 108.41
N GLU A 371 -89.32 -41.24 107.24
CA GLU A 371 -88.49 -41.00 106.06
C GLU A 371 -88.00 -39.56 106.07
N GLU A 372 -86.69 -39.40 106.18
CA GLU A 372 -86.05 -38.09 106.09
C GLU A 372 -85.13 -38.08 104.87
N VAL A 373 -85.04 -36.91 104.23
CA VAL A 373 -84.54 -36.80 102.87
C VAL A 373 -83.45 -35.74 102.81
N GLN A 374 -82.59 -35.86 101.81
CA GLN A 374 -81.58 -34.85 101.51
C GLN A 374 -81.48 -34.68 100.00
N SER A 375 -80.95 -33.53 99.59
CA SER A 375 -80.85 -33.18 98.18
C SER A 375 -79.39 -33.12 97.77
N PHE A 376 -79.03 -33.94 96.78
CA PHE A 376 -77.72 -33.94 96.17
C PHE A 376 -77.83 -33.61 94.70
N TRP A 377 -76.75 -33.04 94.16
CA TRP A 377 -76.61 -32.77 92.74
C TRP A 377 -75.63 -33.78 92.16
N VAL A 378 -76.05 -34.46 91.10
CA VAL A 378 -75.43 -35.69 90.64
C VAL A 378 -75.27 -35.61 89.12
N ASN A 379 -74.17 -36.16 88.63
CA ASN A 379 -73.89 -36.12 87.20
C ASN A 379 -74.96 -36.86 86.43
N GLU A 380 -75.33 -36.33 85.26
CA GLU A 380 -76.11 -37.05 84.26
C GLU A 380 -75.50 -36.83 82.89
N ALA A 381 -75.36 -37.91 82.14
CA ALA A 381 -74.82 -37.84 80.79
C ALA A 381 -75.92 -37.44 79.82
N TRP A 382 -75.70 -36.35 79.11
CA TRP A 382 -76.63 -35.85 78.11
C TRP A 382 -75.98 -35.93 76.74
N GLU A 383 -76.82 -35.94 75.70
CA GLU A 383 -76.34 -35.95 74.34
C GLU A 383 -77.25 -35.08 73.49
N GLY A 384 -76.73 -34.68 72.34
CA GLY A 384 -77.47 -33.90 71.37
C GLY A 384 -76.75 -33.90 70.05
N THR A 385 -77.49 -33.94 68.94
CA THR A 385 -76.90 -34.05 67.61
C THR A 385 -77.39 -32.90 66.76
N MET A 386 -76.49 -32.32 65.97
CA MET A 386 -76.81 -31.31 64.97
C MET A 386 -76.33 -31.77 63.61
N ILE A 387 -77.23 -31.80 62.65
CA ILE A 387 -76.96 -32.21 61.28
C ILE A 387 -77.08 -30.99 60.39
N GLY A 388 -76.10 -30.79 59.54
CA GLY A 388 -76.04 -29.55 58.78
C GLY A 388 -75.89 -28.40 59.74
N ASN A 389 -76.79 -27.41 59.63
CA ASN A 389 -76.87 -26.32 60.58
C ASN A 389 -78.29 -26.11 61.12
N GLU A 390 -79.29 -26.79 60.57
CA GLU A 390 -80.68 -26.53 60.89
C GLU A 390 -81.36 -27.66 61.67
N ILE A 391 -80.82 -28.88 61.63
CA ILE A 391 -81.46 -30.04 62.23
C ILE A 391 -80.93 -30.22 63.66
N PHE A 392 -81.86 -30.54 64.57
CA PHE A 392 -81.56 -30.75 65.98
C PHE A 392 -82.27 -32.00 66.44
N VAL A 393 -81.50 -33.04 66.77
CA VAL A 393 -82.00 -34.40 66.92
C VAL A 393 -81.44 -34.97 68.21
N ASN A 394 -82.25 -35.77 68.91
CA ASN A 394 -81.81 -36.58 70.04
C ASN A 394 -81.16 -35.73 71.12
N MET A 395 -81.85 -34.66 71.50
CA MET A 395 -81.43 -33.80 72.60
C MET A 395 -82.15 -34.29 73.84
N ARG A 396 -81.46 -35.05 74.68
CA ARG A 396 -82.07 -35.73 75.80
C ARG A 396 -80.98 -36.32 76.69
N PRO A 397 -81.32 -36.80 77.88
CA PRO A 397 -80.36 -37.62 78.62
C PRO A 397 -79.98 -38.85 77.81
N ARG A 398 -78.68 -39.16 77.80
CA ARG A 398 -78.16 -40.29 77.07
C ARG A 398 -78.82 -41.57 77.57
N LEU A 399 -79.55 -42.26 76.69
CA LEU A 399 -80.33 -43.40 77.13
C LEU A 399 -79.47 -44.57 77.59
N ILE A 400 -78.18 -44.55 77.29
CA ILE A 400 -77.25 -45.56 77.78
C ILE A 400 -76.49 -44.85 78.90
N GLN A 401 -77.03 -44.91 80.12
CA GLN A 401 -76.34 -44.38 81.29
C GLN A 401 -75.46 -45.50 81.83
N TYR A 402 -74.15 -45.33 81.72
CA TYR A 402 -73.23 -46.39 82.15
C TYR A 402 -73.11 -46.38 83.66
N ASN A 403 -74.10 -46.98 84.33
CA ASN A 403 -74.31 -46.81 85.75
C ASN A 403 -73.56 -47.85 86.56
N ARG A 404 -73.29 -47.50 87.82
CA ARG A 404 -72.67 -48.38 88.79
C ARG A 404 -73.64 -48.58 89.95
N LEU A 405 -73.47 -49.69 90.68
CA LEU A 405 -74.43 -50.04 91.72
C LEU A 405 -74.54 -48.96 92.79
N ASN A 406 -73.42 -48.54 93.36
CA ASN A 406 -73.44 -47.75 94.59
C ASN A 406 -73.36 -46.25 94.35
N ASN A 407 -72.84 -45.81 93.21
CA ASN A 407 -72.62 -44.39 92.95
C ASN A 407 -73.57 -43.87 91.88
N PRO A 408 -74.60 -43.09 92.23
CA PRO A 408 -75.48 -42.55 91.19
C PRO A 408 -74.80 -41.57 90.26
N SER A 409 -73.65 -41.01 90.64
CA SER A 409 -72.98 -40.01 89.81
C SER A 409 -72.06 -40.63 88.78
N ARG A 410 -71.73 -41.92 88.90
CA ARG A 410 -70.85 -42.56 87.93
C ARG A 410 -71.64 -42.84 86.65
N CYS A 411 -71.27 -42.11 85.60
CA CYS A 411 -71.78 -42.32 84.27
C CYS A 411 -70.72 -41.85 83.30
N HIS A 412 -70.80 -42.33 82.07
CA HIS A 412 -69.96 -41.81 81.01
C HIS A 412 -70.69 -41.99 79.68
N PHE A 413 -69.98 -41.70 78.60
CA PHE A 413 -70.53 -41.77 77.26
C PHE A 413 -70.08 -43.07 76.63
N GLY A 414 -70.45 -43.27 75.36
CA GLY A 414 -69.97 -44.45 74.69
C GLY A 414 -68.49 -44.43 74.39
N ILE A 415 -67.84 -43.27 74.46
CA ILE A 415 -66.47 -43.13 74.03
C ILE A 415 -65.55 -43.67 75.12
N VAL A 416 -64.67 -44.58 74.73
CA VAL A 416 -63.69 -45.20 75.61
C VAL A 416 -62.36 -45.21 74.87
N GLY A 417 -61.29 -44.91 75.59
CA GLY A 417 -59.98 -44.88 74.96
C GLY A 417 -58.90 -44.62 75.98
N SER A 418 -57.68 -44.50 75.47
CA SER A 418 -56.54 -44.22 76.32
C SER A 418 -55.51 -43.40 75.57
N ILE A 419 -54.71 -42.68 76.33
CA ILE A 419 -53.54 -41.95 75.84
C ILE A 419 -52.33 -42.76 76.22
N TYR A 420 -51.45 -43.03 75.25
CA TYR A 420 -50.22 -43.76 75.54
C TYR A 420 -49.13 -42.77 75.92
N ASN A 421 -49.27 -42.21 77.11
CA ASN A 421 -48.41 -41.15 77.61
C ASN A 421 -47.63 -41.64 78.82
N LEU A 422 -46.81 -40.74 79.37
CA LEU A 422 -45.96 -41.03 80.52
C LEU A 422 -46.16 -39.92 81.55
N ASN A 423 -46.78 -40.26 82.68
CA ASN A 423 -46.89 -39.38 83.83
C ASN A 423 -47.60 -38.07 83.49
N ASP A 424 -48.86 -38.20 83.09
CA ASP A 424 -49.76 -37.06 82.93
C ASP A 424 -49.26 -36.06 81.90
N SER A 425 -48.45 -36.51 80.95
CA SER A 425 -47.91 -35.65 79.90
C SER A 425 -48.59 -35.96 78.58
N ARG A 426 -48.19 -35.26 77.54
CA ARG A 426 -48.67 -35.56 76.20
C ARG A 426 -47.92 -36.76 75.65
N PRO A 427 -48.55 -37.57 74.80
CA PRO A 427 -47.94 -38.84 74.40
C PRO A 427 -46.79 -38.64 73.43
N PHE A 428 -45.65 -39.27 73.73
CA PHE A 428 -44.48 -39.28 72.87
C PHE A 428 -44.54 -40.57 72.06
N SER A 429 -45.19 -40.49 70.90
CA SER A 429 -45.54 -41.69 70.14
C SER A 429 -44.32 -42.31 69.48
N LEU A 430 -44.53 -43.48 68.89
CA LEU A 430 -43.48 -44.16 68.16
C LEU A 430 -43.07 -43.37 66.93
N VAL A 431 -44.05 -42.83 66.20
CA VAL A 431 -43.76 -42.00 65.03
C VAL A 431 -43.02 -40.73 65.45
N ASP A 432 -43.36 -40.18 66.62
CA ASP A 432 -42.65 -38.99 67.09
C ASP A 432 -41.17 -39.28 67.28
N MET A 433 -40.85 -40.43 67.84
CA MET A 433 -39.47 -40.76 68.18
C MET A 433 -38.72 -41.41 67.01
N MET A 434 -39.40 -41.71 65.90
CA MET A 434 -38.73 -42.08 64.66
C MET A 434 -38.70 -40.97 63.63
N LYS A 435 -39.46 -39.90 63.82
CA LYS A 435 -39.56 -38.85 62.80
C LYS A 435 -38.26 -38.08 62.54
N PRO A 436 -37.50 -37.63 63.55
CA PRO A 436 -36.28 -36.86 63.24
C PRO A 436 -35.31 -37.64 62.39
N TYR A 437 -35.20 -38.94 62.64
CA TYR A 437 -34.36 -39.80 61.83
C TYR A 437 -34.88 -39.88 60.40
N ASN A 438 -36.19 -39.92 60.21
CA ASN A 438 -36.74 -39.98 58.87
C ASN A 438 -36.43 -38.69 58.10
N TYR A 439 -36.54 -37.56 58.78
CA TYR A 439 -36.20 -36.28 58.13
C TYR A 439 -34.71 -36.21 57.78
N LEU A 440 -33.84 -36.67 58.67
CA LEU A 440 -32.42 -36.71 58.33
C LEU A 440 -32.16 -37.66 57.17
N TYR A 441 -32.85 -38.79 57.14
CA TYR A 441 -32.74 -39.71 56.01
C TYR A 441 -33.14 -39.02 54.71
N ASP A 442 -34.23 -38.26 54.74
CA ASP A 442 -34.70 -37.61 53.52
C ASP A 442 -33.70 -36.57 53.05
N ALA A 443 -33.13 -35.79 53.97
CA ALA A 443 -32.14 -34.79 53.58
C ALA A 443 -30.89 -35.44 52.99
N ILE A 444 -30.40 -36.50 53.64
CA ILE A 444 -29.17 -37.13 53.17
C ILE A 444 -29.41 -37.81 51.83
N HIS A 445 -30.60 -38.40 51.63
CA HIS A 445 -30.90 -38.99 50.34
C HIS A 445 -31.11 -37.92 49.28
N ASP A 446 -31.51 -36.72 49.69
CA ASP A 446 -31.54 -35.60 48.76
C ASP A 446 -30.13 -35.27 48.27
N ARG A 447 -29.16 -35.22 49.19
CA ARG A 447 -27.77 -35.04 48.77
C ARG A 447 -27.32 -36.17 47.85
N LEU A 448 -27.71 -37.41 48.17
CA LEU A 448 -27.34 -38.55 47.35
C LEU A 448 -27.90 -38.43 45.94
N ASN A 449 -29.16 -38.02 45.82
CA ASN A 449 -29.78 -37.88 44.49
C ASN A 449 -29.12 -36.77 43.70
N LYS A 450 -28.82 -35.65 44.35
CA LYS A 450 -28.17 -34.55 43.64
C LYS A 450 -26.77 -34.95 43.20
N ALA A 451 -26.09 -35.79 43.99
CA ALA A 451 -24.80 -36.33 43.57
C ALA A 451 -24.96 -37.26 42.38
N ILE A 452 -26.03 -38.08 42.38
CA ILE A 452 -26.25 -39.01 41.27
C ILE A 452 -26.52 -38.24 39.98
N ALA A 453 -27.26 -37.13 40.08
CA ALA A 453 -27.54 -36.33 38.89
C ALA A 453 -26.27 -35.76 38.29
N SER A 454 -25.38 -35.23 39.12
CA SER A 454 -24.18 -34.56 38.63
C SER A 454 -23.11 -35.53 38.14
N ASN A 455 -23.29 -36.83 38.34
CA ASN A 455 -22.22 -37.79 38.15
C ASN A 455 -22.21 -38.27 36.71
N TRP A 456 -21.14 -37.92 35.99
CA TRP A 456 -20.84 -38.47 34.69
C TRP A 456 -19.50 -39.17 34.81
N GLY A 457 -19.16 -40.00 33.84
CA GLY A 457 -17.90 -40.72 33.94
C GLY A 457 -16.70 -39.81 33.91
N SER A 458 -15.50 -40.39 33.85
CA SER A 458 -14.31 -39.62 33.55
C SER A 458 -14.39 -39.09 32.13
N ILE A 459 -13.81 -37.91 31.91
CA ILE A 459 -13.73 -37.30 30.59
C ILE A 459 -12.27 -37.19 30.20
N LEU A 460 -11.94 -37.64 28.99
CA LEU A 460 -10.59 -37.57 28.45
C LEU A 460 -10.45 -36.33 27.59
N GLU A 461 -9.36 -35.59 27.76
CA GLU A 461 -9.04 -34.46 26.89
C GLU A 461 -8.18 -35.00 25.75
N LEU A 462 -8.76 -35.11 24.57
CA LEU A 462 -8.09 -35.70 23.41
C LEU A 462 -7.65 -34.57 22.48
N ASP A 463 -6.36 -34.53 22.17
CA ASP A 463 -5.81 -33.62 21.18
C ASP A 463 -5.58 -34.38 19.89
N LEU A 464 -6.05 -33.80 18.78
CA LEU A 464 -6.03 -34.47 17.48
C LEU A 464 -4.85 -34.05 16.62
N SER A 465 -3.76 -33.57 17.23
CA SER A 465 -2.66 -33.04 16.46
C SER A 465 -1.88 -34.10 15.70
N LYS A 466 -2.12 -35.38 15.97
CA LYS A 466 -1.37 -36.47 15.35
C LYS A 466 -2.23 -37.38 14.47
N VAL A 467 -3.52 -37.06 14.29
CA VAL A 467 -4.31 -37.84 13.34
C VAL A 467 -3.64 -37.72 11.97
N PRO A 468 -3.41 -38.82 11.25
CA PRO A 468 -2.63 -38.71 10.00
C PRO A 468 -3.28 -37.79 8.98
N LYS A 469 -2.49 -37.42 7.98
CA LYS A 469 -2.95 -36.52 6.93
C LYS A 469 -4.05 -37.17 6.10
N GLY A 470 -4.94 -36.34 5.58
CA GLY A 470 -5.99 -36.83 4.72
C GLY A 470 -6.96 -37.78 5.38
N TRP A 471 -6.99 -37.82 6.71
CA TRP A 471 -7.92 -38.66 7.46
C TRP A 471 -8.91 -37.76 8.19
N ASP A 472 -10.18 -38.10 8.07
CA ASP A 472 -11.20 -37.44 8.87
C ASP A 472 -11.13 -37.95 10.31
N VAL A 473 -11.50 -37.09 11.24
CA VAL A 473 -11.52 -37.51 12.65
C VAL A 473 -12.56 -38.60 12.85
N GLY A 474 -13.69 -38.51 12.15
CA GLY A 474 -14.73 -39.51 12.31
C GLY A 474 -14.29 -40.90 11.88
N LYS A 475 -13.71 -41.01 10.68
CA LYS A 475 -13.30 -42.33 10.20
C LYS A 475 -12.09 -42.86 10.96
N TRP A 476 -11.18 -41.97 11.33
CA TRP A 476 -10.06 -42.35 12.19
C TRP A 476 -10.55 -42.98 13.49
N MET A 477 -11.46 -42.28 14.18
CA MET A 477 -12.00 -42.81 15.43
C MET A 477 -12.81 -44.07 15.21
N TYR A 478 -13.50 -44.18 14.07
CA TYR A 478 -14.28 -45.37 13.79
C TYR A 478 -13.39 -46.60 13.65
N TYR A 479 -12.31 -46.49 12.89
CA TYR A 479 -11.38 -47.61 12.80
C TYR A 479 -10.66 -47.86 14.12
N ALA A 480 -10.43 -46.82 14.91
CA ALA A 480 -9.87 -47.03 16.25
C ALA A 480 -10.79 -47.85 17.11
N ARG A 481 -12.09 -47.58 17.05
CA ARG A 481 -13.07 -48.44 17.70
C ARG A 481 -12.94 -49.87 17.23
N VAL A 482 -12.98 -50.07 15.91
CA VAL A 482 -13.09 -51.41 15.38
C VAL A 482 -11.84 -52.22 15.71
N ASN A 483 -10.67 -51.66 15.45
CA ASN A 483 -9.41 -52.39 15.59
C ASN A 483 -8.73 -52.20 16.92
N HIS A 484 -9.19 -51.26 17.75
CA HIS A 484 -8.52 -50.90 19.01
C HIS A 484 -7.12 -50.36 18.78
N ILE A 485 -6.78 -50.00 17.55
CA ILE A 485 -5.46 -49.50 17.18
C ILE A 485 -5.70 -48.27 16.32
N ALA A 486 -5.06 -47.15 16.67
CA ALA A 486 -5.20 -45.90 15.94
C ALA A 486 -3.84 -45.51 15.38
N VAL A 487 -3.72 -45.53 14.05
CA VAL A 487 -2.49 -45.05 13.43
C VAL A 487 -2.39 -43.54 13.61
N ILE A 488 -1.22 -43.09 14.04
CA ILE A 488 -0.93 -41.67 14.23
C ILE A 488 0.27 -41.31 13.38
N ASP A 489 0.55 -40.01 13.29
CA ASP A 489 1.64 -39.48 12.48
C ASP A 489 2.47 -38.53 13.35
N SER A 490 3.60 -39.03 13.85
CA SER A 490 4.47 -38.22 14.70
C SER A 490 5.19 -37.12 13.93
N PHE A 491 5.26 -37.23 12.61
CA PHE A 491 5.99 -36.29 11.77
C PHE A 491 5.03 -35.42 10.98
N LYS A 492 3.93 -35.02 11.61
CA LYS A 492 3.06 -34.03 11.00
C LYS A 492 3.73 -32.67 11.05
N GLU A 493 3.30 -31.80 10.14
CA GLU A 493 3.85 -30.45 10.11
C GLU A 493 3.56 -29.70 11.40
N GLY A 494 2.47 -30.05 12.09
CA GLY A 494 2.14 -29.39 13.33
C GLY A 494 3.04 -29.74 14.51
N THR A 495 3.85 -30.78 14.37
CA THR A 495 4.79 -31.21 15.39
C THR A 495 6.22 -30.75 15.11
N ILE A 496 6.41 -29.91 14.09
CA ILE A 496 7.75 -29.54 13.65
C ILE A 496 8.48 -28.77 14.73
N GLY A 497 7.80 -27.88 15.43
CA GLY A 497 8.46 -27.10 16.47
C GLY A 497 8.97 -27.96 17.59
N ALA A 498 8.15 -28.88 18.08
CA ALA A 498 8.57 -29.75 19.16
C ALA A 498 9.70 -30.67 18.71
N SER A 499 9.62 -31.21 17.48
CA SER A 499 10.67 -32.11 17.03
C SER A 499 11.99 -31.40 16.83
N THR A 500 11.96 -30.21 16.24
CA THR A 500 13.17 -29.46 15.95
C THR A 500 13.65 -28.64 17.14
N GLY A 501 12.91 -28.64 18.24
CA GLY A 501 13.31 -27.91 19.42
C GLY A 501 12.93 -26.44 19.43
N LYS A 502 12.04 -26.01 18.54
CA LYS A 502 11.59 -24.62 18.56
C LYS A 502 10.43 -24.38 19.49
N LEU A 503 9.73 -25.43 19.94
CA LEU A 503 8.61 -25.31 20.83
C LEU A 503 8.80 -26.26 22.01
N ALA A 504 8.03 -26.06 23.06
CA ALA A 504 8.16 -26.88 24.26
C ALA A 504 7.90 -28.34 23.93
N GLY A 505 8.78 -29.21 24.40
CA GLY A 505 8.65 -30.63 24.11
C GLY A 505 7.45 -31.30 24.73
N ALA A 506 6.75 -30.60 25.64
CA ALA A 506 5.54 -31.15 26.24
C ALA A 506 4.44 -31.36 25.22
N LEU A 507 4.55 -30.75 24.04
CA LEU A 507 3.51 -30.87 23.03
C LEU A 507 3.53 -32.23 22.33
N ASN A 508 4.65 -32.96 22.40
CA ASN A 508 4.77 -34.30 21.86
C ASN A 508 4.79 -35.36 22.96
N ASN A 509 4.31 -35.02 24.15
CA ASN A 509 4.46 -35.83 25.34
C ASN A 509 3.35 -35.44 26.31
N ALA A 510 3.50 -35.80 27.58
CA ALA A 510 2.67 -35.38 28.71
C ALA A 510 1.37 -36.17 28.81
N GLY A 511 1.11 -37.11 27.91
CA GLY A 511 -0.11 -37.90 28.02
C GLY A 511 -1.35 -37.07 27.74
N LYS A 512 -2.50 -37.67 28.07
CA LYS A 512 -3.81 -37.05 27.87
C LYS A 512 -4.45 -36.76 29.21
N GLY A 513 -5.04 -35.58 29.35
CA GLY A 513 -5.61 -35.15 30.61
C GLY A 513 -6.97 -35.73 30.89
N MET A 514 -7.39 -35.61 32.15
CA MET A 514 -8.66 -36.14 32.63
C MET A 514 -9.42 -35.08 33.42
N ILE A 515 -10.66 -34.84 33.04
CA ILE A 515 -11.61 -34.13 33.91
C ILE A 515 -12.25 -35.20 34.78
N GLU A 516 -11.58 -35.56 35.86
CA GLU A 516 -12.07 -36.49 36.86
C GLU A 516 -12.57 -35.73 38.07
N THR A 517 -13.78 -36.07 38.52
CA THR A 517 -14.32 -35.60 39.78
C THR A 517 -14.57 -36.81 40.67
N ASN A 518 -14.15 -36.72 41.93
CA ASN A 518 -14.36 -37.78 42.89
C ASN A 518 -15.76 -37.65 43.50
N ILE A 519 -16.75 -38.02 42.68
CA ILE A 519 -18.13 -38.04 43.12
C ILE A 519 -18.52 -39.41 43.66
N GLY A 520 -17.78 -40.46 43.30
CA GLY A 520 -18.07 -41.78 43.83
C GLY A 520 -17.85 -41.86 45.34
N ASN A 521 -16.79 -41.23 45.84
CA ASN A 521 -16.55 -41.24 47.28
C ASN A 521 -17.65 -40.48 48.01
N TYR A 522 -18.10 -39.35 47.46
CA TYR A 522 -19.24 -38.65 48.03
C TYR A 522 -20.48 -39.53 48.06
N ILE A 523 -20.76 -40.25 46.97
CA ILE A 523 -21.92 -41.12 46.92
C ILE A 523 -21.81 -42.23 47.96
N GLN A 524 -20.63 -42.81 48.09
CA GLN A 524 -20.42 -43.85 49.10
C GLN A 524 -20.62 -43.30 50.50
N GLN A 525 -20.15 -42.09 50.76
CA GLN A 525 -20.35 -41.47 52.06
C GLN A 525 -21.84 -41.30 52.36
N GLN A 526 -22.60 -40.82 51.37
CA GLN A 526 -24.03 -40.63 51.58
C GLN A 526 -24.74 -41.96 51.80
N ILE A 527 -24.37 -42.99 51.06
CA ILE A 527 -24.98 -44.31 51.25
C ILE A 527 -24.68 -44.84 52.64
N ASN A 528 -23.43 -44.69 53.09
CA ASN A 528 -23.08 -45.14 54.43
C ASN A 528 -23.84 -44.38 55.50
N LEU A 529 -24.01 -43.07 55.30
CA LEU A 529 -24.80 -42.28 56.24
C LEU A 529 -26.25 -42.75 56.27
N LEU A 530 -26.81 -43.07 55.11
CA LEU A 530 -28.17 -43.59 55.08
C LEU A 530 -28.27 -44.90 55.84
N GLU A 531 -27.29 -45.79 55.66
CA GLU A 531 -27.30 -47.05 56.41
C GLU A 531 -27.22 -46.80 57.90
N PHE A 532 -26.36 -45.86 58.31
CA PHE A 532 -26.22 -45.54 59.72
C PHE A 532 -27.51 -44.97 60.31
N ILE A 533 -28.17 -44.07 59.59
CA ILE A 533 -29.38 -43.45 60.12
C ILE A 533 -30.52 -44.45 60.18
N LYS A 534 -30.65 -45.29 59.17
CA LYS A 534 -31.69 -46.32 59.23
C LYS A 534 -31.43 -47.28 60.38
N MET A 535 -30.17 -47.64 60.61
CA MET A 535 -29.82 -48.50 61.74
C MET A 535 -30.18 -47.83 63.07
N GLU A 536 -29.90 -46.54 63.20
CA GLU A 536 -30.12 -45.86 64.46
C GLU A 536 -31.61 -45.67 64.73
N MET A 537 -32.39 -45.37 63.68
CA MET A 537 -33.85 -45.37 63.81
C MET A 537 -34.39 -46.74 64.21
N ALA A 538 -33.85 -47.79 63.61
CA ALA A 538 -34.26 -49.14 64.01
C ALA A 538 -33.98 -49.38 65.49
N ASP A 539 -32.80 -48.99 65.96
CA ASP A 539 -32.46 -49.22 67.36
C ASP A 539 -33.35 -48.43 68.31
N VAL A 540 -33.57 -47.15 68.02
CA VAL A 540 -34.36 -46.32 68.93
C VAL A 540 -35.81 -46.79 68.97
N ALA A 541 -36.33 -47.24 67.82
CA ALA A 541 -37.68 -47.79 67.80
C ALA A 541 -37.79 -49.11 68.55
N GLY A 542 -36.67 -49.73 68.92
CA GLY A 542 -36.73 -51.03 69.55
C GLY A 542 -37.04 -52.15 68.59
N ILE A 543 -36.80 -51.94 67.30
CA ILE A 543 -37.14 -52.92 66.26
C ILE A 543 -35.88 -53.15 65.43
N SER A 544 -35.15 -54.21 65.75
CA SER A 544 -33.90 -54.54 65.09
C SER A 544 -34.16 -55.06 63.69
N LYS A 545 -33.08 -55.17 62.91
CA LYS A 545 -33.20 -55.76 61.58
C LYS A 545 -33.60 -57.22 61.66
N GLN A 546 -32.98 -57.98 62.57
CA GLN A 546 -33.34 -59.38 62.73
C GLN A 546 -34.77 -59.55 63.20
N ARG A 547 -35.36 -58.50 63.79
CA ARG A 547 -36.71 -58.51 64.33
C ARG A 547 -37.75 -58.03 63.33
N GLU A 548 -37.33 -57.61 62.13
CA GLU A 548 -38.22 -57.37 61.00
C GLU A 548 -38.36 -58.58 60.08
N GLY A 549 -37.51 -59.59 60.23
CA GLY A 549 -37.50 -60.69 59.28
C GLY A 549 -37.01 -62.00 59.87
N THR A 564 -35.32 -62.51 69.70
CA THR A 564 -36.45 -61.68 69.34
C THR A 564 -37.36 -61.41 70.54
N LEU A 565 -37.32 -62.29 71.54
CA LEU A 565 -38.09 -62.09 72.75
C LEU A 565 -37.65 -60.82 73.46
N GLN A 566 -36.34 -60.62 73.56
CA GLN A 566 -35.82 -59.47 74.29
C GLN A 566 -36.21 -58.18 73.59
N SER A 567 -36.34 -58.21 72.27
CA SER A 567 -36.87 -57.08 71.53
C SER A 567 -38.37 -56.95 71.69
N SER A 568 -39.08 -58.08 71.82
CA SER A 568 -40.52 -58.02 72.11
C SER A 568 -40.80 -57.34 73.43
N HIS A 569 -39.85 -57.40 74.36
CA HIS A 569 -39.99 -56.65 75.60
C HIS A 569 -40.08 -55.14 75.34
N ILE A 570 -39.41 -54.64 74.31
CA ILE A 570 -39.40 -53.20 74.09
C ILE A 570 -40.78 -52.68 73.72
N THR A 571 -41.59 -53.49 73.05
CA THR A 571 -42.91 -53.08 72.57
C THR A 571 -44.05 -53.68 73.37
N GLU A 572 -43.75 -54.55 74.33
CA GLU A 572 -44.82 -55.14 75.13
C GLU A 572 -45.60 -54.09 75.89
N TRP A 573 -45.05 -52.90 76.13
CA TRP A 573 -45.82 -51.86 76.81
C TRP A 573 -46.93 -51.31 75.92
N LEU A 574 -46.62 -51.07 74.64
CA LEU A 574 -47.67 -50.71 73.68
C LEU A 574 -48.73 -51.79 73.66
N PHE A 575 -48.31 -53.04 73.63
CA PHE A 575 -49.28 -54.13 73.58
C PHE A 575 -50.11 -54.24 74.86
N THR A 576 -49.50 -53.94 76.01
CA THR A 576 -50.24 -54.02 77.27
C THR A 576 -51.30 -52.95 77.36
N ILE A 577 -50.95 -51.70 77.02
CA ILE A 577 -51.97 -50.66 77.07
C ILE A 577 -53.04 -50.93 76.02
N HIS A 578 -52.66 -51.49 74.86
CA HIS A 578 -53.66 -51.87 73.86
C HIS A 578 -54.62 -52.91 74.42
N ASP A 579 -54.11 -53.92 75.10
CA ASP A 579 -54.97 -54.97 75.64
C ASP A 579 -55.91 -54.41 76.69
N ASP A 580 -55.43 -53.49 77.53
CA ASP A 580 -56.30 -52.87 78.52
C ASP A 580 -57.41 -52.07 77.84
N VAL A 581 -57.07 -51.31 76.80
CA VAL A 581 -58.08 -50.55 76.07
C VAL A 581 -59.11 -51.48 75.45
N LYS A 582 -58.65 -52.61 74.91
CA LYS A 582 -59.58 -53.57 74.32
C LYS A 582 -60.54 -54.15 75.36
N LYS A 583 -60.01 -54.50 76.54
CA LYS A 583 -60.88 -55.01 77.61
C LYS A 583 -61.95 -53.99 77.97
N ARG A 584 -61.54 -52.72 78.12
CA ARG A 584 -62.51 -51.69 78.50
C ARG A 584 -63.52 -51.44 77.38
N ALA A 585 -63.08 -51.49 76.12
CA ALA A 585 -64.00 -51.28 75.01
C ALA A 585 -65.01 -52.40 74.92
N LEU A 586 -64.59 -53.63 75.20
CA LEU A 586 -65.53 -54.75 75.22
C LEU A 586 -66.50 -54.65 76.40
N GLU A 587 -66.06 -54.17 77.56
CA GLU A 587 -67.01 -53.93 78.63
C GLU A 587 -68.02 -52.85 78.24
N CYS A 588 -67.57 -51.73 77.69
CA CYS A 588 -68.47 -50.67 77.18
C CYS A 588 -69.42 -51.29 76.17
N PHE A 589 -69.01 -52.16 75.22
CA PHE A 589 -69.91 -52.79 74.26
C PHE A 589 -70.91 -53.68 74.98
N LEU A 590 -70.48 -54.39 76.02
CA LEU A 590 -71.38 -55.28 76.74
C LEU A 590 -72.49 -54.49 77.42
N GLU A 591 -72.16 -53.36 78.05
CA GLU A 591 -73.20 -52.55 78.67
C GLU A 591 -74.13 -51.96 77.62
N THR A 592 -73.60 -51.53 76.48
CA THR A 592 -74.44 -51.04 75.40
C THR A 592 -75.41 -52.10 74.92
N ALA A 593 -74.92 -53.34 74.75
CA ALA A 593 -75.78 -54.43 74.33
C ALA A 593 -76.84 -54.73 75.39
N LYS A 594 -76.46 -54.68 76.67
CA LYS A 594 -77.42 -54.88 77.74
C LYS A 594 -78.56 -53.87 77.65
N VAL A 595 -78.22 -52.60 77.40
CA VAL A 595 -79.26 -51.58 77.29
C VAL A 595 -80.08 -51.79 76.03
N ALA A 596 -79.46 -52.29 74.97
CA ALA A 596 -80.21 -52.55 73.73
C ALA A 596 -81.18 -53.70 73.90
N LEU A 597 -80.90 -54.63 74.81
CA LEU A 597 -81.80 -55.76 75.04
C LEU A 597 -83.21 -55.28 75.34
N LYS A 598 -83.34 -54.26 76.18
CA LYS A 598 -84.65 -53.71 76.54
C LYS A 598 -85.06 -52.58 75.60
N GLY A 599 -85.08 -52.90 74.31
CA GLY A 599 -85.45 -51.96 73.28
C GLY A 599 -86.33 -52.54 72.19
N ARG A 600 -86.95 -53.69 72.46
CA ARG A 600 -87.89 -54.33 71.55
C ARG A 600 -87.22 -54.63 70.20
N ASN A 601 -86.14 -55.40 70.26
CA ASN A 601 -85.42 -55.88 69.09
C ASN A 601 -85.45 -57.39 69.08
N LYS A 602 -86.00 -57.97 68.01
CA LYS A 602 -86.18 -59.41 67.93
C LYS A 602 -84.90 -60.14 67.56
N LYS A 603 -83.82 -59.43 67.25
CA LYS A 603 -82.57 -60.10 66.92
C LYS A 603 -82.04 -60.87 68.12
N PHE A 604 -82.18 -60.30 69.32
CA PHE A 604 -81.64 -60.93 70.51
C PHE A 604 -82.34 -62.22 70.86
N GLN A 605 -83.56 -62.42 70.37
CA GLN A 605 -84.24 -63.70 70.58
C GLN A 605 -83.57 -64.83 69.83
N TYR A 606 -82.76 -64.52 68.82
CA TYR A 606 -82.12 -65.54 67.99
C TYR A 606 -80.72 -65.90 68.48
N ILE A 607 -79.97 -64.93 68.99
CA ILE A 607 -78.59 -65.18 69.42
C ILE A 607 -78.50 -65.53 70.90
N LEU A 608 -79.60 -65.53 71.64
CA LEU A 608 -79.60 -65.78 73.07
C LEU A 608 -80.54 -66.91 73.43
N SER A 609 -80.29 -67.52 74.59
CA SER A 609 -81.12 -68.60 75.10
C SER A 609 -82.42 -68.02 75.64
N ASP A 610 -83.22 -68.85 76.29
CA ASP A 610 -84.38 -68.33 77.00
C ASP A 610 -83.96 -67.62 78.28
N THR A 611 -83.14 -68.29 79.09
CA THR A 611 -82.71 -67.71 80.37
C THR A 611 -81.98 -66.40 80.16
N SER A 612 -81.19 -66.31 79.09
CA SER A 612 -80.51 -65.07 78.77
C SER A 612 -81.50 -63.94 78.54
N THR A 613 -82.60 -64.22 77.84
CA THR A 613 -83.58 -63.17 77.55
C THR A 613 -84.51 -62.91 78.73
N ARG A 614 -84.56 -63.80 79.72
CA ARG A 614 -85.28 -63.52 80.96
C ARG A 614 -84.43 -62.86 82.04
N VAL A 615 -83.11 -62.83 81.91
CA VAL A 615 -82.30 -62.17 82.93
C VAL A 615 -82.67 -60.69 83.03
N MET A 616 -83.06 -60.08 81.92
CA MET A 616 -83.42 -58.66 81.93
C MET A 616 -84.66 -58.38 82.77
N GLU A 617 -85.51 -59.37 83.01
CA GLU A 617 -86.73 -59.15 83.77
C GLU A 617 -86.45 -58.86 85.24
N ILE A 618 -85.26 -59.22 85.73
CA ILE A 618 -84.91 -58.91 87.11
C ILE A 618 -84.45 -57.45 87.21
N ASP A 619 -84.59 -56.88 88.40
CA ASP A 619 -84.46 -55.44 88.59
C ASP A 619 -83.01 -55.00 88.82
N GLY A 620 -82.03 -55.81 88.45
CA GLY A 620 -80.64 -55.46 88.66
C GLY A 620 -79.88 -55.22 87.37
N ASP A 621 -80.59 -55.18 86.24
CA ASP A 621 -79.93 -55.21 84.94
C ASP A 621 -79.49 -53.84 84.47
N GLU A 622 -79.78 -52.78 85.21
CA GLU A 622 -79.41 -51.44 84.75
C GLU A 622 -77.96 -51.10 85.03
N PHE A 623 -77.23 -51.93 85.76
CA PHE A 623 -75.92 -51.59 86.30
C PHE A 623 -74.83 -52.39 85.64
N ALA A 624 -73.60 -51.97 85.89
CA ALA A 624 -72.45 -52.58 85.23
C ALA A 624 -72.27 -54.02 85.68
N GLU A 625 -71.83 -54.85 84.74
CA GLU A 625 -71.59 -56.25 85.05
C GLU A 625 -70.42 -56.41 86.01
N ALA A 626 -69.47 -55.47 85.99
CA ALA A 626 -68.35 -55.55 86.92
C ALA A 626 -68.80 -55.41 88.36
N ASP A 627 -69.99 -54.85 88.59
CA ASP A 627 -70.57 -54.75 89.92
C ASP A 627 -71.22 -56.06 90.37
N TYR A 628 -71.37 -57.02 89.47
CA TYR A 628 -71.95 -58.32 89.80
C TYR A 628 -70.90 -59.42 89.86
N GLY A 629 -69.62 -59.07 89.67
CA GLY A 629 -68.55 -60.03 89.64
C GLY A 629 -68.21 -60.60 88.26
N LEU A 630 -68.63 -59.93 87.19
CA LEU A 630 -68.39 -60.38 85.83
C LEU A 630 -67.52 -59.35 85.12
N VAL A 631 -66.39 -59.79 84.60
CA VAL A 631 -65.39 -58.91 83.99
C VAL A 631 -64.89 -59.54 82.71
N VAL A 632 -64.74 -58.72 81.68
CA VAL A 632 -64.07 -59.15 80.45
C VAL A 632 -62.60 -59.37 80.76
N ASP A 633 -62.09 -60.55 80.44
CA ASP A 633 -60.76 -60.96 80.85
C ASP A 633 -60.08 -61.76 79.75
N ASN A 634 -58.89 -61.34 79.36
CA ASN A 634 -58.01 -62.10 78.47
C ASN A 634 -56.64 -62.11 79.13
N SER A 635 -56.44 -63.05 80.04
CA SER A 635 -55.20 -63.17 80.80
C SER A 635 -54.79 -64.63 80.83
N ASN A 636 -53.60 -64.90 81.34
CA ASN A 636 -53.12 -66.27 81.40
C ASN A 636 -53.98 -67.13 82.31
N GLY A 637 -54.63 -66.53 83.31
CA GLY A 637 -55.52 -67.31 84.16
C GLY A 637 -56.69 -67.88 83.38
N THR A 638 -57.31 -67.05 82.55
CA THR A 638 -58.47 -67.51 81.78
C THR A 638 -58.08 -68.59 80.78
N GLN A 639 -56.97 -68.37 80.07
CA GLN A 639 -56.54 -69.37 79.09
C GLN A 639 -56.15 -70.67 79.77
N GLU A 640 -55.46 -70.59 80.91
CA GLU A 640 -55.11 -71.81 81.63
C GLU A 640 -56.36 -72.53 82.12
N LEU A 641 -57.36 -71.80 82.60
CA LEU A 641 -58.59 -72.43 83.04
C LEU A 641 -59.29 -73.12 81.89
N GLN A 642 -59.33 -72.48 80.72
CA GLN A 642 -59.95 -73.10 79.56
C GLN A 642 -59.21 -74.38 79.18
N GLN A 643 -57.88 -74.35 79.18
CA GLN A 643 -57.11 -75.55 78.86
C GLN A 643 -57.36 -76.66 79.87
N LYS A 644 -57.37 -76.33 81.16
CA LYS A 644 -57.60 -77.38 82.15
C LYS A 644 -58.98 -77.98 82.00
N LEU A 645 -59.99 -77.15 81.74
CA LEU A 645 -61.34 -77.69 81.56
C LEU A 645 -61.42 -78.57 80.32
N ASP A 646 -60.80 -78.15 79.22
CA ASP A 646 -60.84 -78.96 78.00
C ASP A 646 -60.14 -80.29 78.21
N THR A 647 -58.96 -80.26 78.83
CA THR A 647 -58.22 -81.51 79.06
C THR A 647 -58.96 -82.41 80.04
N LEU A 648 -59.61 -81.81 81.03
CA LEU A 648 -60.38 -82.60 81.99
C LEU A 648 -61.57 -83.25 81.31
N ALA A 649 -62.22 -82.54 80.38
CA ALA A 649 -63.31 -83.14 79.61
C ALA A 649 -62.81 -84.27 78.74
N GLN A 650 -61.66 -84.11 78.10
CA GLN A 650 -61.08 -85.21 77.34
C GLN A 650 -60.82 -86.42 78.23
N ALA A 651 -60.24 -86.21 79.41
CA ALA A 651 -59.97 -87.32 80.30
C ALA A 651 -61.26 -87.96 80.80
N ALA A 652 -62.34 -87.19 80.87
CA ALA A 652 -63.64 -87.76 81.22
C ALA A 652 -64.22 -88.57 80.06
N LEU A 653 -63.93 -88.18 78.82
CA LEU A 653 -64.51 -88.88 77.68
C LEU A 653 -64.09 -90.35 77.68
N GLN A 654 -62.79 -90.61 77.76
CA GLN A 654 -62.37 -91.95 78.12
C GLN A 654 -62.77 -92.22 79.57
N THR A 655 -62.89 -93.49 79.92
CA THR A 655 -63.45 -93.98 81.17
C THR A 655 -64.98 -93.91 81.16
N GLN A 656 -65.60 -93.54 80.04
CA GLN A 656 -67.06 -93.55 79.89
C GLN A 656 -67.74 -92.75 80.99
N THR A 657 -67.28 -91.52 81.18
CA THR A 657 -67.81 -90.62 82.19
C THR A 657 -68.49 -89.40 81.58
N LEU A 658 -68.35 -89.18 80.27
CA LEU A 658 -68.85 -87.98 79.64
C LEU A 658 -69.27 -88.33 78.22
N SER A 659 -70.42 -87.83 77.80
CA SER A 659 -71.02 -88.24 76.53
C SER A 659 -70.43 -87.45 75.36
N PHE A 660 -70.51 -88.05 74.17
CA PHE A 660 -70.10 -87.34 72.96
C PHE A 660 -70.95 -86.10 72.74
N SER A 661 -72.25 -86.18 73.03
CA SER A 661 -73.11 -85.02 72.87
C SER A 661 -72.66 -83.88 73.77
N THR A 662 -72.41 -84.17 75.05
CA THR A 662 -72.00 -83.12 75.95
C THR A 662 -70.58 -82.64 75.65
N ILE A 663 -69.71 -83.52 75.14
CA ILE A 663 -68.42 -83.06 74.63
C ILE A 663 -68.62 -82.03 73.54
N THR A 664 -69.50 -82.32 72.59
CA THR A 664 -69.76 -81.36 71.52
C THR A 664 -70.29 -80.06 72.08
N LYS A 665 -71.14 -80.14 73.11
CA LYS A 665 -71.63 -78.94 73.75
C LYS A 665 -70.49 -78.14 74.39
N LEU A 666 -69.53 -78.82 75.01
CA LEU A 666 -68.36 -78.11 75.56
C LEU A 666 -67.56 -77.44 74.46
N TYR A 667 -67.35 -78.14 73.35
CA TYR A 667 -66.63 -77.54 72.22
C TYR A 667 -67.33 -76.32 71.66
N THR A 668 -68.62 -76.16 71.92
CA THR A 668 -69.40 -75.07 71.34
C THR A 668 -70.11 -74.28 72.43
N SER A 669 -69.39 -73.91 73.50
CA SER A 669 -69.99 -73.27 74.67
C SER A 669 -69.63 -71.80 74.80
N SER A 670 -68.35 -71.46 74.69
CA SER A 670 -67.81 -70.10 74.79
C SER A 670 -67.77 -69.58 76.22
N SER A 671 -68.36 -70.28 77.19
CA SER A 671 -68.38 -69.84 78.58
C SER A 671 -67.78 -70.95 79.44
N LEU A 672 -66.85 -70.57 80.30
CA LEU A 672 -66.26 -71.56 81.19
C LEU A 672 -67.29 -72.07 82.19
N ALA A 673 -68.20 -71.21 82.63
CA ALA A 673 -69.24 -71.64 83.56
C ALA A 673 -70.15 -72.68 82.93
N GLU A 674 -70.52 -72.48 81.67
CA GLU A 674 -71.40 -73.41 80.99
C GLU A 674 -70.78 -74.79 80.90
N LYS A 675 -69.53 -74.88 80.46
CA LYS A 675 -68.91 -76.18 80.27
C LYS A 675 -68.59 -76.83 81.62
N GLN A 676 -68.22 -76.04 82.62
CA GLN A 676 -68.08 -76.57 83.96
C GLN A 676 -69.37 -77.21 84.43
N ARG A 677 -70.49 -76.51 84.26
CA ARG A 677 -71.78 -77.05 84.67
C ARG A 677 -72.15 -78.30 83.88
N LEU A 678 -71.78 -78.33 82.59
CA LEU A 678 -72.07 -79.52 81.79
C LEU A 678 -71.30 -80.73 82.30
N ILE A 679 -70.02 -80.54 82.64
CA ILE A 679 -69.23 -81.64 83.18
C ILE A 679 -69.81 -82.12 84.51
N GLU A 680 -70.17 -81.17 85.39
CA GLU A 680 -70.73 -81.54 86.68
C GLU A 680 -72.05 -82.28 86.52
N LYS A 681 -72.91 -81.80 85.62
CA LYS A 681 -74.11 -82.52 85.24
C LYS A 681 -73.81 -83.97 84.91
N ASP A 682 -73.00 -84.21 83.89
CA ASP A 682 -72.78 -85.58 83.45
C ASP A 682 -72.18 -86.44 84.55
N GLU A 683 -71.27 -85.90 85.35
CA GLU A 683 -70.82 -86.65 86.52
C GLU A 683 -72.01 -87.12 87.34
N LYS A 684 -72.95 -86.21 87.64
CA LYS A 684 -74.08 -86.62 88.48
C LYS A 684 -74.91 -87.70 87.81
N GLN A 685 -75.26 -87.56 86.52
CA GLN A 685 -76.13 -88.59 85.94
C GLN A 685 -75.43 -89.95 85.79
N ILE A 686 -74.17 -89.99 85.37
CA ILE A 686 -73.51 -91.30 85.36
C ILE A 686 -73.38 -91.88 86.76
N ARG A 687 -73.07 -91.07 87.78
CA ARG A 687 -72.98 -91.64 89.12
C ARG A 687 -74.33 -92.20 89.59
N GLU A 688 -75.41 -91.45 89.35
CA GLU A 688 -76.72 -91.92 89.80
C GLU A 688 -77.15 -93.19 89.06
N ARG A 689 -76.92 -93.25 87.74
CA ARG A 689 -77.29 -94.46 87.02
C ARG A 689 -76.46 -95.66 87.48
N GLN A 690 -75.17 -95.44 87.76
CA GLN A 690 -74.36 -96.53 88.30
C GLN A 690 -74.91 -97.02 89.64
N ALA A 691 -75.24 -96.08 90.54
CA ALA A 691 -75.71 -96.47 91.86
C ALA A 691 -77.02 -97.23 91.78
N GLN A 692 -77.96 -96.76 90.96
CA GLN A 692 -79.22 -97.50 90.85
C GLN A 692 -79.01 -98.84 90.16
N ALA A 693 -78.02 -98.95 89.27
CA ALA A 693 -77.70 -100.25 88.68
C ALA A 693 -77.24 -101.24 89.76
N GLN A 694 -76.35 -100.80 90.65
CA GLN A 694 -75.92 -101.68 91.73
C GLN A 694 -77.10 -102.07 92.61
N LYS A 695 -77.98 -101.10 92.94
CA LYS A 695 -79.12 -101.42 93.78
C LYS A 695 -80.04 -102.43 93.09
N GLU A 696 -80.29 -102.26 91.79
CA GLU A 696 -81.15 -103.18 91.07
C GLU A 696 -80.56 -104.59 91.04
N GLN A 697 -79.25 -104.71 90.78
CA GLN A 697 -78.64 -106.03 90.77
C GLN A 697 -78.72 -106.68 92.15
N LEU A 698 -78.44 -105.89 93.20
CA LEU A 698 -78.46 -106.45 94.54
C LEU A 698 -79.85 -106.94 94.92
N GLU A 699 -80.89 -106.15 94.63
CA GLU A 699 -82.24 -106.59 94.97
C GLU A 699 -82.68 -107.78 94.10
N ALA A 700 -82.22 -107.84 92.85
CA ALA A 700 -82.54 -109.01 92.03
C ALA A 700 -81.94 -110.27 92.64
N GLN A 701 -80.68 -110.19 93.08
CA GLN A 701 -80.07 -111.35 93.73
C GLN A 701 -80.81 -111.71 95.01
N GLN A 702 -81.18 -110.70 95.79
CA GLN A 702 -81.86 -110.95 97.06
C GLN A 702 -83.21 -111.64 96.84
N GLN A 703 -83.99 -111.17 95.86
CA GLN A 703 -85.29 -111.79 95.63
C GLN A 703 -85.15 -113.15 94.99
N ILE A 704 -84.09 -113.39 94.22
CA ILE A 704 -83.82 -114.75 93.75
C ILE A 704 -83.60 -115.68 94.93
N ALA A 705 -82.76 -115.26 95.88
CA ALA A 705 -82.51 -116.08 97.06
C ALA A 705 -83.78 -116.29 97.86
N ALA A 706 -84.61 -115.26 97.98
CA ALA A 706 -85.87 -115.38 98.71
C ALA A 706 -86.80 -116.39 98.03
N MET A 707 -86.86 -116.37 96.70
CA MET A 707 -87.70 -117.33 95.99
C MET A 707 -87.18 -118.75 96.20
N GLN A 708 -85.87 -118.94 96.16
CA GLN A 708 -85.32 -120.26 96.42
C GLN A 708 -85.69 -120.73 97.82
N GLN A 709 -85.56 -119.86 98.82
CA GLN A 709 -85.91 -120.24 100.19
C GLN A 709 -87.39 -120.59 100.29
N GLN A 710 -88.25 -119.81 99.64
CA GLN A 710 -89.69 -120.06 99.69
C GLN A 710 -90.03 -121.42 99.09
N GLN A 711 -89.45 -121.72 97.92
CA GLN A 711 -89.74 -123.01 97.30
C GLN A 711 -89.18 -124.17 98.11
N LYS A 712 -88.04 -123.96 98.78
CA LYS A 712 -87.43 -125.05 99.52
C LYS A 712 -88.20 -125.34 100.81
N GLU A 713 -88.67 -124.30 101.49
CA GLU A 713 -89.58 -124.55 102.60
C GLU A 713 -90.93 -125.09 102.13
N ALA A 714 -91.33 -124.79 100.89
CA ALA A 714 -92.51 -125.44 100.33
C ALA A 714 -92.28 -126.95 100.20
N GLU A 715 -91.09 -127.35 99.75
CA GLU A 715 -90.74 -128.77 99.78
C GLU A 715 -90.84 -129.32 101.21
N LEU A 716 -90.32 -128.56 102.17
CA LEU A 716 -90.33 -129.04 103.56
C LEU A 716 -91.75 -129.30 104.04
N LEU A 717 -92.65 -128.34 103.84
CA LEU A 717 -94.01 -128.51 104.33
C LEU A 717 -94.75 -129.59 103.55
N GLN A 718 -94.49 -129.71 102.24
CA GLN A 718 -95.11 -130.80 101.48
C GLN A 718 -94.67 -132.15 102.04
N LYS A 719 -93.38 -132.30 102.34
CA LYS A 719 -92.89 -133.56 102.87
C LYS A 719 -93.52 -133.88 104.23
N GLU A 720 -93.56 -132.89 105.13
CA GLU A 720 -94.07 -133.19 106.46
C GLU A 720 -95.57 -133.49 106.42
N GLU A 721 -96.34 -132.75 105.61
CA GLU A 721 -97.77 -133.03 105.55
C GLU A 721 -98.03 -134.36 104.84
N ALA A 722 -97.21 -134.73 103.86
CA ALA A 722 -97.36 -136.05 103.25
C ALA A 722 -97.10 -137.15 104.26
N ASN A 723 -96.06 -136.98 105.09
CA ASN A 723 -95.80 -137.96 106.15
C ASN A 723 -96.98 -138.04 107.11
N ILE A 724 -97.56 -136.89 107.46
CA ILE A 724 -98.72 -136.88 108.36
C ILE A 724 -99.88 -137.63 107.73
N ARG A 725 -100.14 -137.40 106.44
CA ARG A 725 -101.24 -138.08 105.77
C ARG A 725 -101.04 -139.58 105.76
N ASP A 726 -99.82 -140.03 105.42
CA ASP A 726 -99.54 -141.46 105.43
C ASP A 726 -99.73 -142.05 106.81
N ASN A 727 -99.29 -141.32 107.85
CA ASN A 727 -99.42 -141.82 109.21
C ASN A 727 -100.89 -141.91 109.63
N GLN A 728 -101.68 -140.89 109.28
CA GLN A 728 -103.11 -140.93 109.59
C GLN A 728 -103.79 -142.09 108.91
N THR A 729 -103.45 -142.35 107.64
CA THR A 729 -104.06 -143.49 106.97
C THR A 729 -103.57 -144.82 107.55
N LYS A 730 -102.35 -144.85 108.06
CA LYS A 730 -101.87 -146.06 108.75
C LYS A 730 -102.75 -146.36 109.95
N ILE A 731 -102.99 -145.35 110.80
CA ILE A 731 -103.84 -145.61 111.97
C ILE A 731 -105.28 -145.89 111.51
N ILE A 732 -105.70 -145.32 110.38
CA ILE A 732 -107.05 -145.59 109.89
C ILE A 732 -107.20 -147.05 109.48
N ILE A 733 -106.21 -147.60 108.77
CA ILE A 733 -106.31 -149.01 108.40
C ILE A 733 -106.20 -149.89 109.64
N ALA A 734 -105.41 -149.47 110.63
CA ALA A 734 -105.38 -150.21 111.88
C ALA A 734 -106.76 -150.25 112.52
N GLN A 735 -107.46 -149.11 112.53
CA GLN A 735 -108.83 -149.08 113.05
C GLN A 735 -109.75 -149.96 112.23
N ILE A 736 -109.60 -149.94 110.91
CA ILE A 736 -110.48 -150.73 110.03
C ILE A 736 -110.31 -152.21 110.33
N GLN A 737 -109.07 -152.66 110.46
CA GLN A 737 -108.82 -154.06 110.75
C GLN A 737 -109.13 -154.42 112.21
N SER A 738 -109.21 -153.43 113.10
CA SER A 738 -109.59 -153.71 114.48
C SER A 738 -111.08 -154.04 114.61
N GLU A 739 -111.88 -153.70 113.60
CA GLU A 739 -113.32 -153.98 113.65
C GLU A 739 -113.58 -155.48 113.72
N MET B 1 -14.08 -28.96 10.78
CA MET B 1 -13.64 -27.54 10.75
C MET B 1 -14.83 -26.65 11.10
N VAL B 2 -14.58 -25.67 11.97
CA VAL B 2 -15.65 -24.78 12.42
C VAL B 2 -15.99 -23.77 11.34
N ASN B 3 -14.98 -23.17 10.73
CA ASN B 3 -15.17 -22.10 9.77
C ASN B 3 -15.31 -22.68 8.36
N ASN B 4 -15.78 -21.83 7.44
CA ASN B 4 -16.06 -22.22 6.07
C ASN B 4 -14.86 -21.86 5.18
N ILE B 5 -14.68 -22.67 4.13
CA ILE B 5 -13.54 -22.48 3.21
C ILE B 5 -14.02 -21.53 2.11
N ASN B 6 -13.87 -20.24 2.37
CA ASN B 6 -14.09 -19.24 1.34
C ASN B 6 -12.82 -19.08 0.52
N TRP B 7 -12.93 -19.22 -0.79
CA TRP B 7 -11.77 -19.25 -1.67
C TRP B 7 -11.37 -17.83 -2.07
N VAL B 8 -10.07 -17.61 -2.17
CA VAL B 8 -9.53 -16.36 -2.73
C VAL B 8 -8.29 -16.68 -3.56
N LYS B 9 -7.98 -15.77 -4.47
CA LYS B 9 -6.91 -16.00 -5.42
C LYS B 9 -5.55 -15.95 -4.75
N LEU B 10 -4.57 -16.56 -5.42
CA LEU B 10 -3.25 -16.74 -4.84
C LEU B 10 -2.54 -15.44 -4.48
N PRO B 11 -2.55 -14.37 -5.29
CA PRO B 11 -1.81 -13.16 -4.90
C PRO B 11 -2.31 -12.47 -3.65
N VAL B 12 -3.36 -12.97 -2.99
CA VAL B 12 -3.68 -12.50 -1.65
C VAL B 12 -2.52 -12.73 -0.71
N ILE B 13 -1.76 -13.80 -0.94
CA ILE B 13 -0.62 -14.08 -0.07
C ILE B 13 0.55 -13.15 -0.40
N LEU B 14 0.68 -12.75 -1.66
CA LEU B 14 1.72 -11.80 -2.03
C LEU B 14 1.41 -10.39 -1.57
N ASP B 15 0.14 -10.07 -1.38
CA ASP B 15 -0.20 -8.81 -0.73
C ASP B 15 0.49 -8.71 0.63
N ARG B 16 0.46 -9.81 1.38
CA ARG B 16 0.89 -9.86 2.78
C ARG B 16 2.38 -10.13 2.94
N LEU B 17 2.95 -10.96 2.08
CA LEU B 17 4.38 -11.22 2.16
C LEU B 17 5.19 -9.97 1.84
N LEU B 18 4.79 -9.24 0.81
CA LEU B 18 5.56 -8.11 0.30
C LEU B 18 5.54 -6.92 1.23
N ARG B 19 4.75 -6.98 2.31
CA ARG B 19 4.88 -6.02 3.41
C ARG B 19 6.28 -6.07 4.01
N HIS B 20 6.94 -7.23 3.94
CA HIS B 20 8.28 -7.37 4.47
C HIS B 20 9.29 -6.91 3.43
N PRO B 21 10.12 -5.89 3.71
CA PRO B 21 11.10 -5.44 2.71
C PRO B 21 12.06 -6.52 2.24
N LEU B 22 12.28 -7.56 3.03
CA LEU B 22 13.22 -8.62 2.66
C LEU B 22 12.59 -9.68 1.77
N LEU B 23 11.30 -9.58 1.45
CA LEU B 23 10.60 -10.57 0.64
C LEU B 23 10.08 -9.96 -0.65
N THR B 24 10.71 -8.88 -1.13
CA THR B 24 10.20 -8.14 -2.27
C THR B 24 10.63 -8.72 -3.60
N ASP B 25 11.52 -9.71 -3.60
CA ASP B 25 11.88 -10.45 -4.80
C ASP B 25 11.01 -11.68 -5.01
N LEU B 26 10.01 -11.89 -4.16
CA LEU B 26 9.08 -12.99 -4.34
C LEU B 26 8.08 -12.69 -5.45
N ASN B 27 7.55 -13.75 -6.05
CA ASN B 27 6.79 -13.67 -7.29
C ASN B 27 5.60 -14.61 -7.19
N LEU B 28 4.67 -14.47 -8.13
CA LEU B 28 3.60 -15.45 -8.26
C LEU B 28 4.16 -16.82 -8.59
N GLU B 29 5.24 -16.85 -9.38
CA GLU B 29 5.86 -18.11 -9.77
C GLU B 29 6.43 -18.84 -8.55
N THR B 30 7.02 -18.10 -7.61
CA THR B 30 7.53 -18.72 -6.39
C THR B 30 6.41 -19.07 -5.43
N ALA B 31 5.40 -18.19 -5.33
CA ALA B 31 4.27 -18.43 -4.45
C ALA B 31 3.51 -19.68 -4.86
N ILE B 32 3.41 -19.97 -6.15
CA ILE B 32 2.72 -21.18 -6.60
C ILE B 32 3.40 -22.42 -6.05
N GLN B 33 4.72 -22.51 -6.26
CA GLN B 33 5.45 -23.68 -5.81
C GLN B 33 5.35 -23.84 -4.30
N TYR B 34 5.63 -22.77 -3.54
CA TYR B 34 5.63 -22.91 -2.10
C TYR B 34 4.22 -23.12 -1.56
N THR B 35 3.20 -22.61 -2.24
CA THR B 35 1.83 -22.86 -1.83
C THR B 35 1.46 -24.31 -2.02
N LEU B 36 1.84 -24.90 -3.15
CA LEU B 36 1.56 -26.32 -3.35
C LEU B 36 2.32 -27.17 -2.34
N ASP B 37 3.56 -26.80 -2.05
CA ASP B 37 4.33 -27.52 -1.04
C ASP B 37 3.66 -27.44 0.32
N PHE B 38 3.21 -26.25 0.72
CA PHE B 38 2.51 -26.10 1.99
C PHE B 38 1.22 -26.91 2.02
N ILE B 39 0.45 -26.88 0.93
CA ILE B 39 -0.80 -27.62 0.86
C ILE B 39 -0.54 -29.10 1.09
N SER B 40 0.49 -29.65 0.44
CA SER B 40 0.79 -31.06 0.61
C SER B 40 1.32 -31.37 2.01
N ALA B 41 2.25 -30.54 2.50
CA ALA B 41 2.86 -30.80 3.80
C ALA B 41 1.86 -30.78 4.93
N MET B 42 0.84 -29.92 4.83
CA MET B 42 -0.19 -29.91 5.85
C MET B 42 -1.16 -31.07 5.68
N GLY B 43 -1.48 -31.42 4.44
CA GLY B 43 -2.35 -32.56 4.19
C GLY B 43 -3.74 -32.41 4.76
N LEU B 44 -4.31 -31.23 4.66
CA LEU B 44 -5.66 -30.98 5.18
C LEU B 44 -6.70 -31.41 4.16
N PRO B 45 -7.66 -32.27 4.52
CA PRO B 45 -8.64 -32.72 3.52
C PRO B 45 -9.75 -31.73 3.24
N ASN B 46 -9.91 -30.68 4.06
CA ASN B 46 -10.91 -29.66 3.79
C ASN B 46 -10.47 -28.67 2.71
N VAL B 47 -9.20 -28.70 2.32
CA VAL B 47 -8.70 -27.78 1.31
C VAL B 47 -8.97 -28.29 -0.11
N TYR B 48 -9.26 -29.56 -0.27
CA TYR B 48 -9.48 -30.16 -1.57
C TYR B 48 -10.96 -30.18 -1.93
N VAL B 49 -11.23 -30.29 -3.23
CA VAL B 49 -12.58 -30.34 -3.75
C VAL B 49 -12.98 -31.79 -3.92
N ASP B 50 -14.11 -32.16 -3.34
CA ASP B 50 -14.63 -33.52 -3.47
C ASP B 50 -15.36 -33.66 -4.80
N LYS B 51 -14.99 -34.68 -5.57
CA LYS B 51 -15.62 -34.97 -6.85
C LYS B 51 -15.93 -36.45 -6.95
N ILE B 52 -16.95 -36.77 -7.75
CA ILE B 52 -17.32 -38.14 -8.06
C ILE B 52 -17.37 -38.27 -9.57
N GLU B 53 -16.79 -39.35 -10.10
CA GLU B 53 -16.63 -39.48 -11.54
C GLU B 53 -16.59 -40.97 -11.88
N THR B 54 -17.44 -41.39 -12.81
CA THR B 54 -17.52 -42.79 -13.21
C THR B 54 -16.54 -43.06 -14.34
N ILE B 55 -15.97 -44.27 -14.33
CA ILE B 55 -15.08 -44.73 -15.40
C ILE B 55 -15.41 -46.17 -15.74
N ASP B 56 -14.89 -46.63 -16.87
CA ASP B 56 -15.05 -47.98 -17.34
C ASP B 56 -13.79 -48.79 -17.08
N ILE B 57 -13.97 -50.06 -16.76
CA ILE B 57 -12.87 -51.00 -16.60
C ILE B 57 -12.83 -51.87 -17.84
N LYS B 58 -11.71 -51.84 -18.57
CA LYS B 58 -11.60 -52.64 -19.78
C LYS B 58 -11.27 -54.09 -19.45
N GLU B 59 -10.13 -54.32 -18.80
CA GLU B 59 -9.86 -55.63 -18.24
C GLU B 59 -8.91 -55.45 -17.06
N TYR B 60 -9.49 -55.40 -15.87
CA TYR B 60 -8.75 -55.18 -14.63
C TYR B 60 -7.98 -53.87 -14.64
N ARG B 61 -8.37 -52.94 -15.49
CA ARG B 61 -7.67 -51.67 -15.65
C ARG B 61 -8.68 -50.62 -16.09
N GLY B 62 -8.48 -49.40 -15.62
CA GLY B 62 -9.36 -48.30 -15.95
C GLY B 62 -8.58 -47.01 -15.99
N GLU B 63 -9.07 -46.08 -16.79
CA GLU B 63 -8.42 -44.78 -16.91
C GLU B 63 -8.90 -43.86 -15.80
N LEU B 64 -8.01 -43.14 -15.24
CA LEU B 64 -8.27 -42.32 -14.07
C LEU B 64 -8.43 -40.85 -14.46
N PRO B 65 -9.25 -40.07 -13.74
CA PRO B 65 -9.40 -38.66 -14.11
C PRO B 65 -8.09 -37.88 -14.04
N CYS B 66 -8.08 -36.72 -14.69
CA CYS B 66 -6.86 -35.94 -14.83
C CYS B 66 -6.49 -35.25 -13.53
N ASP B 67 -7.48 -34.71 -12.81
CA ASP B 67 -7.22 -33.87 -11.65
C ASP B 67 -7.17 -34.66 -10.35
N LEU B 68 -7.20 -35.99 -10.41
CA LEU B 68 -7.24 -36.78 -9.19
C LEU B 68 -5.94 -36.66 -8.41
N ILE B 69 -6.07 -36.48 -7.10
CA ILE B 69 -4.94 -36.53 -6.17
C ILE B 69 -5.07 -37.69 -5.20
N SER B 70 -6.25 -37.86 -4.62
CA SER B 70 -6.47 -38.93 -3.65
C SER B 70 -7.90 -39.43 -3.80
N ILE B 71 -8.08 -40.71 -3.52
CA ILE B 71 -9.36 -41.39 -3.69
C ILE B 71 -9.97 -41.56 -2.31
N ASN B 72 -11.22 -41.13 -2.16
CA ASN B 72 -11.97 -41.41 -0.95
C ASN B 72 -12.47 -42.86 -0.96
N GLN B 73 -13.16 -43.25 -2.03
CA GLN B 73 -13.73 -44.57 -2.20
C GLN B 73 -13.70 -44.93 -3.68
N VAL B 74 -13.77 -46.22 -3.96
CA VAL B 74 -14.21 -46.73 -5.25
C VAL B 74 -15.29 -47.76 -4.97
N ARG B 75 -16.34 -47.74 -5.79
CA ARG B 75 -17.43 -48.69 -5.64
C ARG B 75 -17.88 -49.14 -7.01
N LEU B 76 -18.60 -50.26 -7.05
CA LEU B 76 -19.24 -50.71 -8.26
C LEU B 76 -20.46 -49.84 -8.56
N HIS B 77 -20.62 -49.49 -9.84
CA HIS B 77 -21.72 -48.63 -10.23
C HIS B 77 -23.08 -49.30 -10.04
N LYS B 78 -23.20 -50.57 -10.44
CA LYS B 78 -24.52 -51.20 -10.43
C LYS B 78 -24.96 -51.64 -9.05
N ASN B 79 -24.04 -52.10 -8.20
CA ASN B 79 -24.40 -52.55 -6.86
C ASN B 79 -24.25 -51.44 -5.82
N GLY B 80 -23.28 -50.55 -6.01
CA GLY B 80 -22.91 -49.60 -4.99
C GLY B 80 -21.95 -50.14 -3.95
N ILE B 81 -21.55 -51.41 -4.05
CA ILE B 81 -20.66 -51.99 -3.06
C ILE B 81 -19.27 -51.38 -3.22
N ALA B 82 -18.70 -50.94 -2.11
CA ALA B 82 -17.38 -50.33 -2.14
C ALA B 82 -16.31 -51.39 -2.38
N LEU B 83 -15.17 -50.93 -2.92
CA LEU B 83 -14.00 -51.76 -3.10
C LEU B 83 -12.99 -51.48 -2.01
N ARG B 84 -12.16 -52.47 -1.72
CA ARG B 84 -11.07 -52.34 -0.76
C ARG B 84 -9.73 -52.32 -1.48
N ALA B 85 -8.68 -52.12 -0.69
CA ALA B 85 -7.33 -52.19 -1.23
C ALA B 85 -7.00 -53.61 -1.65
N MET B 86 -6.30 -53.73 -2.77
CA MET B 86 -5.93 -55.03 -3.32
C MET B 86 -4.64 -55.49 -2.66
N THR B 87 -4.71 -56.62 -1.96
CA THR B 87 -3.52 -57.25 -1.39
C THR B 87 -2.95 -58.35 -2.27
N ASP B 88 -3.67 -58.77 -3.31
CA ASP B 88 -3.24 -59.87 -4.16
C ASP B 88 -2.00 -59.46 -4.95
N ASN B 89 -1.03 -60.39 -5.05
CA ASN B 89 0.17 -60.14 -5.84
C ASN B 89 0.07 -60.63 -7.28
N PHE B 90 -0.89 -61.48 -7.64
CA PHE B 90 -1.13 -61.91 -9.04
C PHE B 90 -2.60 -61.64 -9.37
N ASN B 91 -3.04 -60.39 -9.49
CA ASN B 91 -4.47 -60.02 -9.63
C ASN B 91 -5.16 -60.47 -10.90
N ALA B 92 -4.59 -60.22 -12.06
CA ALA B 92 -5.25 -60.53 -13.34
C ALA B 92 -4.38 -61.51 -14.08
N TYR B 93 -3.38 -62.06 -13.42
CA TYR B 93 -2.44 -63.02 -14.03
C TYR B 93 -3.12 -64.35 -13.79
N PRO B 94 -3.45 -65.16 -14.82
CA PRO B 94 -4.00 -66.48 -14.52
C PRO B 94 -2.93 -67.54 -14.29
N THR B 95 -3.40 -68.69 -13.79
CA THR B 95 -2.62 -69.91 -13.71
C THR B 95 -2.83 -70.73 -14.98
N HIS B 96 -2.40 -71.99 -14.97
CA HIS B 96 -2.57 -72.90 -16.10
C HIS B 96 -3.41 -74.10 -15.69
N GLY B 107 -13.65 -63.82 -5.47
CA GLY B 107 -13.76 -63.20 -4.15
C GLY B 107 -14.40 -61.83 -4.23
N GLU B 108 -14.27 -61.05 -3.17
CA GLU B 108 -14.82 -59.71 -3.18
C GLU B 108 -13.98 -58.82 -4.09
N PRO B 109 -14.52 -57.71 -4.59
CA PRO B 109 -13.74 -56.86 -5.48
C PRO B 109 -12.85 -55.88 -4.72
N SER B 110 -11.72 -55.55 -5.33
CA SER B 110 -10.75 -54.64 -4.74
C SER B 110 -10.07 -53.85 -5.86
N PHE B 111 -9.22 -52.91 -5.47
CA PHE B 111 -8.60 -52.03 -6.45
C PHE B 111 -7.20 -51.63 -5.99
N LYS B 112 -6.47 -51.00 -6.91
CA LYS B 112 -5.11 -50.53 -6.69
C LYS B 112 -4.81 -49.49 -7.75
N THR B 113 -4.33 -48.32 -7.33
CA THR B 113 -4.10 -47.19 -8.21
C THR B 113 -2.67 -46.73 -8.06
N GLN B 114 -1.96 -46.55 -9.17
CA GLN B 114 -0.62 -46.01 -9.13
C GLN B 114 -0.49 -44.67 -9.85
N GLY B 115 -0.80 -44.61 -11.14
CA GLY B 115 -0.61 -43.38 -11.89
C GLY B 115 -1.93 -42.83 -12.40
N ARG B 116 -2.10 -42.86 -13.72
CA ARG B 116 -3.37 -42.58 -14.36
C ARG B 116 -4.22 -43.83 -14.51
N VAL B 117 -3.84 -44.93 -13.86
CA VAL B 117 -4.45 -46.23 -14.07
C VAL B 117 -4.87 -46.81 -12.72
N ILE B 118 -6.07 -47.36 -12.68
CA ILE B 118 -6.62 -48.04 -11.52
C ILE B 118 -6.73 -49.52 -11.87
N PHE B 119 -6.08 -50.37 -11.08
CA PHE B 119 -6.11 -51.82 -11.27
C PHE B 119 -7.16 -52.40 -10.34
N THR B 120 -8.29 -52.82 -10.90
CA THR B 120 -9.32 -53.52 -10.15
C THR B 120 -9.18 -55.03 -10.35
N SER B 121 -9.95 -55.79 -9.57
CA SER B 121 -10.03 -57.23 -9.70
C SER B 121 -11.19 -57.68 -10.58
N ILE B 122 -11.86 -56.75 -11.24
CA ILE B 122 -13.03 -57.02 -12.06
C ILE B 122 -12.67 -56.77 -13.52
N LYS B 123 -13.26 -57.54 -14.42
CA LYS B 123 -12.89 -57.45 -15.82
C LYS B 123 -13.57 -56.27 -16.50
N HIS B 124 -14.91 -56.28 -16.58
CA HIS B 124 -15.68 -55.32 -17.36
C HIS B 124 -16.84 -54.80 -16.53
N GLU B 125 -16.62 -53.71 -15.80
CA GLU B 125 -17.70 -53.05 -15.09
C GLU B 125 -17.39 -51.56 -14.99
N LYS B 126 -18.42 -50.78 -14.71
CA LYS B 126 -18.27 -49.37 -14.41
C LYS B 126 -18.12 -49.20 -12.91
N VAL B 127 -17.13 -48.40 -12.51
CA VAL B 127 -16.84 -48.14 -11.11
C VAL B 127 -16.95 -46.66 -10.87
N ASP B 128 -17.46 -46.28 -9.72
CA ASP B 128 -17.59 -44.90 -9.31
C ASP B 128 -16.46 -44.56 -8.35
N ILE B 129 -15.74 -43.48 -8.63
CA ILE B 129 -14.59 -43.06 -7.83
C ILE B 129 -14.92 -41.71 -7.22
N SER B 130 -14.89 -41.63 -5.89
CA SER B 130 -15.04 -40.38 -5.16
C SER B 130 -13.65 -39.91 -4.78
N TYR B 131 -13.18 -38.84 -5.40
CA TYR B 131 -11.80 -38.39 -5.27
C TYR B 131 -11.76 -36.92 -4.89
N LYS B 132 -10.56 -36.50 -4.48
CA LYS B 132 -10.28 -35.14 -4.07
C LYS B 132 -9.34 -34.49 -5.08
N ALA B 133 -9.61 -33.22 -5.40
CA ALA B 133 -8.80 -32.47 -6.35
C ALA B 133 -8.48 -31.12 -5.71
N ILE B 134 -7.83 -30.23 -6.48
CA ILE B 134 -7.50 -28.89 -6.04
C ILE B 134 -8.49 -27.93 -6.67
N MET B 135 -8.98 -26.98 -5.88
CA MET B 135 -9.84 -25.93 -6.42
C MET B 135 -8.98 -24.99 -7.24
N LEU B 136 -9.34 -24.80 -8.51
CA LEU B 136 -8.58 -23.97 -9.43
C LEU B 136 -9.25 -22.62 -9.61
N ASP B 137 -8.51 -21.72 -10.27
CA ASP B 137 -8.93 -20.36 -10.55
C ASP B 137 -9.43 -20.28 -11.99
N ASP B 138 -9.96 -19.11 -12.37
CA ASP B 138 -10.24 -18.86 -13.78
C ASP B 138 -8.99 -19.08 -14.63
N GLU B 139 -7.83 -18.67 -14.11
CA GLU B 139 -6.55 -19.16 -14.61
C GLU B 139 -6.30 -20.55 -14.02
N GLY B 140 -5.56 -21.38 -14.72
CA GLY B 140 -5.40 -22.74 -14.24
C GLY B 140 -4.45 -22.84 -13.07
N LEU B 141 -4.78 -22.19 -11.97
CA LEU B 141 -3.89 -21.99 -10.84
C LEU B 141 -4.57 -22.40 -9.54
N PRO B 142 -3.79 -22.74 -8.51
CA PRO B 142 -4.42 -23.10 -7.24
C PRO B 142 -5.15 -21.92 -6.61
N LEU B 143 -6.18 -22.26 -5.84
CA LEU B 143 -7.05 -21.29 -5.20
C LEU B 143 -7.03 -21.60 -3.72
N ILE B 144 -6.65 -20.62 -2.89
CA ILE B 144 -6.30 -20.89 -1.49
C ILE B 144 -7.44 -20.45 -0.57
N PRO B 145 -7.61 -21.06 0.61
CA PRO B 145 -8.56 -20.52 1.57
C PRO B 145 -8.15 -19.14 2.07
N ASP B 146 -9.13 -18.32 2.38
CA ASP B 146 -8.87 -16.99 2.92
C ASP B 146 -8.84 -16.97 4.44
N ASN B 147 -8.83 -18.13 5.08
CA ASN B 147 -8.71 -18.20 6.52
C ASN B 147 -7.45 -17.47 6.95
N PRO B 148 -7.53 -16.39 7.75
CA PRO B 148 -6.29 -15.70 8.13
C PRO B 148 -5.32 -16.57 8.91
N ILE B 149 -5.77 -17.64 9.55
CA ILE B 149 -4.82 -18.60 10.13
C ILE B 149 -4.08 -19.34 9.03
N PHE B 150 -4.81 -19.84 8.04
CA PHE B 150 -4.17 -20.48 6.89
C PHE B 150 -3.26 -19.51 6.17
N LEU B 151 -3.74 -18.29 5.96
CA LEU B 151 -2.96 -17.28 5.25
C LEU B 151 -1.68 -16.93 6.01
N LYS B 152 -1.79 -16.74 7.32
CA LYS B 152 -0.62 -16.42 8.13
C LYS B 152 0.37 -17.57 8.13
N THR B 153 -0.13 -18.81 8.20
CA THR B 153 0.76 -19.97 8.20
C THR B 153 1.46 -20.13 6.86
N LEU B 154 0.76 -19.88 5.75
CA LEU B 154 1.41 -19.97 4.44
C LEU B 154 2.41 -18.84 4.26
N GLU B 155 2.07 -17.64 4.72
CA GLU B 155 3.01 -16.53 4.74
C GLU B 155 4.27 -16.90 5.51
N LEU B 156 4.12 -17.48 6.69
CA LEU B 156 5.26 -17.85 7.51
C LEU B 156 6.06 -18.98 6.89
N TYR B 157 5.38 -19.92 6.21
CA TYR B 157 6.09 -20.97 5.48
C TYR B 157 7.01 -20.37 4.42
N ILE B 158 6.46 -19.49 3.57
CA ILE B 158 7.26 -18.91 2.50
C ILE B 158 8.39 -18.05 3.08
N LYS B 159 8.09 -17.27 4.11
CA LYS B 159 9.12 -16.47 4.76
C LYS B 159 10.22 -17.36 5.32
N LYS B 160 9.85 -18.50 5.90
CA LYS B 160 10.84 -19.41 6.46
C LYS B 160 11.73 -19.99 5.39
N GLU B 161 11.17 -20.38 4.25
CA GLU B 161 12.00 -20.92 3.18
C GLU B 161 12.93 -19.85 2.60
N TRP B 162 12.41 -18.65 2.38
CA TRP B 162 13.25 -17.58 1.85
C TRP B 162 14.37 -17.23 2.81
N PHE B 163 14.05 -17.15 4.11
CA PHE B 163 15.07 -16.87 5.10
C PHE B 163 16.05 -18.01 5.23
N THR B 164 15.62 -19.24 5.01
CA THR B 164 16.57 -20.36 5.04
C THR B 164 17.58 -20.25 3.91
N ILE B 165 17.12 -19.92 2.71
CA ILE B 165 18.08 -19.67 1.62
C ILE B 165 19.03 -18.54 1.99
N LEU B 166 18.47 -17.41 2.42
CA LEU B 166 19.30 -16.25 2.72
C LEU B 166 20.26 -16.52 3.87
N PHE B 167 19.91 -17.44 4.76
CA PHE B 167 20.80 -17.84 5.83
C PHE B 167 21.90 -18.74 5.30
N ASP B 168 21.57 -19.62 4.34
CA ASP B 168 22.60 -20.42 3.69
C ASP B 168 23.62 -19.54 2.99
N MET B 169 23.18 -18.40 2.47
CA MET B 169 24.13 -17.39 1.98
C MET B 169 24.87 -16.68 3.10
N GLY B 170 24.23 -16.45 4.24
CA GLY B 170 24.75 -15.53 5.22
C GLY B 170 24.24 -14.12 5.10
N LYS B 171 23.05 -13.94 4.52
CA LYS B 171 22.42 -12.64 4.40
C LYS B 171 21.35 -12.39 5.46
N ILE B 172 21.14 -13.32 6.37
CA ILE B 172 20.22 -13.17 7.50
C ILE B 172 20.95 -13.66 8.75
N SER B 173 20.62 -13.07 9.89
CA SER B 173 21.19 -13.51 11.14
C SER B 173 20.63 -14.89 11.52
N PRO B 174 21.40 -15.71 12.24
CA PRO B 174 20.80 -16.96 12.75
C PRO B 174 19.64 -16.73 13.70
N ALA B 175 19.67 -15.65 14.47
CA ALA B 175 18.56 -15.36 15.38
C ALA B 175 17.28 -15.08 14.62
N VAL B 176 17.39 -14.38 13.48
CA VAL B 176 16.20 -14.06 12.68
C VAL B 176 15.56 -15.34 12.14
N LEU B 177 16.39 -16.26 11.62
CA LEU B 177 15.87 -17.53 11.15
C LEU B 177 15.30 -18.36 12.30
N ASN B 178 15.94 -18.31 13.47
CA ASN B 178 15.42 -19.08 14.60
C ASN B 178 14.04 -18.56 15.00
N ASN B 179 13.87 -17.24 15.05
CA ASN B 179 12.56 -16.68 15.32
C ASN B 179 11.53 -17.09 14.27
N THR B 180 11.92 -17.02 12.99
CA THR B 180 10.98 -17.38 11.93
C THR B 180 10.55 -18.82 12.03
N GLN B 181 11.49 -19.71 12.33
CA GLN B 181 11.17 -21.13 12.48
C GLN B 181 10.26 -21.36 13.67
N GLN B 182 10.51 -20.67 14.79
CA GLN B 182 9.63 -20.81 15.96
C GLN B 182 8.21 -20.37 15.64
N GLU B 183 8.07 -19.21 15.01
CA GLU B 183 6.74 -18.69 14.69
C GLU B 183 6.02 -19.57 13.68
N TYR B 184 6.74 -20.04 12.66
CA TYR B 184 6.11 -20.92 11.69
C TYR B 184 5.66 -22.21 12.33
N ALA B 185 6.46 -22.76 13.23
CA ALA B 185 6.09 -24.01 13.89
C ALA B 185 4.81 -23.84 14.71
N PHE B 186 4.74 -22.76 15.49
CA PHE B 186 3.52 -22.57 16.28
C PHE B 186 2.30 -22.38 15.38
N LYS B 187 2.42 -21.55 14.35
CA LYS B 187 1.26 -21.33 13.50
C LYS B 187 0.91 -22.56 12.69
N ALA B 188 1.89 -23.41 12.38
CA ALA B 188 1.59 -24.66 11.69
C ALA B 188 0.76 -25.57 12.57
N GLY B 189 1.14 -25.71 13.85
CA GLY B 189 0.32 -26.50 14.75
C GLY B 189 -1.08 -25.93 14.90
N GLN B 190 -1.17 -24.61 15.04
CA GLN B 190 -2.46 -23.95 15.19
C GLN B 190 -3.33 -24.13 13.95
N CYS B 191 -2.72 -24.03 12.76
CA CYS B 191 -3.45 -24.23 11.52
C CYS B 191 -3.89 -25.68 11.37
N ASN B 192 -3.08 -26.61 11.84
CA ASN B 192 -3.48 -28.01 11.83
C ASN B 192 -4.71 -28.21 12.69
N ASN B 193 -4.73 -27.61 13.88
CA ASN B 193 -5.87 -27.77 14.77
C ASN B 193 -7.09 -27.02 14.26
N GLU B 194 -6.90 -25.94 13.52
CA GLU B 194 -8.04 -25.16 13.03
C GLU B 194 -8.86 -25.97 12.03
N PHE B 195 -8.21 -26.65 11.10
CA PHE B 195 -8.89 -27.31 10.01
C PHE B 195 -9.38 -28.70 10.37
N VAL B 196 -8.94 -29.25 11.50
CA VAL B 196 -9.18 -30.65 11.84
C VAL B 196 -10.20 -30.79 12.96
N ILE B 197 -10.19 -29.87 13.92
CA ILE B 197 -11.12 -30.00 15.06
C ILE B 197 -12.55 -29.94 14.55
N PRO B 198 -13.42 -30.90 14.87
CA PRO B 198 -14.75 -30.91 14.26
C PRO B 198 -15.60 -29.75 14.71
N SER B 199 -16.58 -29.40 13.87
CA SER B 199 -17.58 -28.42 14.25
C SER B 199 -18.66 -29.10 15.09
N VAL B 200 -19.76 -28.39 15.35
CA VAL B 200 -20.82 -28.95 16.18
C VAL B 200 -21.53 -30.07 15.44
N SER B 201 -21.84 -29.86 14.15
CA SER B 201 -22.48 -30.91 13.36
C SER B 201 -21.56 -32.13 13.21
N GLU B 202 -20.27 -31.90 13.03
CA GLU B 202 -19.33 -33.01 12.94
C GLU B 202 -19.18 -33.74 14.26
N MET B 203 -19.33 -33.04 15.39
CA MET B 203 -19.39 -33.76 16.67
C MET B 203 -20.70 -34.50 16.87
N GLU B 204 -21.81 -34.04 16.31
CA GLU B 204 -23.00 -34.88 16.36
C GLU B 204 -22.83 -36.14 15.54
N ALA B 205 -22.21 -36.03 14.37
CA ALA B 205 -21.91 -37.23 13.60
C ALA B 205 -20.95 -38.15 14.35
N ILE B 206 -19.91 -37.59 14.96
CA ILE B 206 -18.95 -38.41 15.71
C ILE B 206 -19.62 -39.05 16.92
N THR B 207 -20.52 -38.32 17.58
CA THR B 207 -21.24 -38.87 18.72
C THR B 207 -22.14 -40.02 18.30
N ASN B 208 -22.85 -39.86 17.18
CA ASN B 208 -23.70 -40.93 16.69
C ASN B 208 -22.87 -42.10 16.17
N MET B 209 -21.60 -41.86 15.85
CA MET B 209 -20.71 -42.96 15.53
C MET B 209 -20.18 -43.64 16.79
N TRP B 210 -20.09 -42.89 17.89
CA TRP B 210 -19.39 -43.37 19.08
C TRP B 210 -20.29 -44.22 19.97
N ASN B 211 -21.50 -43.76 20.24
CA ASN B 211 -22.43 -44.48 21.11
C ASN B 211 -23.32 -45.38 20.26
N GLN B 212 -23.00 -46.67 20.23
CA GLN B 212 -23.89 -47.70 19.69
C GLN B 212 -24.01 -48.78 20.73
N LEU B 213 -25.22 -49.05 21.23
CA LEU B 213 -25.43 -50.27 22.00
C LEU B 213 -25.14 -51.50 21.15
N ILE B 214 -25.57 -51.49 19.90
CA ILE B 214 -25.26 -52.53 18.92
C ILE B 214 -24.25 -51.94 17.95
N PRO B 215 -22.96 -52.26 18.04
CA PRO B 215 -21.96 -51.57 17.21
C PRO B 215 -22.19 -51.79 15.72
N ARG B 216 -22.03 -50.71 14.95
CA ARG B 216 -22.11 -50.73 13.50
C ARG B 216 -20.69 -50.77 12.95
N VAL B 217 -20.38 -51.80 12.18
CA VAL B 217 -19.00 -52.03 11.74
C VAL B 217 -18.93 -52.31 10.24
N THR B 218 -19.89 -51.78 9.47
CA THR B 218 -19.94 -52.06 8.04
C THR B 218 -20.38 -50.80 7.29
N GLU B 219 -19.84 -49.64 7.68
CA GLU B 219 -20.07 -48.42 6.90
C GLU B 219 -19.08 -48.22 5.77
N PHE B 220 -18.06 -49.05 5.65
CA PHE B 220 -17.26 -49.02 4.44
C PHE B 220 -18.03 -49.56 3.25
N ARG B 221 -18.87 -50.57 3.45
CA ARG B 221 -19.64 -51.13 2.34
C ARG B 221 -20.48 -50.06 1.66
N ARG B 222 -21.22 -49.29 2.44
CA ARG B 222 -21.81 -48.06 1.96
C ARG B 222 -20.72 -47.00 1.86
N GLY B 223 -21.07 -45.83 1.33
CA GLY B 223 -20.08 -44.78 1.23
C GLY B 223 -19.85 -44.04 2.53
N PHE B 224 -19.80 -44.77 3.64
CA PHE B 224 -19.84 -44.19 5.00
C PHE B 224 -21.07 -43.30 5.17
N LYS B 225 -22.15 -43.63 4.47
CA LYS B 225 -23.35 -42.80 4.51
C LYS B 225 -23.94 -42.76 5.91
N ASN B 226 -24.01 -43.92 6.58
CA ASN B 226 -24.69 -44.05 7.85
C ASN B 226 -23.73 -43.94 9.04
N LEU B 227 -22.52 -43.41 8.82
CA LEU B 227 -21.54 -43.38 9.90
C LEU B 227 -22.01 -42.54 11.07
N GLY B 228 -22.59 -41.38 10.80
CA GLY B 228 -23.04 -40.48 11.85
C GLY B 228 -24.54 -40.58 12.10
N ASP B 229 -25.19 -41.61 11.56
CA ASP B 229 -26.60 -41.81 11.87
C ASP B 229 -26.77 -42.29 13.30
N LYS B 230 -27.79 -41.74 13.97
CA LYS B 230 -28.05 -42.12 15.35
C LYS B 230 -28.63 -43.52 15.43
N GLU B 231 -28.28 -44.21 16.49
CA GLU B 231 -28.63 -45.61 16.72
C GLU B 231 -29.81 -45.61 17.70
N TYR B 232 -31.00 -45.90 17.18
CA TYR B 232 -32.22 -45.92 17.96
C TYR B 232 -32.52 -47.32 18.46
N ILE B 233 -32.84 -47.43 19.74
CA ILE B 233 -33.27 -48.69 20.34
C ILE B 233 -34.75 -48.54 20.68
N ARG B 234 -35.57 -49.49 20.24
CA ARG B 234 -36.97 -49.44 20.62
C ARG B 234 -37.15 -49.77 22.10
N VAL B 235 -38.17 -49.15 22.70
CA VAL B 235 -38.48 -49.30 24.10
C VAL B 235 -39.40 -50.50 24.26
N HIS B 236 -39.10 -51.34 25.24
CA HIS B 236 -39.88 -52.54 25.50
C HIS B 236 -40.30 -52.58 26.97
N MET C 1 19.88 13.76 -9.90
CA MET C 1 21.13 14.28 -10.49
C MET C 1 21.44 13.58 -11.79
N THR C 2 22.17 14.26 -12.66
CA THR C 2 22.51 13.77 -13.98
C THR C 2 23.98 13.37 -14.03
N TYR C 3 24.35 12.72 -15.14
CA TYR C 3 25.76 12.43 -15.39
C TYR C 3 26.59 13.72 -15.37
N ASN C 4 26.03 14.81 -15.89
CA ASN C 4 26.77 16.06 -15.98
C ASN C 4 27.15 16.58 -14.60
N GLU C 5 26.22 16.57 -13.66
CA GLU C 5 26.48 17.13 -12.35
C GLU C 5 27.57 16.35 -11.64
N LEU C 6 27.51 15.02 -11.70
CA LEU C 6 28.53 14.20 -11.05
C LEU C 6 29.89 14.36 -11.73
N ILE C 7 29.89 14.36 -13.06
CA ILE C 7 31.14 14.49 -13.81
C ILE C 7 31.83 15.81 -13.45
N TYR C 8 31.06 16.90 -13.42
CA TYR C 8 31.67 18.19 -13.17
C TYR C 8 31.96 18.43 -11.70
N MET C 9 31.25 17.75 -10.79
CA MET C 9 31.68 17.77 -9.40
C MET C 9 33.07 17.15 -9.28
N VAL C 10 33.27 16.00 -9.94
CA VAL C 10 34.58 15.35 -9.88
C VAL C 10 35.64 16.23 -10.54
N LEU C 11 35.34 16.76 -11.72
CA LEU C 11 36.33 17.58 -12.43
C LEU C 11 36.68 18.83 -11.63
N ASP C 12 35.69 19.45 -11.01
CA ASP C 12 35.96 20.67 -10.25
C ASP C 12 36.70 20.40 -8.95
N GLU C 13 36.41 19.27 -8.28
CA GLU C 13 37.19 18.94 -7.10
C GLU C 13 38.63 18.61 -7.48
N LEU C 14 38.84 18.02 -8.65
CA LEU C 14 40.19 17.85 -9.17
C LEU C 14 40.72 19.10 -9.85
N LYS C 15 39.86 20.07 -10.17
CA LYS C 15 40.24 21.27 -10.91
C LYS C 15 40.87 20.91 -12.25
N LEU C 16 40.19 20.07 -13.02
CA LEU C 16 40.57 19.74 -14.38
C LEU C 16 39.72 20.57 -15.35
N SER C 17 39.96 21.88 -15.33
CA SER C 17 39.17 22.83 -16.09
C SER C 17 39.68 23.09 -17.49
N SER C 18 40.99 23.14 -17.69
CA SER C 18 41.54 23.50 -18.99
C SER C 18 41.32 22.37 -19.99
N ASP C 19 41.08 22.75 -21.24
CA ASP C 19 40.94 21.75 -22.31
C ASP C 19 42.23 20.97 -22.52
N ASP C 20 43.37 21.49 -22.10
CA ASP C 20 44.66 20.82 -22.23
C ASP C 20 44.99 20.03 -20.97
N SER C 21 44.06 19.19 -20.52
CA SER C 21 44.23 18.37 -19.34
C SER C 21 44.43 16.92 -19.76
N TYR C 22 45.31 16.22 -19.05
CA TYR C 22 45.56 14.83 -19.39
C TYR C 22 44.32 13.98 -19.13
N TYR C 23 43.65 14.23 -18.01
CA TYR C 23 42.48 13.46 -17.62
C TYR C 23 41.23 14.20 -18.09
N THR C 24 40.58 13.64 -19.09
CA THR C 24 39.39 14.20 -19.69
C THR C 24 38.15 13.76 -18.93
N PRO C 25 36.98 14.28 -19.28
CA PRO C 25 35.74 13.77 -18.69
C PRO C 25 35.47 12.31 -19.00
N ASP C 26 36.04 11.75 -20.06
CA ASP C 26 35.85 10.32 -20.36
C ASP C 26 36.44 9.45 -19.26
N HIS C 27 37.63 9.79 -18.77
CA HIS C 27 38.18 9.08 -17.61
C HIS C 27 37.21 9.15 -16.44
N VAL C 28 36.59 10.32 -16.25
CA VAL C 28 35.69 10.50 -15.12
C VAL C 28 34.45 9.63 -15.27
N ILE C 29 33.88 9.56 -16.48
CA ILE C 29 32.71 8.71 -16.69
C ILE C 29 33.07 7.26 -16.42
N PHE C 30 34.21 6.80 -16.95
CA PHE C 30 34.63 5.43 -16.74
C PHE C 30 34.78 5.12 -15.25
N LEU C 31 35.50 5.98 -14.53
CA LEU C 31 35.74 5.73 -13.11
C LEU C 31 34.45 5.79 -12.31
N LEU C 32 33.58 6.76 -12.62
CA LEU C 32 32.31 6.85 -11.91
C LEU C 32 31.46 5.60 -12.12
N VAL C 33 31.36 5.12 -13.36
CA VAL C 33 30.52 3.98 -13.63
C VAL C 33 31.08 2.72 -12.95
N LYS C 34 32.41 2.59 -12.90
CA LYS C 34 32.96 1.41 -12.23
C LYS C 34 32.85 1.51 -10.71
N TYR C 35 33.10 2.69 -10.14
CA TYR C 35 33.01 2.82 -8.70
C TYR C 35 31.57 2.75 -8.21
N ARG C 36 30.60 3.06 -9.06
CA ARG C 36 29.20 2.87 -8.69
C ARG C 36 28.91 1.40 -8.41
N SER C 37 29.31 0.52 -9.32
CA SER C 37 29.11 -0.91 -9.10
C SER C 37 29.94 -1.42 -7.94
N PHE C 38 31.17 -0.92 -7.80
CA PHE C 38 31.99 -1.28 -6.65
C PHE C 38 31.27 -0.98 -5.34
N LEU C 39 30.78 0.26 -5.18
CA LEU C 39 30.08 0.64 -3.96
C LEU C 39 28.78 -0.12 -3.78
N LEU C 40 28.03 -0.32 -4.86
CA LEU C 40 26.75 -1.01 -4.76
C LEU C 40 26.95 -2.46 -4.33
N LYS C 41 28.05 -3.07 -4.76
CA LYS C 41 28.36 -4.42 -4.29
C LYS C 41 28.81 -4.40 -2.84
N GLN C 42 29.62 -3.42 -2.46
CA GLN C 42 30.09 -3.40 -1.07
C GLN C 42 28.95 -3.15 -0.09
N ARG C 43 27.95 -2.39 -0.48
CA ARG C 43 26.84 -2.08 0.41
C ARG C 43 25.80 -3.18 0.48
N TYR C 44 25.51 -3.85 -0.63
CA TYR C 44 24.32 -4.69 -0.76
C TYR C 44 24.65 -6.11 -1.18
N SER C 45 25.79 -6.64 -0.72
CA SER C 45 26.11 -8.05 -0.96
C SER C 45 26.40 -8.79 0.34
N ASP C 46 26.81 -8.05 1.38
CA ASP C 46 27.08 -8.70 2.66
C ASP C 46 25.81 -9.35 3.22
N ILE C 47 24.83 -8.53 3.61
CA ILE C 47 23.55 -9.01 4.10
C ILE C 47 22.45 -8.19 3.44
N LYS C 48 21.25 -8.77 3.39
CA LYS C 48 20.21 -8.22 2.56
C LYS C 48 19.62 -6.96 3.20
N LYS C 49 19.63 -5.87 2.44
CA LYS C 49 19.13 -4.58 2.87
C LYS C 49 18.15 -4.06 1.85
N GLN C 50 17.45 -2.99 2.21
CA GLN C 50 16.55 -2.34 1.28
C GLN C 50 17.39 -1.58 0.26
N ILE C 51 17.10 -1.78 -1.02
CA ILE C 51 17.75 -1.04 -2.10
C ILE C 51 16.83 0.11 -2.49
N PRO C 52 17.31 1.37 -2.51
CA PRO C 52 16.44 2.46 -2.95
C PRO C 52 16.11 2.41 -4.43
N ASP C 53 15.08 3.16 -4.83
CA ASP C 53 14.67 3.22 -6.23
C ASP C 53 15.70 3.93 -7.10
N SER C 54 16.66 4.61 -6.50
CA SER C 54 17.62 5.39 -7.26
C SER C 54 18.63 4.51 -7.98
N ASP C 55 18.91 3.33 -7.42
CA ASP C 55 19.91 2.44 -8.01
C ASP C 55 19.41 1.74 -9.26
N TYR C 56 18.12 1.79 -9.55
CA TYR C 56 17.50 1.03 -10.61
C TYR C 56 17.44 1.82 -11.91
N GLN C 57 17.36 1.08 -13.02
CA GLN C 57 17.19 1.62 -14.36
C GLN C 57 16.33 0.68 -15.17
N SER C 58 15.49 1.27 -16.02
CA SER C 58 14.65 0.52 -16.96
C SER C 58 15.26 0.64 -18.35
N ILE C 59 15.79 -0.47 -18.85
CA ILE C 59 16.17 -0.60 -20.25
C ILE C 59 14.97 -1.18 -20.98
N CYS C 60 14.95 -1.05 -22.28
CA CYS C 60 13.71 -1.12 -23.01
C CYS C 60 13.96 -1.93 -24.28
N LEU C 61 13.34 -3.11 -24.38
CA LEU C 61 13.79 -4.18 -25.27
C LEU C 61 12.73 -4.51 -26.32
N ASP C 62 13.21 -4.87 -27.52
CA ASP C 62 12.39 -5.42 -28.58
C ASP C 62 12.76 -6.89 -28.77
N LEU C 63 11.77 -7.76 -28.75
CA LEU C 63 11.99 -9.19 -28.80
C LEU C 63 11.74 -9.74 -30.19
N ILE C 64 12.49 -10.78 -30.55
CA ILE C 64 12.39 -11.45 -31.84
C ILE C 64 12.46 -12.95 -31.60
N GLU C 65 11.66 -13.71 -32.35
CA GLU C 65 11.75 -15.16 -32.30
C GLU C 65 13.03 -15.63 -32.98
N VAL C 66 13.73 -16.55 -32.34
CA VAL C 66 14.97 -17.11 -32.86
C VAL C 66 14.92 -18.62 -32.69
N PRO C 67 15.61 -19.41 -33.53
CA PRO C 67 15.66 -20.85 -33.29
C PRO C 67 16.51 -21.16 -32.07
N ALA C 68 16.33 -22.38 -31.54
CA ALA C 68 17.13 -22.79 -30.39
C ALA C 68 18.60 -22.91 -30.76
N ILE C 69 18.91 -23.58 -31.88
CA ILE C 69 20.25 -23.66 -32.41
C ILE C 69 20.23 -23.14 -33.85
N SER C 70 19.47 -23.82 -34.70
CA SER C 70 19.32 -23.44 -36.10
C SER C 70 17.90 -23.79 -36.53
N GLY C 71 17.66 -23.81 -37.83
CA GLY C 71 16.31 -23.98 -38.32
C GLY C 71 15.85 -25.42 -38.41
N GLU C 72 16.56 -26.33 -37.75
CA GLU C 72 16.28 -27.75 -37.92
C GLU C 72 14.97 -28.12 -37.23
N PRO C 73 14.33 -29.20 -37.64
CA PRO C 73 13.06 -29.59 -36.99
C PRO C 73 13.24 -30.14 -35.59
N CYS C 74 14.31 -30.89 -35.34
CA CYS C 74 14.52 -31.58 -34.07
C CYS C 74 15.40 -30.80 -33.09
N GLU C 75 15.74 -29.55 -33.39
CA GLU C 75 16.63 -28.77 -32.54
C GLU C 75 15.93 -28.15 -31.34
N GLY C 76 14.70 -28.54 -31.04
CA GLY C 76 13.97 -28.01 -29.90
C GLY C 76 13.12 -26.82 -30.25
N SER C 77 12.30 -26.41 -29.29
CA SER C 77 11.40 -25.29 -29.49
C SER C 77 12.17 -23.97 -29.51
N SER C 78 11.59 -23.00 -30.19
CA SER C 78 12.24 -21.72 -30.38
C SER C 78 12.07 -20.82 -29.17
N TYR C 79 12.92 -19.80 -29.08
CA TYR C 79 12.90 -18.79 -28.05
C TYR C 79 12.63 -17.42 -28.66
N LEU C 80 12.14 -16.50 -27.84
CA LEU C 80 12.27 -15.08 -28.12
C LEU C 80 13.58 -14.59 -27.50
N ARG C 81 14.14 -13.54 -28.10
CA ARG C 81 15.29 -12.88 -27.49
C ARG C 81 15.30 -11.42 -27.89
N SER C 82 15.92 -10.61 -27.05
CA SER C 82 16.07 -9.19 -27.36
C SER C 82 16.93 -9.02 -28.60
N LYS C 83 16.59 -8.01 -29.40
CA LYS C 83 17.35 -7.74 -30.62
C LYS C 83 18.79 -7.39 -30.30
N ASN C 84 19.02 -6.57 -29.27
CA ASN C 84 20.35 -6.10 -28.90
C ASN C 84 20.80 -6.73 -27.58
N LYS C 85 22.12 -6.78 -27.41
CA LYS C 85 22.69 -7.38 -26.21
C LYS C 85 22.27 -6.57 -24.99
N VAL C 86 22.10 -7.27 -23.87
CA VAL C 86 21.48 -6.70 -22.68
C VAL C 86 22.57 -6.53 -21.61
N PRO C 87 22.52 -5.53 -20.73
CA PRO C 87 23.56 -5.42 -19.71
C PRO C 87 23.44 -6.52 -18.67
N THR C 88 24.55 -6.81 -18.03
CA THR C 88 24.56 -7.75 -16.92
C THR C 88 23.99 -7.09 -15.67
N THR C 89 22.99 -7.70 -15.07
CA THR C 89 22.45 -7.21 -13.81
C THR C 89 23.35 -7.62 -12.67
N MET C 90 23.41 -6.76 -11.65
CA MET C 90 23.99 -7.17 -10.40
C MET C 90 22.96 -7.93 -9.58
N MET C 91 23.45 -8.76 -8.66
CA MET C 91 22.64 -9.76 -8.01
C MET C 91 22.18 -9.31 -6.63
N ILE C 92 21.82 -8.03 -6.50
CA ILE C 92 21.58 -7.41 -5.21
C ILE C 92 20.17 -6.85 -5.04
N GLY C 93 19.46 -6.55 -6.12
CA GLY C 93 18.18 -5.85 -6.04
C GLY C 93 17.00 -6.74 -6.37
N ASN C 94 16.07 -6.20 -7.16
CA ASN C 94 14.86 -6.89 -7.59
C ASN C 94 14.76 -6.83 -9.11
N PRO C 95 15.54 -7.62 -9.82
CA PRO C 95 15.42 -7.63 -11.28
C PRO C 95 14.02 -7.99 -11.72
N ARG C 96 13.53 -7.30 -12.75
CA ARG C 96 12.18 -7.53 -13.24
C ARG C 96 12.02 -7.09 -14.68
N VAL C 97 11.57 -8.03 -15.51
CA VAL C 97 11.05 -7.74 -16.85
C VAL C 97 9.54 -7.60 -16.73
N TYR C 98 8.99 -6.55 -17.31
CA TYR C 98 7.56 -6.30 -17.26
C TYR C 98 7.04 -5.80 -18.61
N PRO C 99 5.74 -6.00 -18.89
CA PRO C 99 5.21 -5.69 -20.22
C PRO C 99 4.70 -4.25 -20.35
N MET C 100 5.62 -3.28 -20.22
CA MET C 100 5.34 -1.86 -20.28
C MET C 100 4.46 -1.38 -19.13
N ASP C 101 4.16 -2.22 -18.15
CA ASP C 101 3.38 -1.85 -16.98
C ASP C 101 4.05 -2.52 -15.80
N PHE C 102 4.74 -1.75 -14.96
CA PHE C 102 5.44 -2.39 -13.85
C PHE C 102 4.47 -3.07 -12.90
N TYR C 103 3.24 -2.59 -12.82
CA TYR C 103 2.26 -3.09 -11.87
C TYR C 103 1.40 -4.20 -12.45
N GLN C 104 1.90 -4.91 -13.45
CA GLN C 104 1.10 -5.88 -14.17
C GLN C 104 2.04 -6.86 -14.87
N GLY C 105 1.53 -8.03 -15.17
CA GLY C 105 2.29 -9.06 -15.85
C GLY C 105 3.13 -9.90 -14.90
N GLU C 106 3.45 -11.11 -15.35
CA GLU C 106 4.30 -12.04 -14.60
C GLU C 106 5.31 -12.66 -15.56
N ILE C 107 6.41 -11.96 -15.78
CA ILE C 107 7.56 -12.46 -16.54
C ILE C 107 8.71 -12.56 -15.56
N THR C 108 9.28 -13.75 -15.43
CA THR C 108 10.24 -14.05 -14.37
C THR C 108 11.66 -13.98 -14.92
N TYR C 109 12.50 -13.20 -14.25
CA TYR C 109 13.92 -13.16 -14.54
C TYR C 109 14.62 -14.12 -13.58
N ILE C 110 15.26 -15.15 -14.13
CA ILE C 110 15.90 -16.19 -13.36
C ILE C 110 17.33 -16.35 -13.84
N SER C 111 18.05 -17.33 -13.28
CA SER C 111 19.42 -17.57 -13.68
C SER C 111 19.49 -18.38 -14.97
N ARG C 112 20.64 -18.31 -15.63
CA ARG C 112 20.88 -19.16 -16.81
C ARG C 112 20.74 -20.63 -16.46
N ASP C 113 21.33 -21.02 -15.33
CA ASP C 113 21.37 -22.44 -14.99
C ASP C 113 19.98 -22.96 -14.65
N ARG C 114 19.17 -22.16 -13.94
CA ARG C 114 17.81 -22.58 -13.63
C ARG C 114 16.99 -22.73 -14.90
N MET C 115 17.14 -21.81 -15.84
CA MET C 115 16.27 -21.76 -17.01
C MET C 115 16.47 -22.94 -17.95
N ARG C 116 17.56 -23.69 -17.82
CA ARG C 116 17.66 -24.97 -18.51
C ARG C 116 16.48 -25.86 -18.18
N TYR C 117 15.99 -25.77 -16.96
CA TYR C 117 14.95 -26.64 -16.41
C TYR C 117 13.92 -25.73 -15.75
N VAL C 118 12.87 -25.39 -16.48
CA VAL C 118 11.74 -24.65 -15.93
C VAL C 118 10.48 -25.08 -16.66
N GLY C 119 9.35 -24.95 -15.98
CA GLY C 119 8.05 -25.19 -16.59
C GLY C 119 7.55 -26.59 -16.48
N TYR C 120 8.32 -27.54 -15.95
CA TYR C 120 7.83 -28.91 -15.86
C TYR C 120 6.63 -29.01 -14.93
N ASN C 121 6.56 -28.18 -13.90
CA ASN C 121 5.41 -28.18 -13.02
C ASN C 121 4.17 -27.76 -13.81
N LYS C 122 3.10 -28.54 -13.69
CA LYS C 122 1.93 -28.33 -14.53
C LYS C 122 1.28 -26.98 -14.26
N PHE C 123 1.42 -26.44 -13.05
CA PHE C 123 0.88 -25.12 -12.76
C PHE C 123 1.82 -23.99 -13.14
N LEU C 124 3.02 -24.30 -13.61
CA LEU C 124 4.01 -23.30 -14.01
C LEU C 124 4.32 -23.38 -15.51
N ARG C 125 3.37 -23.85 -16.32
CA ARG C 125 3.53 -24.00 -17.75
C ARG C 125 3.22 -22.72 -18.52
N ASN C 126 2.65 -21.71 -17.87
CA ASN C 126 2.24 -20.47 -18.51
C ASN C 126 3.06 -19.28 -18.05
N ILE C 127 4.16 -19.50 -17.36
CA ILE C 127 5.03 -18.45 -16.86
C ILE C 127 6.15 -18.25 -17.85
N ILE C 128 6.40 -17.01 -18.23
CA ILE C 128 7.49 -16.67 -19.13
C ILE C 128 8.75 -16.44 -18.29
N TYR C 129 9.83 -17.11 -18.66
CA TYR C 129 11.08 -17.04 -17.92
C TYR C 129 12.12 -16.32 -18.76
N CYS C 130 12.96 -15.54 -18.09
CA CYS C 130 13.96 -14.71 -18.74
C CYS C 130 15.31 -15.04 -18.14
N SER C 131 16.35 -14.92 -18.97
CA SER C 131 17.71 -15.00 -18.48
C SER C 131 18.62 -14.51 -19.59
N LYS C 132 19.74 -13.93 -19.19
CA LYS C 132 20.76 -13.45 -20.12
C LYS C 132 21.68 -14.61 -20.46
N ALA C 133 21.64 -15.07 -21.70
CA ALA C 133 22.54 -16.13 -22.13
C ALA C 133 23.97 -15.62 -22.23
N PRO C 134 24.96 -16.52 -22.28
CA PRO C 134 26.34 -16.06 -22.52
C PRO C 134 26.53 -15.36 -23.86
N ASP C 135 25.57 -15.50 -24.79
CA ASP C 135 25.63 -14.73 -26.02
C ASP C 135 25.60 -13.23 -25.76
N GLY C 136 25.08 -12.83 -24.60
CA GLY C 136 24.88 -11.43 -24.27
C GLY C 136 23.46 -10.95 -24.46
N TYR C 137 22.57 -11.80 -24.92
CA TYR C 137 21.18 -11.44 -25.19
C TYR C 137 20.28 -11.99 -24.10
N LEU C 138 19.14 -11.33 -23.93
CA LEU C 138 18.12 -11.76 -23.00
C LEU C 138 17.21 -12.75 -23.71
N TYR C 139 17.20 -13.99 -23.26
CA TYR C 139 16.39 -15.05 -23.86
C TYR C 139 15.13 -15.28 -23.04
N PHE C 140 14.05 -15.63 -23.73
CA PHE C 140 12.76 -15.92 -23.11
C PHE C 140 12.37 -17.36 -23.41
N LYS C 141 11.70 -18.00 -22.45
CA LYS C 141 11.34 -19.40 -22.56
C LYS C 141 10.00 -19.61 -21.89
N SER C 142 9.15 -20.42 -22.50
CA SER C 142 7.88 -20.80 -21.90
C SER C 142 7.34 -22.00 -22.64
N TRP C 143 6.46 -22.74 -21.98
CA TRP C 143 5.76 -23.87 -22.56
C TRP C 143 4.42 -23.46 -23.17
N ASN C 144 4.11 -22.16 -23.16
CA ASN C 144 2.84 -21.65 -23.66
C ASN C 144 3.07 -20.96 -24.99
N PRO C 145 2.63 -21.53 -26.14
CA PRO C 145 2.95 -20.92 -27.44
C PRO C 145 2.57 -19.46 -27.59
N GLN C 146 1.70 -18.97 -26.71
CA GLN C 146 1.32 -17.56 -26.75
C GLN C 146 2.51 -16.63 -26.50
N PHE C 147 3.56 -17.10 -25.83
CA PHE C 147 4.62 -16.17 -25.45
C PHE C 147 5.40 -15.70 -26.67
N LEU C 148 5.30 -16.42 -27.78
CA LEU C 148 6.04 -16.05 -28.97
C LEU C 148 5.44 -14.85 -29.70
N HIS C 149 4.26 -14.40 -29.30
CA HIS C 149 3.70 -13.17 -29.83
C HIS C 149 4.24 -11.93 -29.12
N LEU C 150 4.91 -12.09 -28.00
CA LEU C 150 5.38 -10.92 -27.25
C LEU C 150 6.36 -10.12 -28.09
N GLU C 151 6.13 -8.82 -28.17
CA GLU C 151 6.89 -7.93 -29.02
C GLU C 151 7.82 -7.00 -28.27
N LYS C 152 7.44 -6.54 -27.08
CA LYS C 152 8.16 -5.52 -26.35
C LYS C 152 8.08 -5.79 -24.87
N VAL C 153 9.18 -5.51 -24.17
CA VAL C 153 9.21 -5.58 -22.71
C VAL C 153 10.16 -4.50 -22.21
N SER C 154 10.01 -4.18 -20.93
CA SER C 154 10.93 -3.31 -20.22
C SER C 154 11.58 -4.12 -19.12
N PHE C 155 12.87 -3.89 -18.89
CA PHE C 155 13.66 -4.62 -17.92
C PHE C 155 14.20 -3.62 -16.90
N ASN C 156 13.73 -3.72 -15.67
CA ASN C 156 14.12 -2.84 -14.57
C ASN C 156 14.96 -3.62 -13.57
N ALA C 157 16.20 -3.19 -13.38
CA ALA C 157 17.12 -3.87 -12.51
C ALA C 157 18.26 -2.92 -12.19
N ILE C 158 19.09 -3.32 -11.22
CA ILE C 158 20.33 -2.59 -10.91
C ILE C 158 21.39 -3.16 -11.86
N PHE C 159 21.50 -2.53 -13.02
CA PHE C 159 22.42 -3.03 -14.03
C PHE C 159 23.85 -2.74 -13.63
N GLU C 160 24.74 -3.63 -14.02
CA GLU C 160 26.11 -3.60 -13.54
C GLU C 160 26.90 -2.44 -14.14
N ASP C 161 26.54 -1.97 -15.33
CA ASP C 161 27.22 -0.84 -15.97
C ASP C 161 26.16 0.20 -16.30
N ALA C 162 26.23 1.36 -15.67
CA ALA C 162 25.18 2.36 -15.81
C ALA C 162 25.15 2.97 -17.22
N LYS C 163 26.30 3.06 -17.87
CA LYS C 163 26.36 3.66 -19.20
C LYS C 163 25.60 2.82 -20.23
N GLU C 164 25.85 1.50 -20.23
CA GLU C 164 25.18 0.62 -21.17
C GLU C 164 23.66 0.67 -20.99
N ALA C 165 23.21 0.65 -19.74
CA ALA C 165 21.78 0.67 -19.47
C ALA C 165 21.17 2.04 -19.71
N SER C 166 21.98 3.10 -19.62
CA SER C 166 21.47 4.43 -19.92
C SER C 166 21.33 4.64 -21.42
N GLU C 167 22.16 3.97 -22.22
CA GLU C 167 22.00 4.09 -23.66
C GLU C 167 20.71 3.42 -24.16
N MET C 168 20.17 2.47 -23.39
CA MET C 168 19.00 1.69 -23.79
C MET C 168 17.76 1.98 -22.95
N ALA C 169 17.61 3.19 -22.41
CA ALA C 169 16.40 3.51 -21.68
C ALA C 169 15.21 3.61 -22.64
N CYS C 170 13.97 3.44 -22.09
CA CYS C 170 12.80 3.70 -22.91
C CYS C 170 12.68 5.19 -23.21
N PRO C 171 12.00 5.56 -24.30
CA PRO C 171 11.75 6.98 -24.55
C PRO C 171 10.97 7.61 -23.41
N GLU C 172 11.35 8.83 -23.05
CA GLU C 172 10.56 9.59 -22.10
C GLU C 172 9.37 10.21 -22.81
N GLU C 173 8.50 10.87 -22.04
CA GLU C 173 7.35 11.52 -22.65
C GLU C 173 7.78 12.59 -23.62
N ASN C 174 8.73 13.43 -23.22
CA ASN C 174 9.23 14.46 -24.14
C ASN C 174 9.91 13.83 -25.35
N GLY C 175 10.71 12.80 -25.12
CA GLY C 175 11.44 12.15 -26.19
C GLY C 175 12.75 11.60 -25.66
N THR C 176 13.54 11.06 -26.58
CA THR C 176 14.83 10.49 -26.20
C THR C 176 15.82 11.59 -25.86
N ILE C 177 16.71 11.29 -24.91
CA ILE C 177 17.80 12.18 -24.53
C ILE C 177 19.05 11.66 -25.23
N CYS C 178 19.52 12.39 -26.25
CA CYS C 178 20.67 11.92 -27.02
C CYS C 178 21.94 11.92 -26.17
N LYS C 179 22.20 12.99 -25.43
CA LYS C 179 23.43 13.09 -24.65
C LYS C 179 23.30 12.29 -23.37
N LEU C 180 24.26 11.39 -23.14
CA LEU C 180 24.31 10.67 -21.88
C LEU C 180 24.44 11.62 -20.71
N GLU C 181 25.11 12.75 -20.93
CA GLU C 181 25.35 13.72 -19.85
C GLU C 181 24.04 14.28 -19.32
N ASP C 182 23.03 14.39 -20.17
CA ASP C 182 21.72 14.91 -19.77
C ASP C 182 20.82 13.87 -19.14
N LYS C 183 21.25 12.61 -19.07
CA LYS C 183 20.48 11.55 -18.44
C LYS C 183 20.76 11.52 -16.94
N GLU C 184 19.98 10.72 -16.20
CA GLU C 184 20.11 10.63 -14.75
C GLU C 184 21.08 9.50 -14.37
N PHE C 185 21.98 9.80 -13.45
CA PHE C 185 22.92 8.80 -12.96
C PHE C 185 22.24 7.88 -11.94
N PRO C 186 22.36 6.55 -12.07
CA PRO C 186 21.61 5.62 -11.20
C PRO C 186 22.24 5.24 -9.85
N ILE C 187 22.19 6.15 -8.88
CA ILE C 187 22.74 5.88 -7.56
C ILE C 187 22.01 6.74 -6.54
N GLU C 188 21.92 6.24 -5.32
CA GLU C 188 21.28 6.99 -4.26
C GLU C 188 22.16 8.14 -3.79
N ASP C 189 21.53 9.22 -3.35
CA ASP C 189 22.26 10.39 -2.90
C ASP C 189 23.15 10.09 -1.71
N ALA C 190 22.78 9.14 -0.87
CA ALA C 190 23.61 8.79 0.26
C ALA C 190 24.93 8.16 -0.16
N LEU C 191 25.02 7.59 -1.36
CA LEU C 191 26.25 6.99 -1.86
C LEU C 191 26.99 7.86 -2.85
N VAL C 192 26.58 9.11 -3.03
CA VAL C 192 27.25 10.00 -3.98
C VAL C 192 28.54 10.55 -3.38
N PRO C 193 28.57 11.03 -2.13
CA PRO C 193 29.85 11.50 -1.58
C PRO C 193 30.90 10.39 -1.52
N PRO C 194 30.55 9.17 -1.08
CA PRO C 194 31.55 8.09 -1.15
C PRO C 194 32.09 7.87 -2.55
N LEU C 195 31.21 7.85 -3.54
CA LEU C 195 31.65 7.64 -4.93
C LEU C 195 32.55 8.77 -5.39
N ILE C 196 32.19 10.01 -5.07
CA ILE C 196 32.99 11.14 -5.53
C ILE C 196 34.36 11.12 -4.90
N GLU C 197 34.44 10.86 -3.59
CA GLU C 197 35.76 10.93 -2.96
C GLU C 197 36.61 9.74 -3.40
N LEU C 198 36.00 8.58 -3.68
CA LEU C 198 36.79 7.50 -4.24
C LEU C 198 37.36 7.85 -5.60
N VAL C 199 36.55 8.47 -6.47
CA VAL C 199 37.07 8.83 -7.79
C VAL C 199 38.11 9.94 -7.68
N VAL C 200 37.90 10.90 -6.79
CA VAL C 200 38.86 11.99 -6.63
C VAL C 200 40.17 11.46 -6.05
N LYS C 201 40.10 10.52 -5.10
CA LYS C 201 41.32 9.89 -4.61
C LYS C 201 41.98 9.08 -5.70
N GLU C 202 41.19 8.49 -6.59
CA GLU C 202 41.76 7.70 -7.68
C GLU C 202 42.58 8.59 -8.60
N LEU C 203 42.09 9.79 -8.90
CA LEU C 203 42.73 10.66 -9.88
C LEU C 203 43.56 11.80 -9.28
N ARG C 204 43.61 11.95 -7.96
CA ARG C 204 44.40 13.03 -7.37
C ARG C 204 45.89 12.79 -7.56
N GLY C 205 46.36 11.60 -7.24
CA GLY C 205 47.76 11.27 -7.38
C GLY C 205 48.22 11.35 -8.81
N PRO C 206 47.51 10.68 -9.72
CA PRO C 206 47.87 10.75 -11.13
C PRO C 206 47.77 12.15 -11.72
N GLU C 207 46.98 13.03 -11.10
CA GLU C 207 46.83 14.37 -11.64
C GLU C 207 48.14 15.13 -11.63
N TYR C 208 48.94 14.96 -10.60
CA TYR C 208 50.19 15.68 -10.39
C TYR C 208 51.42 14.87 -10.74
N SER C 209 51.27 13.72 -11.38
CA SER C 209 52.42 12.87 -11.67
C SER C 209 53.15 13.37 -12.90
N PRO C 210 54.44 13.04 -13.05
CA PRO C 210 55.19 13.53 -14.20
C PRO C 210 54.82 12.81 -15.49
N LYS C 211 55.30 13.39 -16.60
CA LYS C 211 55.09 12.87 -17.94
C LYS C 211 56.41 12.66 -18.67
N ASP C 212 56.37 11.76 -19.64
CA ASP C 212 57.45 11.62 -20.64
C ASP C 212 57.25 12.71 -21.67
N GLU C 213 57.75 13.89 -21.34
CA GLU C 213 57.28 15.12 -21.97
C GLU C 213 58.22 15.65 -23.04
N ASP C 214 59.44 15.12 -23.14
CA ASP C 214 60.35 15.44 -24.24
C ASP C 214 60.24 14.41 -25.36
N ASN C 215 60.35 14.87 -26.60
CA ASN C 215 60.31 14.01 -27.79
C ASN C 215 61.73 13.74 -28.25
N ASN C 216 62.35 12.73 -27.63
CA ASN C 216 63.77 12.47 -27.86
C ASN C 216 64.10 10.99 -28.06
N ALA C 217 63.13 10.17 -28.47
CA ALA C 217 63.37 8.73 -28.68
C ALA C 217 63.95 8.09 -27.43
N LYS C 218 63.39 8.46 -26.28
CA LYS C 218 63.90 8.08 -24.97
C LYS C 218 62.76 8.09 -23.97
N ASP C 219 62.86 7.22 -22.97
CA ASP C 219 61.95 7.22 -21.85
C ASP C 219 62.46 8.21 -20.81
N ASP C 220 61.67 9.24 -20.51
CA ASP C 220 62.08 10.33 -19.65
C ASP C 220 61.45 10.27 -18.27
N LEU C 221 60.75 9.19 -17.93
CA LEU C 221 60.06 9.11 -16.65
C LEU C 221 60.98 8.83 -15.47
N PRO C 222 62.02 7.99 -15.61
CA PRO C 222 62.90 7.77 -14.45
C PRO C 222 63.54 9.04 -13.93
N ASP C 223 63.66 10.05 -14.77
CA ASP C 223 64.22 11.35 -14.39
C ASP C 223 63.16 12.33 -13.88
N ALA C 224 61.92 11.87 -13.68
CA ALA C 224 60.83 12.73 -13.19
C ALA C 224 60.61 13.91 -14.14
N ARG C 225 60.64 13.64 -15.43
CA ARG C 225 60.53 14.68 -16.44
C ARG C 225 59.08 15.07 -16.68
N MET D 1 48.78 56.77 -25.87
CA MET D 1 49.70 57.78 -26.47
C MET D 1 49.76 57.67 -27.98
N THR D 2 49.82 58.82 -28.66
CA THR D 2 49.87 58.86 -30.11
C THR D 2 51.34 58.77 -30.56
N ASN D 3 51.56 58.73 -31.88
CA ASN D 3 52.93 58.60 -32.40
C ASN D 3 53.78 59.81 -32.02
N LYS D 4 53.20 61.01 -32.15
CA LYS D 4 53.87 62.21 -31.68
C LYS D 4 54.19 62.09 -30.20
N GLU D 5 53.29 61.49 -29.42
CA GLU D 5 53.51 61.38 -27.99
C GLU D 5 54.53 60.28 -27.65
N PHE D 6 54.49 59.14 -28.36
CA PHE D 6 55.62 58.21 -28.22
C PHE D 6 56.95 58.91 -28.48
N SER D 7 57.06 59.68 -29.56
CA SER D 7 58.35 60.28 -29.89
C SER D 7 58.76 61.33 -28.85
N ASP D 8 57.85 62.23 -28.49
CA ASP D 8 58.21 63.27 -27.52
C ASP D 8 58.54 62.68 -26.17
N GLY D 9 57.74 61.71 -25.70
CA GLY D 9 58.03 61.10 -24.41
C GLY D 9 59.31 60.29 -24.46
N PHE D 10 59.60 59.67 -25.59
CA PHE D 10 60.81 58.87 -25.72
C PHE D 10 62.03 59.77 -25.63
N SER D 11 61.97 60.92 -26.31
CA SER D 11 63.04 61.92 -26.21
C SER D 11 63.17 62.44 -24.79
N THR D 12 62.06 62.74 -24.14
CA THR D 12 62.13 63.26 -22.77
C THR D 12 62.77 62.25 -21.83
N LEU D 13 62.43 60.97 -21.99
CA LEU D 13 63.00 59.96 -21.12
C LEU D 13 64.47 59.70 -21.44
N LEU D 14 64.90 59.93 -22.68
CA LEU D 14 66.30 59.77 -23.03
C LEU D 14 67.13 61.02 -22.78
N ASN D 15 66.52 62.14 -22.38
CA ASN D 15 67.22 63.41 -22.14
C ASN D 15 67.94 63.87 -23.41
N SER D 16 67.23 63.85 -24.53
CA SER D 16 67.83 64.24 -25.80
C SER D 16 68.07 65.74 -25.83
N PHE D 17 69.25 66.13 -26.31
CA PHE D 17 69.64 67.54 -26.42
C PHE D 17 69.63 68.27 -25.09
N GLY D 18 69.72 67.53 -23.97
CA GLY D 18 69.99 68.13 -22.69
C GLY D 18 71.47 68.37 -22.50
N ILE D 19 71.79 69.10 -21.42
CA ILE D 19 73.18 69.52 -21.22
C ILE D 19 74.07 68.33 -20.84
N THR D 20 73.55 67.37 -20.09
CA THR D 20 74.33 66.22 -19.68
C THR D 20 74.53 65.27 -20.86
N PRO D 21 75.50 64.35 -20.78
CA PRO D 21 75.62 63.33 -21.83
C PRO D 21 74.33 62.52 -21.94
N ASN D 22 73.97 62.21 -23.18
CA ASN D 22 72.64 61.68 -23.48
C ASN D 22 72.70 60.95 -24.81
N ILE D 23 71.53 60.53 -25.29
CA ILE D 23 71.40 59.74 -26.50
C ILE D 23 70.26 60.33 -27.32
N THR D 24 70.45 60.42 -28.64
CA THR D 24 69.47 60.94 -29.57
C THR D 24 69.23 59.92 -30.67
N LEU D 25 67.96 59.59 -30.92
CA LEU D 25 67.59 58.58 -31.92
C LEU D 25 66.70 59.17 -33.00
N ASP D 26 66.89 58.67 -34.21
CA ASP D 26 66.02 59.01 -35.32
C ASP D 26 64.69 58.29 -35.19
N GLU D 27 63.69 58.80 -35.90
CA GLU D 27 62.34 58.24 -35.78
C GLU D 27 62.30 56.80 -36.26
N TYR D 28 63.14 56.42 -37.22
CA TYR D 28 63.24 55.02 -37.59
C TYR D 28 63.83 54.19 -36.45
N GLU D 29 64.87 54.71 -35.79
CA GLU D 29 65.44 54.01 -34.64
C GLU D 29 64.42 53.92 -33.51
N LYS D 30 63.70 55.01 -33.26
CA LYS D 30 62.65 54.99 -32.26
C LYS D 30 61.60 53.93 -32.60
N SER D 31 61.19 53.86 -33.85
CA SER D 31 60.18 52.88 -34.26
C SER D 31 60.71 51.46 -34.10
N THR D 32 61.97 51.24 -34.46
CA THR D 32 62.57 49.92 -34.28
C THR D 32 62.53 49.49 -32.83
N PHE D 33 62.97 50.38 -31.93
CA PHE D 33 63.01 49.98 -30.53
C PHE D 33 61.62 49.87 -29.93
N LEU D 34 60.68 50.72 -30.34
CA LEU D 34 59.32 50.61 -29.85
C LEU D 34 58.67 49.31 -30.30
N THR D 35 58.87 48.92 -31.55
CA THR D 35 58.27 47.68 -32.04
C THR D 35 58.94 46.46 -31.38
N ASN D 36 60.26 46.49 -31.24
CA ASN D 36 60.94 45.39 -30.55
C ASN D 36 60.47 45.26 -29.11
N ALA D 37 60.35 46.38 -28.40
CA ALA D 37 59.85 46.34 -27.04
C ALA D 37 58.41 45.84 -26.99
N GLN D 38 57.58 46.28 -27.93
CA GLN D 38 56.20 45.81 -27.99
C GLN D 38 56.15 44.30 -28.10
N GLU D 39 56.87 43.74 -29.09
CA GLU D 39 56.79 42.31 -29.34
C GLU D 39 57.42 41.50 -28.21
N GLN D 40 58.57 41.94 -27.69
CA GLN D 40 59.15 41.26 -26.53
C GLN D 40 58.19 41.27 -25.37
N LEU D 41 57.60 42.42 -25.07
CA LEU D 41 56.74 42.53 -23.90
C LEU D 41 55.52 41.64 -24.04
N ILE D 42 54.89 41.61 -25.21
CA ILE D 42 53.68 40.81 -25.31
C ILE D 42 54.00 39.32 -25.35
N ILE D 43 55.13 38.92 -25.95
CA ILE D 43 55.49 37.50 -25.87
C ILE D 43 55.77 37.10 -24.43
N ASP D 44 56.53 37.92 -23.71
CA ASP D 44 56.81 37.64 -22.30
C ASP D 44 55.54 37.61 -21.47
N ILE D 45 54.58 38.49 -21.79
CA ILE D 45 53.33 38.53 -21.05
C ILE D 45 52.51 37.29 -21.33
N TYR D 46 52.40 36.92 -22.61
CA TYR D 46 51.66 35.71 -22.96
C TYR D 46 52.23 34.50 -22.24
N SER D 47 53.54 34.29 -22.35
CA SER D 47 54.17 33.14 -21.72
C SER D 47 54.32 33.29 -20.21
N GLY D 48 54.05 34.47 -19.67
CA GLY D 48 54.19 34.67 -18.24
C GLY D 48 55.61 34.68 -17.73
N ARG D 49 56.59 34.96 -18.59
CA ARG D 49 57.99 34.99 -18.21
C ARG D 49 58.45 36.37 -17.78
N ASN D 50 57.58 37.38 -17.80
CA ASN D 50 57.96 38.68 -17.29
C ASN D 50 57.94 38.63 -15.76
N ILE D 51 59.06 39.02 -15.13
CA ILE D 51 59.12 38.95 -13.68
C ILE D 51 58.26 40.03 -13.06
N ILE D 52 58.08 41.17 -13.73
CA ILE D 52 57.33 42.28 -13.15
C ILE D 52 55.86 41.91 -13.02
N TYR D 53 55.27 41.37 -14.08
CA TYR D 53 53.88 40.92 -14.04
C TYR D 53 53.79 39.51 -13.47
N GLY D 54 54.58 38.59 -14.03
CA GLY D 54 54.57 37.21 -13.57
C GLY D 54 53.25 36.52 -13.79
N LYS D 55 52.51 36.90 -14.82
CA LYS D 55 51.20 36.34 -15.09
C LYS D 55 51.10 36.07 -16.58
N SER D 56 50.26 35.10 -16.94
CA SER D 56 50.17 34.58 -18.29
C SER D 56 49.10 35.34 -19.10
N PHE D 57 48.67 34.74 -20.21
CA PHE D 57 47.91 35.44 -21.24
C PHE D 57 46.61 36.04 -20.73
N GLU D 58 45.86 35.34 -19.89
CA GLU D 58 44.60 35.87 -19.37
C GLU D 58 44.45 35.56 -17.88
N GLN D 59 45.57 35.57 -17.16
CA GLN D 59 45.56 35.10 -15.80
C GLN D 59 45.04 36.16 -14.83
N THR D 60 44.98 37.43 -15.23
CA THR D 60 44.44 38.48 -14.39
C THR D 60 43.82 39.55 -15.28
N GLU D 61 43.06 40.45 -14.66
CA GLU D 61 42.43 41.54 -15.40
C GLU D 61 43.46 42.44 -16.06
N GLU D 62 44.61 42.65 -15.42
CA GLU D 62 45.65 43.48 -16.00
C GLU D 62 46.13 42.94 -17.33
N ILE D 63 46.45 41.64 -17.38
CA ILE D 63 46.94 41.06 -18.62
C ILE D 63 45.84 40.99 -19.67
N ARG D 64 44.60 40.77 -19.25
CA ARG D 64 43.47 40.84 -20.17
C ARG D 64 43.39 42.21 -20.83
N ARG D 65 43.41 43.26 -20.03
CA ARG D 65 43.35 44.62 -20.55
C ARG D 65 44.54 44.93 -21.43
N TYR D 66 45.69 44.32 -21.17
CA TYR D 66 46.87 44.56 -22.00
C TYR D 66 46.74 43.93 -23.38
N LEU D 67 46.48 42.61 -23.44
CA LEU D 67 46.49 41.89 -24.71
C LEU D 67 45.10 41.66 -25.28
N SER D 68 44.10 42.44 -24.85
CA SER D 68 42.74 42.25 -25.37
C SER D 68 42.65 42.55 -26.86
N ASN D 69 43.44 43.47 -27.37
CA ASN D 69 43.29 43.95 -28.74
C ASN D 69 44.05 43.13 -29.76
N LEU D 70 44.72 42.05 -29.36
CA LEU D 70 45.33 41.11 -30.28
C LEU D 70 44.49 39.87 -30.50
N VAL D 71 43.38 39.71 -29.79
CA VAL D 71 42.62 38.46 -29.79
C VAL D 71 41.66 38.47 -30.98
N GLU D 72 41.93 37.63 -31.97
CA GLU D 72 41.17 37.58 -33.20
C GLU D 72 40.57 36.19 -33.36
N THR D 73 39.33 36.15 -33.84
CA THR D 73 38.61 34.90 -34.07
C THR D 73 38.61 34.57 -35.56
N TYR D 74 38.73 33.28 -35.87
CA TYR D 74 38.83 32.82 -37.24
C TYR D 74 37.94 31.59 -37.43
N GLU D 75 37.41 31.46 -38.64
CA GLU D 75 36.50 30.40 -39.02
C GLU D 75 36.83 29.96 -40.43
N THR D 76 36.83 28.65 -40.67
CA THR D 76 37.14 28.16 -42.01
C THR D 76 36.47 26.82 -42.24
N SER D 77 36.04 26.59 -43.48
CA SER D 77 35.49 25.32 -43.89
C SER D 77 36.26 24.66 -45.03
N THR D 78 37.24 25.34 -45.63
CA THR D 78 37.98 24.79 -46.75
C THR D 78 39.12 23.92 -46.25
N LYS D 79 39.28 22.75 -46.87
CA LYS D 79 40.30 21.78 -46.50
C LYS D 79 41.32 21.67 -47.61
N VAL D 80 42.60 21.67 -47.23
CA VAL D 80 43.67 21.47 -48.20
C VAL D 80 43.70 20.01 -48.61
N THR D 81 43.71 19.77 -49.93
CA THR D 81 43.46 18.43 -50.41
C THR D 81 44.70 17.54 -50.37
N GLY D 82 45.70 17.84 -51.20
CA GLY D 82 46.79 16.91 -51.39
C GLY D 82 47.93 17.12 -50.42
N LYS D 83 47.91 16.40 -49.30
CA LYS D 83 48.98 16.46 -48.31
C LYS D 83 49.06 15.09 -47.64
N LEU D 84 50.24 14.81 -47.09
CA LEU D 84 50.54 13.51 -46.48
C LEU D 84 50.42 13.64 -44.97
N GLY D 85 49.52 12.84 -44.39
CA GLY D 85 49.25 12.88 -42.97
C GLY D 85 49.60 11.57 -42.28
N LEU D 86 49.45 11.59 -40.96
CA LEU D 86 49.75 10.44 -40.11
C LEU D 86 48.52 9.57 -39.86
N SER D 87 47.44 9.76 -40.62
CA SER D 87 46.29 8.88 -40.53
C SER D 87 45.44 9.05 -41.77
N LYS D 88 44.61 8.04 -42.02
CA LYS D 88 43.66 8.12 -43.13
C LYS D 88 42.64 9.23 -42.90
N ASP D 89 42.18 9.40 -41.67
CA ASP D 89 41.17 10.38 -41.33
C ASP D 89 41.82 11.67 -40.83
N SER D 90 42.64 12.27 -41.70
CA SER D 90 43.34 13.51 -41.40
C SER D 90 42.97 14.56 -42.44
N VAL D 91 42.54 15.72 -41.97
CA VAL D 91 42.17 16.85 -42.81
C VAL D 91 43.05 18.03 -42.42
N PHE D 92 43.40 18.84 -43.42
CA PHE D 92 44.34 19.94 -43.25
C PHE D 92 43.63 21.26 -43.51
N PHE D 93 43.83 22.21 -42.60
CA PHE D 93 43.22 23.52 -42.66
C PHE D 93 44.31 24.57 -42.61
N GLU D 94 44.20 25.60 -43.45
CA GLU D 94 45.20 26.67 -43.42
C GLU D 94 45.03 27.53 -42.18
N ILE D 95 46.15 28.10 -41.75
CA ILE D 95 46.18 29.01 -40.61
C ILE D 95 46.15 30.43 -41.18
N PRO D 96 45.52 31.40 -40.50
CA PRO D 96 45.41 32.76 -41.07
C PRO D 96 46.72 33.43 -41.47
N GLN D 97 47.88 32.91 -41.07
CA GLN D 97 49.21 33.35 -41.46
C GLN D 97 49.62 34.65 -40.75
N ASP D 98 48.70 35.33 -40.05
CA ASP D 98 49.06 36.37 -39.09
C ASP D 98 48.97 35.88 -37.67
N THR D 99 48.79 34.57 -37.47
CA THR D 99 48.67 34.02 -36.14
C THR D 99 50.02 34.00 -35.45
N TRP D 100 50.00 34.35 -34.18
CA TRP D 100 51.14 34.21 -33.29
C TRP D 100 51.03 33.01 -32.39
N PHE D 101 49.97 32.92 -31.58
CA PHE D 101 49.72 31.80 -30.71
C PHE D 101 48.24 31.50 -30.69
N ILE D 102 47.88 30.24 -30.87
CA ILE D 102 46.47 29.82 -30.87
C ILE D 102 46.05 29.55 -29.44
N THR D 103 45.00 30.24 -28.99
CA THR D 103 44.56 30.18 -27.60
C THR D 103 43.26 29.41 -27.41
N TYR D 104 42.30 29.55 -28.34
CA TYR D 104 41.12 28.71 -28.38
C TYR D 104 41.02 28.11 -29.76
N GLU D 105 40.53 26.88 -29.83
CA GLU D 105 40.54 26.13 -31.08
C GLU D 105 39.54 24.99 -30.94
N VAL D 106 38.50 25.01 -31.78
CA VAL D 106 37.38 24.09 -31.65
C VAL D 106 36.88 23.75 -33.05
N ALA D 107 36.25 22.57 -33.18
CA ALA D 107 35.91 22.00 -34.48
C ALA D 107 34.49 21.45 -34.45
N PHE D 108 33.69 21.83 -35.44
CA PHE D 108 32.33 21.33 -35.59
C PHE D 108 32.33 20.15 -36.54
N LEU D 109 31.60 19.10 -36.17
CA LEU D 109 31.61 17.84 -36.88
C LEU D 109 30.27 17.63 -37.57
N LYS D 110 30.31 17.17 -38.82
CA LYS D 110 29.11 16.85 -39.59
C LYS D 110 29.24 15.45 -40.13
N ASP D 111 28.57 14.50 -39.48
CA ASP D 111 28.65 13.11 -39.86
C ASP D 111 27.35 12.43 -39.48
N SER D 112 26.88 11.51 -40.33
CA SER D 112 25.65 10.79 -40.06
C SER D 112 25.84 9.69 -39.03
N ARG D 113 27.07 9.21 -38.84
CA ARG D 113 27.29 8.11 -37.90
C ARG D 113 26.93 8.52 -36.48
N LEU D 114 27.27 9.75 -36.09
CA LEU D 114 26.87 10.29 -34.79
C LEU D 114 25.44 10.85 -34.94
N GLY D 115 24.48 9.95 -34.81
CA GLY D 115 23.09 10.33 -35.04
C GLY D 115 22.56 11.20 -33.93
N CYS D 116 21.74 12.19 -34.30
CA CYS D 116 21.06 13.22 -33.48
C CYS D 116 22.04 14.10 -32.70
N LEU D 117 23.34 13.91 -32.84
CA LEU D 117 24.36 14.76 -32.26
C LEU D 117 25.09 15.52 -33.36
N ASP D 118 24.49 15.61 -34.54
CA ASP D 118 25.14 16.19 -35.70
C ASP D 118 25.42 17.67 -35.46
N GLY D 119 26.54 18.13 -35.99
CA GLY D 119 26.99 19.48 -35.73
C GLY D 119 27.57 19.66 -34.35
N ILE D 120 28.02 18.58 -33.72
CA ILE D 120 28.58 18.66 -32.38
C ILE D 120 29.87 19.47 -32.43
N GLU D 121 29.94 20.48 -31.56
CA GLU D 121 31.19 21.19 -31.33
C GLU D 121 32.15 20.29 -30.57
N ALA D 122 33.35 20.09 -31.13
CA ALA D 122 34.33 19.16 -30.59
C ALA D 122 35.60 19.91 -30.24
N SER D 123 36.18 19.55 -29.09
CA SER D 123 37.37 20.21 -28.59
C SER D 123 38.60 19.76 -29.36
N VAL D 124 39.30 20.71 -29.97
CA VAL D 124 40.53 20.39 -30.69
C VAL D 124 41.69 20.40 -29.69
N VAL D 125 42.35 19.26 -29.53
CA VAL D 125 43.39 19.05 -28.54
C VAL D 125 44.73 19.04 -29.26
N PRO D 126 45.63 19.99 -29.00
CA PRO D 126 46.99 19.87 -29.55
C PRO D 126 47.72 18.70 -28.91
N LEU D 127 48.16 17.76 -29.74
CA LEU D 127 48.79 16.54 -29.27
C LEU D 127 50.22 16.45 -29.78
N PRO D 128 51.20 16.13 -28.94
CA PRO D 128 52.56 15.90 -29.45
C PRO D 128 52.64 14.62 -30.28
N GLN D 129 53.75 14.50 -31.02
CA GLN D 129 53.95 13.34 -31.87
C GLN D 129 54.40 12.10 -31.10
N ASP D 130 54.96 12.25 -29.90
CA ASP D 130 55.11 11.07 -29.05
C ASP D 130 53.76 10.45 -28.74
N ASP D 131 52.79 11.28 -28.39
CA ASP D 131 51.52 10.80 -27.87
C ASP D 131 50.58 10.29 -28.95
N LEU D 132 50.92 10.47 -30.23
CA LEU D 132 49.94 10.26 -31.28
C LEU D 132 49.59 8.79 -31.42
N TYR D 133 50.60 7.92 -31.50
CA TYR D 133 50.33 6.51 -31.79
C TYR D 133 49.50 5.88 -30.68
N ARG D 134 49.85 6.14 -29.43
CA ARG D 134 49.12 5.59 -28.31
C ARG D 134 47.84 6.35 -28.00
N ALA D 135 47.55 7.42 -28.76
CA ALA D 135 46.32 8.18 -28.60
C ALA D 135 45.32 7.95 -29.73
N LYS D 136 45.74 7.34 -30.84
CA LYS D 136 44.78 6.94 -31.85
C LYS D 136 43.78 5.94 -31.28
N ASP D 137 44.27 4.95 -30.52
CA ASP D 137 43.42 3.92 -29.95
C ASP D 137 42.87 4.27 -28.57
N ASN D 138 43.28 5.38 -28.00
CA ASN D 138 42.87 5.73 -26.65
C ASN D 138 41.38 6.11 -26.64
N PRO D 139 40.53 5.48 -25.83
CA PRO D 139 39.12 5.89 -25.81
C PRO D 139 38.82 7.07 -24.91
N PHE D 140 39.78 7.51 -24.09
CA PHE D 140 39.58 8.61 -23.16
C PHE D 140 40.34 9.88 -23.53
N ARG D 141 41.41 9.76 -24.32
CA ARG D 141 42.19 10.90 -24.77
C ARG D 141 42.36 10.97 -26.28
N GLY D 142 41.76 10.04 -27.04
CA GLY D 142 41.93 9.99 -28.46
C GLY D 142 40.82 10.72 -29.19
N PRO D 143 40.83 10.68 -30.52
CA PRO D 143 39.73 11.30 -31.27
C PRO D 143 38.40 10.62 -30.94
N SER D 144 37.36 11.41 -30.92
CA SER D 144 36.01 10.91 -30.62
C SER D 144 35.02 11.94 -31.13
N LYS D 145 33.75 11.77 -30.77
CA LYS D 145 32.72 12.74 -31.11
C LYS D 145 32.94 14.09 -30.44
N ASP D 146 33.65 14.11 -29.32
CA ASP D 146 33.83 15.31 -28.50
C ASP D 146 35.30 15.68 -28.35
N ARG D 147 36.14 15.31 -29.31
CA ARG D 147 37.58 15.52 -29.18
C ARG D 147 38.25 15.32 -30.53
N VAL D 148 39.12 16.24 -30.91
CA VAL D 148 39.88 16.17 -32.15
C VAL D 148 41.32 16.50 -31.84
N LEU D 149 42.24 15.78 -32.47
CA LEU D 149 43.66 16.00 -32.27
C LEU D 149 44.20 16.88 -33.39
N ARG D 150 44.94 17.92 -33.03
CA ARG D 150 45.54 18.85 -33.99
C ARG D 150 47.06 18.76 -33.91
N LEU D 151 47.70 18.60 -35.07
CA LEU D 151 49.15 18.55 -35.18
C LEU D 151 49.61 19.65 -36.12
N ASP D 152 50.67 20.36 -35.74
CA ASP D 152 51.26 21.38 -36.60
C ASP D 152 52.19 20.75 -37.63
N ILE D 153 52.10 21.23 -38.86
CA ILE D 153 52.92 20.73 -39.95
C ILE D 153 53.42 21.91 -40.78
N LYS D 154 54.20 21.61 -41.80
CA LYS D 154 54.83 22.62 -42.61
C LYS D 154 53.78 23.44 -43.37
N SER D 155 54.16 24.66 -43.74
CA SER D 155 53.38 25.56 -44.58
C SER D 155 52.17 26.15 -43.85
N ASP D 156 52.31 26.39 -42.54
CA ASP D 156 51.25 27.02 -41.75
C ASP D 156 49.93 26.25 -41.87
N LEU D 157 49.93 25.04 -41.33
CA LEU D 157 48.83 24.10 -41.49
C LEU D 157 48.50 23.44 -40.16
N ALA D 158 47.26 22.97 -40.07
CA ALA D 158 46.77 22.23 -38.91
C ALA D 158 46.18 20.92 -39.41
N GLU D 159 46.82 19.81 -39.07
CA GLU D 159 46.33 18.48 -39.42
C GLU D 159 45.39 18.03 -38.31
N LEU D 160 44.10 17.97 -38.61
CA LEU D 160 43.10 17.56 -37.64
C LEU D 160 42.78 16.09 -37.82
N ILE D 161 43.08 15.30 -36.81
CA ILE D 161 42.80 13.87 -36.80
C ILE D 161 41.50 13.67 -36.04
N SER D 162 40.48 13.16 -36.73
CA SER D 162 39.16 12.98 -36.14
C SER D 162 38.60 11.64 -36.57
N LYS D 163 37.77 11.07 -35.70
CA LYS D 163 37.03 9.86 -36.06
C LYS D 163 35.89 10.16 -37.00
N TYR D 164 35.25 11.31 -36.85
CA TYR D 164 34.11 11.72 -37.64
C TYR D 164 34.49 12.87 -38.56
N ASN D 165 33.66 13.11 -39.55
CA ASN D 165 33.97 14.11 -40.56
C ASN D 165 33.96 15.50 -39.93
N VAL D 166 35.00 16.29 -40.25
CA VAL D 166 35.15 17.65 -39.74
C VAL D 166 34.61 18.60 -40.81
N ASP D 167 33.63 19.42 -40.42
CA ASP D 167 32.97 20.33 -41.35
C ASP D 167 33.53 21.74 -41.24
N LYS D 168 33.66 22.25 -40.03
CA LYS D 168 34.07 23.62 -39.77
C LYS D 168 35.16 23.62 -38.71
N TYR D 169 36.04 24.60 -38.79
CA TYR D 169 37.17 24.73 -37.88
C TYR D 169 37.21 26.16 -37.37
N LEU D 170 37.02 26.32 -36.07
CA LEU D 170 36.99 27.63 -35.44
C LEU D 170 38.23 27.83 -34.58
N MET D 171 38.73 29.07 -34.56
CA MET D 171 39.94 29.41 -33.86
C MET D 171 39.78 30.77 -33.18
N ARG D 172 40.55 30.98 -32.12
CA ARG D 172 40.76 32.31 -31.56
C ARG D 172 42.21 32.39 -31.13
N TYR D 173 42.96 33.30 -31.74
CA TYR D 173 44.40 33.35 -31.58
C TYR D 173 44.86 34.76 -31.24
N ILE D 174 46.14 34.88 -30.95
CA ILE D 174 46.80 36.17 -30.79
C ILE D 174 47.40 36.54 -32.14
N SER D 175 47.15 37.78 -32.56
CA SER D 175 47.55 38.23 -33.88
C SER D 175 48.89 38.95 -33.85
N GLN D 176 49.54 38.98 -35.00
CA GLN D 176 50.66 39.88 -35.22
C GLN D 176 50.23 41.31 -34.89
N PRO D 177 50.81 41.97 -33.89
CA PRO D 177 50.44 43.36 -33.65
C PRO D 177 50.95 44.27 -34.74
N THR D 178 50.25 45.37 -34.95
CA THR D 178 50.73 46.36 -35.89
C THR D 178 52.01 46.99 -35.33
N PRO D 179 53.05 47.18 -36.14
CA PRO D 179 54.25 47.83 -35.62
C PRO D 179 53.97 49.26 -35.22
N ILE D 180 54.87 49.81 -34.41
CA ILE D 180 54.79 51.20 -33.96
C ILE D 180 55.73 52.00 -34.86
N ILE D 181 55.17 52.61 -35.90
CA ILE D 181 55.92 53.41 -36.86
C ILE D 181 55.52 54.87 -36.67
N LEU D 182 56.49 55.70 -36.30
CA LEU D 182 56.23 57.08 -35.94
C LEU D 182 56.26 58.03 -37.12
N VAL D 183 56.77 57.60 -38.27
CA VAL D 183 56.92 58.47 -39.43
C VAL D 183 56.78 57.63 -40.68
N ASP D 184 56.33 58.27 -41.76
CA ASP D 184 56.28 57.63 -43.06
C ASP D 184 57.72 57.33 -43.49
N LEU D 185 58.11 56.06 -43.45
CA LEU D 185 59.49 55.72 -43.72
C LEU D 185 59.82 55.92 -45.20
N PRO D 186 61.09 56.24 -45.53
CA PRO D 186 61.45 56.39 -46.95
C PRO D 186 61.26 55.11 -47.75
N ASP D 187 61.55 55.18 -49.04
CA ASP D 187 61.42 53.99 -49.88
C ASP D 187 62.43 52.94 -49.45
N GLY D 188 61.99 51.70 -49.42
CA GLY D 188 62.82 50.58 -49.03
C GLY D 188 62.64 50.20 -47.58
N LEU D 189 62.59 51.20 -46.70
CA LEU D 189 62.46 50.92 -45.28
C LEU D 189 61.03 50.54 -44.92
N SER D 190 60.91 49.72 -43.88
CA SER D 190 59.64 49.24 -43.38
C SER D 190 59.91 48.47 -42.10
N ILE D 191 58.88 48.33 -41.28
CA ILE D 191 58.92 47.51 -40.07
C ILE D 191 57.74 46.56 -40.17
N ASN D 192 58.04 45.25 -40.13
CA ASN D 192 57.02 44.20 -40.34
C ASN D 192 56.29 44.40 -41.66
N GLY D 193 57.01 44.83 -42.68
CA GLY D 193 56.43 45.04 -43.99
C GLY D 193 55.59 46.28 -44.14
N VAL D 194 55.59 47.17 -43.15
CA VAL D 194 54.79 48.39 -43.15
C VAL D 194 55.73 49.58 -43.26
N SER D 195 55.44 50.46 -44.21
CA SER D 195 56.25 51.65 -44.46
C SER D 195 55.61 52.93 -43.94
N THR D 196 54.28 52.96 -43.83
CA THR D 196 53.57 54.15 -43.39
C THR D 196 53.46 54.15 -41.86
N GLU D 197 52.86 55.21 -41.33
CA GLU D 197 52.68 55.29 -39.89
C GLU D 197 51.75 54.18 -39.40
N SER D 198 52.09 53.62 -38.24
CA SER D 198 51.30 52.56 -37.63
C SER D 198 51.23 52.82 -36.14
N GLU D 199 50.04 53.06 -35.63
CA GLU D 199 49.85 53.28 -34.21
C GLU D 199 49.68 51.96 -33.47
N CYS D 200 50.08 51.97 -32.21
CA CYS D 200 49.88 50.81 -31.35
C CYS D 200 48.38 50.57 -31.15
N GLU D 201 47.95 49.33 -31.36
CA GLU D 201 46.55 48.96 -31.22
C GLU D 201 46.20 48.49 -29.81
N LEU D 202 47.18 48.18 -28.99
CA LEU D 202 46.93 47.82 -27.59
C LEU D 202 46.36 49.03 -26.86
N ASN D 203 46.04 48.83 -25.58
CA ASN D 203 45.47 49.90 -24.78
C ASN D 203 46.55 50.89 -24.34
N PRO D 204 46.18 52.14 -24.07
CA PRO D 204 47.18 53.09 -23.56
C PRO D 204 47.79 52.73 -22.22
N VAL D 205 47.25 51.75 -21.50
CA VAL D 205 47.81 51.39 -20.20
C VAL D 205 49.23 50.88 -20.38
N VAL D 206 49.45 50.05 -21.39
CA VAL D 206 50.74 49.39 -21.60
C VAL D 206 51.67 50.20 -22.50
N HIS D 207 51.21 51.33 -23.04
CA HIS D 207 52.06 52.13 -23.91
C HIS D 207 53.25 52.68 -23.14
N ARG D 208 53.05 53.06 -21.88
CA ARG D 208 54.15 53.62 -21.12
C ARG D 208 55.16 52.55 -20.74
N ALA D 209 54.70 51.33 -20.44
CA ALA D 209 55.64 50.24 -20.23
C ALA D 209 56.42 49.93 -21.50
N ILE D 210 55.75 50.00 -22.66
CA ILE D 210 56.46 49.79 -23.91
C ILE D 210 57.50 50.88 -24.13
N LEU D 211 57.16 52.11 -23.77
CA LEU D 211 58.12 53.20 -23.88
C LEU D 211 59.33 52.98 -22.98
N GLU D 212 59.10 52.56 -21.75
CA GLU D 212 60.21 52.29 -20.84
C GLU D 212 61.11 51.18 -21.37
N ARG D 213 60.50 50.10 -21.85
CA ARG D 213 61.29 49.00 -22.39
C ARG D 213 62.08 49.42 -23.62
N ALA D 214 61.47 50.26 -24.47
CA ALA D 214 62.16 50.75 -25.65
C ALA D 214 63.35 51.62 -25.28
N VAL D 215 63.17 52.48 -24.27
CA VAL D 215 64.29 53.31 -23.80
C VAL D 215 65.42 52.44 -23.30
N GLN D 216 65.10 51.41 -22.53
CA GLN D 216 66.14 50.52 -22.03
C GLN D 216 66.85 49.80 -23.17
N LEU D 217 66.10 49.38 -24.18
CA LEU D 217 66.72 48.73 -25.33
C LEU D 217 67.62 49.68 -26.09
N ALA D 218 67.23 50.96 -26.17
CA ALA D 218 68.08 51.94 -26.84
C ALA D 218 69.40 52.12 -26.10
N ILE D 219 69.33 52.26 -24.78
CA ILE D 219 70.54 52.39 -23.97
C ILE D 219 71.40 51.15 -24.10
N ILE D 220 70.78 49.96 -24.20
CA ILE D 220 71.58 48.76 -24.42
C ILE D 220 72.27 48.81 -25.78
N SER D 221 71.54 49.24 -26.82
CA SER D 221 72.09 49.25 -28.17
C SER D 221 73.27 50.21 -28.28
N LYS D 222 73.18 51.38 -27.65
CA LYS D 222 74.28 52.34 -27.71
C LYS D 222 75.42 52.02 -26.76
N THR D 223 75.20 51.23 -25.71
CA THR D 223 76.17 51.04 -24.63
C THR D 223 76.38 49.56 -24.34
N GLN D 224 76.60 48.78 -25.39
CA GLN D 224 76.91 47.36 -25.25
C GLN D 224 78.37 47.03 -25.53
N LEU D 225 79.15 47.98 -26.03
CA LEU D 225 80.58 47.80 -26.25
C LEU D 225 81.44 48.68 -25.35
N THR D 226 80.88 49.74 -24.78
CA THR D 226 81.63 50.65 -23.92
C THR D 226 81.82 50.03 -22.53
N MET E 1 83.03 106.60 -32.03
CA MET E 1 83.95 107.62 -32.61
C MET E 1 83.83 107.64 -34.14
N ASN E 2 83.65 108.84 -34.70
CA ASN E 2 83.51 108.97 -36.14
C ASN E 2 84.89 108.88 -36.80
N VAL E 3 84.89 108.97 -38.13
CA VAL E 3 86.12 108.70 -38.89
C VAL E 3 87.19 109.73 -38.58
N ASN E 4 86.81 110.99 -38.40
CA ASN E 4 87.79 112.01 -38.04
C ASN E 4 88.47 111.65 -36.74
N GLU E 5 87.72 111.11 -35.78
CA GLU E 5 88.32 110.72 -34.51
C GLU E 5 89.22 109.50 -34.66
N PHE E 6 88.80 108.52 -35.48
CA PHE E 6 89.71 107.41 -35.81
C PHE E 6 91.04 107.94 -36.31
N SER E 7 91.01 108.86 -37.27
CA SER E 7 92.25 109.33 -37.86
C SER E 7 93.06 110.19 -36.90
N ASN E 8 92.41 111.08 -36.16
CA ASN E 8 93.15 111.94 -35.24
C ASN E 8 93.83 111.12 -34.15
N GLU E 9 93.11 110.18 -33.55
CA GLU E 9 93.75 109.37 -32.51
C GLU E 9 94.70 108.34 -33.09
N PHE E 10 94.52 107.96 -34.36
CA PHE E 10 95.57 107.19 -35.03
C PHE E 10 96.86 107.99 -35.08
N ASP E 11 96.77 109.25 -35.50
CA ASP E 11 97.95 110.10 -35.53
C ASP E 11 98.54 110.27 -34.14
N VAL E 12 97.70 110.44 -33.14
CA VAL E 12 98.18 110.62 -31.78
C VAL E 12 98.95 109.39 -31.32
N LEU E 13 98.38 108.20 -31.57
CA LEU E 13 98.98 106.97 -31.07
C LEU E 13 100.15 106.49 -31.92
N TYR E 14 100.30 107.00 -33.14
CA TYR E 14 101.31 106.49 -34.07
C TYR E 14 102.61 107.28 -34.01
N ASN E 15 102.57 108.59 -34.29
CA ASN E 15 103.78 109.37 -34.48
C ASN E 15 103.80 110.73 -33.80
N ASN E 16 102.70 111.20 -33.22
CA ASN E 16 102.71 112.52 -32.60
C ASN E 16 103.41 112.55 -31.25
N ILE E 17 103.55 111.40 -30.58
CA ILE E 17 104.25 111.34 -29.31
C ILE E 17 105.58 110.63 -29.42
N MET E 18 105.74 109.75 -30.42
CA MET E 18 106.99 109.01 -30.57
C MET E 18 108.16 109.95 -30.73
N SER E 19 109.25 109.62 -30.03
CA SER E 19 110.39 110.51 -29.86
C SER E 19 111.03 110.85 -31.20
N ASN E 20 111.60 109.86 -31.88
CA ASN E 20 112.10 110.06 -33.24
C ASN E 20 110.95 109.76 -34.19
N ALA E 21 110.07 110.75 -34.31
CA ALA E 21 108.78 110.55 -34.96
C ALA E 21 108.95 110.11 -36.41
N ALA E 22 108.07 109.23 -36.84
CA ALA E 22 108.10 108.67 -38.18
C ALA E 22 107.27 109.52 -39.12
N PRO E 23 107.35 109.27 -40.42
CA PRO E 23 106.46 109.98 -41.34
C PRO E 23 105.01 109.69 -41.02
N GLY E 24 104.18 110.72 -41.14
CA GLY E 24 102.76 110.52 -40.98
C GLY E 24 102.19 109.65 -42.09
N LEU E 25 101.15 108.89 -41.76
CA LEU E 25 100.54 107.98 -42.71
C LEU E 25 99.47 108.70 -43.50
N ASN E 26 99.43 108.41 -44.79
CA ASN E 26 98.43 108.95 -45.69
C ASN E 26 97.07 108.35 -45.37
N GLU E 27 96.01 109.02 -45.79
CA GLU E 27 94.67 108.60 -45.39
C GLU E 27 94.27 107.27 -46.02
N TYR E 28 94.75 106.99 -47.23
CA TYR E 28 94.50 105.68 -47.82
C TYR E 28 95.15 104.58 -47.00
N GLU E 29 96.37 104.81 -46.52
CA GLU E 29 97.05 103.81 -45.71
C GLU E 29 96.33 103.60 -44.39
N LYS E 30 95.88 104.69 -43.76
CA LYS E 30 95.13 104.55 -42.51
C LYS E 30 93.82 103.82 -42.72
N SER E 31 93.11 104.11 -43.81
CA SER E 31 91.87 103.39 -44.09
C SER E 31 92.13 101.92 -44.34
N VAL E 32 93.19 101.60 -45.09
CA VAL E 32 93.52 100.21 -45.37
C VAL E 32 93.83 99.46 -44.08
N LEU E 33 94.68 100.05 -43.24
CA LEU E 33 95.04 99.40 -41.99
C LEU E 33 93.87 99.29 -41.04
N LEU E 34 92.98 100.30 -41.03
CA LEU E 34 91.81 100.21 -40.16
C LEU E 34 90.88 99.10 -40.62
N THR E 35 90.66 98.96 -41.93
CA THR E 35 89.82 97.87 -42.42
C THR E 35 90.44 96.51 -42.10
N LYS E 36 91.76 96.40 -42.28
CA LYS E 36 92.44 95.16 -41.94
C LYS E 36 92.31 94.84 -40.46
N ALA E 37 92.50 95.85 -39.60
CA ALA E 37 92.37 95.66 -38.16
C ALA E 37 90.95 95.27 -37.79
N GLN E 38 89.96 95.87 -38.44
CA GLN E 38 88.57 95.52 -38.18
C GLN E 38 88.31 94.05 -38.49
N GLU E 39 88.71 93.59 -39.67
CA GLU E 39 88.49 92.19 -40.02
C GLU E 39 89.26 91.25 -39.10
N GLU E 40 90.51 91.61 -38.77
CA GLU E 40 91.28 90.78 -37.86
C GLU E 40 90.60 90.69 -36.50
N ILE E 41 90.09 91.81 -35.99
CA ILE E 41 89.44 91.81 -34.68
C ILE E 41 88.18 90.95 -34.72
N VAL E 42 87.40 91.07 -35.79
CA VAL E 42 86.18 90.27 -35.90
C VAL E 42 86.51 88.78 -35.89
N LYS E 43 87.51 88.38 -36.67
CA LYS E 43 87.87 86.97 -36.72
C LYS E 43 88.47 86.49 -35.40
N ASN E 44 89.26 87.35 -34.74
CA ASN E 44 89.84 86.99 -33.45
C ASN E 44 88.76 86.78 -32.39
N TYR E 45 87.75 87.64 -32.38
CA TYR E 45 86.75 87.61 -31.33
C TYR E 45 85.65 86.60 -31.59
N PHE E 46 85.42 86.24 -32.86
CA PHE E 46 84.44 85.19 -33.12
C PHE E 46 84.92 83.83 -32.63
N GLU E 47 86.21 83.58 -32.70
CA GLU E 47 86.78 82.29 -32.38
C GLU E 47 87.44 82.33 -31.02
N PRO E 48 87.11 81.45 -30.06
CA PRO E 48 87.76 81.54 -28.74
C PRO E 48 89.27 81.38 -28.78
N ALA E 49 89.80 80.48 -29.60
CA ALA E 49 91.25 80.29 -29.61
C ALA E 49 91.99 81.46 -30.22
N GLY E 50 91.29 82.39 -30.89
CA GLY E 50 91.93 83.52 -31.51
C GLY E 50 92.26 84.68 -30.60
N ASN E 51 91.74 84.69 -29.37
CA ASN E 51 91.99 85.76 -28.42
C ASN E 51 92.50 85.16 -27.12
N LYS E 52 93.10 86.02 -26.29
CA LYS E 52 93.73 85.54 -25.07
C LYS E 52 92.73 85.09 -24.02
N TYR E 53 91.47 85.49 -24.13
CA TYR E 53 90.45 85.06 -23.17
C TYR E 53 89.91 83.68 -23.45
N GLY E 54 90.08 83.14 -24.65
CA GLY E 54 89.44 81.89 -24.96
C GLY E 54 87.95 81.99 -25.11
N LYS E 55 87.44 83.18 -25.41
CA LYS E 55 86.00 83.45 -25.45
C LYS E 55 85.60 83.83 -26.87
N GLY E 56 84.58 83.18 -27.39
CA GLY E 56 84.09 83.36 -28.74
C GLY E 56 82.91 84.30 -28.80
N LEU E 57 81.94 83.95 -29.64
CA LEU E 57 80.89 84.91 -29.99
C LEU E 57 80.03 85.29 -28.79
N ASP E 58 79.57 84.28 -28.02
CA ASP E 58 78.62 84.52 -26.94
C ASP E 58 79.10 83.91 -25.62
N ASP E 59 80.39 83.97 -25.35
CA ASP E 59 80.95 83.41 -24.12
C ASP E 59 81.00 84.41 -22.98
N SER E 60 80.62 85.66 -23.21
CA SER E 60 80.60 86.67 -22.16
C SER E 60 79.75 87.84 -22.65
N PRO E 61 79.32 88.72 -21.74
CA PRO E 61 78.55 89.89 -22.19
C PRO E 61 79.28 90.75 -23.21
N LYS E 62 80.60 90.93 -23.04
CA LYS E 62 81.35 91.76 -23.96
C LYS E 62 81.35 91.17 -25.37
N ARG E 63 81.50 89.85 -25.48
CA ARG E 63 81.52 89.24 -26.81
C ARG E 63 80.15 89.32 -27.48
N GLN E 64 79.07 89.24 -26.70
CA GLN E 64 77.74 89.47 -27.29
C GLN E 64 77.64 90.89 -27.83
N ILE E 65 77.98 91.87 -27.00
CA ILE E 65 77.81 93.25 -27.40
C ILE E 65 78.77 93.63 -28.53
N ASP E 66 79.87 92.90 -28.70
CA ASP E 66 80.81 93.19 -29.79
C ASP E 66 80.16 92.96 -31.15
N PHE E 67 79.58 91.78 -31.36
CA PHE E 67 78.94 91.45 -32.63
C PHE E 67 77.48 91.85 -32.69
N SER E 68 76.93 92.42 -31.61
CA SER E 68 75.51 92.75 -31.59
C SER E 68 75.11 93.65 -32.74
N GLU E 69 75.95 94.60 -33.11
CA GLU E 69 75.67 95.51 -34.22
C GLU E 69 75.98 94.90 -35.58
N LEU E 70 76.57 93.71 -35.63
CA LEU E 70 76.96 93.07 -36.87
C LEU E 70 76.12 91.84 -37.18
N ILE E 71 75.14 91.51 -36.35
CA ILE E 71 74.25 90.38 -36.59
C ILE E 71 73.12 90.83 -37.50
N LYS E 72 72.72 89.94 -38.40
CA LYS E 72 71.63 90.21 -39.33
C LYS E 72 70.83 88.94 -39.52
N VAL E 73 69.54 89.10 -39.84
CA VAL E 73 68.65 87.98 -40.14
C VAL E 73 68.12 88.18 -41.56
N GLY E 74 68.26 87.16 -42.39
CA GLY E 74 67.75 87.19 -43.74
C GLY E 74 67.23 85.84 -44.15
N GLU E 75 66.94 85.66 -45.44
CA GLU E 75 66.39 84.43 -45.94
C GLU E 75 67.19 83.94 -47.13
N GLY E 76 67.21 82.63 -47.30
CA GLY E 76 67.78 82.04 -48.49
C GLY E 76 66.72 81.93 -49.59
N VAL E 77 67.12 82.33 -50.78
CA VAL E 77 66.23 82.33 -51.94
C VAL E 77 66.32 80.97 -52.61
N LEU E 78 65.16 80.38 -52.92
CA LEU E 78 65.14 79.09 -53.58
C LEU E 78 65.82 79.20 -54.94
N ASN E 79 66.74 78.28 -55.21
CA ASN E 79 67.54 78.31 -56.44
C ASN E 79 66.90 77.45 -57.51
N THR E 80 65.66 77.76 -57.89
CA THR E 80 65.04 77.19 -59.07
C THR E 80 65.15 78.10 -60.28
N SER E 81 65.96 79.16 -60.19
CA SER E 81 66.11 80.07 -61.32
C SER E 81 66.69 79.37 -62.52
N ALA E 82 67.68 78.51 -62.31
CA ALA E 82 68.35 77.77 -63.37
C ALA E 82 68.55 76.34 -62.91
N PRO E 83 68.78 75.41 -63.85
CA PRO E 83 69.07 74.03 -63.44
C PRO E 83 70.46 73.92 -62.83
N THR E 84 70.67 72.83 -62.10
CA THR E 84 71.98 72.56 -61.51
C THR E 84 72.05 71.08 -61.16
N ILE E 85 73.24 70.66 -60.74
CA ILE E 85 73.51 69.28 -60.34
C ILE E 85 73.73 69.29 -58.83
N THR E 86 72.82 68.65 -58.11
CA THR E 86 72.94 68.53 -56.65
C THR E 86 73.60 67.20 -56.30
N PHE E 87 74.40 67.20 -55.24
CA PHE E 87 75.04 65.97 -54.81
C PHE E 87 74.02 64.98 -54.27
N ASP E 88 72.95 65.47 -53.64
CA ASP E 88 71.91 64.64 -53.07
C ASP E 88 70.64 64.83 -53.88
N LYS E 89 70.03 63.72 -54.30
CA LYS E 89 68.85 63.82 -55.15
C LYS E 89 67.70 64.52 -54.46
N ARG E 90 67.65 64.47 -53.13
CA ARG E 90 66.51 64.94 -52.36
C ARG E 90 66.84 66.19 -51.55
N ALA E 91 67.64 67.08 -52.14
CA ALA E 91 68.06 68.32 -51.51
C ALA E 91 67.58 69.51 -52.34
N LYS E 92 67.14 70.56 -51.66
CA LYS E 92 66.68 71.78 -52.31
C LYS E 92 67.74 72.86 -52.15
N VAL E 93 68.11 73.48 -53.28
CA VAL E 93 69.22 74.42 -53.33
C VAL E 93 68.69 75.82 -52.99
N TYR E 94 69.41 76.52 -52.11
CA TYR E 94 69.05 77.86 -51.68
C TYR E 94 70.29 78.74 -51.73
N ASP E 95 70.09 80.03 -52.00
CA ASP E 95 71.18 80.99 -52.10
C ASP E 95 71.16 81.91 -50.88
N LEU E 96 72.30 82.00 -50.21
CA LEU E 96 72.42 82.84 -49.03
C LEU E 96 72.61 84.30 -49.42
N PRO E 97 72.39 85.23 -48.50
CA PRO E 97 72.64 86.65 -48.82
C PRO E 97 74.09 86.90 -49.23
N ALA E 98 74.28 87.87 -50.12
CA ALA E 98 75.60 88.17 -50.63
C ALA E 98 76.53 88.69 -49.54
N ASP E 99 76.01 89.51 -48.64
CA ASP E 99 76.82 90.13 -47.60
C ASP E 99 76.95 89.24 -46.36
N LEU E 100 77.28 87.98 -46.56
CA LEU E 100 77.37 87.00 -45.49
C LEU E 100 78.83 86.79 -45.11
N PHE E 101 79.12 86.92 -43.82
CA PHE E 101 80.44 86.68 -43.27
C PHE E 101 80.54 85.36 -42.56
N LEU E 102 79.59 85.05 -41.68
CA LEU E 102 79.59 83.80 -40.93
C LEU E 102 78.16 83.45 -40.57
N VAL E 103 77.79 82.18 -40.72
CA VAL E 103 76.48 81.68 -40.34
C VAL E 103 76.57 81.18 -38.91
N ILE E 104 75.64 81.62 -38.06
CA ILE E 104 75.65 81.21 -36.66
C ILE E 104 74.38 80.45 -36.30
N ASN E 105 73.28 80.74 -36.99
CA ASN E 105 72.02 80.05 -36.74
C ASN E 105 71.23 79.95 -38.03
N GLU E 106 70.71 78.76 -38.29
CA GLU E 106 69.81 78.53 -39.41
C GLU E 106 68.60 77.76 -38.94
N ALA E 107 67.48 77.99 -39.60
CA ALA E 107 66.24 77.27 -39.32
C ALA E 107 65.41 77.26 -40.59
N VAL E 108 64.63 76.21 -40.75
CA VAL E 108 63.76 76.05 -41.91
C VAL E 108 62.35 75.77 -41.41
N ASP E 109 61.38 76.45 -41.98
CA ASP E 109 59.98 76.29 -41.63
C ASP E 109 59.30 75.46 -42.72
N THR E 110 58.91 74.24 -42.36
CA THR E 110 58.27 73.31 -43.28
C THR E 110 56.80 73.16 -42.92
N ASN E 111 56.10 72.29 -43.65
CA ASN E 111 54.72 71.98 -43.29
C ASN E 111 54.63 71.19 -41.99
N ALA E 112 55.72 70.55 -41.57
CA ALA E 112 55.79 69.81 -40.32
C ALA E 112 56.40 70.61 -39.18
N GLY E 113 56.45 71.93 -39.29
CA GLY E 113 56.97 72.78 -38.24
C GLY E 113 58.39 73.22 -38.51
N THR E 114 58.87 74.11 -37.63
CA THR E 114 60.20 74.66 -37.76
C THR E 114 61.24 73.63 -37.34
N LYS E 115 62.40 73.66 -38.01
CA LYS E 115 63.46 72.69 -37.79
C LYS E 115 64.80 73.38 -37.85
N GLN E 116 65.66 73.08 -36.87
CA GLN E 116 66.98 73.68 -36.81
C GLN E 116 67.91 72.97 -37.78
N ILE E 117 68.55 73.73 -38.64
CA ILE E 117 69.47 73.18 -39.63
C ILE E 117 70.81 72.90 -38.95
N VAL E 118 71.29 71.67 -39.10
CA VAL E 118 72.57 71.24 -38.54
C VAL E 118 73.57 71.15 -39.69
N PRO E 119 74.61 71.99 -39.73
CA PRO E 119 75.60 71.84 -40.80
C PRO E 119 76.46 70.61 -40.61
N ILE E 120 76.27 69.60 -41.44
CA ILE E 120 76.93 68.31 -41.29
C ILE E 120 78.21 68.30 -42.12
N SER E 121 79.28 67.76 -41.54
CA SER E 121 80.56 67.67 -42.22
C SER E 121 80.51 66.58 -43.28
N TYR E 122 81.52 66.60 -44.15
CA TYR E 122 81.57 65.61 -45.23
C TYR E 122 81.77 64.20 -44.69
N SER E 123 82.65 64.03 -43.71
CA SER E 123 82.78 62.74 -43.06
C SER E 123 81.52 62.38 -42.29
N ASP E 124 80.93 63.39 -41.65
CA ASP E 124 79.65 63.19 -40.98
C ASP E 124 78.56 62.82 -41.99
N TYR E 125 78.57 63.45 -43.17
CA TYR E 125 77.63 63.09 -44.22
C TYR E 125 77.80 61.64 -44.64
N THR E 126 79.03 61.20 -44.84
CA THR E 126 79.26 59.82 -45.26
C THR E 126 78.80 58.84 -44.20
N ARG E 127 79.10 59.13 -42.93
CA ARG E 127 78.63 58.28 -41.84
C ARG E 127 77.10 58.21 -41.80
N LEU E 128 76.44 59.36 -41.94
CA LEU E 128 74.98 59.36 -41.85
C LEU E 128 74.33 58.67 -43.03
N MET E 129 74.91 58.79 -44.23
CA MET E 129 74.35 58.14 -45.40
C MET E 129 74.72 56.68 -45.51
N SER E 130 75.65 56.18 -44.71
CA SER E 130 75.87 54.74 -44.64
C SER E 130 74.84 54.05 -43.77
N ARG E 131 73.97 54.79 -43.10
CA ARG E 131 72.98 54.21 -42.20
C ARG E 131 71.69 53.91 -42.97
N PRO E 132 70.83 53.05 -42.44
CA PRO E 132 69.59 52.72 -43.18
C PRO E 132 68.61 53.87 -43.32
N TYR E 133 68.53 54.79 -42.35
CA TYR E 133 67.47 55.80 -42.42
C TYR E 133 67.84 56.95 -43.36
N LYS E 134 68.94 57.64 -43.09
CA LYS E 134 69.46 58.72 -43.94
C LYS E 134 68.59 59.98 -43.90
N GLU E 135 68.03 60.33 -42.76
CA GLU E 135 67.28 61.57 -42.62
C GLU E 135 67.50 62.16 -41.24
N PRO E 136 67.27 63.46 -41.07
CA PRO E 136 67.60 64.11 -39.80
C PRO E 136 66.76 63.56 -38.65
N VAL E 137 67.13 63.96 -37.44
CA VAL E 137 66.31 63.71 -36.26
C VAL E 137 65.07 64.59 -36.36
N LYS E 138 64.13 64.38 -35.44
CA LYS E 138 62.78 64.95 -35.54
C LYS E 138 62.81 66.44 -35.86
N TYR E 139 63.36 67.25 -34.95
CA TYR E 139 63.24 68.70 -35.02
C TYR E 139 64.46 69.34 -35.64
N GLN E 140 65.04 68.71 -36.66
CA GLN E 140 66.25 69.21 -37.29
C GLN E 140 66.22 68.94 -38.77
N ALA E 141 67.06 69.68 -39.50
CA ALA E 141 67.30 69.47 -40.92
C ALA E 141 68.80 69.49 -41.15
N TRP E 142 69.21 68.89 -42.26
CA TRP E 142 70.62 68.81 -42.63
C TRP E 142 70.94 69.81 -43.73
N ARG E 143 72.22 70.10 -43.87
CA ARG E 143 72.67 71.16 -44.76
C ARG E 143 74.10 70.86 -45.20
N ILE E 144 74.36 71.10 -46.48
CA ILE E 144 75.72 71.03 -47.02
C ILE E 144 75.86 72.10 -48.08
N ILE E 145 77.03 72.69 -48.16
CA ILE E 145 77.32 73.65 -49.22
C ILE E 145 77.53 72.91 -50.52
N THR E 146 77.01 73.48 -51.60
CA THR E 146 77.05 72.91 -52.93
C THR E 146 77.81 73.88 -53.84
N THR E 147 77.74 73.63 -55.15
CA THR E 147 78.39 74.53 -56.12
C THR E 147 77.91 75.96 -55.93
N SER E 148 78.84 76.86 -55.64
CA SER E 148 78.56 78.26 -55.37
C SER E 148 79.30 79.14 -56.37
N ILE E 149 78.60 80.11 -56.95
CA ILE E 149 79.19 81.13 -57.81
C ILE E 149 78.70 82.50 -57.37
N ASN E 150 79.63 83.36 -56.96
CA ASN E 150 79.34 84.74 -56.57
C ASN E 150 78.54 84.88 -55.28
N ASN E 151 78.12 83.77 -54.68
CA ASN E 151 77.41 83.76 -53.41
C ASN E 151 77.20 82.33 -52.99
N ILE E 152 77.05 82.07 -51.70
CA ILE E 152 77.02 80.70 -51.20
C ILE E 152 75.68 80.06 -51.54
N SER E 153 75.74 78.93 -52.24
CA SER E 153 74.56 78.10 -52.50
C SER E 153 74.59 76.91 -51.56
N VAL E 154 73.42 76.53 -51.07
CA VAL E 154 73.28 75.61 -49.95
C VAL E 154 72.20 74.59 -50.28
N GLU E 155 72.48 73.31 -49.98
CA GLU E 155 71.53 72.23 -50.17
C GLU E 155 70.89 71.88 -48.83
N LEU E 156 69.57 71.99 -48.75
CA LEU E 156 68.81 71.65 -47.55
C LEU E 156 68.18 70.28 -47.72
N ILE E 157 68.51 69.37 -46.81
CA ILE E 157 67.94 68.02 -46.78
C ILE E 157 66.99 67.96 -45.61
N VAL E 158 65.72 67.68 -45.89
CA VAL E 158 64.71 67.51 -44.86
C VAL E 158 64.13 66.10 -44.98
N ASN E 159 63.27 65.75 -44.03
CA ASN E 159 62.69 64.42 -44.03
C ASN E 159 61.74 64.27 -45.22
N SER E 160 61.43 63.03 -45.54
CA SER E 160 60.62 62.72 -46.71
C SER E 160 59.21 63.27 -46.55
N ASN E 161 58.59 63.63 -47.68
CA ASN E 161 57.24 64.16 -47.71
C ASN E 161 57.12 65.46 -46.92
N GLU E 162 58.12 66.33 -47.05
CA GLU E 162 58.13 67.63 -46.41
C GLU E 162 58.54 68.70 -47.41
N THR E 163 57.86 69.84 -47.37
CA THR E 163 58.16 70.98 -48.23
C THR E 163 58.60 72.14 -47.38
N ILE E 164 59.55 72.91 -47.90
CA ILE E 164 60.13 74.05 -47.19
C ILE E 164 59.38 75.31 -47.61
N THR E 165 58.88 76.07 -46.62
CA THR E 165 58.21 77.33 -46.88
C THR E 165 59.15 78.52 -46.88
N ASP E 166 60.04 78.62 -45.89
CA ASP E 166 61.07 79.64 -45.91
C ASP E 166 62.29 79.11 -45.18
N TYR E 167 63.42 79.79 -45.40
CA TYR E 167 64.73 79.35 -44.90
C TYR E 167 65.43 80.59 -44.34
N LYS E 168 65.33 80.77 -43.03
CA LYS E 168 65.91 81.92 -42.37
C LYS E 168 67.35 81.64 -41.96
N VAL E 169 68.19 82.67 -42.04
CA VAL E 169 69.61 82.57 -41.74
C VAL E 169 69.97 83.75 -40.85
N ARG E 170 70.28 83.47 -39.59
CA ARG E 170 70.88 84.46 -38.70
C ARG E 170 72.39 84.38 -38.86
N TYR E 171 72.99 85.41 -39.43
CA TYR E 171 74.40 85.44 -39.77
C TYR E 171 75.05 86.71 -39.26
N ILE E 172 76.35 86.84 -39.52
CA ILE E 172 77.12 88.03 -39.20
C ILE E 172 77.36 88.77 -40.50
N ARG E 173 76.86 90.00 -40.58
CA ARG E 173 77.03 90.81 -41.78
C ARG E 173 78.49 91.11 -42.04
N ARG E 174 78.84 91.21 -43.31
CA ARG E 174 80.20 91.56 -43.67
C ARG E 174 80.47 93.00 -43.24
N PRO E 175 81.51 93.26 -42.43
CA PRO E 175 81.73 94.65 -41.97
C PRO E 175 82.02 95.59 -43.14
N ALA E 176 81.50 96.80 -43.04
CA ALA E 176 81.82 97.81 -44.03
C ALA E 176 83.19 98.42 -43.74
N PRO E 177 83.91 98.89 -44.75
CA PRO E 177 85.25 99.43 -44.49
C PRO E 177 85.17 100.73 -43.72
N ILE E 178 86.29 101.05 -43.07
CA ILE E 178 86.47 102.34 -42.42
C ILE E 178 87.31 103.18 -43.37
N ILE E 179 86.71 104.23 -43.92
CA ILE E 179 87.38 105.14 -44.82
C ILE E 179 87.30 106.54 -44.22
N THR E 180 88.46 107.16 -44.01
CA THR E 180 88.50 108.43 -43.31
C THR E 180 88.01 109.58 -44.17
N THR E 181 88.41 109.61 -45.44
CA THR E 181 88.10 110.72 -46.32
C THR E 181 87.65 110.16 -47.66
N ASN E 182 86.98 111.01 -48.42
CA ASN E 182 86.62 110.66 -49.79
C ASN E 182 87.88 110.32 -50.57
N LEU E 183 87.99 109.07 -51.01
CA LEU E 183 89.18 108.62 -51.72
C LEU E 183 89.16 108.97 -53.19
N SER E 184 88.19 109.74 -53.65
CA SER E 184 88.20 110.19 -55.04
C SER E 184 89.40 111.08 -55.31
N SER E 185 90.04 110.85 -56.46
CA SER E 185 91.20 111.63 -56.87
C SER E 185 91.19 111.79 -58.39
N GLU E 186 91.86 112.84 -58.87
CA GLU E 186 91.99 113.03 -60.30
C GLU E 186 92.97 112.05 -60.92
N TYR E 187 93.93 111.58 -60.13
CA TYR E 187 94.94 110.65 -60.62
C TYR E 187 94.49 109.20 -60.57
N GLY E 188 93.30 108.92 -60.06
CA GLY E 188 92.80 107.56 -59.99
C GLY E 188 92.03 107.32 -58.71
N ASP E 189 90.83 106.76 -58.83
CA ASP E 189 90.01 106.49 -57.66
C ASP E 189 90.44 105.17 -57.03
N VAL E 190 90.92 105.24 -55.78
CA VAL E 190 91.27 104.05 -55.02
C VAL E 190 90.14 103.72 -54.07
N THR E 191 89.92 102.43 -53.86
CA THR E 191 88.83 101.91 -53.06
C THR E 191 89.37 100.90 -52.07
N ILE E 192 88.69 100.78 -50.92
CA ILE E 192 89.07 99.78 -49.92
C ILE E 192 88.34 98.46 -50.17
N ASN E 193 87.02 98.48 -50.27
CA ASN E 193 86.25 97.31 -50.69
C ASN E 193 85.22 97.70 -51.72
N GLY E 194 85.66 98.42 -52.76
CA GLY E 194 84.78 98.85 -53.81
C GLY E 194 84.10 100.18 -53.58
N VAL E 195 84.42 100.88 -52.49
CA VAL E 195 83.78 102.14 -52.15
C VAL E 195 84.85 103.18 -51.85
N SER E 196 84.73 104.35 -52.47
CA SER E 196 85.65 105.46 -52.26
C SER E 196 85.13 106.50 -51.28
N THR E 197 83.82 106.54 -51.04
CA THR E 197 83.26 107.55 -50.16
C THR E 197 83.63 107.27 -48.72
N VAL E 198 83.41 108.28 -47.86
CA VAL E 198 83.64 108.11 -46.43
C VAL E 198 82.72 107.03 -45.90
N SER E 199 83.28 106.15 -45.07
CA SER E 199 82.54 105.04 -44.49
C SER E 199 82.85 104.97 -43.01
N GLU E 200 81.82 105.13 -42.19
CA GLU E 200 81.98 105.02 -40.75
C GLU E 200 82.07 103.56 -40.33
N CYS E 201 82.66 103.32 -39.16
CA CYS E 201 82.69 101.98 -38.59
C CYS E 201 81.29 101.61 -38.12
N GLU E 202 80.71 100.58 -38.73
CA GLU E 202 79.31 100.23 -38.52
C GLU E 202 79.13 99.21 -37.40
N LEU E 203 80.10 99.08 -36.51
CA LEU E 203 80.03 98.17 -35.37
C LEU E 203 79.80 98.99 -34.11
N ASN E 204 79.72 98.30 -32.98
CA ASN E 204 79.46 98.99 -31.73
C ASN E 204 80.65 99.88 -31.38
N PRO E 205 80.43 100.99 -30.66
CA PRO E 205 81.57 101.79 -30.20
C PRO E 205 82.45 101.09 -29.18
N ILE E 206 82.07 99.91 -28.71
CA ILE E 206 82.84 99.24 -27.67
C ILE E 206 84.19 98.77 -28.18
N ILE E 207 84.30 98.43 -29.47
CA ILE E 207 85.52 97.88 -30.04
C ILE E 207 86.24 98.87 -30.95
N HIS E 208 85.80 100.12 -31.01
CA HIS E 208 86.51 101.10 -31.83
C HIS E 208 87.93 101.32 -31.33
N SER E 209 88.11 101.42 -30.03
CA SER E 209 89.46 101.57 -29.47
C SER E 209 90.32 100.36 -29.79
N GLU E 210 89.71 99.17 -29.77
CA GLU E 210 90.45 97.96 -30.09
C GLU E 210 90.90 97.95 -31.54
N ILE E 211 90.01 98.35 -32.44
CA ILE E 211 90.35 98.46 -33.86
C ILE E 211 91.47 99.47 -34.05
N LEU E 212 91.42 100.59 -33.33
CA LEU E 212 92.47 101.59 -33.45
C LEU E 212 93.81 101.04 -32.97
N GLN E 213 93.82 100.35 -31.83
CA GLN E 213 95.07 99.80 -31.32
C GLN E 213 95.65 98.78 -32.28
N ARG E 214 94.80 97.91 -32.84
CA ARG E 214 95.29 96.93 -33.79
C ARG E 214 95.84 97.60 -35.04
N ALA E 215 95.16 98.65 -35.53
CA ALA E 215 95.64 99.36 -36.70
C ALA E 215 97.01 99.99 -36.44
N VAL E 216 97.19 100.57 -35.26
CA VAL E 216 98.48 101.17 -34.93
C VAL E 216 99.57 100.08 -34.87
N GLU E 217 99.25 98.94 -34.27
CA GLU E 217 100.23 97.84 -34.23
C GLU E 217 100.61 97.39 -35.63
N LEU E 218 99.63 97.27 -36.52
CA LEU E 218 99.92 96.88 -37.90
C LEU E 218 100.75 97.94 -38.60
N ALA E 219 100.48 99.22 -38.32
CA ALA E 219 101.26 100.30 -38.92
C ALA E 219 102.72 100.21 -38.48
N LYS E 220 102.94 99.93 -37.19
CA LYS E 220 104.32 99.85 -36.70
C LYS E 220 105.02 98.60 -37.20
N ALA E 221 104.30 97.50 -37.39
CA ALA E 221 104.90 96.32 -38.00
C ALA E 221 105.27 96.59 -39.45
N ALA E 222 104.42 97.32 -40.17
CA ALA E 222 104.77 97.71 -41.53
C ALA E 222 105.99 98.61 -41.54
N TYR E 223 106.06 99.56 -40.61
CA TYR E 223 107.21 100.44 -40.51
C TYR E 223 108.49 99.66 -40.22
N GLN E 224 108.43 98.69 -39.30
CA GLN E 224 109.60 97.89 -39.00
C GLN E 224 110.04 97.11 -40.24
N GLY E 225 109.10 96.38 -40.85
CA GLY E 225 109.24 95.92 -42.21
C GLY E 225 110.11 94.71 -42.43
N ASP E 226 110.63 94.09 -41.38
CA ASP E 226 111.39 92.86 -41.56
C ASP E 226 110.47 91.66 -41.56
N LEU E 227 111.02 90.51 -41.96
CA LEU E 227 110.24 89.29 -42.04
C LEU E 227 109.68 88.90 -40.69
N GLN E 228 110.43 89.18 -39.62
CA GLN E 228 110.04 88.74 -38.29
C GLN E 228 108.67 89.31 -37.91
N ALA E 229 108.57 90.65 -37.85
CA ALA E 229 107.35 91.29 -37.39
C ALA E 229 106.16 90.93 -38.27
N SER E 230 106.38 90.86 -39.58
CA SER E 230 105.31 90.43 -40.48
C SER E 230 104.83 89.03 -40.12
N VAL E 231 105.75 88.12 -39.78
CA VAL E 231 105.34 86.75 -39.49
C VAL E 231 104.57 86.68 -38.18
N GLU E 232 105.09 87.29 -37.09
CA GLU E 232 104.31 87.20 -35.85
C GLU E 232 103.02 88.00 -35.86
N LEU E 233 102.95 89.14 -36.55
CA LEU E 233 101.68 89.85 -36.58
C LEU E 233 100.74 89.31 -37.62
N GLY E 234 101.21 88.45 -38.52
CA GLY E 234 100.32 87.72 -39.40
C GLY E 234 99.69 86.50 -38.76
N GLN E 235 100.14 86.14 -37.56
CA GLN E 235 99.51 85.04 -36.84
C GLN E 235 98.10 85.39 -36.40
N ARG E 236 97.83 86.65 -36.07
CA ARG E 236 96.52 87.04 -35.59
C ARG E 236 95.57 87.42 -36.71
N SER E 237 95.97 87.29 -37.98
CA SER E 237 95.00 87.43 -39.06
C SER E 237 93.97 86.32 -39.00
N GLU E 238 94.43 85.08 -38.92
CA GLU E 238 93.57 83.92 -38.68
C GLU E 238 92.53 83.71 -39.77
N MET F 1 122.29 152.91 -37.22
CA MET F 1 123.28 153.84 -37.85
C MET F 1 122.72 154.46 -39.12
N ASN F 2 122.69 155.79 -39.16
CA ASN F 2 122.34 156.49 -40.37
C ASN F 2 123.39 156.24 -41.46
N VAL F 3 123.02 156.52 -42.70
CA VAL F 3 123.94 156.27 -43.81
C VAL F 3 125.16 157.14 -43.68
N ASN F 4 125.01 158.35 -43.15
CA ASN F 4 126.16 159.20 -42.88
C ASN F 4 127.11 158.54 -41.88
N GLU F 5 126.54 157.89 -40.86
CA GLU F 5 127.35 157.16 -39.91
C GLU F 5 128.04 155.98 -40.57
N PHE F 6 127.34 155.27 -41.45
CA PHE F 6 127.97 154.18 -42.20
C PHE F 6 129.17 154.68 -42.98
N SER F 7 128.99 155.76 -43.74
CA SER F 7 130.07 156.30 -44.56
C SER F 7 131.22 156.79 -43.69
N ASN F 8 130.92 157.44 -42.58
CA ASN F 8 131.97 158.02 -41.74
C ASN F 8 132.77 156.93 -41.04
N GLU F 9 132.09 155.92 -40.50
CA GLU F 9 132.80 154.86 -39.79
C GLU F 9 133.37 153.80 -40.72
N PHE F 10 132.97 153.80 -41.99
CA PHE F 10 133.73 153.05 -42.98
C PHE F 10 135.14 153.61 -43.10
N ASP F 11 135.25 154.94 -43.10
CA ASP F 11 136.56 155.58 -43.19
C ASP F 11 137.42 155.24 -41.97
N VAL F 12 136.81 155.20 -40.79
CA VAL F 12 137.56 154.84 -39.59
C VAL F 12 138.14 153.45 -39.72
N LEU F 13 137.36 152.47 -40.17
CA LEU F 13 137.84 151.08 -40.25
C LEU F 13 138.74 150.89 -41.47
N TYR F 14 138.28 151.23 -42.68
CA TYR F 14 139.05 151.07 -43.95
C TYR F 14 140.26 152.00 -44.06
N ASN F 15 140.20 153.28 -43.70
CA ASN F 15 141.31 154.24 -43.95
C ASN F 15 142.26 154.28 -42.75
N ASN F 16 142.55 153.16 -42.13
CA ASN F 16 143.52 153.06 -41.00
C ASN F 16 143.18 154.11 -39.95
N ILE F 17 142.02 153.98 -39.29
CA ILE F 17 141.55 154.93 -38.24
C ILE F 17 141.50 156.33 -38.84
N MET F 18 140.96 156.48 -40.06
CA MET F 18 140.86 157.77 -40.79
C MET F 18 142.22 158.46 -40.85
N LEU F 25 137.64 156.05 -50.60
CA LEU F 25 136.78 155.47 -51.63
C LEU F 25 135.61 156.38 -51.96
N ASN F 26 135.11 156.22 -53.18
CA ASN F 26 133.92 156.93 -53.60
C ASN F 26 132.72 156.44 -52.83
N GLU F 27 131.73 157.32 -52.65
CA GLU F 27 130.51 156.93 -51.98
C GLU F 27 129.73 155.90 -52.78
N TYR F 28 129.86 155.91 -54.11
CA TYR F 28 129.26 154.85 -54.91
C TYR F 28 129.93 153.52 -54.60
N GLU F 29 131.26 153.50 -54.55
CA GLU F 29 131.98 152.28 -54.22
C GLU F 29 131.66 151.81 -52.80
N LYS F 30 131.57 152.75 -51.86
CA LYS F 30 131.17 152.39 -50.51
C LYS F 30 129.74 151.86 -50.48
N SER F 31 128.84 152.51 -51.23
CA SER F 31 127.47 152.03 -51.30
C SER F 31 127.39 150.64 -51.92
N VAL F 32 128.18 150.40 -52.96
CA VAL F 32 128.19 149.09 -53.62
C VAL F 32 128.62 148.01 -52.64
N LEU F 33 129.69 148.28 -51.89
CA LEU F 33 130.21 147.28 -50.97
C LEU F 33 129.26 147.05 -49.80
N LEU F 34 128.67 148.13 -49.28
CA LEU F 34 127.74 147.98 -48.16
C LEU F 34 126.51 147.19 -48.58
N THR F 35 126.00 147.45 -49.78
CA THR F 35 124.87 146.66 -50.29
C THR F 35 125.27 145.20 -50.49
N LYS F 36 126.47 144.96 -51.03
CA LYS F 36 126.95 143.60 -51.18
C LYS F 36 127.15 142.94 -49.81
N ALA F 37 127.66 143.70 -48.85
CA ALA F 37 127.94 143.13 -47.53
C ALA F 37 126.68 142.66 -46.83
N GLN F 38 125.60 143.44 -46.90
CA GLN F 38 124.38 143.04 -46.22
C GLN F 38 123.76 141.82 -46.87
N GLU F 39 123.86 141.72 -48.19
CA GLU F 39 123.33 140.57 -48.88
C GLU F 39 124.10 139.31 -48.52
N GLU F 40 125.43 139.43 -48.39
CA GLU F 40 126.22 138.31 -47.87
C GLU F 40 125.81 137.96 -46.44
N ILE F 41 125.66 138.97 -45.58
CA ILE F 41 125.41 138.73 -44.16
C ILE F 41 124.06 138.06 -43.97
N VAL F 42 123.06 138.45 -44.78
CA VAL F 42 121.74 137.84 -44.67
C VAL F 42 121.80 136.37 -45.05
N LYS F 43 122.51 136.05 -46.13
CA LYS F 43 122.64 134.65 -46.52
C LYS F 43 123.44 133.86 -45.50
N ASN F 44 124.57 134.40 -45.02
CA ASN F 44 125.41 133.64 -44.10
C ASN F 44 124.70 133.35 -42.79
N TYR F 45 123.97 134.33 -42.26
CA TYR F 45 123.26 134.13 -41.00
C TYR F 45 121.93 133.42 -41.18
N PHE F 46 121.47 133.24 -42.41
CA PHE F 46 120.29 132.40 -42.65
C PHE F 46 120.68 130.92 -42.62
N GLU F 47 121.63 130.54 -43.46
CA GLU F 47 122.10 129.17 -43.48
C GLU F 47 122.90 128.89 -42.21
N PRO F 48 122.56 127.86 -41.43
CA PRO F 48 123.38 127.58 -40.24
C PRO F 48 124.83 127.29 -40.55
N ALA F 49 125.12 126.64 -41.67
CA ALA F 49 126.49 126.28 -42.01
C ALA F 49 127.29 127.45 -42.57
N GLY F 50 126.66 128.59 -42.84
CA GLY F 50 127.35 129.70 -43.45
C GLY F 50 128.12 130.59 -42.49
N ASN F 51 127.74 130.57 -41.21
CA ASN F 51 128.32 131.42 -40.19
C ASN F 51 129.21 130.60 -39.26
N LYS F 52 129.76 131.26 -38.24
CA LYS F 52 130.74 130.62 -37.36
C LYS F 52 130.12 129.94 -36.16
N TYR F 53 128.85 130.20 -35.85
CA TYR F 53 128.20 129.60 -34.70
C TYR F 53 127.40 128.35 -35.05
N GLY F 54 127.18 128.07 -36.33
CA GLY F 54 126.34 126.96 -36.70
C GLY F 54 124.88 127.18 -36.39
N LYS F 55 124.40 128.41 -36.50
CA LYS F 55 123.04 128.77 -36.14
C LYS F 55 122.38 129.56 -37.26
N GLY F 56 121.15 129.21 -37.57
CA GLY F 56 120.42 129.74 -38.70
C GLY F 56 119.43 130.82 -38.29
N LEU F 57 118.25 130.78 -38.89
CA LEU F 57 117.29 131.87 -38.72
C LEU F 57 116.76 131.95 -37.29
N ASP F 58 116.29 130.84 -36.74
CA ASP F 58 115.56 130.82 -35.47
C ASP F 58 116.30 130.03 -34.41
N ASP F 59 117.62 129.91 -34.53
CA ASP F 59 118.38 129.03 -33.66
C ASP F 59 118.87 129.71 -32.39
N SER F 60 118.65 131.00 -32.22
CA SER F 60 119.08 131.71 -31.02
C SER F 60 118.33 133.04 -30.95
N PRO F 61 118.31 133.69 -29.79
CA PRO F 61 117.69 135.02 -29.72
C PRO F 61 118.33 136.03 -30.65
N LYS F 62 119.65 135.98 -30.84
CA LYS F 62 120.31 136.95 -31.70
C LYS F 62 119.85 136.80 -33.15
N ARG F 63 119.74 135.56 -33.64
CA ARG F 63 119.33 135.35 -35.02
C ARG F 63 117.90 135.79 -35.25
N GLN F 64 117.05 135.71 -34.23
CA GLN F 64 115.67 136.14 -34.38
C GLN F 64 115.56 137.64 -34.55
N ILE F 65 116.35 138.40 -33.79
CA ILE F 65 116.35 139.85 -33.94
C ILE F 65 117.10 140.28 -35.19
N ASP F 66 118.00 139.44 -35.72
CA ASP F 66 118.71 139.77 -36.94
C ASP F 66 117.74 139.92 -38.11
N PHE F 67 116.90 138.92 -38.33
CA PHE F 67 115.95 138.92 -39.43
C PHE F 67 114.59 139.50 -39.06
N SER F 68 114.49 140.18 -37.92
CA SER F 68 113.19 140.59 -37.40
C SER F 68 112.50 141.60 -38.33
N GLU F 69 113.24 142.56 -38.87
CA GLU F 69 112.65 143.60 -39.69
C GLU F 69 112.59 143.23 -41.16
N LEU F 70 113.10 142.06 -41.55
CA LEU F 70 112.90 141.54 -42.90
C LEU F 70 111.69 140.63 -43.02
N ILE F 71 111.26 140.00 -41.93
CA ILE F 71 110.14 139.08 -42.01
C ILE F 71 108.89 139.84 -42.38
N LYS F 72 108.22 139.38 -43.43
CA LYS F 72 106.98 139.97 -43.92
C LYS F 72 106.00 138.87 -44.26
N VAL F 73 104.72 139.17 -44.12
CA VAL F 73 103.64 138.22 -44.39
C VAL F 73 102.79 138.79 -45.51
N GLY F 74 102.64 138.01 -46.59
CA GLY F 74 101.87 138.45 -47.73
C GLY F 74 101.07 137.29 -48.29
N GLU F 75 100.09 137.64 -49.11
CA GLU F 75 99.20 136.67 -49.74
C GLU F 75 99.64 136.43 -51.18
N GLY F 76 99.53 135.18 -51.62
CA GLY F 76 99.71 134.89 -53.03
C GLY F 76 98.44 135.14 -53.81
N VAL F 77 98.61 135.60 -55.04
CA VAL F 77 97.51 135.97 -55.92
C VAL F 77 97.37 134.93 -57.01
N LEU F 78 96.14 134.48 -57.24
CA LEU F 78 95.90 133.46 -58.26
C LEU F 78 96.37 133.93 -59.62
N ASN F 79 97.09 133.07 -60.32
CA ASN F 79 97.60 133.37 -61.66
C ASN F 79 96.63 132.93 -62.74
N THR F 80 95.38 133.36 -62.62
CA THR F 80 94.37 133.01 -63.62
C THR F 80 94.45 133.87 -64.87
N SER F 81 95.22 134.95 -64.85
CA SER F 81 95.34 135.79 -66.04
C SER F 81 96.01 135.05 -67.18
N ALA F 82 97.10 134.35 -66.90
CA ALA F 82 97.85 133.64 -67.93
C ALA F 82 97.43 132.18 -67.94
N PRO F 83 96.88 131.63 -69.05
CA PRO F 83 96.49 130.21 -69.03
C PRO F 83 97.65 129.29 -69.40
N THR F 84 98.61 129.16 -68.48
CA THR F 84 99.81 128.35 -68.71
C THR F 84 99.48 126.88 -68.49
N ILE F 85 100.51 126.04 -68.50
CA ILE F 85 100.38 124.60 -68.36
C ILE F 85 101.11 124.16 -67.10
N THR F 86 100.41 123.40 -66.25
CA THR F 86 100.95 122.93 -64.98
C THR F 86 101.39 121.48 -65.11
N PHE F 87 102.39 121.11 -64.31
CA PHE F 87 102.87 119.73 -64.31
C PHE F 87 101.92 118.77 -63.62
N ASP F 88 101.06 119.27 -62.73
CA ASP F 88 100.10 118.46 -61.99
C ASP F 88 98.68 118.82 -62.41
N LYS F 89 97.80 117.81 -62.43
CA LYS F 89 96.44 118.04 -62.87
C LYS F 89 95.69 119.00 -61.96
N ARG F 90 95.86 118.85 -60.65
CA ARG F 90 95.11 119.61 -59.65
C ARG F 90 95.92 120.75 -59.05
N ALA F 91 96.76 121.38 -59.86
CA ALA F 91 97.64 122.45 -59.43
C ALA F 91 97.02 123.81 -59.75
N LYS F 92 96.96 124.68 -58.76
CA LYS F 92 96.50 126.05 -58.94
C LYS F 92 97.71 126.97 -58.89
N VAL F 93 97.97 127.69 -59.97
CA VAL F 93 99.16 128.53 -60.05
C VAL F 93 98.91 129.83 -59.29
N TYR F 94 99.87 130.19 -58.44
CA TYR F 94 99.79 131.38 -57.62
C TYR F 94 101.09 132.17 -57.76
N ASP F 95 100.98 133.48 -57.89
CA ASP F 95 102.14 134.37 -57.90
C ASP F 95 102.47 134.80 -56.48
N LEU F 96 103.75 134.81 -56.18
CA LEU F 96 104.27 135.22 -54.89
C LEU F 96 104.62 136.70 -54.91
N PRO F 97 104.86 137.31 -53.75
CA PRO F 97 105.22 138.74 -53.73
C PRO F 97 106.51 139.00 -54.49
N ALA F 98 106.58 140.19 -55.09
CA ALA F 98 107.73 140.55 -55.92
C ALA F 98 108.99 140.70 -55.07
N ASP F 99 108.88 141.27 -53.88
CA ASP F 99 110.03 141.53 -53.03
C ASP F 99 110.37 140.34 -52.14
N LEU F 100 110.47 139.16 -52.74
CA LEU F 100 110.64 137.91 -52.01
C LEU F 100 112.08 137.43 -52.11
N PHE F 101 112.65 137.09 -50.95
CA PHE F 101 114.02 136.62 -50.85
C PHE F 101 114.07 135.15 -50.44
N LEU F 102 113.45 134.79 -49.32
CA LEU F 102 113.45 133.42 -48.83
C LEU F 102 112.11 133.17 -48.14
N VAL F 103 111.47 132.06 -48.49
CA VAL F 103 110.21 131.66 -47.86
C VAL F 103 110.53 130.81 -46.64
N ILE F 104 109.78 131.03 -45.56
CA ILE F 104 109.98 130.28 -44.33
C ILE F 104 108.71 129.62 -43.80
N ASN F 105 107.52 130.10 -44.15
CA ASN F 105 106.29 129.42 -43.77
C ASN F 105 105.26 129.70 -44.86
N GLU F 106 104.54 128.67 -45.26
CA GLU F 106 103.42 128.78 -46.20
C GLU F 106 102.25 127.99 -45.67
N ALA F 107 101.06 128.59 -45.76
CA ALA F 107 99.83 127.94 -45.36
C ALA F 107 98.74 128.28 -46.39
N VAL F 108 97.82 127.36 -46.56
CA VAL F 108 96.72 127.50 -47.52
C VAL F 108 95.42 127.26 -46.76
N ASP F 109 94.45 128.16 -46.96
CA ASP F 109 93.15 128.08 -46.30
C ASP F 109 92.16 127.49 -47.30
N THR F 110 91.77 126.25 -47.08
CA THR F 110 90.82 125.55 -47.93
C THR F 110 89.44 125.54 -47.28
N ASN F 111 88.47 124.94 -47.97
CA ASN F 111 87.17 124.71 -47.34
C ASN F 111 87.28 123.70 -46.22
N ALA F 112 88.17 122.71 -46.35
CA ALA F 112 88.33 121.70 -45.31
C ALA F 112 89.08 122.25 -44.11
N GLY F 113 89.97 123.21 -44.31
CA GLY F 113 90.67 123.85 -43.22
C GLY F 113 92.04 124.32 -43.65
N THR F 114 92.70 125.05 -42.76
CA THR F 114 94.05 125.50 -43.03
C THR F 114 94.98 124.30 -43.11
N LYS F 115 95.90 124.33 -44.06
CA LYS F 115 96.81 123.22 -44.32
C LYS F 115 98.20 123.78 -44.54
N GLN F 116 99.19 123.25 -43.81
CA GLN F 116 100.54 123.74 -43.94
C GLN F 116 101.18 123.22 -45.22
N ILE F 117 101.70 124.13 -46.03
CA ILE F 117 102.31 123.75 -47.30
C ILE F 117 103.72 123.23 -47.05
N VAL F 118 104.01 122.07 -47.64
CA VAL F 118 105.32 121.45 -47.57
C VAL F 118 106.02 121.71 -48.91
N PRO F 119 107.14 122.44 -48.95
CA PRO F 119 107.84 122.59 -50.23
C PRO F 119 108.50 121.28 -50.63
N ILE F 120 107.93 120.59 -51.60
CA ILE F 120 108.26 119.20 -51.87
C ILE F 120 109.33 119.16 -52.96
N SER F 121 110.39 118.39 -52.74
CA SER F 121 111.49 118.32 -53.68
C SER F 121 111.10 117.50 -54.91
N TYR F 122 111.87 117.68 -55.98
CA TYR F 122 111.61 116.95 -57.21
C TYR F 122 111.78 115.45 -57.04
N SER F 123 112.63 115.01 -56.12
CA SER F 123 112.78 113.58 -55.85
C SER F 123 111.57 113.04 -55.08
N ASP F 124 111.13 113.77 -54.06
CA ASP F 124 110.02 113.31 -53.24
C ASP F 124 108.72 113.28 -54.02
N TYR F 125 108.54 114.20 -54.98
CA TYR F 125 107.34 114.19 -55.80
C TYR F 125 107.23 112.88 -56.58
N THR F 126 108.31 112.49 -57.27
CA THR F 126 108.29 111.24 -58.02
C THR F 126 108.08 110.05 -57.11
N ARG F 127 108.60 110.12 -55.88
CA ARG F 127 108.40 109.03 -54.93
C ARG F 127 106.94 108.96 -54.47
N LEU F 128 106.37 110.10 -54.08
CA LEU F 128 105.02 110.10 -53.52
C LEU F 128 103.94 109.95 -54.58
N MET F 129 104.26 110.21 -55.84
CA MET F 129 103.32 110.08 -56.95
C MET F 129 103.42 108.73 -57.65
N SER F 130 104.23 107.82 -57.13
CA SER F 130 104.31 106.46 -57.63
C SER F 130 103.53 105.48 -56.78
N ARG F 131 102.71 105.98 -55.87
CA ARG F 131 101.95 105.18 -54.91
C ARG F 131 100.47 105.19 -55.26
N PRO F 132 99.66 104.35 -54.59
CA PRO F 132 98.23 104.30 -54.93
C PRO F 132 97.49 105.62 -54.80
N TYR F 133 97.55 106.29 -53.65
CA TYR F 133 96.61 107.38 -53.40
C TYR F 133 97.07 108.69 -54.03
N LYS F 134 98.30 109.12 -53.78
CA LYS F 134 98.88 110.31 -54.39
C LYS F 134 98.21 111.60 -53.91
N GLU F 135 97.98 111.71 -52.61
CA GLU F 135 97.53 112.95 -52.00
C GLU F 135 98.36 113.22 -50.76
N PRO F 136 98.45 114.47 -50.31
CA PRO F 136 99.18 114.76 -49.08
C PRO F 136 98.49 114.15 -47.87
N VAL F 137 99.13 114.34 -46.71
CA VAL F 137 98.52 113.95 -45.44
C VAL F 137 97.44 114.99 -45.13
N LYS F 138 96.53 114.66 -44.22
CA LYS F 138 95.27 115.39 -44.10
C LYS F 138 95.43 116.84 -43.64
N TYR F 139 96.59 117.25 -43.14
CA TYR F 139 96.82 118.63 -42.74
C TYR F 139 97.99 119.26 -43.46
N GLN F 140 98.20 118.91 -44.73
CA GLN F 140 99.34 119.45 -45.45
C GLN F 140 98.98 119.58 -46.92
N ALA F 141 99.73 120.43 -47.60
CA ALA F 141 99.62 120.63 -49.04
C ALA F 141 101.02 120.66 -49.61
N TRP F 142 101.13 120.33 -50.88
CA TRP F 142 102.40 120.33 -51.58
C TRP F 142 102.53 121.61 -52.41
N ARG F 143 103.76 121.91 -52.79
CA ARG F 143 104.06 123.12 -53.55
C ARG F 143 105.30 122.86 -54.39
N ILE F 144 105.20 123.13 -55.68
CA ILE F 144 106.34 123.06 -56.59
C ILE F 144 106.31 124.27 -57.51
N ILE F 145 107.49 124.84 -57.75
CA ILE F 145 107.62 126.02 -58.59
C ILE F 145 107.39 125.61 -60.04
N THR F 146 106.77 126.51 -60.81
CA THR F 146 106.42 126.23 -62.19
C THR F 146 106.94 127.33 -63.11
N THR F 147 106.49 127.33 -64.37
CA THR F 147 106.92 128.32 -65.34
C THR F 147 106.69 129.73 -64.82
N SER F 148 107.78 130.46 -64.60
CA SER F 148 107.76 131.77 -63.96
C SER F 148 108.35 132.80 -64.90
N ILE F 149 107.66 133.93 -65.05
CA ILE F 149 108.13 135.05 -65.86
C ILE F 149 108.25 136.28 -64.95
N ASN F 150 109.48 136.79 -64.82
CA ASN F 150 109.84 137.96 -64.03
C ASN F 150 109.15 138.00 -62.67
N ASN F 151 108.89 136.83 -62.08
CA ASN F 151 108.16 136.74 -60.83
C ASN F 151 108.36 135.31 -60.33
N ILE F 152 107.70 134.93 -59.24
CA ILE F 152 107.74 133.57 -58.72
C ILE F 152 106.32 133.02 -58.79
N SER F 153 106.16 131.89 -59.49
CA SER F 153 104.88 131.20 -59.60
C SER F 153 105.01 129.82 -58.98
N VAL F 154 104.00 129.43 -58.20
CA VAL F 154 104.02 128.18 -57.45
C VAL F 154 102.72 127.43 -57.70
N GLU F 155 102.83 126.14 -57.99
CA GLU F 155 101.69 125.24 -58.09
C GLU F 155 101.33 124.73 -56.70
N LEU F 156 100.11 124.99 -56.26
CA LEU F 156 99.62 124.50 -54.98
C LEU F 156 98.84 123.21 -55.24
N ILE F 157 99.51 122.08 -54.98
CA ILE F 157 98.88 120.76 -55.17
C ILE F 157 98.25 120.40 -53.84
N VAL F 158 97.01 120.84 -53.65
CA VAL F 158 96.22 120.47 -52.50
C VAL F 158 95.40 119.24 -52.87
N ASN F 159 94.91 118.54 -51.85
CA ASN F 159 94.07 117.37 -52.07
C ASN F 159 92.90 117.69 -52.99
N SER F 160 92.57 116.74 -53.85
CA SER F 160 91.36 116.85 -54.64
C SER F 160 90.15 116.95 -53.72
N ASN F 161 89.01 117.32 -54.30
CA ASN F 161 87.78 117.53 -53.56
C ASN F 161 87.89 118.70 -52.59
N GLU F 162 88.87 119.58 -52.79
CA GLU F 162 89.05 120.76 -51.96
C GLU F 162 89.40 121.95 -52.83
N THR F 163 88.97 123.13 -52.39
CA THR F 163 89.21 124.39 -53.09
C THR F 163 90.06 125.29 -52.22
N ILE F 164 90.98 126.02 -52.86
CA ILE F 164 91.85 126.95 -52.15
C ILE F 164 91.18 128.31 -52.11
N THR F 165 90.99 128.84 -50.90
CA THR F 165 90.41 130.17 -50.71
C THR F 165 91.44 131.22 -50.34
N ASP F 166 92.59 130.83 -49.80
CA ASP F 166 93.61 131.77 -49.37
C ASP F 166 94.96 131.09 -49.47
N TYR F 167 96.02 131.90 -49.53
CA TYR F 167 97.37 131.36 -49.58
C TYR F 167 98.29 132.41 -48.95
N LYS F 168 98.65 132.20 -47.69
CA LYS F 168 99.51 133.13 -46.96
C LYS F 168 100.95 132.67 -47.03
N VAL F 169 101.85 133.62 -47.21
CA VAL F 169 103.28 133.37 -47.31
C VAL F 169 103.98 134.25 -46.28
N ARG F 170 104.76 133.63 -45.41
CA ARG F 170 105.65 134.35 -44.50
C ARG F 170 107.07 134.15 -44.99
N TYR F 171 107.75 135.25 -45.30
CA TYR F 171 109.01 135.20 -46.03
C TYR F 171 109.92 136.32 -45.55
N ILE F 172 111.18 136.25 -45.98
CA ILE F 172 112.15 137.31 -45.76
C ILE F 172 112.07 138.28 -46.93
N ARG F 173 111.81 139.55 -46.62
CA ARG F 173 111.76 140.57 -47.65
C ARG F 173 113.16 140.86 -48.19
N ARG F 174 113.21 141.24 -49.45
CA ARG F 174 114.49 141.60 -50.07
C ARG F 174 115.01 142.88 -49.43
N PRO F 175 116.24 142.93 -48.90
CA PRO F 175 116.73 144.16 -48.31
C PRO F 175 116.86 145.28 -49.34
N ALA F 176 116.67 146.50 -48.88
CA ALA F 176 116.89 147.66 -49.72
C ALA F 176 118.38 148.03 -49.73
N PRO F 177 118.85 148.70 -50.78
CA PRO F 177 120.27 149.05 -50.82
C PRO F 177 120.64 150.05 -49.74
N ILE F 178 121.93 150.04 -49.39
CA ILE F 178 122.52 151.03 -48.51
C ILE F 178 123.27 152.02 -49.40
N ILE F 179 122.81 153.26 -49.41
CA ILE F 179 123.41 154.32 -50.21
C ILE F 179 123.70 155.50 -49.30
N THR F 180 124.91 156.05 -49.41
CA THR F 180 125.38 157.08 -48.49
C THR F 180 125.30 158.48 -49.08
N THR F 181 124.82 158.63 -50.31
CA THR F 181 124.68 159.94 -50.92
C THR F 181 123.85 159.81 -52.18
N ASN F 182 123.35 160.94 -52.67
CA ASN F 182 122.61 160.98 -53.93
C ASN F 182 123.59 160.67 -55.05
N LEU F 183 123.47 159.48 -55.64
CA LEU F 183 124.46 159.05 -56.62
C LEU F 183 124.41 159.90 -57.88
N SER F 184 123.24 160.44 -58.23
CA SER F 184 123.11 161.23 -59.45
C SER F 184 123.83 162.57 -59.37
N SER F 185 124.20 163.01 -58.17
CA SER F 185 124.83 164.32 -58.03
C SER F 185 126.20 164.36 -58.70
N GLU F 186 127.03 163.34 -58.46
CA GLU F 186 128.37 163.26 -59.04
C GLU F 186 128.54 162.13 -60.03
N TYR F 187 127.76 161.06 -59.92
CA TYR F 187 127.89 159.89 -60.79
C TYR F 187 126.68 159.83 -61.71
N GLY F 188 126.94 159.77 -63.01
CA GLY F 188 125.93 160.06 -64.01
C GLY F 188 124.61 159.33 -63.84
N ASP F 189 124.61 158.02 -64.05
CA ASP F 189 123.38 157.24 -63.99
C ASP F 189 123.62 155.89 -63.32
N VAL F 190 124.48 155.87 -62.32
CA VAL F 190 124.78 154.64 -61.61
C VAL F 190 123.68 154.37 -60.58
N THR F 191 123.21 153.13 -60.54
CA THR F 191 122.23 152.68 -59.57
C THR F 191 122.76 151.43 -58.88
N ILE F 192 122.32 151.21 -57.64
CA ILE F 192 122.74 150.05 -56.88
C ILE F 192 121.79 148.87 -57.09
N ASN F 193 120.50 149.07 -56.90
CA ASN F 193 119.48 148.09 -57.27
C ASN F 193 118.29 148.80 -57.91
N GLY F 194 118.56 149.83 -58.70
CA GLY F 194 117.52 150.62 -59.33
C GLY F 194 117.15 151.88 -58.59
N VAL F 195 117.87 152.25 -57.55
CA VAL F 195 117.61 153.46 -56.77
C VAL F 195 118.89 154.30 -56.77
N SER F 196 118.75 155.58 -57.11
CA SER F 196 119.88 156.49 -57.22
C SER F 196 120.02 157.42 -56.02
N THR F 197 119.05 157.43 -55.10
CA THR F 197 119.01 158.39 -54.02
C THR F 197 119.43 157.74 -52.71
N VAL F 198 119.45 158.54 -51.65
CA VAL F 198 119.92 158.05 -50.35
C VAL F 198 118.96 156.97 -49.86
N SER F 199 119.52 155.83 -49.45
CA SER F 199 118.76 154.68 -48.99
C SER F 199 119.33 154.23 -47.65
N GLU F 200 118.47 154.19 -46.63
CA GLU F 200 118.88 153.75 -45.31
C GLU F 200 118.83 152.23 -45.22
N CYS F 201 119.42 151.71 -44.15
CA CYS F 201 119.38 150.28 -43.89
C CYS F 201 118.05 149.92 -43.25
N GLU F 202 117.34 148.98 -43.87
CA GLU F 202 116.00 148.59 -43.43
C GLU F 202 116.03 147.44 -42.43
N LEU F 203 117.17 147.23 -41.78
CA LEU F 203 117.41 146.07 -40.94
C LEU F 203 117.59 146.53 -39.50
N ASN F 204 117.57 145.58 -38.58
CA ASN F 204 117.68 145.91 -37.17
C ASN F 204 119.08 146.48 -36.89
N PRO F 205 119.21 147.44 -35.98
CA PRO F 205 120.56 147.97 -35.67
C PRO F 205 121.53 146.95 -35.11
N ILE F 206 121.07 145.77 -34.71
CA ILE F 206 121.97 144.79 -34.10
C ILE F 206 123.01 144.32 -35.09
N ILE F 207 122.64 144.20 -36.37
CA ILE F 207 123.51 143.64 -37.39
C ILE F 207 124.18 144.71 -38.25
N HIS F 208 124.08 145.98 -37.85
CA HIS F 208 124.74 147.03 -38.62
C HIS F 208 126.26 146.93 -38.51
N SER F 209 126.77 146.59 -37.33
CA SER F 209 128.22 146.46 -37.16
C SER F 209 128.79 145.35 -38.03
N GLU F 210 128.12 144.20 -38.10
CA GLU F 210 128.62 143.11 -38.92
C GLU F 210 128.54 143.46 -40.40
N ILE F 211 127.52 144.22 -40.80
CA ILE F 211 127.48 144.69 -42.18
C ILE F 211 128.64 145.64 -42.46
N LEU F 212 128.93 146.55 -41.53
CA LEU F 212 130.05 147.47 -41.73
C LEU F 212 131.37 146.73 -41.75
N GLN F 213 131.56 145.79 -40.81
CA GLN F 213 132.82 145.05 -40.76
C GLN F 213 133.01 144.23 -42.03
N ARG F 214 131.94 143.60 -42.53
CA ARG F 214 132.05 142.82 -43.75
C ARG F 214 132.40 143.70 -44.94
N ALA F 215 131.81 144.89 -45.01
CA ALA F 215 132.13 145.81 -46.10
C ALA F 215 133.59 146.21 -46.07
N VAL F 216 134.13 146.46 -44.88
CA VAL F 216 135.54 146.83 -44.74
C VAL F 216 136.42 145.68 -45.22
N GLU F 217 136.10 144.45 -44.83
CA GLU F 217 136.88 143.31 -45.30
C GLU F 217 136.78 143.16 -46.81
N LEU F 218 135.58 143.38 -47.37
CA LEU F 218 135.41 143.29 -48.81
C LEU F 218 136.22 144.36 -49.53
N ALA F 219 136.27 145.58 -48.98
CA ALA F 219 137.06 146.64 -49.58
C ALA F 219 138.54 146.29 -49.58
N LYS F 220 139.06 145.89 -48.42
CA LYS F 220 140.49 145.61 -48.32
C LYS F 220 140.91 144.46 -49.24
N ALA F 221 140.09 143.42 -49.32
CA ALA F 221 140.39 142.33 -50.23
C ALA F 221 140.30 142.77 -51.68
N ALA F 222 139.31 143.62 -52.00
CA ALA F 222 139.19 144.12 -53.37
C ALA F 222 140.37 145.00 -53.73
N TYR F 223 140.82 145.85 -52.81
CA TYR F 223 141.91 146.76 -53.10
C TYR F 223 143.27 146.08 -53.07
N GLN F 224 143.42 145.03 -52.24
CA GLN F 224 144.67 144.28 -52.23
C GLN F 224 144.94 143.63 -53.58
N GLY F 225 143.90 143.22 -54.30
CA GLY F 225 144.04 142.73 -55.64
C GLY F 225 144.54 141.31 -55.79
N ASP F 226 144.94 140.66 -54.69
CA ASP F 226 145.44 139.30 -54.78
C ASP F 226 144.30 138.37 -55.17
N LEU F 227 144.60 137.41 -56.05
CA LEU F 227 143.60 136.43 -56.42
C LEU F 227 143.18 135.59 -55.21
N GLN F 228 144.15 135.19 -54.37
CA GLN F 228 143.83 134.36 -53.23
C GLN F 228 142.85 135.07 -52.29
N ALA F 229 143.08 136.36 -52.04
CA ALA F 229 142.17 137.11 -51.18
C ALA F 229 140.77 137.19 -51.77
N SER F 230 140.68 137.41 -53.08
CA SER F 230 139.37 137.49 -53.73
C SER F 230 138.64 136.16 -53.64
N VAL F 231 139.33 135.06 -53.90
CA VAL F 231 138.70 133.74 -53.83
C VAL F 231 138.42 133.34 -52.39
N GLU F 232 139.30 133.71 -51.46
CA GLU F 232 139.11 133.32 -50.06
C GLU F 232 137.87 133.96 -49.47
N LEU F 233 137.72 135.27 -49.65
CA LEU F 233 136.55 135.97 -49.12
C LEU F 233 135.32 135.80 -50.00
N GLY F 234 135.47 135.30 -51.21
CA GLY F 234 134.31 134.94 -52.01
C GLY F 234 133.63 133.67 -51.56
N GLN F 235 134.28 132.91 -50.68
CA GLN F 235 133.63 131.74 -50.09
C GLN F 235 132.39 132.14 -49.31
N ARG F 236 132.49 133.24 -48.55
CA ARG F 236 131.39 133.67 -47.70
C ARG F 236 130.31 134.43 -48.46
N SER F 237 130.35 134.45 -49.80
CA SER F 237 129.35 135.19 -50.57
C SER F 237 128.03 134.45 -50.67
N GLU F 238 127.93 133.24 -50.15
CA GLU F 238 126.73 132.42 -50.26
C GLU F 238 126.21 132.04 -48.89
N MET G 1 -11.36 -32.34 -63.08
CA MET G 1 -12.78 -32.49 -62.65
C MET G 1 -13.01 -31.81 -61.31
N HIS G 2 -14.26 -31.78 -60.87
CA HIS G 2 -14.63 -31.13 -59.62
C HIS G 2 -16.02 -31.57 -59.22
N PHE G 3 -16.38 -31.22 -57.98
CA PHE G 3 -17.68 -31.56 -57.40
C PHE G 3 -18.56 -30.31 -57.41
N ASN G 4 -19.79 -30.44 -57.92
CA ASN G 4 -20.74 -29.34 -57.85
C ASN G 4 -21.39 -29.27 -56.47
N GLU G 5 -22.01 -30.35 -56.04
CA GLU G 5 -22.43 -30.50 -54.66
C GLU G 5 -22.13 -31.93 -54.22
N LEU G 6 -21.81 -32.09 -52.93
CA LEU G 6 -21.48 -33.40 -52.38
C LEU G 6 -21.91 -33.39 -50.91
N ARG G 7 -23.13 -33.86 -50.65
CA ARG G 7 -23.68 -33.81 -49.32
C ARG G 7 -24.72 -34.91 -49.15
N ILE G 8 -25.08 -35.15 -47.90
CA ILE G 8 -26.24 -35.97 -47.57
C ILE G 8 -27.45 -35.06 -47.51
N SER G 9 -28.55 -35.50 -48.11
CA SER G 9 -29.74 -34.67 -48.20
C SER G 9 -30.26 -34.32 -46.81
N GLN G 10 -30.95 -33.18 -46.71
CA GLN G 10 -31.36 -32.67 -45.42
C GLN G 10 -32.33 -33.58 -44.70
N ASP G 11 -33.01 -34.47 -45.43
CA ASP G 11 -33.93 -35.43 -44.82
C ASP G 11 -33.24 -36.71 -44.39
N ASN G 12 -31.91 -36.81 -44.54
CA ASN G 12 -31.14 -37.98 -44.09
C ASN G 12 -31.62 -39.25 -44.77
N ARG G 13 -31.93 -39.14 -46.07
CA ARG G 13 -32.38 -40.28 -46.86
C ARG G 13 -31.62 -40.47 -48.15
N PHE G 14 -30.91 -39.45 -48.65
CA PHE G 14 -30.16 -39.55 -49.90
C PHE G 14 -28.76 -39.02 -49.71
N LEU G 15 -27.82 -39.60 -50.45
CA LEU G 15 -26.45 -39.14 -50.52
C LEU G 15 -26.25 -38.54 -51.91
N ILE G 16 -26.17 -37.22 -51.97
CA ILE G 16 -26.19 -36.50 -53.24
C ILE G 16 -24.77 -36.35 -53.76
N ILE G 17 -24.55 -36.80 -55.00
CA ILE G 17 -23.29 -36.59 -55.70
C ILE G 17 -23.61 -35.90 -57.01
N ASP G 18 -22.93 -34.79 -57.28
CA ASP G 18 -23.10 -34.03 -58.51
C ASP G 18 -21.72 -33.64 -59.02
N VAL G 19 -21.26 -34.33 -60.06
CA VAL G 19 -19.89 -34.18 -60.55
C VAL G 19 -19.93 -33.55 -61.93
N SER G 20 -18.89 -32.77 -62.22
CA SER G 20 -18.73 -32.14 -63.52
C SER G 20 -17.26 -32.16 -63.89
N VAL G 21 -16.99 -32.11 -65.19
CA VAL G 21 -15.62 -31.99 -65.69
C VAL G 21 -15.32 -30.51 -65.88
N ASP G 22 -14.08 -30.13 -65.60
CA ASP G 22 -13.72 -28.72 -65.65
C ASP G 22 -13.81 -28.19 -67.07
N ASN G 23 -14.09 -26.89 -67.19
CA ASN G 23 -14.51 -26.25 -68.43
C ASN G 23 -13.36 -25.72 -69.29
N GLN G 24 -12.10 -26.05 -69.00
CA GLN G 24 -11.01 -25.48 -69.79
C GLN G 24 -11.00 -26.05 -71.20
N ASP G 25 -10.42 -25.27 -72.12
CA ASP G 25 -10.39 -25.59 -73.54
C ASP G 25 -9.57 -26.84 -73.85
N TYR G 26 -8.78 -27.34 -72.90
CA TYR G 26 -7.93 -28.51 -73.09
C TYR G 26 -8.45 -29.76 -72.40
N PHE G 27 -9.71 -29.76 -71.95
CA PHE G 27 -10.35 -30.93 -71.35
C PHE G 27 -11.58 -31.37 -72.15
N GLU G 28 -11.64 -31.02 -73.44
CA GLU G 28 -12.79 -31.42 -74.24
C GLU G 28 -12.84 -32.93 -74.42
N ASP G 29 -11.67 -33.56 -74.52
CA ASP G 29 -11.61 -35.01 -74.69
C ASP G 29 -11.83 -35.76 -73.39
N VAL G 30 -11.83 -35.08 -72.25
CA VAL G 30 -11.96 -35.74 -70.95
C VAL G 30 -13.44 -35.83 -70.60
N LEU G 31 -13.88 -37.02 -70.24
CA LEU G 31 -15.26 -37.32 -69.85
C LEU G 31 -15.23 -37.87 -68.42
N LEU G 32 -16.36 -38.40 -67.96
CA LEU G 32 -16.46 -39.07 -66.67
C LEU G 32 -16.61 -40.57 -66.89
N ASP G 33 -16.04 -41.36 -65.98
CA ASP G 33 -15.97 -42.81 -66.13
C ASP G 33 -16.85 -43.55 -65.13
N SER G 34 -16.66 -43.35 -63.84
CA SER G 34 -17.33 -44.16 -62.84
C SER G 34 -17.31 -43.44 -61.49
N ILE G 35 -18.19 -43.88 -60.60
CA ILE G 35 -18.28 -43.36 -59.24
C ILE G 35 -18.23 -44.55 -58.30
N VAL G 36 -17.29 -44.54 -57.37
CA VAL G 36 -17.09 -45.62 -56.41
C VAL G 36 -17.20 -45.05 -55.00
N ILE G 37 -18.08 -45.64 -54.20
CA ILE G 37 -18.35 -45.19 -52.84
C ILE G 37 -17.69 -46.15 -51.87
N ASP G 38 -16.94 -45.62 -50.92
CA ASP G 38 -16.29 -46.39 -49.87
C ASP G 38 -16.64 -45.78 -48.52
N THR G 39 -16.60 -46.60 -47.48
CA THR G 39 -16.86 -46.18 -46.11
C THR G 39 -15.57 -46.24 -45.31
N GLN G 40 -15.65 -45.84 -44.05
CA GLN G 40 -14.49 -45.85 -43.18
C GLN G 40 -13.98 -47.25 -42.88
N ASP G 41 -14.75 -48.28 -43.20
CA ASP G 41 -14.34 -49.65 -42.97
C ASP G 41 -13.56 -50.23 -44.14
N THR G 42 -13.93 -49.87 -45.37
CA THR G 42 -13.33 -50.43 -46.57
C THR G 42 -12.32 -49.49 -47.23
N PHE G 43 -12.10 -48.30 -46.68
CA PHE G 43 -11.20 -47.35 -47.31
C PHE G 43 -9.76 -47.85 -47.31
N VAL G 44 -9.06 -47.60 -48.42
CA VAL G 44 -7.63 -47.88 -48.55
C VAL G 44 -6.97 -46.69 -49.21
N MET G 45 -5.66 -46.58 -49.02
CA MET G 45 -4.91 -45.47 -49.59
C MET G 45 -4.95 -45.52 -51.11
N ASN G 46 -4.38 -46.57 -51.71
CA ASN G 46 -4.21 -46.62 -53.17
C ASN G 46 -5.56 -46.86 -53.84
N GLY G 47 -6.29 -45.76 -54.03
CA GLY G 47 -7.49 -45.78 -54.83
C GLY G 47 -8.64 -46.46 -54.14
N PRO G 48 -9.75 -46.67 -54.86
CA PRO G 48 -10.87 -47.40 -54.27
C PRO G 48 -10.46 -48.82 -53.92
N SER G 49 -11.00 -49.33 -52.82
CA SER G 49 -10.66 -50.67 -52.40
C SER G 49 -11.43 -51.70 -53.22
N ASP G 50 -11.08 -52.97 -53.01
CA ASP G 50 -11.90 -54.05 -53.53
C ASP G 50 -13.12 -54.24 -52.63
N ASN G 51 -14.17 -54.82 -53.20
CA ASN G 51 -15.46 -54.92 -52.54
C ASN G 51 -15.93 -53.54 -52.03
N PRO G 52 -16.14 -52.59 -52.93
CA PRO G 52 -16.60 -51.27 -52.49
C PRO G 52 -18.08 -51.30 -52.12
N LEU G 53 -18.54 -50.20 -51.52
CA LEU G 53 -19.93 -50.11 -51.12
C LEU G 53 -20.86 -50.01 -52.32
N TYR G 54 -20.47 -49.25 -53.34
CA TYR G 54 -21.38 -48.97 -54.45
C TYR G 54 -20.56 -48.53 -55.66
N ILE G 55 -20.63 -49.30 -56.74
CA ILE G 55 -19.95 -49.00 -58.00
C ILE G 55 -20.98 -48.51 -58.99
N TYR G 56 -20.65 -47.44 -59.71
CA TYR G 56 -21.53 -46.84 -60.70
C TYR G 56 -20.74 -46.59 -61.97
N ASN G 57 -21.31 -46.98 -63.11
CA ASN G 57 -20.72 -46.76 -64.42
C ASN G 57 -21.61 -45.82 -65.21
N VAL G 58 -21.01 -44.77 -65.78
CA VAL G 58 -21.80 -43.67 -66.32
C VAL G 58 -22.38 -44.00 -67.70
N GLU G 59 -21.69 -44.80 -68.49
CA GLU G 59 -22.19 -45.23 -69.83
C GLU G 59 -23.61 -45.78 -69.70
N ASP G 60 -23.93 -46.52 -68.64
CA ASP G 60 -25.22 -47.20 -68.54
C ASP G 60 -26.37 -46.19 -68.53
N ALA G 61 -26.21 -45.08 -67.82
CA ALA G 61 -27.31 -44.13 -67.69
C ALA G 61 -27.64 -43.47 -69.03
N TYR G 62 -26.63 -42.96 -69.73
CA TYR G 62 -26.85 -42.22 -70.95
C TYR G 62 -26.86 -43.15 -72.16
N ASP G 63 -27.53 -42.68 -73.22
CA ASP G 63 -27.63 -43.44 -74.47
C ASP G 63 -26.88 -42.74 -75.59
N THR G 91 -22.24 -36.06 -76.52
CA THR G 91 -21.17 -36.49 -75.62
C THR G 91 -21.09 -35.59 -74.38
N GLN G 92 -21.65 -34.38 -74.48
CA GLN G 92 -21.62 -33.47 -73.34
C GLN G 92 -22.45 -33.98 -72.17
N GLN G 93 -23.36 -34.93 -72.40
CA GLN G 93 -24.11 -35.50 -71.28
C GLN G 93 -23.20 -36.21 -70.30
N MET G 94 -22.14 -36.84 -70.80
CA MET G 94 -21.21 -37.63 -69.95
C MET G 94 -20.21 -36.71 -69.24
N LYS G 95 -20.18 -35.40 -69.53
CA LYS G 95 -19.34 -34.48 -68.78
C LYS G 95 -19.98 -33.98 -67.50
N ASN G 96 -21.25 -34.29 -67.26
CA ASN G 96 -21.94 -33.91 -66.04
C ASN G 96 -22.76 -35.10 -65.56
N VAL G 97 -22.65 -35.43 -64.28
CA VAL G 97 -23.38 -36.56 -63.69
C VAL G 97 -23.91 -36.12 -62.33
N ARG G 98 -25.14 -36.53 -62.03
CA ARG G 98 -25.77 -36.29 -60.75
C ARG G 98 -26.38 -37.59 -60.26
N LEU G 99 -26.29 -37.82 -58.95
CA LEU G 99 -26.85 -39.01 -58.34
C LEU G 99 -27.55 -38.63 -57.04
N GLU G 100 -28.55 -39.42 -56.69
CA GLU G 100 -29.24 -39.30 -55.40
C GLU G 100 -29.43 -40.73 -54.90
N LEU G 101 -28.45 -41.23 -54.17
CA LEU G 101 -28.43 -42.61 -53.71
C LEU G 101 -29.18 -42.71 -52.40
N ASN G 102 -30.26 -43.48 -52.38
CA ASN G 102 -30.95 -43.76 -51.13
C ASN G 102 -30.00 -44.49 -50.19
N ILE G 103 -29.63 -43.86 -49.08
CA ILE G 103 -28.63 -44.44 -48.18
C ILE G 103 -29.15 -45.73 -47.57
N GLN G 104 -30.45 -45.83 -47.31
CA GLN G 104 -30.98 -47.05 -46.74
C GLN G 104 -30.86 -48.23 -47.68
N ASP G 105 -30.77 -47.98 -49.00
CA ASP G 105 -30.51 -49.07 -49.93
C ASP G 105 -29.06 -49.53 -49.88
N LEU G 106 -28.14 -48.65 -49.47
CA LEU G 106 -26.74 -49.01 -49.35
C LEU G 106 -26.44 -49.86 -48.11
N LYS G 107 -27.41 -50.01 -47.21
CA LYS G 107 -27.25 -50.84 -46.01
C LYS G 107 -26.16 -50.29 -45.09
N VAL G 108 -26.10 -48.95 -44.97
CA VAL G 108 -25.18 -48.29 -44.06
C VAL G 108 -25.94 -47.22 -43.31
N SER G 109 -25.42 -46.85 -42.15
CA SER G 109 -26.08 -45.87 -41.30
C SER G 109 -25.81 -44.46 -41.79
N PRO G 110 -26.83 -43.66 -42.14
CA PRO G 110 -26.55 -42.28 -42.54
C PRO G 110 -25.99 -41.43 -41.41
N CYS G 111 -26.18 -41.82 -40.15
CA CYS G 111 -25.70 -41.02 -39.02
C CYS G 111 -24.21 -41.18 -38.78
N SER G 112 -23.69 -42.41 -38.82
CA SER G 112 -22.36 -42.73 -38.34
C SER G 112 -21.47 -43.30 -39.44
N THR G 113 -21.60 -42.80 -40.67
CA THR G 113 -20.83 -43.31 -41.80
C THR G 113 -20.10 -42.15 -42.47
N MET G 114 -18.87 -42.42 -42.91
CA MET G 114 -18.03 -41.48 -43.63
C MET G 114 -17.85 -42.03 -45.03
N PHE G 115 -18.66 -41.53 -45.97
CA PHE G 115 -18.56 -41.99 -47.35
C PHE G 115 -17.36 -41.34 -48.03
N PHE G 116 -16.64 -42.12 -48.82
CA PHE G 116 -15.56 -41.63 -49.66
C PHE G 116 -15.96 -41.85 -51.10
N VAL G 117 -16.04 -40.76 -51.86
CA VAL G 117 -16.57 -40.79 -53.22
C VAL G 117 -15.41 -40.54 -54.17
N TYR G 118 -15.02 -41.59 -54.90
CA TYR G 118 -14.03 -41.47 -55.96
C TYR G 118 -14.73 -41.29 -57.30
N VAL G 119 -14.09 -40.52 -58.18
CA VAL G 119 -14.55 -40.32 -59.54
C VAL G 119 -13.34 -40.44 -60.46
N LYS G 120 -13.56 -40.96 -61.65
CA LYS G 120 -12.47 -41.22 -62.60
C LYS G 120 -12.85 -40.68 -63.96
N SER G 121 -11.87 -40.38 -64.80
CA SER G 121 -12.09 -39.73 -66.12
C SER G 121 -11.65 -40.66 -67.24
N LYS G 122 -12.57 -41.06 -68.12
CA LYS G 122 -12.26 -41.90 -69.31
C LYS G 122 -11.87 -40.97 -70.44
N GLY G 123 -10.70 -40.33 -70.36
CA GLY G 123 -10.29 -39.36 -71.38
C GLY G 123 -8.81 -39.10 -71.38
N THR G 124 -8.31 -38.37 -72.37
CA THR G 124 -6.89 -37.99 -72.46
C THR G 124 -6.82 -36.48 -72.72
N PRO G 125 -6.35 -35.61 -71.80
CA PRO G 125 -6.36 -34.17 -72.07
C PRO G 125 -5.35 -33.82 -73.15
N SER G 126 -5.47 -32.59 -73.66
CA SER G 126 -4.62 -32.14 -74.74
C SER G 126 -3.16 -32.10 -74.29
N THR G 127 -2.27 -31.86 -75.25
CA THR G 127 -0.84 -31.77 -74.99
C THR G 127 -0.43 -30.43 -74.39
N ASP G 128 -1.27 -29.41 -74.47
CA ASP G 128 -0.99 -28.11 -73.88
C ASP G 128 -1.49 -28.00 -72.43
N THR G 129 -1.78 -29.13 -71.79
CA THR G 129 -2.23 -29.10 -70.41
C THR G 129 -1.10 -28.59 -69.52
N PRO G 130 -1.34 -27.61 -68.65
CA PRO G 130 -0.29 -27.20 -67.72
C PRO G 130 0.07 -28.33 -66.76
N CYS G 131 1.31 -28.33 -66.29
CA CYS G 131 1.78 -29.38 -65.40
C CYS G 131 0.95 -29.42 -64.14
N GLY G 132 0.49 -30.63 -63.78
CA GLY G 132 -0.22 -30.87 -62.54
C GLY G 132 -1.72 -30.94 -62.67
N PHE G 133 -2.28 -30.41 -63.76
CA PHE G 133 -3.73 -30.39 -63.92
C PHE G 133 -4.29 -31.68 -64.51
N ASP G 134 -3.44 -32.59 -64.97
CA ASP G 134 -3.88 -33.85 -65.57
C ASP G 134 -4.02 -34.94 -64.52
N LYS G 135 -4.95 -34.73 -63.59
CA LYS G 135 -5.22 -35.67 -62.50
C LYS G 135 -6.53 -36.39 -62.79
N ASP G 136 -6.44 -37.69 -63.07
CA ASP G 136 -7.60 -38.42 -63.57
C ASP G 136 -8.63 -38.73 -62.49
N GLN G 137 -8.19 -38.85 -61.25
CA GLN G 137 -9.05 -39.24 -60.14
C GLN G 137 -9.22 -38.10 -59.15
N ILE G 138 -10.38 -38.05 -58.49
CA ILE G 138 -10.65 -37.14 -57.40
C ILE G 138 -11.31 -37.91 -56.26
N LEU G 139 -11.47 -37.24 -55.11
CA LEU G 139 -11.98 -37.86 -53.91
C LEU G 139 -12.76 -36.81 -53.12
N GLY G 140 -13.89 -37.22 -52.57
CA GLY G 140 -14.71 -36.34 -51.76
C GLY G 140 -15.28 -37.03 -50.53
N THR G 141 -14.94 -36.52 -49.36
CA THR G 141 -15.36 -37.12 -48.10
C THR G 141 -16.68 -36.52 -47.66
N VAL G 142 -17.57 -37.36 -47.14
CA VAL G 142 -18.92 -36.96 -46.78
C VAL G 142 -19.21 -37.45 -45.37
N ILE G 143 -19.79 -36.57 -44.56
CA ILE G 143 -20.31 -36.93 -43.25
C ILE G 143 -21.68 -36.27 -43.10
N ASN G 144 -22.45 -36.79 -42.16
CA ASN G 144 -23.73 -36.19 -41.83
C ASN G 144 -23.50 -35.11 -40.78
N LEU G 145 -23.92 -33.88 -41.08
CA LEU G 145 -23.68 -32.74 -40.20
C LEU G 145 -24.77 -32.57 -39.16
N GLN G 146 -25.91 -33.24 -39.32
CA GLN G 146 -26.99 -33.18 -38.33
C GLN G 146 -26.57 -33.57 -36.92
N PRO G 147 -25.90 -34.69 -36.69
CA PRO G 147 -25.52 -35.01 -35.29
C PRO G 147 -24.60 -33.97 -34.67
N ILE G 148 -23.69 -33.38 -35.46
CA ILE G 148 -22.85 -32.32 -34.93
C ILE G 148 -23.69 -31.10 -34.56
N TYR G 149 -24.68 -30.77 -35.40
CA TYR G 149 -25.56 -29.65 -35.09
C TYR G 149 -26.32 -29.88 -33.80
N LYS G 150 -26.88 -31.08 -33.64
CA LYS G 150 -27.61 -31.38 -32.41
C LYS G 150 -26.70 -31.35 -31.20
N GLN G 151 -25.48 -31.85 -31.34
CA GLN G 151 -24.55 -31.83 -30.22
C GLN G 151 -24.21 -30.40 -29.83
N THR G 152 -24.00 -29.53 -30.83
CA THR G 152 -23.74 -28.13 -30.54
C THR G 152 -24.94 -27.49 -29.84
N LEU G 153 -26.15 -27.84 -30.26
CA LEU G 153 -27.34 -27.30 -29.60
C LEU G 153 -27.42 -27.73 -28.15
N LYS G 154 -27.11 -29.01 -27.88
CA LYS G 154 -27.09 -29.47 -26.50
C LYS G 154 -26.07 -28.70 -25.68
N TYR G 155 -24.87 -28.49 -26.24
CA TYR G 155 -23.84 -27.80 -25.49
C TYR G 155 -24.19 -26.34 -25.27
N LEU G 156 -24.82 -25.70 -26.25
CA LEU G 156 -25.29 -24.33 -26.05
C LEU G 156 -26.36 -24.26 -24.97
N LYS G 157 -27.28 -25.23 -24.96
CA LYS G 157 -28.30 -25.25 -23.92
C LYS G 157 -27.67 -25.40 -22.55
N GLU G 158 -26.62 -26.21 -22.45
CA GLU G 158 -25.90 -26.31 -21.18
C GLU G 158 -25.17 -25.01 -20.85
N VAL G 159 -24.71 -24.30 -21.88
CA VAL G 159 -24.04 -23.01 -21.66
C VAL G 159 -25.02 -21.99 -21.12
N GLU G 160 -26.29 -22.04 -21.55
CA GLU G 160 -27.28 -21.10 -21.06
C GLU G 160 -27.42 -21.16 -19.55
N CYS G 161 -27.32 -22.36 -18.97
CA CYS G 161 -27.24 -22.48 -17.53
C CYS G 161 -25.87 -21.99 -17.08
N ASP G 162 -25.86 -21.12 -16.08
CA ASP G 162 -24.71 -20.56 -15.35
C ASP G 162 -23.55 -20.13 -16.26
N CYS G 163 -23.82 -19.89 -17.55
CA CYS G 163 -22.88 -19.25 -18.48
C CYS G 163 -21.45 -19.80 -18.37
N ASN G 164 -21.34 -21.13 -18.26
CA ASN G 164 -20.04 -21.81 -18.23
C ASN G 164 -19.91 -22.71 -19.45
N ILE G 165 -18.77 -22.63 -20.13
CA ILE G 165 -18.53 -23.43 -21.33
C ILE G 165 -18.07 -24.82 -20.91
N PRO G 166 -18.77 -25.89 -21.27
CA PRO G 166 -18.26 -27.23 -20.96
C PRO G 166 -16.94 -27.49 -21.68
N LYS G 167 -16.07 -28.25 -21.03
CA LYS G 167 -14.82 -28.63 -21.69
C LYS G 167 -15.07 -29.62 -22.81
N GLY G 168 -16.12 -30.42 -22.71
CA GLY G 168 -16.46 -31.33 -23.79
C GLY G 168 -16.82 -30.61 -25.07
N PHE G 169 -17.36 -29.40 -24.95
CA PHE G 169 -17.73 -28.62 -26.13
C PHE G 169 -16.51 -28.13 -26.88
N ILE G 170 -15.52 -27.59 -26.15
CA ILE G 170 -14.26 -27.20 -26.77
C ILE G 170 -13.55 -28.42 -27.32
N ASP G 171 -13.64 -29.54 -26.61
CA ASP G 171 -13.04 -30.78 -27.12
C ASP G 171 -13.66 -31.18 -28.43
N MET G 172 -14.99 -31.13 -28.53
CA MET G 172 -15.67 -31.50 -29.77
C MET G 172 -15.28 -30.56 -30.90
N ILE G 173 -15.20 -29.25 -30.62
CA ILE G 173 -14.83 -28.29 -31.65
C ILE G 173 -13.42 -28.58 -32.18
N LEU G 174 -12.47 -28.77 -31.26
CA LEU G 174 -11.09 -28.97 -31.69
C LEU G 174 -10.90 -30.34 -32.35
N LYS G 175 -11.66 -31.35 -31.94
CA LYS G 175 -11.57 -32.64 -32.60
C LYS G 175 -12.11 -32.55 -34.02
N LEU G 176 -13.18 -31.78 -34.22
CA LEU G 176 -13.67 -31.53 -35.57
C LEU G 176 -12.62 -30.82 -36.40
N LYS G 177 -11.94 -29.83 -35.82
CA LYS G 177 -10.90 -29.13 -36.57
C LYS G 177 -9.74 -30.08 -36.91
N ALA G 178 -9.42 -31.00 -36.01
CA ALA G 178 -8.40 -31.99 -36.30
C ALA G 178 -8.80 -32.86 -37.49
N ILE G 179 -10.06 -33.31 -37.51
CA ILE G 179 -10.51 -34.15 -38.62
C ILE G 179 -10.51 -33.35 -39.92
N GLU G 180 -10.88 -32.07 -39.86
CA GLU G 180 -10.84 -31.24 -41.05
C GLU G 180 -9.42 -31.13 -41.59
N LEU G 181 -8.46 -30.90 -40.69
CA LEU G 181 -7.07 -30.82 -41.13
C LEU G 181 -6.59 -32.14 -41.72
N CYS G 182 -7.00 -33.26 -41.13
CA CYS G 182 -6.62 -34.56 -41.67
C CYS G 182 -7.20 -34.77 -43.06
N VAL G 183 -8.42 -34.30 -43.29
CA VAL G 183 -9.02 -34.45 -44.60
C VAL G 183 -8.35 -33.54 -45.62
N ARG G 184 -8.08 -32.29 -45.25
CA ARG G 184 -7.52 -31.33 -46.20
C ARG G 184 -6.07 -31.65 -46.56
N THR G 185 -5.34 -32.31 -45.67
CA THR G 185 -3.97 -32.72 -45.95
C THR G 185 -3.86 -34.12 -46.54
N GLY G 186 -4.98 -34.80 -46.75
CA GLY G 186 -4.97 -36.09 -47.39
C GLY G 186 -4.70 -37.27 -46.48
N ASN G 187 -4.65 -37.06 -45.17
CA ASN G 187 -4.35 -38.13 -44.22
C ASN G 187 -5.66 -38.72 -43.73
N TYR G 188 -6.29 -39.50 -44.60
CA TYR G 188 -7.62 -40.01 -44.32
C TYR G 188 -7.66 -41.10 -43.25
N PRO G 189 -6.65 -41.98 -43.15
CA PRO G 189 -6.71 -42.97 -42.06
C PRO G 189 -6.72 -42.41 -40.66
N GLN G 190 -5.92 -41.39 -40.37
CA GLN G 190 -5.98 -40.84 -39.01
C GLN G 190 -7.30 -40.12 -38.79
N ALA G 191 -7.89 -39.56 -39.86
CA ALA G 191 -9.23 -39.03 -39.76
C ALA G 191 -10.23 -40.14 -39.43
N ILE G 192 -10.04 -41.33 -40.00
CA ILE G 192 -10.91 -42.44 -39.63
C ILE G 192 -10.75 -42.80 -38.17
N LYS G 193 -9.51 -42.84 -37.67
CA LYS G 193 -9.30 -43.15 -36.25
C LYS G 193 -10.00 -42.12 -35.37
N TYR G 194 -9.83 -40.83 -35.68
CA TYR G 194 -10.47 -39.80 -34.88
C TYR G 194 -11.99 -39.89 -34.97
N TRP G 195 -12.53 -40.16 -36.16
CA TRP G 195 -13.97 -40.26 -36.32
C TRP G 195 -14.52 -41.44 -35.54
N ASN G 196 -13.91 -42.62 -35.68
CA ASN G 196 -14.38 -43.79 -34.97
C ASN G 196 -14.25 -43.62 -33.46
N LYS G 197 -13.18 -42.99 -33.00
CA LYS G 197 -12.93 -42.92 -31.57
C LYS G 197 -13.78 -41.85 -30.90
N PHE G 198 -14.05 -40.75 -31.59
CA PHE G 198 -14.65 -39.56 -30.98
C PHE G 198 -16.10 -39.32 -31.41
N PHE G 199 -16.41 -39.45 -32.70
CA PHE G 199 -17.72 -39.07 -33.23
C PHE G 199 -18.57 -40.25 -33.68
N ILE G 200 -18.22 -41.49 -33.30
CA ILE G 200 -18.90 -42.63 -33.88
C ILE G 200 -20.33 -42.75 -33.34
N LYS G 201 -20.53 -42.54 -32.04
CA LYS G 201 -21.86 -42.65 -31.43
C LYS G 201 -22.61 -41.35 -31.68
N ASN G 202 -23.51 -41.36 -32.66
CA ASN G 202 -24.24 -40.17 -33.08
C ASN G 202 -25.72 -40.48 -33.22
N ASN G 203 -26.56 -39.52 -32.84
CA ASN G 203 -28.01 -39.66 -32.86
C ASN G 203 -28.58 -38.68 -33.87
N CYS G 204 -29.15 -39.20 -34.95
CA CYS G 204 -29.86 -38.35 -35.91
C CYS G 204 -30.89 -39.14 -36.71
N MET H 1 -20.73 -9.38 -60.32
CA MET H 1 -19.44 -10.01 -60.73
C MET H 1 -18.76 -10.67 -59.52
N HIS H 2 -18.18 -11.84 -59.75
CA HIS H 2 -17.78 -12.72 -58.66
C HIS H 2 -16.62 -13.60 -59.11
N PHE H 3 -16.00 -14.27 -58.14
CA PHE H 3 -14.88 -15.17 -58.37
C PHE H 3 -15.39 -16.60 -58.44
N ASN H 4 -14.93 -17.35 -59.44
CA ASN H 4 -15.28 -18.76 -59.59
C ASN H 4 -14.25 -19.70 -59.00
N GLU H 5 -12.97 -19.39 -59.14
CA GLU H 5 -11.93 -20.31 -58.68
C GLU H 5 -10.67 -19.49 -58.45
N LEU H 6 -10.29 -19.31 -57.18
CA LEU H 6 -9.17 -18.45 -56.79
C LEU H 6 -8.24 -19.24 -55.88
N ARG H 7 -7.08 -19.65 -56.42
CA ARG H 7 -6.20 -20.54 -55.68
C ARG H 7 -4.79 -20.53 -56.24
N ILE H 8 -3.85 -21.04 -55.44
CA ILE H 8 -2.50 -21.35 -55.85
C ILE H 8 -2.38 -22.86 -55.95
N SER H 9 -1.85 -23.35 -57.07
CA SER H 9 -1.79 -24.78 -57.30
C SER H 9 -0.91 -25.44 -56.24
N GLN H 10 -1.31 -26.64 -55.80
CA GLN H 10 -0.61 -27.29 -54.70
C GLN H 10 0.80 -27.72 -55.08
N ASP H 11 1.15 -27.72 -56.36
CA ASP H 11 2.52 -27.92 -56.78
C ASP H 11 3.34 -26.64 -56.74
N ASN H 12 2.77 -25.53 -56.26
CA ASN H 12 3.48 -24.27 -56.07
C ASN H 12 3.98 -23.69 -57.39
N ARG H 13 3.24 -23.91 -58.48
CA ARG H 13 3.56 -23.35 -59.78
C ARG H 13 2.67 -22.19 -60.17
N PHE H 14 1.36 -22.38 -60.11
CA PHE H 14 0.40 -21.54 -60.81
C PHE H 14 -0.49 -20.80 -59.83
N LEU H 15 -0.60 -19.48 -60.02
CA LEU H 15 -1.61 -18.67 -59.35
C LEU H 15 -2.84 -18.68 -60.26
N ILE H 16 -3.83 -19.47 -59.89
CA ILE H 16 -5.00 -19.72 -60.74
C ILE H 16 -6.07 -18.68 -60.43
N ILE H 17 -6.58 -18.04 -61.47
CA ILE H 17 -7.62 -17.02 -61.37
C ILE H 17 -8.72 -17.39 -62.35
N ASP H 18 -9.97 -17.33 -61.91
CA ASP H 18 -11.10 -17.61 -62.78
C ASP H 18 -12.26 -16.73 -62.33
N VAL H 19 -12.42 -15.58 -62.99
CA VAL H 19 -13.43 -14.60 -62.65
C VAL H 19 -14.45 -14.52 -63.76
N SER H 20 -15.72 -14.37 -63.37
CA SER H 20 -16.81 -14.30 -64.34
C SER H 20 -17.89 -13.35 -63.81
N VAL H 21 -18.45 -12.56 -64.72
CA VAL H 21 -19.51 -11.63 -64.34
C VAL H 21 -20.74 -12.41 -63.91
N ASP H 22 -21.53 -11.82 -63.02
CA ASP H 22 -22.79 -12.44 -62.63
C ASP H 22 -23.69 -12.64 -63.84
N ASN H 23 -24.53 -13.67 -63.76
CA ASN H 23 -25.38 -14.09 -64.87
C ASN H 23 -26.73 -13.38 -64.88
N GLN H 24 -26.94 -12.40 -64.01
CA GLN H 24 -28.21 -11.70 -63.96
C GLN H 24 -28.39 -10.84 -65.22
N ASP H 25 -29.64 -10.47 -65.48
CA ASP H 25 -29.99 -9.82 -66.74
C ASP H 25 -29.83 -8.30 -66.70
N TYR H 26 -29.30 -7.72 -65.61
CA TYR H 26 -28.79 -6.36 -65.66
C TYR H 26 -27.31 -6.29 -66.01
N PHE H 27 -26.56 -7.39 -65.89
CA PHE H 27 -25.13 -7.37 -66.18
C PHE H 27 -24.85 -7.91 -67.58
N GLU H 28 -25.33 -7.18 -68.60
CA GLU H 28 -24.91 -7.42 -69.97
C GLU H 28 -23.83 -6.43 -70.40
N ASP H 29 -24.11 -5.14 -70.28
CA ASP H 29 -23.20 -4.11 -70.78
C ASP H 29 -21.90 -4.06 -69.99
N VAL H 30 -21.85 -4.64 -68.80
CA VAL H 30 -20.64 -4.65 -67.99
C VAL H 30 -19.73 -5.77 -68.47
N LEU H 31 -18.48 -5.44 -68.74
CA LEU H 31 -17.48 -6.38 -69.22
C LEU H 31 -16.30 -6.36 -68.23
N LEU H 32 -15.24 -7.10 -68.55
CA LEU H 32 -14.01 -7.10 -67.76
C LEU H 32 -12.97 -6.20 -68.41
N ASP H 33 -12.44 -5.26 -67.63
CA ASP H 33 -11.46 -4.30 -68.13
C ASP H 33 -10.04 -4.84 -68.01
N SER H 34 -9.61 -5.15 -66.79
CA SER H 34 -8.25 -5.61 -66.57
C SER H 34 -8.19 -6.37 -65.25
N ILE H 35 -7.10 -7.10 -65.05
CA ILE H 35 -6.83 -7.83 -63.82
C ILE H 35 -5.46 -7.39 -63.33
N VAL H 36 -5.40 -6.91 -62.10
CA VAL H 36 -4.17 -6.38 -61.52
C VAL H 36 -3.81 -7.25 -60.31
N ILE H 37 -2.61 -7.81 -60.32
CA ILE H 37 -2.13 -8.68 -59.25
C ILE H 37 -1.18 -7.87 -58.39
N ASP H 38 -1.42 -7.89 -57.07
CA ASP H 38 -0.66 -7.08 -56.13
C ASP H 38 -0.32 -7.93 -54.92
N THR H 39 0.79 -7.60 -54.27
CA THR H 39 1.32 -8.39 -53.16
C THR H 39 1.23 -7.59 -51.86
N GLN H 40 1.59 -8.24 -50.76
CA GLN H 40 1.48 -7.58 -49.46
C GLN H 40 2.43 -6.40 -49.36
N ASP H 41 3.56 -6.44 -50.08
CA ASP H 41 4.57 -5.40 -49.98
C ASP H 41 4.23 -4.15 -50.78
N THR H 42 3.30 -4.24 -51.72
CA THR H 42 2.95 -3.14 -52.60
C THR H 42 1.46 -2.88 -52.57
N PHE H 43 0.88 -2.92 -51.37
CA PHE H 43 -0.54 -2.75 -51.17
C PHE H 43 -0.87 -1.30 -50.83
N VAL H 44 -2.01 -0.83 -51.32
CA VAL H 44 -2.50 0.51 -51.04
C VAL H 44 -3.96 0.40 -50.61
N MET H 45 -4.39 1.33 -49.77
CA MET H 45 -5.70 1.21 -49.13
C MET H 45 -6.83 1.18 -50.15
N ASN H 46 -6.79 2.09 -51.12
CA ASN H 46 -7.84 2.21 -52.13
C ASN H 46 -7.28 1.83 -53.49
N GLY H 47 -7.94 0.90 -54.16
CA GLY H 47 -7.59 0.51 -55.51
C GLY H 47 -6.20 -0.10 -55.60
N PRO H 48 -5.83 -0.60 -56.77
CA PRO H 48 -4.50 -1.18 -56.93
C PRO H 48 -3.41 -0.12 -56.82
N SER H 49 -2.24 -0.57 -56.44
CA SER H 49 -1.10 0.34 -56.31
C SER H 49 -0.62 0.80 -57.68
N ASP H 50 0.14 1.88 -57.69
CA ASP H 50 0.74 2.39 -58.92
C ASP H 50 1.99 1.61 -59.33
N ASN H 51 2.38 0.59 -58.57
CA ASN H 51 3.48 -0.31 -58.93
C ASN H 51 3.05 -1.75 -58.72
N PRO H 52 2.11 -2.25 -59.53
CA PRO H 52 1.61 -3.61 -59.30
C PRO H 52 2.61 -4.68 -59.70
N LEU H 53 2.25 -5.94 -59.44
CA LEU H 53 3.09 -7.07 -59.78
C LEU H 53 2.80 -7.61 -61.18
N TYR H 54 1.58 -7.44 -61.66
CA TYR H 54 1.20 -7.97 -62.96
C TYR H 54 -0.10 -7.31 -63.39
N ILE H 55 -0.17 -6.91 -64.65
CA ILE H 55 -1.35 -6.29 -65.23
C ILE H 55 -1.77 -7.10 -66.45
N TYR H 56 -3.08 -7.24 -66.63
CA TYR H 56 -3.62 -8.04 -67.74
C TYR H 56 -4.88 -7.35 -68.23
N ASN H 57 -4.80 -6.67 -69.37
CA ASN H 57 -5.97 -6.04 -69.97
C ASN H 57 -6.74 -7.08 -70.77
N VAL H 58 -8.01 -7.27 -70.42
CA VAL H 58 -8.80 -8.31 -71.04
C VAL H 58 -9.12 -7.96 -72.49
N GLU H 59 -9.35 -6.68 -72.78
CA GLU H 59 -9.79 -6.29 -74.10
C GLU H 59 -8.75 -6.55 -75.19
N ASP H 60 -7.50 -6.82 -74.83
CA ASP H 60 -6.47 -7.19 -75.80
C ASP H 60 -6.60 -8.67 -76.17
N ALA H 61 -7.74 -9.00 -76.77
CA ALA H 61 -8.07 -10.38 -77.14
C ALA H 61 -9.21 -10.33 -78.15
N TYR H 62 -9.84 -11.49 -78.37
CA TYR H 62 -11.04 -11.56 -79.19
C TYR H 62 -12.09 -10.57 -78.68
N ASP H 63 -12.70 -9.85 -79.62
CA ASP H 63 -13.71 -8.85 -79.29
C ASP H 63 -15.03 -9.16 -80.01
N THR H 91 -19.48 -12.24 -77.06
CA THR H 91 -19.12 -11.36 -75.95
C THR H 91 -18.91 -12.15 -74.66
N GLN H 92 -19.43 -13.38 -74.60
CA GLN H 92 -19.27 -14.20 -73.41
C GLN H 92 -17.81 -14.53 -73.13
N GLN H 93 -16.93 -14.39 -74.12
CA GLN H 93 -15.51 -14.59 -73.87
C GLN H 93 -14.96 -13.48 -72.97
N MET H 94 -15.46 -12.25 -73.13
CA MET H 94 -15.08 -11.16 -72.23
C MET H 94 -15.66 -11.36 -70.84
N LYS H 95 -16.90 -11.86 -70.77
CA LYS H 95 -17.55 -11.97 -69.46
C LYS H 95 -16.93 -13.03 -68.57
N ASN H 96 -16.18 -13.97 -69.14
CA ASN H 96 -15.50 -15.01 -68.36
C ASN H 96 -14.03 -15.02 -68.77
N VAL H 97 -13.14 -14.94 -67.77
CA VAL H 97 -11.70 -14.90 -68.01
C VAL H 97 -11.02 -15.83 -67.03
N ARG H 98 -9.89 -16.40 -67.47
CA ARG H 98 -9.10 -17.31 -66.64
C ARG H 98 -7.62 -17.06 -66.88
N LEU H 99 -6.86 -16.94 -65.80
CA LEU H 99 -5.41 -16.80 -65.83
C LEU H 99 -4.77 -17.94 -65.04
N GLU H 100 -3.58 -18.35 -65.47
CA GLU H 100 -2.84 -19.45 -64.87
C GLU H 100 -1.37 -19.06 -64.73
N LEU H 101 -1.14 -17.89 -64.14
CA LEU H 101 0.19 -17.29 -64.11
C LEU H 101 1.21 -18.19 -63.43
N ASN H 102 2.35 -18.37 -64.06
CA ASN H 102 3.47 -19.06 -63.44
C ASN H 102 4.11 -18.14 -62.40
N ILE H 103 4.25 -18.62 -61.18
CA ILE H 103 4.74 -17.76 -60.11
C ILE H 103 6.24 -17.50 -60.25
N GLN H 104 6.98 -18.41 -60.88
CA GLN H 104 8.40 -18.16 -61.10
C GLN H 104 8.61 -16.93 -61.97
N ASP H 105 7.76 -16.74 -62.98
CA ASP H 105 7.88 -15.57 -63.84
C ASP H 105 7.68 -14.29 -63.06
N LEU H 106 6.76 -14.31 -62.09
CA LEU H 106 6.53 -13.13 -61.25
C LEU H 106 7.67 -12.88 -60.26
N LYS H 107 8.57 -13.84 -60.08
CA LYS H 107 9.76 -13.65 -59.24
C LYS H 107 9.37 -13.42 -57.78
N VAL H 108 8.37 -14.15 -57.30
CA VAL H 108 7.93 -14.09 -55.91
C VAL H 108 7.76 -15.51 -55.37
N SER H 109 7.84 -15.62 -54.05
CA SER H 109 7.74 -16.93 -53.41
C SER H 109 6.28 -17.35 -53.34
N PRO H 110 5.93 -18.57 -53.81
CA PRO H 110 4.52 -18.96 -53.77
C PRO H 110 3.93 -19.06 -52.38
N CYS H 111 4.77 -19.30 -51.36
CA CYS H 111 4.31 -19.62 -50.03
C CYS H 111 4.42 -18.46 -49.05
N SER H 112 5.46 -17.63 -49.17
CA SER H 112 5.65 -16.48 -48.30
C SER H 112 5.02 -15.22 -48.86
N THR H 113 4.07 -15.35 -49.79
CA THR H 113 3.47 -14.21 -50.47
C THR H 113 1.96 -14.30 -50.37
N MET H 114 1.32 -13.13 -50.23
CA MET H 114 -0.12 -13.01 -50.19
C MET H 114 -0.54 -12.11 -51.34
N PHE H 115 -1.30 -12.65 -52.29
CA PHE H 115 -1.67 -11.94 -53.51
C PHE H 115 -3.02 -11.25 -53.34
N PHE H 116 -3.14 -10.07 -53.94
CA PHE H 116 -4.40 -9.33 -54.00
C PHE H 116 -4.77 -9.16 -55.46
N VAL H 117 -5.89 -9.74 -55.86
CA VAL H 117 -6.33 -9.78 -57.24
C VAL H 117 -7.47 -8.79 -57.38
N TYR H 118 -7.21 -7.69 -58.10
CA TYR H 118 -8.22 -6.68 -58.39
C TYR H 118 -8.76 -6.93 -59.79
N VAL H 119 -10.08 -6.93 -59.93
CA VAL H 119 -10.74 -7.09 -61.22
C VAL H 119 -11.53 -5.82 -61.49
N LYS H 120 -11.22 -5.17 -62.60
CA LYS H 120 -11.87 -3.92 -63.00
C LYS H 120 -12.91 -4.23 -64.05
N SER H 121 -14.09 -3.64 -63.92
CA SER H 121 -15.17 -3.84 -64.87
C SER H 121 -15.20 -2.72 -65.90
N LYS H 122 -15.76 -3.03 -67.07
CA LYS H 122 -15.87 -2.07 -68.17
C LYS H 122 -17.30 -2.09 -68.68
N GLY H 123 -18.06 -1.07 -68.33
CA GLY H 123 -19.42 -0.92 -68.80
C GLY H 123 -20.28 -0.30 -67.72
N THR H 124 -21.58 -0.28 -67.99
CA THR H 124 -22.56 0.33 -67.08
C THR H 124 -23.69 -0.68 -66.85
N PRO H 125 -23.99 -1.05 -65.61
CA PRO H 125 -25.17 -1.90 -65.39
C PRO H 125 -26.44 -1.11 -65.64
N SER H 126 -27.37 -1.73 -66.35
CA SER H 126 -28.62 -1.04 -66.66
C SER H 126 -29.41 -0.78 -65.38
N THR H 127 -30.13 0.34 -65.37
CA THR H 127 -30.74 0.87 -64.16
C THR H 127 -31.73 -0.13 -63.57
N ASP H 128 -32.22 0.21 -62.37
CA ASP H 128 -33.23 -0.50 -61.58
C ASP H 128 -32.55 -1.62 -60.78
N THR H 129 -31.25 -1.85 -60.95
CA THR H 129 -30.57 -2.82 -60.10
C THR H 129 -30.56 -2.32 -58.66
N PRO H 130 -30.67 -3.20 -57.66
CA PRO H 130 -30.51 -2.74 -56.28
C PRO H 130 -29.12 -2.15 -56.07
N CYS H 131 -29.07 -1.05 -55.31
CA CYS H 131 -27.78 -0.41 -55.08
C CYS H 131 -26.90 -1.31 -54.22
N GLY H 132 -25.59 -1.17 -54.42
CA GLY H 132 -24.63 -2.04 -53.81
C GLY H 132 -24.24 -3.24 -54.65
N PHE H 133 -25.06 -3.59 -55.64
CA PHE H 133 -24.68 -4.63 -56.59
C PHE H 133 -23.85 -4.07 -57.74
N ASP H 134 -23.95 -2.77 -58.02
CA ASP H 134 -23.24 -2.14 -59.12
C ASP H 134 -21.85 -1.65 -58.68
N LYS H 135 -21.08 -2.59 -58.13
CA LYS H 135 -19.71 -2.32 -57.72
C LYS H 135 -18.78 -2.68 -58.89
N ASP H 136 -18.16 -1.65 -59.47
CA ASP H 136 -17.33 -1.86 -60.66
C ASP H 136 -16.11 -2.73 -60.37
N GLN H 137 -15.69 -2.83 -59.10
CA GLN H 137 -14.44 -3.47 -58.73
C GLN H 137 -14.64 -4.46 -57.57
N ILE H 138 -13.88 -5.54 -57.61
CA ILE H 138 -13.84 -6.52 -56.53
C ILE H 138 -12.38 -6.82 -56.20
N LEU H 139 -12.14 -7.30 -54.99
CA LEU H 139 -10.82 -7.72 -54.56
C LEU H 139 -10.92 -9.12 -53.95
N GLY H 140 -9.93 -9.95 -54.26
CA GLY H 140 -9.84 -11.27 -53.68
C GLY H 140 -8.42 -11.61 -53.27
N THR H 141 -8.26 -12.04 -52.02
CA THR H 141 -6.94 -12.33 -51.46
C THR H 141 -6.65 -13.82 -51.60
N VAL H 142 -5.37 -14.13 -51.84
CA VAL H 142 -4.91 -15.49 -52.09
C VAL H 142 -3.71 -15.77 -51.21
N ILE H 143 -3.70 -16.94 -50.57
CA ILE H 143 -2.56 -17.40 -49.80
C ILE H 143 -2.40 -18.89 -50.03
N ASN H 144 -1.21 -19.40 -49.73
CA ASN H 144 -0.91 -20.82 -49.85
C ASN H 144 -1.10 -21.46 -48.48
N LEU H 145 -2.15 -22.26 -48.34
CA LEU H 145 -2.46 -22.90 -47.07
C LEU H 145 -1.66 -24.16 -46.81
N GLN H 146 -0.91 -24.67 -47.78
CA GLN H 146 -0.14 -25.89 -47.57
C GLN H 146 0.96 -25.74 -46.51
N PRO H 147 1.79 -24.70 -46.53
CA PRO H 147 2.71 -24.52 -45.40
C PRO H 147 2.02 -24.36 -44.06
N ILE H 148 0.87 -23.70 -44.03
CA ILE H 148 0.13 -23.52 -42.79
C ILE H 148 -0.36 -24.87 -42.27
N TYR H 149 -0.80 -25.75 -43.18
CA TYR H 149 -1.21 -27.09 -42.78
C TYR H 149 -0.02 -27.91 -42.31
N LYS H 150 1.14 -27.76 -42.97
CA LYS H 150 2.36 -28.39 -42.46
C LYS H 150 2.63 -27.98 -41.03
N GLN H 151 2.54 -26.68 -40.74
CA GLN H 151 2.81 -26.19 -39.39
C GLN H 151 1.77 -26.69 -38.41
N THR H 152 0.51 -26.83 -38.84
CA THR H 152 -0.55 -27.27 -37.92
C THR H 152 -0.47 -28.77 -37.64
N LEU H 153 -0.01 -29.55 -38.62
CA LEU H 153 0.11 -31.00 -38.40
C LEU H 153 1.10 -31.31 -37.29
N LYS H 154 2.04 -30.41 -37.00
CA LYS H 154 2.97 -30.64 -35.91
C LYS H 154 2.26 -30.74 -34.58
N TYR H 155 1.27 -29.88 -34.35
CA TYR H 155 0.49 -29.87 -33.12
C TYR H 155 -0.80 -30.66 -33.22
N LEU H 156 -1.08 -31.28 -34.36
CA LEU H 156 -2.30 -32.08 -34.50
C LEU H 156 -2.47 -33.09 -33.35
N LYS H 157 -1.42 -33.83 -33.04
CA LYS H 157 -1.55 -34.95 -32.11
C LYS H 157 -1.84 -34.50 -30.68
N GLU H 158 -1.68 -33.22 -30.36
CA GLU H 158 -2.05 -32.73 -29.03
C GLU H 158 -3.53 -32.86 -28.77
N VAL H 159 -4.35 -32.98 -29.81
CA VAL H 159 -5.78 -33.13 -29.62
C VAL H 159 -6.09 -34.46 -28.95
N GLU H 160 -5.31 -35.49 -29.26
CA GLU H 160 -5.55 -36.82 -28.69
C GLU H 160 -5.38 -36.80 -27.17
N CYS H 161 -4.24 -36.28 -26.72
CA CYS H 161 -3.92 -36.32 -25.29
C CYS H 161 -4.91 -35.51 -24.49
N ASP H 162 -5.44 -36.10 -23.42
CA ASP H 162 -6.28 -35.40 -22.47
C ASP H 162 -5.41 -34.92 -21.31
N CYS H 163 -6.01 -34.08 -20.47
CA CYS H 163 -5.42 -33.45 -19.29
C CYS H 163 -4.52 -32.27 -19.67
N ASN H 164 -4.29 -32.00 -20.95
CA ASN H 164 -3.51 -30.86 -21.40
C ASN H 164 -4.30 -30.11 -22.47
N ILE H 165 -4.22 -28.79 -22.40
CA ILE H 165 -4.79 -27.94 -23.45
C ILE H 165 -3.96 -28.12 -24.72
N PRO H 166 -4.57 -28.35 -25.89
CA PRO H 166 -3.77 -28.34 -27.12
C PRO H 166 -3.43 -26.92 -27.52
N LYS H 167 -2.40 -26.38 -26.88
CA LYS H 167 -2.12 -24.95 -27.01
C LYS H 167 -1.58 -24.60 -28.38
N GLY H 168 -0.70 -25.44 -28.93
CA GLY H 168 -0.19 -25.18 -30.26
C GLY H 168 -1.24 -25.32 -31.34
N PHE H 169 -2.09 -26.35 -31.24
CA PHE H 169 -3.17 -26.51 -32.19
C PHE H 169 -4.11 -25.31 -32.17
N ILE H 170 -4.49 -24.87 -30.96
CA ILE H 170 -5.36 -23.72 -30.82
C ILE H 170 -4.69 -22.48 -31.39
N ASP H 171 -3.39 -22.32 -31.14
CA ASP H 171 -2.68 -21.14 -31.61
C ASP H 171 -2.65 -21.10 -33.14
N MET H 172 -2.37 -22.23 -33.78
CA MET H 172 -2.37 -22.26 -35.24
C MET H 172 -3.75 -22.00 -35.81
N ILE H 173 -4.78 -22.58 -35.19
CA ILE H 173 -6.13 -22.34 -35.66
C ILE H 173 -6.47 -20.85 -35.58
N LEU H 174 -6.15 -20.22 -34.46
CA LEU H 174 -6.46 -18.80 -34.32
C LEU H 174 -5.63 -17.96 -35.28
N LYS H 175 -4.38 -18.34 -35.51
CA LYS H 175 -3.54 -17.58 -36.44
C LYS H 175 -4.15 -17.57 -37.83
N LEU H 176 -4.55 -18.75 -38.34
CA LEU H 176 -5.16 -18.78 -39.66
C LEU H 176 -6.50 -18.06 -39.67
N LYS H 177 -7.34 -18.30 -38.67
CA LYS H 177 -8.66 -17.70 -38.63
C LYS H 177 -8.56 -16.18 -38.57
N ALA H 178 -7.46 -15.65 -38.03
CA ALA H 178 -7.28 -14.20 -37.97
C ALA H 178 -7.15 -13.61 -39.36
N ILE H 179 -6.27 -14.16 -40.17
CA ILE H 179 -6.14 -13.70 -41.55
C ILE H 179 -7.46 -13.88 -42.28
N GLU H 180 -8.15 -15.00 -42.04
CA GLU H 180 -9.42 -15.23 -42.71
C GLU H 180 -10.43 -14.12 -42.41
N LEU H 181 -10.68 -13.86 -41.12
CA LEU H 181 -11.69 -12.86 -40.77
C LEU H 181 -11.26 -11.46 -41.17
N CYS H 182 -9.98 -11.14 -41.01
CA CYS H 182 -9.52 -9.82 -41.43
C CYS H 182 -9.61 -9.63 -42.93
N VAL H 183 -9.60 -10.72 -43.70
CA VAL H 183 -9.83 -10.61 -45.14
C VAL H 183 -11.31 -10.44 -45.43
N ARG H 184 -12.15 -11.26 -44.82
CA ARG H 184 -13.58 -11.22 -45.15
C ARG H 184 -14.29 -10.00 -44.57
N THR H 185 -13.67 -9.27 -43.65
CA THR H 185 -14.22 -8.02 -43.16
C THR H 185 -13.73 -6.80 -43.92
N GLY H 186 -12.77 -6.97 -44.84
CA GLY H 186 -12.18 -5.85 -45.51
C GLY H 186 -11.05 -5.18 -44.75
N ASN H 187 -10.61 -5.75 -43.63
CA ASN H 187 -9.54 -5.15 -42.83
C ASN H 187 -8.19 -5.67 -43.36
N TYR H 188 -7.91 -5.32 -44.60
CA TYR H 188 -6.71 -5.78 -45.27
C TYR H 188 -5.40 -5.32 -44.61
N PRO H 189 -5.25 -4.10 -44.10
CA PRO H 189 -3.96 -3.75 -43.47
C PRO H 189 -3.60 -4.62 -42.28
N GLN H 190 -4.52 -4.81 -41.34
CA GLN H 190 -4.24 -5.70 -40.22
C GLN H 190 -4.03 -7.12 -40.74
N ALA H 191 -4.64 -7.47 -41.87
CA ALA H 191 -4.37 -8.76 -42.47
C ALA H 191 -2.90 -8.89 -42.84
N ILE H 192 -2.30 -7.85 -43.43
CA ILE H 192 -0.85 -7.92 -43.68
C ILE H 192 -0.05 -7.93 -42.40
N LYS H 193 -0.45 -7.17 -41.39
CA LYS H 193 0.31 -7.20 -40.15
C LYS H 193 0.35 -8.61 -39.58
N TYR H 194 -0.79 -9.28 -39.55
CA TYR H 194 -0.81 -10.67 -39.09
C TYR H 194 -0.03 -11.58 -40.02
N TRP H 195 -0.14 -11.38 -41.33
CA TRP H 195 0.58 -12.24 -42.26
C TRP H 195 2.09 -12.11 -42.05
N ASN H 196 2.58 -10.87 -41.94
CA ASN H 196 4.00 -10.64 -41.73
C ASN H 196 4.46 -11.21 -40.40
N LYS H 197 3.63 -11.07 -39.36
CA LYS H 197 4.02 -11.58 -38.05
C LYS H 197 4.07 -13.10 -38.05
N PHE H 198 3.08 -13.77 -38.64
CA PHE H 198 2.91 -15.21 -38.49
C PHE H 198 3.60 -15.99 -39.61
N PHE H 199 3.23 -15.73 -40.87
CA PHE H 199 3.45 -16.69 -41.95
C PHE H 199 4.40 -16.19 -43.03
N ILE H 200 5.12 -15.09 -42.81
CA ILE H 200 6.04 -14.62 -43.84
C ILE H 200 7.24 -15.54 -43.98
N LYS H 201 7.61 -16.25 -42.91
CA LYS H 201 8.76 -17.13 -42.90
C LYS H 201 8.38 -18.55 -43.33
N ASN H 202 7.27 -18.70 -44.03
CA ASN H 202 6.85 -20.01 -44.50
C ASN H 202 7.81 -20.53 -45.57
N ASN H 203 8.11 -21.82 -45.50
CA ASN H 203 9.00 -22.50 -46.42
C ASN H 203 8.24 -23.60 -47.13
N CYS H 204 8.64 -23.88 -48.36
CA CYS H 204 8.05 -24.96 -49.13
C CYS H 204 9.05 -25.38 -50.21
N LYS H 205 8.79 -26.55 -50.78
CA LYS H 205 9.60 -27.03 -51.89
C LYS H 205 9.25 -26.23 -53.14
N SER H 206 10.23 -25.52 -53.69
CA SER H 206 9.99 -24.73 -54.88
C SER H 206 9.66 -25.67 -56.04
N PRO H 207 8.82 -25.23 -56.97
CA PRO H 207 8.45 -26.11 -58.09
C PRO H 207 9.67 -26.47 -58.93
N THR H 208 9.72 -27.71 -59.39
CA THR H 208 10.78 -28.15 -60.29
C THR H 208 10.51 -27.61 -61.68
N SER H 209 11.40 -26.76 -62.19
CA SER H 209 11.18 -26.14 -63.49
C SER H 209 11.04 -27.18 -64.58
N ASN H 210 11.89 -28.21 -64.56
CA ASN H 210 11.71 -29.34 -65.46
C ASN H 210 10.52 -30.16 -65.01
N CYS H 211 9.48 -30.21 -65.83
CA CYS H 211 8.24 -30.86 -65.44
C CYS H 211 8.47 -32.36 -65.24
N GLY H 212 7.61 -32.96 -64.42
CA GLY H 212 7.73 -34.36 -64.06
C GLY H 212 6.74 -35.22 -64.83
N CYS H 213 7.10 -36.49 -65.01
CA CYS H 213 6.26 -37.46 -65.69
C CYS H 213 5.34 -38.14 -64.69
N TYR H 214 4.04 -38.03 -64.90
CA TYR H 214 3.04 -38.61 -64.02
C TYR H 214 1.67 -38.40 -64.66
N GLY H 215 0.67 -39.04 -64.07
CA GLY H 215 -0.69 -38.95 -64.59
C GLY H 215 -1.64 -39.89 -63.87
N MET I 1 -25.70 -12.80 -40.63
CA MET I 1 -25.88 -11.80 -39.54
C MET I 1 -25.24 -10.48 -39.94
N ASP I 2 -23.96 -10.57 -40.34
CA ASP I 2 -23.01 -9.50 -40.60
C ASP I 2 -22.45 -8.96 -39.27
N LYS I 3 -23.04 -9.30 -38.12
CA LYS I 3 -22.57 -8.82 -36.83
C LYS I 3 -21.76 -9.86 -36.07
N MET I 4 -22.09 -11.14 -36.18
CA MET I 4 -21.21 -12.16 -35.60
C MET I 4 -19.82 -12.08 -36.22
N LEU I 5 -19.74 -11.74 -37.51
CA LEU I 5 -18.45 -11.49 -38.14
C LEU I 5 -17.71 -10.37 -37.41
N GLU I 6 -18.38 -9.25 -37.15
CA GLU I 6 -17.72 -8.13 -36.48
C GLU I 6 -17.29 -8.51 -35.07
N ILE I 7 -18.17 -9.17 -34.32
CA ILE I 7 -17.84 -9.54 -32.95
C ILE I 7 -16.64 -10.48 -32.94
N SER I 8 -16.64 -11.47 -33.83
CA SER I 8 -15.52 -12.42 -33.87
C SER I 8 -14.22 -11.73 -34.27
N GLU I 9 -14.27 -10.84 -35.27
CA GLU I 9 -13.05 -10.17 -35.70
C GLU I 9 -12.50 -9.29 -34.59
N GLU I 10 -13.38 -8.53 -33.92
CA GLU I 10 -12.96 -7.71 -32.80
C GLU I 10 -12.38 -8.57 -31.69
N ALA I 11 -13.00 -9.71 -31.41
CA ALA I 11 -12.55 -10.57 -30.33
C ALA I 11 -11.15 -11.09 -30.61
N ILE I 12 -10.90 -11.57 -31.82
CA ILE I 12 -9.58 -12.14 -32.10
C ILE I 12 -8.53 -11.05 -32.23
N THR I 13 -8.89 -9.87 -32.74
CA THR I 13 -7.91 -8.79 -32.78
C THR I 13 -7.51 -8.38 -31.38
N ARG I 14 -8.47 -8.34 -30.45
CA ARG I 14 -8.13 -8.10 -29.05
C ARG I 14 -7.28 -9.23 -28.49
N TYR I 15 -7.58 -10.47 -28.89
CA TYR I 15 -6.77 -11.61 -28.45
C TYR I 15 -5.31 -11.44 -28.84
N PHE I 16 -5.05 -11.16 -30.11
CA PHE I 16 -3.66 -11.07 -30.54
C PHE I 16 -3.00 -9.78 -30.09
N THR I 17 -3.77 -8.72 -29.87
CA THR I 17 -3.19 -7.54 -29.24
C THR I 17 -2.75 -7.84 -27.81
N THR I 18 -3.55 -8.61 -27.07
CA THR I 18 -3.14 -9.01 -25.72
C THR I 18 -1.91 -9.91 -25.76
N LEU I 19 -1.89 -10.87 -26.69
CA LEU I 19 -0.72 -11.71 -26.83
C LEU I 19 0.51 -10.93 -27.29
N SER I 20 0.32 -9.77 -27.89
CA SER I 20 1.45 -8.92 -28.26
C SER I 20 1.94 -8.11 -27.07
N GLN I 21 1.03 -7.47 -26.33
CA GLN I 21 1.43 -6.72 -25.15
C GLN I 21 1.99 -7.66 -24.09
N PHE I 22 1.16 -8.59 -23.63
CA PHE I 22 1.58 -9.61 -22.68
C PHE I 22 1.93 -10.86 -23.47
N GLY I 23 2.30 -11.92 -22.79
CA GLY I 23 2.61 -13.18 -23.48
C GLY I 23 1.70 -14.28 -23.01
N TYR I 24 0.48 -13.91 -22.65
CA TYR I 24 -0.42 -14.82 -21.97
C TYR I 24 -1.83 -14.27 -22.03
N LYS I 25 -2.80 -15.15 -22.20
CA LYS I 25 -4.20 -14.82 -21.98
C LYS I 25 -4.88 -16.08 -21.45
N LYS I 26 -5.83 -15.90 -20.54
CA LYS I 26 -6.49 -17.03 -19.90
C LYS I 26 -7.06 -17.96 -20.96
N TYR I 27 -6.81 -19.26 -20.81
CA TYR I 27 -7.41 -20.22 -21.72
C TYR I 27 -8.89 -20.41 -21.45
N SER I 28 -9.36 -20.03 -20.27
CA SER I 28 -10.80 -19.98 -20.04
C SER I 28 -11.48 -18.95 -20.93
N ASP I 29 -10.73 -17.97 -21.44
CA ASP I 29 -11.25 -16.99 -22.40
C ASP I 29 -10.95 -17.39 -23.84
N VAL I 30 -9.85 -18.09 -24.07
CA VAL I 30 -9.63 -18.67 -25.39
C VAL I 30 -10.75 -19.66 -25.69
N ASP I 31 -11.28 -20.32 -24.67
CA ASP I 31 -12.41 -21.21 -24.87
C ASP I 31 -13.64 -20.44 -25.35
N LYS I 32 -13.87 -19.28 -24.77
CA LYS I 32 -15.00 -18.44 -25.19
C LYS I 32 -14.81 -17.97 -26.62
N ILE I 33 -13.58 -17.62 -26.99
CA ILE I 33 -13.31 -17.23 -28.37
C ILE I 33 -13.54 -18.40 -29.33
N ILE I 34 -13.10 -19.60 -28.94
CA ILE I 34 -13.29 -20.78 -29.79
C ILE I 34 -14.76 -21.04 -30.03
N VAL I 35 -15.56 -20.99 -28.96
CA VAL I 35 -17.00 -21.14 -29.09
C VAL I 35 -17.56 -20.06 -30.00
N LEU I 36 -17.08 -18.83 -29.83
CA LEU I 36 -17.66 -17.71 -30.56
C LEU I 36 -17.45 -17.86 -32.06
N PHE I 37 -16.22 -18.07 -32.52
CA PHE I 37 -16.08 -18.12 -33.97
C PHE I 37 -16.51 -19.48 -34.53
N PHE I 38 -16.56 -20.53 -33.70
CA PHE I 38 -17.18 -21.77 -34.18
C PHE I 38 -18.66 -21.55 -34.46
N MET I 39 -19.36 -20.84 -33.58
CA MET I 39 -20.74 -20.47 -33.86
C MET I 39 -20.84 -19.57 -35.08
N GLU I 40 -19.91 -18.63 -35.23
CA GLU I 40 -19.98 -17.72 -36.37
C GLU I 40 -19.87 -18.49 -37.68
N GLU I 41 -18.92 -19.42 -37.77
CA GLU I 41 -18.78 -20.21 -38.98
C GLU I 41 -19.92 -21.20 -39.14
N MET I 42 -20.48 -21.69 -38.03
CA MET I 42 -21.63 -22.58 -38.08
C MET I 42 -22.85 -21.87 -38.68
N LEU I 43 -23.10 -20.63 -38.29
CA LEU I 43 -24.30 -19.93 -38.72
C LEU I 43 -24.13 -19.27 -40.09
N ALA I 44 -22.89 -19.10 -40.56
CA ALA I 44 -22.62 -18.47 -41.84
C ALA I 44 -22.17 -19.48 -42.88
N GLY I 45 -22.60 -20.73 -42.74
CA GLY I 45 -22.15 -21.81 -43.61
C GLY I 45 -23.27 -22.71 -44.07
N GLU I 46 -22.93 -23.95 -44.41
CA GLU I 46 -23.89 -24.91 -44.95
C GLU I 46 -24.79 -25.49 -43.88
N MET I 47 -24.51 -25.25 -42.61
CA MET I 47 -25.28 -25.80 -41.50
C MET I 47 -26.29 -24.81 -40.93
N SER I 48 -26.49 -23.66 -41.58
CA SER I 48 -27.50 -22.70 -41.14
C SER I 48 -28.90 -23.06 -41.61
N TYR I 49 -29.03 -24.08 -42.46
CA TYR I 49 -30.34 -24.53 -42.94
C TYR I 49 -31.04 -25.45 -41.96
N TYR I 50 -30.38 -25.85 -40.87
CA TYR I 50 -30.96 -26.71 -39.86
C TYR I 50 -31.54 -25.94 -38.69
N VAL I 51 -31.57 -24.61 -38.77
CA VAL I 51 -31.87 -23.76 -37.63
C VAL I 51 -33.32 -23.32 -37.71
N THR I 52 -34.10 -23.66 -36.68
CA THR I 52 -35.44 -23.15 -36.51
C THR I 52 -35.37 -21.84 -35.73
N GLN I 53 -36.54 -21.22 -35.49
CA GLN I 53 -36.54 -20.02 -34.67
C GLN I 53 -36.34 -20.35 -33.20
N ASP I 54 -36.82 -21.50 -32.73
CA ASP I 54 -36.50 -21.91 -31.37
C ASP I 54 -35.00 -22.12 -31.21
N ASP I 55 -34.37 -22.75 -32.21
CA ASP I 55 -32.92 -22.91 -32.20
C ASP I 55 -32.24 -21.56 -32.24
N TYR I 56 -32.77 -20.61 -33.00
CA TYR I 56 -32.19 -19.27 -33.03
C TYR I 56 -32.28 -18.59 -31.67
N ARG I 57 -33.42 -18.70 -31.01
CA ARG I 57 -33.57 -18.16 -29.67
C ARG I 57 -32.51 -18.74 -28.74
N ASN I 58 -32.39 -20.07 -28.76
CA ASN I 58 -31.44 -20.74 -27.86
C ASN I 58 -30.01 -20.35 -28.18
N ILE I 59 -29.67 -20.27 -29.46
CA ILE I 59 -28.31 -19.91 -29.86
C ILE I 59 -27.98 -18.49 -29.41
N VAL I 60 -28.92 -17.56 -29.60
CA VAL I 60 -28.65 -16.19 -29.20
C VAL I 60 -28.52 -16.07 -27.69
N ASN I 61 -29.40 -16.74 -26.95
CA ASN I 61 -29.36 -16.64 -25.50
C ASN I 61 -28.15 -17.35 -24.92
N ALA I 62 -27.61 -18.35 -25.61
CA ALA I 62 -26.35 -18.96 -25.21
C ALA I 62 -25.15 -18.11 -25.58
N LEU I 63 -25.22 -17.37 -26.69
CA LEU I 63 -24.11 -16.50 -27.06
C LEU I 63 -24.00 -15.31 -26.13
N TYR I 64 -25.13 -14.78 -25.65
CA TYR I 64 -25.03 -13.65 -24.73
C TYR I 64 -24.54 -14.03 -23.35
N CYS I 65 -24.32 -15.31 -23.06
CA CYS I 65 -23.51 -15.63 -21.90
C CYS I 65 -22.06 -15.20 -22.09
N LEU I 66 -21.60 -15.08 -23.33
CA LEU I 66 -20.22 -14.69 -23.63
C LEU I 66 -20.05 -13.17 -23.69
N ALA I 67 -21.12 -12.40 -23.53
CA ALA I 67 -21.10 -10.99 -23.88
C ALA I 67 -20.10 -10.20 -23.04
N GLY I 68 -20.34 -10.11 -21.73
CA GLY I 68 -19.43 -9.41 -20.85
C GLY I 68 -18.52 -10.36 -20.09
N SER I 69 -18.41 -11.59 -20.59
CA SER I 69 -17.61 -12.60 -19.90
C SER I 69 -16.15 -12.20 -19.86
N THR I 70 -15.62 -11.65 -20.95
CA THR I 70 -14.22 -11.26 -21.04
C THR I 70 -14.11 -9.92 -21.73
N CYS I 71 -12.89 -9.41 -21.77
CA CYS I 71 -12.63 -8.10 -22.37
C CYS I 71 -12.62 -8.16 -23.89
N MET I 72 -12.39 -9.34 -24.47
CA MET I 72 -12.40 -9.46 -25.92
C MET I 72 -13.81 -9.27 -26.47
N ILE I 73 -14.80 -9.86 -25.81
CA ILE I 73 -16.18 -9.84 -26.26
C ILE I 73 -16.89 -8.76 -25.49
N ASP I 74 -17.63 -7.90 -26.20
CA ASP I 74 -18.43 -6.85 -25.61
C ASP I 74 -19.91 -7.08 -25.90
N PHE I 75 -20.74 -6.34 -25.20
CA PHE I 75 -22.16 -6.33 -25.48
C PHE I 75 -22.37 -5.61 -26.81
N PRO I 76 -23.00 -6.23 -27.81
CA PRO I 76 -23.24 -5.51 -29.07
C PRO I 76 -24.22 -4.38 -28.85
N MET I 77 -24.09 -3.33 -29.65
CA MET I 77 -25.07 -2.25 -29.67
C MET I 77 -25.80 -2.23 -31.00
N PHE I 78 -27.13 -2.19 -30.91
CA PHE I 78 -28.02 -2.11 -32.05
C PHE I 78 -28.69 -0.75 -32.03
N GLU I 79 -29.26 -0.38 -33.17
CA GLU I 79 -29.81 0.95 -33.37
C GLU I 79 -31.22 0.96 -32.82
N SER I 80 -31.41 1.55 -31.62
CA SER I 80 -32.64 1.45 -30.86
C SER I 80 -33.10 2.82 -30.41
N TYR I 81 -34.43 3.03 -30.41
CA TYR I 81 -35.04 4.28 -29.97
C TYR I 81 -36.09 4.04 -28.90
N ASP I 82 -36.04 2.92 -28.20
CA ASP I 82 -37.05 2.57 -27.20
C ASP I 82 -36.49 2.68 -25.79
N THR I 83 -37.35 2.37 -24.83
CA THR I 83 -37.07 2.53 -23.41
C THR I 83 -38.22 1.86 -22.67
N LEU I 84 -38.04 1.67 -21.36
CA LEU I 84 -39.08 0.99 -20.58
C LEU I 84 -40.27 1.89 -20.32
N VAL I 85 -40.04 3.20 -20.19
CA VAL I 85 -41.12 4.17 -19.99
C VAL I 85 -41.02 5.22 -21.07
N HIS I 86 -42.08 5.35 -21.86
CA HIS I 86 -42.08 6.21 -23.04
C HIS I 86 -42.65 7.58 -22.71
N SER I 87 -42.41 8.52 -23.61
CA SER I 87 -42.91 9.88 -23.47
C SER I 87 -44.23 10.03 -24.20
N ASN I 88 -45.15 10.77 -23.58
CA ASN I 88 -46.48 11.01 -24.12
C ASN I 88 -46.55 12.44 -24.64
N ASN I 89 -46.55 12.59 -25.96
CA ASN I 89 -46.57 13.91 -26.60
C ASN I 89 -47.96 14.27 -27.14
N ARG I 90 -48.99 13.52 -26.79
CA ARG I 90 -50.34 13.86 -27.23
C ARG I 90 -50.81 15.18 -26.63
N THR I 91 -51.65 15.88 -27.39
CA THR I 91 -52.11 17.22 -27.04
C THR I 91 -53.63 17.21 -26.82
N PHE I 92 -54.09 18.07 -25.92
CA PHE I 92 -55.49 18.15 -25.54
C PHE I 92 -56.12 19.34 -26.25
N VAL I 93 -57.24 19.09 -26.95
CA VAL I 93 -57.87 20.10 -27.80
C VAL I 93 -59.39 20.01 -27.68
N PRO I 94 -60.00 20.56 -26.64
CA PRO I 94 -61.45 20.42 -26.48
C PRO I 94 -62.21 21.26 -27.50
N ARG I 95 -63.47 20.89 -27.69
CA ARG I 95 -64.38 21.54 -28.65
C ARG I 95 -65.36 22.41 -27.87
N ILE I 96 -65.24 23.74 -28.05
CA ILE I 96 -66.14 24.77 -27.51
C ILE I 96 -66.71 24.37 -26.15
N THR I 97 -65.82 24.00 -25.22
CA THR I 97 -66.18 23.72 -23.83
C THR I 97 -67.25 22.62 -23.72
N GLU I 98 -67.22 21.66 -24.64
CA GLU I 98 -68.22 20.62 -24.70
C GLU I 98 -67.76 19.38 -23.97
N ASP I 99 -68.72 18.51 -23.68
CA ASP I 99 -68.44 17.19 -23.13
C ASP I 99 -69.52 16.24 -23.64
N SER I 100 -69.19 14.96 -23.64
CA SER I 100 -70.16 13.94 -24.01
C SER I 100 -71.09 13.71 -22.84
N ILE I 101 -71.90 12.65 -22.91
CA ILE I 101 -72.87 12.40 -21.85
C ILE I 101 -72.18 12.04 -20.53
N LEU I 102 -70.92 11.62 -20.57
CA LEU I 102 -70.18 11.22 -19.37
C LEU I 102 -68.80 11.84 -19.22
N ARG I 103 -68.17 12.33 -20.29
CA ARG I 103 -66.76 12.67 -20.27
C ARG I 103 -66.49 13.76 -21.30
N SER I 104 -65.23 14.22 -21.33
CA SER I 104 -64.83 15.33 -22.19
C SER I 104 -64.65 14.84 -23.63
N THR I 105 -64.35 15.80 -24.52
CA THR I 105 -64.24 15.54 -25.94
C THR I 105 -63.14 16.43 -26.52
N GLU I 106 -62.61 16.03 -27.66
CA GLU I 106 -61.66 16.85 -28.40
C GLU I 106 -61.96 16.73 -29.90
N ASP I 107 -61.11 17.34 -30.72
CA ASP I 107 -61.25 17.29 -32.17
C ASP I 107 -61.28 15.85 -32.67
N MET J 1 -39.03 -13.70 -38.39
CA MET J 1 -39.23 -12.61 -39.37
C MET J 1 -40.72 -12.39 -39.63
N PHE J 2 -41.05 -11.26 -40.25
CA PHE J 2 -42.40 -11.01 -40.75
C PHE J 2 -42.19 -10.34 -42.10
N PHE J 3 -42.26 -11.12 -43.17
CA PHE J 3 -41.99 -10.58 -44.49
C PHE J 3 -43.11 -9.66 -44.95
N THR J 4 -42.72 -8.52 -45.49
CA THR J 4 -43.68 -7.64 -46.11
C THR J 4 -43.94 -8.08 -47.53
N GLN J 5 -45.02 -7.52 -48.09
CA GLN J 5 -45.39 -7.87 -49.46
C GLN J 5 -44.30 -7.47 -50.44
N GLU J 6 -43.77 -6.26 -50.27
CA GLU J 6 -42.75 -5.76 -51.19
C GLU J 6 -41.52 -6.64 -51.17
N ASP J 7 -41.22 -7.25 -50.02
CA ASP J 7 -40.09 -8.18 -49.95
C ASP J 7 -40.32 -9.41 -50.83
N TYR J 8 -41.55 -9.93 -50.87
CA TYR J 8 -41.84 -11.03 -51.78
C TYR J 8 -41.71 -10.61 -53.22
N ARG J 9 -42.19 -9.41 -53.55
CA ARG J 9 -41.89 -8.87 -54.88
C ARG J 9 -40.39 -8.80 -55.15
N LYS J 10 -39.61 -8.37 -54.15
CA LYS J 10 -38.16 -8.30 -54.34
C LYS J 10 -37.57 -9.67 -54.62
N ILE J 11 -38.01 -10.68 -53.87
CA ILE J 11 -37.43 -12.01 -54.03
C ILE J 11 -37.75 -12.59 -55.40
N GLU J 12 -39.02 -12.48 -55.82
CA GLU J 12 -39.35 -12.97 -57.16
C GLU J 12 -38.65 -12.18 -58.24
N LYS J 13 -38.53 -10.87 -58.06
CA LYS J 13 -37.78 -10.06 -59.02
C LYS J 13 -36.35 -10.56 -59.16
N TRP J 14 -35.69 -10.82 -58.03
CA TRP J 14 -34.30 -11.24 -58.12
C TRP J 14 -34.17 -12.65 -58.65
N LEU J 15 -35.19 -13.49 -58.46
CA LEU J 15 -35.15 -14.81 -59.04
C LEU J 15 -35.33 -14.76 -60.56
N LEU J 16 -36.17 -13.85 -61.04
CA LEU J 16 -36.38 -13.71 -62.49
C LEU J 16 -35.33 -12.86 -63.18
N ALA J 17 -34.39 -12.26 -62.45
CA ALA J 17 -33.17 -11.78 -63.13
C ALA J 17 -32.50 -12.86 -63.96
N ASN J 18 -32.48 -14.10 -63.47
CA ASN J 18 -31.85 -15.21 -64.18
C ASN J 18 -32.86 -15.93 -65.07
N SER J 19 -33.82 -15.18 -65.58
CA SER J 19 -34.87 -15.73 -66.42
C SER J 19 -34.30 -16.17 -67.76
N MET K 1 -27.81 -10.29 -41.70
CA MET K 1 -29.16 -10.93 -41.85
C MET K 1 -29.02 -12.44 -41.74
N PHE K 2 -30.04 -13.09 -41.18
CA PHE K 2 -30.01 -14.53 -41.00
C PHE K 2 -31.39 -15.10 -41.25
N PHE K 3 -31.44 -16.20 -41.99
CA PHE K 3 -32.68 -16.92 -42.25
C PHE K 3 -32.72 -18.20 -41.45
N THR K 4 -33.91 -18.54 -40.96
CA THR K 4 -34.18 -19.81 -40.31
C THR K 4 -34.92 -20.71 -41.29
N GLN K 5 -35.23 -21.94 -40.85
CA GLN K 5 -35.99 -22.83 -41.71
C GLN K 5 -37.35 -22.25 -42.04
N GLU K 6 -38.04 -21.71 -41.02
CA GLU K 6 -39.40 -21.21 -41.23
C GLU K 6 -39.43 -20.11 -42.27
N ASP K 7 -38.40 -19.25 -42.28
CA ASP K 7 -38.33 -18.19 -43.28
C ASP K 7 -38.27 -18.78 -44.69
N TYR K 8 -37.44 -19.80 -44.89
CA TYR K 8 -37.37 -20.46 -46.19
C TYR K 8 -38.69 -21.13 -46.53
N ARG K 9 -39.36 -21.74 -45.55
CA ARG K 9 -40.64 -22.37 -45.83
C ARG K 9 -41.66 -21.35 -46.31
N LYS K 10 -41.71 -20.19 -45.64
CA LYS K 10 -42.61 -19.12 -46.08
C LYS K 10 -42.27 -18.68 -47.49
N ILE K 11 -40.98 -18.47 -47.78
CA ILE K 11 -40.60 -17.97 -49.10
C ILE K 11 -40.97 -18.97 -50.18
N GLU K 12 -40.69 -20.26 -49.97
CA GLU K 12 -40.98 -21.24 -51.02
C GLU K 12 -42.47 -21.46 -51.17
N LYS K 13 -43.21 -21.50 -50.06
CA LYS K 13 -44.66 -21.63 -50.15
C LYS K 13 -45.26 -20.48 -50.92
N TRP K 14 -44.78 -19.27 -50.65
CA TRP K 14 -45.32 -18.11 -51.34
C TRP K 14 -44.90 -18.06 -52.81
N LEU K 15 -43.70 -18.55 -53.14
CA LEU K 15 -43.34 -18.71 -54.55
C LEU K 15 -44.28 -19.67 -55.25
N LEU K 16 -44.56 -20.83 -54.63
CA LEU K 16 -45.40 -21.82 -55.28
C LEU K 16 -46.86 -21.36 -55.37
N ALA K 17 -47.32 -20.56 -54.39
CA ALA K 17 -48.70 -20.10 -54.41
C ALA K 17 -48.99 -19.27 -55.66
N ASN K 18 -47.97 -18.58 -56.19
CA ASN K 18 -48.12 -17.69 -57.33
C ASN K 18 -47.31 -18.17 -58.53
N SER K 19 -47.43 -19.46 -58.85
CA SER K 19 -46.82 -20.02 -60.05
C SER K 19 -47.61 -21.23 -60.53
N MET L 1 -36.13 -3.22 -45.95
CA MET L 1 -35.75 -4.63 -45.65
C MET L 1 -34.87 -5.15 -46.79
N PHE L 2 -33.59 -4.75 -46.76
CA PHE L 2 -32.69 -4.91 -47.89
C PHE L 2 -32.04 -6.29 -47.88
N PHE L 3 -32.02 -6.92 -49.06
CA PHE L 3 -31.38 -8.21 -49.26
C PHE L 3 -30.08 -8.03 -50.02
N THR L 4 -29.03 -8.64 -49.53
CA THR L 4 -27.74 -8.65 -50.21
C THR L 4 -27.66 -9.86 -51.14
N GLN L 5 -26.60 -9.90 -51.94
CA GLN L 5 -26.41 -11.02 -52.85
C GLN L 5 -26.30 -12.34 -52.10
N GLU L 6 -25.72 -12.32 -50.90
CA GLU L 6 -25.57 -13.55 -50.13
C GLU L 6 -26.92 -14.10 -49.70
N ASP L 7 -27.84 -13.23 -49.27
CA ASP L 7 -29.16 -13.71 -48.89
C ASP L 7 -29.87 -14.37 -50.06
N TYR L 8 -29.78 -13.76 -51.24
CA TYR L 8 -30.34 -14.38 -52.44
C TYR L 8 -29.65 -15.69 -52.76
N ARG L 9 -28.35 -15.79 -52.50
CA ARG L 9 -27.66 -17.07 -52.71
C ARG L 9 -28.23 -18.14 -51.80
N LYS L 10 -28.50 -17.80 -50.54
CA LYS L 10 -29.13 -18.77 -49.65
C LYS L 10 -30.52 -19.16 -50.15
N ILE L 11 -31.28 -18.20 -50.67
CA ILE L 11 -32.59 -18.52 -51.22
C ILE L 11 -32.47 -19.47 -52.40
N GLU L 12 -31.55 -19.21 -53.32
CA GLU L 12 -31.35 -20.11 -54.45
C GLU L 12 -30.96 -21.50 -53.98
N LYS L 13 -30.06 -21.57 -53.00
CA LYS L 13 -29.59 -22.85 -52.50
C LYS L 13 -30.72 -23.64 -51.84
N TRP L 14 -31.63 -22.96 -51.15
CA TRP L 14 -32.78 -23.66 -50.58
C TRP L 14 -33.74 -24.12 -51.66
N LEU L 15 -33.99 -23.27 -52.66
CA LEU L 15 -34.98 -23.63 -53.67
C LEU L 15 -34.49 -24.72 -54.59
N LEU L 16 -33.18 -24.81 -54.83
CA LEU L 16 -32.66 -25.83 -55.73
C LEU L 16 -32.96 -27.24 -55.23
N ALA L 17 -33.04 -27.42 -53.91
CA ALA L 17 -33.36 -28.74 -53.38
C ALA L 17 -34.76 -29.19 -53.75
N ASN L 18 -35.66 -28.23 -54.03
CA ASN L 18 -37.06 -28.56 -54.28
C ASN L 18 -37.35 -28.78 -55.76
N SER L 19 -36.63 -28.11 -56.64
CA SER L 19 -36.90 -28.15 -58.06
C SER L 19 -35.97 -29.14 -58.76
N ARG L 20 -36.41 -29.64 -59.91
CA ARG L 20 -35.60 -30.53 -60.73
C ARG L 20 -35.86 -30.22 -62.21
N LYS L 21 -35.03 -30.79 -63.07
CA LYS L 21 -34.95 -30.40 -64.47
C LYS L 21 -36.00 -31.14 -65.29
N ASP L 22 -35.99 -30.88 -66.61
CA ASP L 22 -36.91 -31.57 -67.51
C ASP L 22 -36.64 -33.07 -67.52
N THR L 23 -35.36 -33.45 -67.48
CA THR L 23 -35.00 -34.87 -67.58
C THR L 23 -35.58 -35.69 -66.42
N ASP L 24 -35.88 -35.04 -65.30
CA ASP L 24 -36.18 -35.77 -64.07
C ASP L 24 -37.65 -36.15 -63.91
N PHE L 25 -38.53 -35.80 -64.85
CA PHE L 25 -39.90 -36.30 -64.79
C PHE L 25 -39.93 -37.79 -65.06
N ALA M 425 -94.94 -43.75 68.59
CA ALA M 425 -96.29 -43.17 68.85
C ALA M 425 -96.25 -42.07 69.91
N PHE M 426 -95.11 -41.90 70.57
CA PHE M 426 -94.81 -40.83 71.53
C PHE M 426 -95.59 -40.93 72.84
N GLY M 427 -96.52 -41.87 72.98
CA GLY M 427 -97.26 -41.97 74.22
C GLY M 427 -96.60 -42.91 75.22
N GLY M 428 -95.78 -42.37 76.11
CA GLY M 428 -95.07 -43.20 77.06
C GLY M 428 -93.96 -44.01 76.45
N TRP M 429 -93.43 -43.59 75.30
CA TRP M 429 -92.38 -44.30 74.60
C TRP M 429 -91.30 -43.33 74.16
N LEU M 430 -90.07 -43.83 74.12
CA LEU M 430 -88.92 -43.10 73.61
C LEU M 430 -88.35 -43.93 72.48
N ASN M 431 -88.80 -43.63 71.26
CA ASN M 431 -88.36 -44.33 70.07
C ASN M 431 -87.20 -43.53 69.47
N THR M 432 -85.98 -43.89 69.88
CA THR M 432 -84.78 -43.21 69.44
C THR M 432 -83.67 -44.23 69.23
N GLN M 433 -82.72 -43.87 68.37
CA GLN M 433 -81.61 -44.74 68.00
C GLN M 433 -82.11 -46.10 67.54
N GLY M 434 -83.19 -46.11 66.76
CA GLY M 434 -83.66 -47.33 66.15
C GLY M 434 -84.22 -48.36 67.11
N GLY M 435 -84.56 -47.96 68.33
CA GLY M 435 -85.18 -48.86 69.29
C GLY M 435 -86.49 -48.28 69.78
N ASP M 436 -87.19 -49.08 70.59
CA ASP M 436 -88.47 -48.70 71.19
C ASP M 436 -88.38 -48.93 72.69
N PHE M 437 -88.04 -47.89 73.45
CA PHE M 437 -87.87 -47.97 74.89
C PHE M 437 -89.03 -47.29 75.59
N THR M 438 -89.58 -47.95 76.61
CA THR M 438 -90.75 -47.50 77.33
C THR M 438 -90.46 -47.40 78.81
N ASN M 439 -91.15 -46.49 79.48
CA ASN M 439 -91.08 -46.39 80.94
C ASN M 439 -92.17 -47.21 81.62
N GLY M 440 -92.95 -47.99 80.87
CA GLY M 440 -93.96 -48.85 81.42
C GLY M 440 -95.37 -48.28 81.38
N VAL M 441 -95.50 -46.97 81.24
CA VAL M 441 -96.80 -46.31 81.20
C VAL M 441 -97.38 -46.46 79.80
N THR M 442 -98.64 -46.86 79.74
CA THR M 442 -99.33 -47.14 78.48
C THR M 442 -100.33 -46.03 78.22
N PHE M 443 -99.96 -45.08 77.36
CA PHE M 443 -100.85 -44.02 76.93
C PHE M 443 -101.82 -44.62 75.93
N ILE M 444 -103.02 -44.96 76.38
CA ILE M 444 -103.98 -45.68 75.54
C ILE M 444 -104.81 -44.62 74.82
N ASN M 445 -104.30 -44.17 73.69
CA ASN M 445 -104.89 -43.10 72.89
C ASN M 445 -105.39 -43.65 71.55
N GLU M 446 -106.19 -42.83 70.88
CA GLU M 446 -106.70 -43.01 69.51
C GLU M 446 -107.91 -43.94 69.43
N GLY M 447 -108.34 -44.57 70.52
CA GLY M 447 -109.50 -45.44 70.45
C GLY M 447 -110.81 -44.69 70.44
N GLY M 448 -111.09 -43.99 71.53
CA GLY M 448 -112.33 -43.24 71.69
C GLY M 448 -113.04 -43.63 72.97
N SER M 449 -114.11 -42.88 73.24
CA SER M 449 -114.91 -43.15 74.43
C SER M 449 -115.55 -44.53 74.33
N HIS M 450 -116.00 -45.04 75.48
CA HIS M 450 -116.64 -46.34 75.49
C HIS M 450 -117.90 -46.36 74.63
N GLU M 451 -118.70 -45.30 74.70
CA GLU M 451 -119.93 -45.24 73.92
C GLU M 451 -119.65 -44.98 72.44
N GLU M 452 -118.61 -44.20 72.12
CA GLU M 452 -118.33 -43.86 70.74
C GLU M 452 -117.64 -44.99 69.97
N ASN M 453 -116.96 -45.90 70.67
CA ASN M 453 -116.28 -46.99 70.00
C ASN M 453 -117.26 -48.13 69.74
N PRO M 454 -117.36 -48.66 68.51
CA PRO M 454 -118.30 -49.78 68.29
C PRO M 454 -117.98 -51.00 69.11
N TYR M 455 -116.70 -51.25 69.40
CA TYR M 455 -116.28 -52.38 70.20
C TYR M 455 -116.22 -52.04 71.70
N GLN M 456 -116.83 -50.93 72.12
CA GLN M 456 -116.90 -50.50 73.51
C GLN M 456 -115.54 -50.11 74.09
N GLY M 457 -114.53 -49.93 73.26
CA GLY M 457 -113.22 -49.52 73.72
C GLY M 457 -112.15 -50.13 72.84
N ILE M 458 -110.93 -50.17 73.38
CA ILE M 458 -109.81 -50.70 72.62
C ILE M 458 -109.60 -52.20 72.86
N GLN M 459 -109.97 -52.71 74.04
CA GLN M 459 -109.82 -54.13 74.37
C GLN M 459 -108.34 -54.53 74.26
N ILE M 460 -107.55 -53.99 75.17
CA ILE M 460 -106.11 -54.18 75.14
C ILE M 460 -105.77 -55.67 75.28
N GLY M 461 -106.43 -56.37 76.19
CA GLY M 461 -106.09 -57.74 76.47
C GLY M 461 -107.27 -58.54 76.98
N VAL M 462 -107.01 -59.83 77.24
CA VAL M 462 -108.01 -60.78 77.70
C VAL M 462 -107.50 -61.39 79.00
N ASP M 463 -108.26 -61.23 80.08
CA ASP M 463 -107.87 -61.80 81.36
C ASP M 463 -109.12 -62.10 82.19
N GLY M 466 -111.33 -60.64 84.12
CA GLY M 466 -112.36 -60.37 83.14
C GLY M 466 -111.80 -60.30 81.73
N ALA M 467 -112.35 -61.12 80.83
CA ALA M 467 -111.91 -61.11 79.44
C ALA M 467 -112.10 -59.75 78.77
N PRO M 468 -113.27 -59.11 78.84
CA PRO M 468 -113.41 -57.78 78.19
C PRO M 468 -112.77 -56.65 78.98
N ASN M 469 -111.46 -56.47 78.80
CA ASN M 469 -110.71 -55.39 79.43
C ASN M 469 -110.74 -54.18 78.51
N LEU M 470 -111.79 -53.38 78.63
CA LEU M 470 -112.04 -52.27 77.73
C LEU M 470 -111.56 -50.96 78.33
N VAL M 471 -111.06 -50.07 77.48
CA VAL M 471 -110.47 -48.81 77.89
C VAL M 471 -110.73 -47.76 76.81
N GLU M 472 -110.80 -46.51 77.21
CA GLU M 472 -111.08 -45.40 76.31
C GLU M 472 -109.79 -44.60 76.03
N GLN M 473 -109.95 -43.47 75.34
CA GLN M 473 -108.81 -42.74 74.81
C GLN M 473 -108.04 -41.99 75.89
N GLY M 474 -108.72 -41.53 76.94
CA GLY M 474 -108.07 -40.67 77.92
C GLY M 474 -107.29 -41.37 79.00
N GLU M 475 -107.44 -42.68 79.15
CA GLU M 475 -106.87 -43.38 80.29
C GLU M 475 -105.43 -43.80 80.01
N VAL M 476 -104.70 -44.04 81.09
CA VAL M 476 -103.34 -44.57 81.04
C VAL M 476 -103.27 -45.76 81.98
N VAL M 477 -102.35 -46.68 81.69
CA VAL M 477 -102.21 -47.93 82.43
C VAL M 477 -100.75 -48.07 82.84
N TYR M 478 -100.52 -48.44 84.10
CA TYR M 478 -99.20 -48.79 84.58
C TYR M 478 -99.31 -50.06 85.42
N ASP M 479 -98.55 -51.08 85.04
CA ASP M 479 -98.52 -52.35 85.77
C ASP M 479 -99.92 -52.94 85.88
N ASP M 480 -100.64 -52.95 84.74
CA ASP M 480 -101.98 -53.53 84.65
C ASP M 480 -102.97 -52.84 85.58
N TYR M 481 -102.73 -51.59 85.93
CA TYR M 481 -103.64 -50.80 86.75
C TYR M 481 -104.10 -49.59 85.94
N VAL M 482 -105.40 -49.40 85.85
CA VAL M 482 -105.98 -48.39 84.96
C VAL M 482 -106.22 -47.11 85.75
N PHE M 483 -105.73 -45.99 85.23
CA PHE M 483 -106.00 -44.66 85.79
C PHE M 483 -107.12 -44.03 84.98
N SER M 484 -108.21 -43.69 85.66
CA SER M 484 -109.42 -43.23 84.99
C SER M 484 -109.36 -41.74 84.70
N ASP M 485 -109.71 -41.37 83.47
CA ASP M 485 -109.72 -39.97 83.07
C ASP M 485 -111.02 -39.27 83.40
N ARG M 486 -112.13 -40.01 83.41
CA ARG M 486 -113.43 -39.38 83.68
C ARG M 486 -113.54 -38.90 85.11
N MET M 487 -112.89 -39.57 86.05
CA MET M 487 -112.96 -39.19 87.45
C MET M 487 -112.11 -37.96 87.72
N GLU M 488 -112.55 -37.16 88.69
CA GLU M 488 -111.89 -35.91 89.05
C GLU M 488 -111.09 -36.10 90.33
N ILE M 489 -110.28 -35.09 90.66
CA ILE M 489 -109.42 -35.14 91.84
C ILE M 489 -110.06 -34.26 92.91
N PRO M 490 -110.56 -34.82 94.01
CA PRO M 490 -110.97 -33.96 95.13
C PRO M 490 -109.79 -33.18 95.70
N ASP M 491 -110.05 -31.94 96.11
CA ASP M 491 -108.99 -31.10 96.66
C ASP M 491 -108.41 -31.71 97.92
N ASP M 492 -109.23 -32.42 98.71
CA ASP M 492 -108.70 -33.14 99.86
C ASP M 492 -107.66 -34.17 99.43
N ILE M 493 -107.94 -34.89 98.35
CA ILE M 493 -106.97 -35.84 97.80
C ILE M 493 -105.92 -35.14 96.95
N ARG M 494 -106.16 -33.90 96.54
CA ARG M 494 -105.11 -33.13 95.87
C ARG M 494 -104.01 -32.74 96.84
N LYS M 495 -104.38 -32.22 98.01
CA LYS M 495 -103.38 -31.71 98.95
C LYS M 495 -102.49 -32.83 99.46
N GLU M 496 -103.09 -33.94 99.88
CA GLU M 496 -102.33 -35.11 100.33
C GLU M 496 -102.08 -36.04 99.15
N TYR M 497 -100.86 -36.57 99.08
CA TYR M 497 -100.24 -37.26 97.95
C TYR M 497 -99.74 -36.29 96.88
N LYS M 498 -100.06 -35.00 96.95
CA LYS M 498 -99.48 -33.97 96.10
C LYS M 498 -99.62 -34.30 94.61
N LEU M 499 -100.86 -34.37 94.16
CA LEU M 499 -101.14 -34.56 92.74
C LEU M 499 -101.17 -33.22 92.02
N ARG M 500 -101.02 -33.28 90.70
CA ARG M 500 -100.92 -32.09 89.86
C ARG M 500 -102.02 -32.00 88.81
N GLY M 501 -102.37 -33.11 88.16
CA GLY M 501 -103.37 -33.06 87.11
C GLY M 501 -104.78 -32.90 87.65
N LYS M 502 -105.68 -32.45 86.77
CA LYS M 502 -107.07 -32.27 87.16
C LYS M 502 -107.80 -33.60 87.28
N THR M 503 -107.41 -34.60 86.50
CA THR M 503 -107.95 -35.94 86.57
C THR M 503 -106.87 -36.90 87.04
N PHE M 504 -107.26 -38.15 87.29
CA PHE M 504 -106.28 -39.14 87.69
C PHE M 504 -105.38 -39.53 86.51
N ALA M 505 -105.95 -39.63 85.31
CA ALA M 505 -105.14 -39.88 84.12
C ALA M 505 -104.15 -38.75 83.90
N LYS M 506 -104.59 -37.50 84.05
CA LYS M 506 -103.68 -36.38 83.91
C LYS M 506 -102.61 -36.38 85.01
N ALA M 507 -102.97 -36.77 86.23
CA ALA M 507 -101.98 -36.87 87.29
C ALA M 507 -100.92 -37.91 86.96
N ALA M 508 -101.34 -39.06 86.43
CA ALA M 508 -100.38 -40.07 86.02
C ALA M 508 -99.52 -39.58 84.87
N LYS M 509 -100.11 -38.86 83.92
CA LYS M 509 -99.35 -38.31 82.81
C LYS M 509 -98.33 -37.28 83.26
N SER M 510 -98.63 -36.54 84.33
CA SER M 510 -97.68 -35.56 84.85
C SER M 510 -96.62 -36.19 85.75
N ALA M 511 -96.94 -37.31 86.41
CA ALA M 511 -95.98 -37.95 87.28
C ALA M 511 -94.89 -38.68 86.51
N GLN M 512 -95.18 -39.11 85.28
CA GLN M 512 -94.26 -39.91 84.48
C GLN M 512 -93.50 -39.08 83.45
N ARG M 513 -93.60 -37.74 83.50
CA ARG M 513 -92.87 -36.93 82.53
C ARG M 513 -91.37 -37.11 82.70
N GLU M 514 -90.90 -37.24 83.93
CA GLU M 514 -89.47 -37.34 84.19
C GLU M 514 -88.90 -38.65 83.64
N SER M 515 -89.70 -39.71 83.62
CA SER M 515 -89.20 -41.02 83.19
C SER M 515 -89.26 -41.23 81.68
N GLU M 516 -90.03 -40.43 80.94
CA GLU M 516 -90.19 -40.69 79.51
C GLU M 516 -88.86 -40.57 78.77
N GLU M 517 -88.09 -39.53 79.07
CA GLU M 517 -86.84 -39.30 78.35
C GLU M 517 -85.70 -40.16 78.85
N ARG M 518 -85.90 -40.92 79.92
CA ARG M 518 -84.84 -41.76 80.48
C ARG M 518 -85.45 -43.04 81.04
N PRO M 519 -85.98 -43.90 80.16
CA PRO M 519 -86.68 -45.10 80.65
C PRO M 519 -85.76 -46.13 81.28
N ASN M 520 -84.45 -46.01 81.07
CA ASN M 520 -83.48 -46.98 81.54
C ASN M 520 -82.89 -46.61 82.90
N ASP M 521 -83.07 -45.38 83.34
CA ASP M 521 -82.42 -44.89 84.56
C ASP M 521 -83.04 -45.57 85.77
N PRO M 522 -82.25 -46.21 86.66
CA PRO M 522 -82.87 -46.84 87.83
C PRO M 522 -83.60 -45.87 88.75
N LEU M 523 -83.06 -44.66 88.95
CA LEU M 523 -83.74 -43.71 89.81
C LEU M 523 -85.09 -43.32 89.23
N SER M 524 -85.16 -43.13 87.91
CA SER M 524 -86.44 -42.80 87.29
C SER M 524 -87.44 -43.94 87.45
N THR M 525 -87.00 -45.19 87.28
CA THR M 525 -87.91 -46.30 87.45
C THR M 525 -88.44 -46.37 88.89
N LYS M 526 -87.55 -46.18 89.87
CA LYS M 526 -88.01 -46.21 91.26
C LYS M 526 -88.97 -45.07 91.55
N GLY M 527 -88.65 -43.86 91.07
CA GLY M 527 -89.54 -42.74 91.28
C GLY M 527 -90.89 -42.93 90.61
N LEU M 528 -90.89 -43.48 89.39
CA LEU M 528 -92.14 -43.77 88.70
C LEU M 528 -92.96 -44.79 89.47
N GLN M 529 -92.31 -45.85 89.97
CA GLN M 529 -93.05 -46.84 90.73
C GLN M 529 -93.67 -46.22 91.98
N ALA M 530 -92.92 -45.40 92.69
CA ALA M 530 -93.44 -44.75 93.89
C ALA M 530 -94.62 -43.84 93.54
N ALA M 531 -94.48 -43.03 92.49
CA ALA M 531 -95.53 -42.12 92.10
C ALA M 531 -96.79 -42.86 91.68
N MET M 532 -96.61 -43.95 90.92
CA MET M 532 -97.76 -44.71 90.45
C MET M 532 -98.48 -45.39 91.61
N GLU M 533 -97.74 -45.89 92.60
CA GLU M 533 -98.39 -46.43 93.78
C GLU M 533 -99.16 -45.35 94.53
N ARG M 534 -98.58 -44.15 94.68
CA ARG M 534 -99.29 -43.08 95.35
C ARG M 534 -100.59 -42.72 94.64
N ILE M 535 -100.51 -42.56 93.32
CA ILE M 535 -101.69 -42.17 92.56
C ILE M 535 -102.73 -43.29 92.57
N ALA M 536 -102.29 -44.54 92.54
CA ALA M 536 -103.23 -45.65 92.65
C ALA M 536 -103.95 -45.63 93.99
N THR M 537 -103.23 -45.41 95.08
CA THR M 537 -103.88 -45.34 96.38
C THR M 537 -104.85 -44.18 96.46
N ALA M 538 -104.47 -43.03 95.89
CA ALA M 538 -105.38 -41.89 95.86
C ALA M 538 -106.65 -42.21 95.10
N GLN M 539 -106.52 -42.89 93.95
CA GLN M 539 -107.71 -43.23 93.17
C GLN M 539 -108.58 -44.24 93.90
N GLU M 540 -107.97 -45.22 94.58
CA GLU M 540 -108.78 -46.13 95.38
C GLU M 540 -109.52 -45.40 96.48
N GLU M 541 -108.86 -44.46 97.15
CA GLU M 541 -109.54 -43.69 98.20
C GLU M 541 -110.71 -42.90 97.63
N ALA M 542 -110.50 -42.25 96.48
CA ALA M 542 -111.57 -41.48 95.86
C ALA M 542 -112.73 -42.39 95.47
N ARG M 543 -112.43 -43.57 94.94
CA ARG M 543 -113.49 -44.48 94.51
C ARG M 543 -114.28 -44.99 95.71
N GLN M 544 -113.58 -45.33 96.81
CA GLN M 544 -114.28 -45.72 98.03
C GLN M 544 -115.18 -44.59 98.52
N ARG M 545 -114.68 -43.35 98.53
CA ARG M 545 -115.49 -42.24 99.02
C ARG M 545 -116.73 -42.05 98.15
N LYS M 546 -116.57 -42.10 96.83
CA LYS M 546 -117.70 -41.91 95.94
C LYS M 546 -118.71 -43.04 96.09
N GLU M 547 -118.22 -44.28 96.22
CA GLU M 547 -119.13 -45.41 96.41
C GLU M 547 -119.91 -45.29 97.71
N ALA M 548 -119.23 -44.92 98.79
CA ALA M 548 -119.91 -44.77 100.08
C ALA M 548 -120.94 -43.65 100.01
N HIS M 549 -120.60 -42.53 99.38
CA HIS M 549 -121.55 -41.43 99.28
C HIS M 549 -122.76 -41.82 98.44
N ARG M 550 -122.54 -42.51 97.33
CA ARG M 550 -123.65 -42.91 96.47
C ARG M 550 -124.56 -43.90 97.19
N GLU M 551 -123.99 -44.88 97.90
CA GLU M 551 -124.83 -45.81 98.66
C GLU M 551 -125.48 -45.14 99.86
N GLY M 552 -124.96 -43.99 100.32
CA GLY M 552 -125.54 -43.30 101.45
C GLY M 552 -126.92 -42.75 101.16
N PHE N 214 50.64 9.72 -3.91
CA PHE N 214 49.55 9.00 -4.62
C PHE N 214 48.55 8.41 -3.65
N GLY N 215 47.44 7.93 -4.18
CA GLY N 215 46.44 7.26 -3.37
C GLY N 215 45.41 6.58 -4.23
N SER N 216 44.76 5.58 -3.64
CA SER N 216 43.60 4.92 -4.24
C SER N 216 42.97 4.04 -3.17
N GLY N 217 41.64 4.15 -3.05
CA GLY N 217 40.93 3.52 -1.96
C GLY N 217 40.14 2.28 -2.31
N ALA N 218 40.42 1.66 -3.46
CA ALA N 218 39.69 0.47 -3.83
C ALA N 218 39.95 -0.68 -2.85
N ILE N 219 41.19 -1.13 -2.76
CA ILE N 219 41.52 -2.22 -1.84
C ILE N 219 41.38 -1.79 -0.39
N GLY N 220 41.73 -0.54 -0.06
CA GLY N 220 41.58 -0.09 1.31
C GLY N 220 40.14 -0.05 1.77
N TYR N 221 39.26 0.52 0.95
CA TYR N 221 37.85 0.60 1.30
C TYR N 221 37.24 -0.78 1.51
N GLU N 222 37.52 -1.72 0.61
CA GLU N 222 36.86 -3.01 0.70
C GLU N 222 37.39 -3.83 1.87
N PHE N 223 38.67 -3.69 2.20
CA PHE N 223 39.19 -4.36 3.40
C PHE N 223 38.58 -3.77 4.67
N ASP N 224 38.45 -2.44 4.73
CA ASP N 224 37.77 -1.85 5.90
C ASP N 224 36.33 -2.31 5.99
N ASN N 225 35.63 -2.34 4.86
CA ASN N 225 34.25 -2.81 4.82
C ASN N 225 34.15 -4.25 5.27
N ARG N 226 35.11 -5.07 4.85
CA ARG N 226 35.13 -6.47 5.24
C ARG N 226 35.36 -6.63 6.74
N TYR N 227 36.29 -5.85 7.30
CA TYR N 227 36.52 -5.87 8.74
C TYR N 227 35.24 -5.52 9.50
N LEU N 228 34.57 -4.46 9.06
CA LEU N 228 33.34 -4.04 9.71
C LEU N 228 32.25 -5.09 9.57
N ASN N 229 32.19 -5.76 8.42
CA ASN N 229 31.25 -6.88 8.24
C ASN N 229 31.57 -8.03 9.17
N ASN N 230 32.84 -8.24 9.47
CA ASN N 230 33.19 -9.38 10.31
C ASN N 230 32.83 -9.11 11.77
N GLN N 231 33.09 -7.90 12.26
CA GLN N 231 32.61 -7.60 13.61
C GLN N 231 31.10 -7.45 13.64
N GLU N 232 30.48 -7.05 12.53
CA GLU N 232 29.04 -7.11 12.37
C GLU N 232 28.51 -8.52 12.64
N MET N 233 29.10 -9.52 11.97
CA MET N 233 28.65 -10.90 12.15
C MET N 233 28.91 -11.38 13.57
N SER N 234 30.03 -10.99 14.18
CA SER N 234 30.23 -11.40 15.57
C SER N 234 29.15 -10.82 16.48
N ALA N 235 28.85 -9.53 16.31
CA ALA N 235 27.84 -8.88 17.15
C ALA N 235 26.49 -9.55 17.00
N VAL N 236 26.07 -9.84 15.76
CA VAL N 236 24.76 -10.46 15.58
C VAL N 236 24.77 -11.90 16.06
N ALA N 237 25.91 -12.59 15.93
CA ALA N 237 26.00 -13.97 16.41
C ALA N 237 25.98 -14.07 17.93
N LYS N 238 26.21 -12.97 18.64
CA LYS N 238 26.01 -12.96 20.09
C LYS N 238 24.56 -12.67 20.49
N GLN N 239 23.66 -12.42 19.53
CA GLN N 239 22.28 -12.08 19.82
C GLN N 239 21.45 -13.35 20.04
N ARG N 240 20.63 -13.35 21.08
CA ARG N 240 19.83 -14.50 21.46
C ARG N 240 18.45 -14.03 21.91
N LEU N 241 17.41 -14.67 21.39
CA LEU N 241 16.06 -14.52 21.95
C LEU N 241 15.89 -15.61 22.99
N THR N 242 16.15 -15.28 24.25
CA THR N 242 16.19 -16.27 25.31
C THR N 242 14.79 -16.68 25.74
N SER N 243 14.69 -17.87 26.34
CA SER N 243 13.42 -18.42 26.81
C SER N 243 13.64 -19.26 28.05
N LEU N 244 13.49 -18.64 29.23
CA LEU N 244 13.42 -19.40 30.48
C LEU N 244 12.67 -18.60 31.55
N PRO N 245 11.33 -18.43 31.41
CA PRO N 245 10.55 -17.68 32.38
C PRO N 245 9.72 -18.57 33.30
MG MG O . -71.23 -64.14 93.50
#